data_6CHB
#
_entry.id   6CHB
#
_cell.length_a   176.752
_cell.length_b   176.752
_cell.length_c   458.039
_cell.angle_alpha   90.00
_cell.angle_beta   90.00
_cell.angle_gamma   90.00
#
_symmetry.space_group_name_H-M   'P 43 21 2'
#
loop_
_entity.id
_entity.type
_entity.pdbx_description
1 polymer 'Envelope glycoprotein gp41'
2 polymer 'Envelope glycoprotein gp120'
3 polymer 'BG18 Heavy Chain'
4 polymer 'BG18 Light Chain'
5 polymer 'IOMA Heavy Chain'
6 polymer 'IOMA Light Chain'
#
loop_
_entity_poly.entity_id
_entity_poly.type
_entity_poly.pdbx_seq_one_letter_code
_entity_poly.pdbx_strand_id
1 'polypeptide(L)'
;AVGIGAVFLGFLGAAGSTMGAASMTLTVQARNLLSGIVQQQSNLLRAIEAQQHLLKLTVWGIKQLQARVLAVERYLRDQQ
LLGIWGCSGKLICCTNVPWNSSWSNRNLSEIWDNMTWLQWDKEISNYTQIIYGLLEESQNQQEKNEQDLLALD
;
B,A,C
2 'polypeptide(L)'
;AENLWVTVYYGVPVWKDAETTLFCASDAKAYETEKHNVWATHACVPTDPNPQEIHLENVTEEFNMWKNNMVEQMHTDIIS
LWDQSLKPCVKLTPLCVTLQCTNVTNNITDDMRGELKNCSFNMTTELRDKKQKVYSLFYRLDVVQINENQGNRSNNSNKE
YRLINCNTSAITQACPKVSFEPIPIHYCAPAGFAILKCKDKKFNGTGPCPSVSTVQCTHGIKPVVSTQLLLNGSLAEEEV
MIRSENITNNAKNILVQFNTPVQINCTRPNNNTRKSIRIGPGQAFYATGDIIGDIRQAHCNVSKATWNETLGKVVKQLRK
HFGNNTIIRFANSSGGDLEVTTHSFNCGGEFFYCNTSGLFNSTWISNTSVQGSNSTGSNDSITLPCRIKQIINMWQRIGQ
AMYAPPIQGVIRCVSNITGLILTRDGGSTNSTTETFRPGGGDMRDNWRSELYKYKVVKIEPLGVAPTRCKRRVVGREKR
;
G,F,H
3 'polypeptide(L)'
;QVQLRESGPGLVKPSETLSLSCTVSQDSRPSDHSWTWVRQSPGKALEWIGDIHYNGATTYNPSLRSRVRIELDQSIPRFS
LKMTSMTAADTGMYYCARNAIRIYGVVALGEWFHYGMDVWGQGTAVTVSSASTKGPSVFPLAPSSKSTSGGTAALGCLVK
DYFPEPVTVSWNSGALTSGVHTFPAVLQSSGLYSLSSVVTVPSSSLGTQTYICNVNHKPSNTKVDKRVEPKSCDKHHHHH
H
;
J,I,Q
4 'polypeptide(L)'
;WASSELTQPPSVSVSPGQTARITCSGAPLTSRFTYWYRQKPGQAPVLIISRSSQRSSGWSGRFSASWSGTTVTLTIRGVQ
ADDEADYYCQSSDTSDSYKMFGGGTKLTVLGQPAAAPSVTLFPPSSEELQANKATLVCLISDFYPGAVTVAWKADSSPVK
AGVETTTPSKQSNNKYAASSYLSLTPEQWKSHKSYSCQVTHEGSTVEKTVAPTEC
;
K,L,R
5 'polypeptide(L)'
;EVQLVESGAQVKKPGASVTVSCTASGYKFTGYHMHWVRQAPGRGLEWMGWINPFRGAVKYPQNFRGRVSMTRDTSMEIFY
MELSRLTSDDTAVYYCAREMFDSSADWSPWRGMVAWGQGTLVTVSSASTKGPSVFPLAPSSKSTSGGTAALGCLVKDYFP
EPVTVSWNSGALTSGVHTFPAVLQSSGLYSLSSVVTVPSSSLGTQTYICNVNHKPSNTKVDKRVEPKSCDKT
;
D,M,O
6 'polypeptide(L)'
;QSALTQPASVSGSPGQSITISCAGSSRDVGGFDLVSWYQQHPGKAPKLIIYEVNKRPSGISSRFSASKSGNTASLTISGL
QEEDEAHYYCYSYADGVAFGGGTKLTVLGQPKAAPSVTLFPPSSEELQANKATLVCLISDFYPGAVTVAWKADSSPVKAG
VETTTPSKQSNNKYAASSYLSLTPEQWKSHRSYSCQVTHEGSTVEKTVAPTECS
;
E,N,P
#
# COMPACT_ATOMS: atom_id res chain seq x y z
N VAL A 7 -29.81 -20.35 56.51
CA VAL A 7 -28.62 -20.81 55.83
C VAL A 7 -28.40 -20.02 54.55
N PHE A 8 -27.18 -19.50 54.39
CA PHE A 8 -26.82 -18.66 53.25
C PHE A 8 -25.48 -19.15 52.71
N LEU A 9 -25.52 -19.92 51.62
CA LEU A 9 -24.32 -20.54 51.04
C LEU A 9 -23.97 -19.99 49.67
N GLY A 10 -24.29 -18.72 49.41
CA GLY A 10 -23.75 -18.03 48.25
C GLY A 10 -24.61 -18.14 46.99
N PHE A 11 -24.07 -17.56 45.92
CA PHE A 11 -24.75 -17.52 44.63
C PHE A 11 -24.72 -18.91 44.00
N LEU A 12 -25.89 -19.37 43.56
CA LEU A 12 -26.07 -20.73 43.02
C LEU A 12 -25.64 -21.80 44.02
N GLY A 13 -25.52 -21.45 45.30
CA GLY A 13 -25.15 -22.40 46.32
C GLY A 13 -26.13 -23.54 46.48
N ALA A 14 -27.39 -23.33 46.10
CA ALA A 14 -28.42 -24.37 46.18
C ALA A 14 -28.83 -24.76 44.77
N ALA A 15 -27.91 -25.37 44.04
CA ALA A 15 -28.17 -25.81 42.68
C ALA A 15 -28.78 -27.20 42.61
N GLY A 16 -28.56 -28.03 43.63
CA GLY A 16 -29.00 -29.41 43.57
C GLY A 16 -29.55 -30.01 44.85
N SER A 17 -30.14 -29.19 45.70
CA SER A 17 -30.81 -29.68 46.91
C SER A 17 -32.32 -29.55 46.73
N THR A 18 -33.07 -30.04 47.73
CA THR A 18 -34.52 -30.10 47.66
C THR A 18 -35.12 -28.78 47.20
N MET A 19 -36.14 -28.86 46.35
CA MET A 19 -36.78 -27.67 45.81
C MET A 19 -37.27 -26.73 46.91
N GLY A 20 -37.71 -27.30 48.03
CA GLY A 20 -38.06 -26.47 49.17
C GLY A 20 -36.86 -25.67 49.69
N ALA A 21 -35.72 -26.34 49.81
CA ALA A 21 -34.47 -25.66 50.15
C ALA A 21 -33.86 -24.93 48.96
N ALA A 22 -34.49 -24.98 47.79
CA ALA A 22 -33.98 -24.34 46.60
C ALA A 22 -34.76 -23.11 46.16
N SER A 23 -35.99 -22.95 46.64
CA SER A 23 -36.72 -21.69 46.47
C SER A 23 -36.33 -20.65 47.51
N MET A 24 -35.25 -20.90 48.25
CA MET A 24 -34.72 -19.95 49.21
C MET A 24 -34.08 -18.77 48.49
N THR A 25 -32.88 -19.00 47.94
CA THR A 25 -32.08 -17.94 47.33
C THR A 25 -32.64 -17.59 45.96
N LEU A 26 -33.74 -16.84 45.98
CA LEU A 26 -34.36 -16.35 44.76
C LEU A 26 -33.83 -14.99 44.32
N THR A 27 -32.95 -14.38 45.12
CA THR A 27 -32.47 -13.02 44.83
C THR A 27 -30.99 -12.96 44.47
N VAL A 28 -30.16 -13.86 45.00
CA VAL A 28 -28.74 -13.84 44.65
C VAL A 28 -28.56 -14.19 43.17
N GLN A 29 -29.40 -15.08 42.65
CA GLN A 29 -29.41 -15.34 41.21
C GLN A 29 -30.11 -14.24 40.44
N ALA A 30 -30.75 -13.29 41.13
CA ALA A 30 -31.27 -12.08 40.53
C ALA A 30 -30.33 -10.89 40.73
N ARG A 31 -29.04 -11.16 40.98
CA ARG A 31 -28.03 -10.12 41.02
C ARG A 31 -27.12 -10.17 39.81
N ASN A 32 -26.60 -11.35 39.46
CA ASN A 32 -25.69 -11.51 38.34
C ASN A 32 -26.40 -11.93 37.06
N LEU A 33 -27.65 -11.48 36.89
CA LEU A 33 -28.27 -11.44 35.58
C LEU A 33 -28.00 -10.13 34.87
N LEU A 34 -27.48 -9.12 35.58
CA LEU A 34 -27.09 -7.85 35.00
C LEU A 34 -25.74 -7.33 35.46
N SER A 35 -25.18 -7.87 36.56
CA SER A 35 -23.84 -7.57 37.08
C SER A 35 -23.33 -6.19 36.72
N GLY A 36 -24.16 -5.17 36.91
CA GLY A 36 -23.78 -3.82 36.53
C GLY A 36 -24.63 -3.28 35.39
N THR A 58 -11.50 2.03 17.30
CA THR A 58 -10.58 0.97 17.70
C THR A 58 -11.31 -0.36 17.84
N VAL A 59 -10.66 -1.33 18.48
CA VAL A 59 -11.24 -2.64 18.70
C VAL A 59 -11.03 -3.06 20.14
N TRP A 60 -11.20 -4.36 20.42
CA TRP A 60 -10.96 -4.97 21.72
C TRP A 60 -11.96 -4.51 22.79
N GLY A 61 -12.35 -3.24 22.76
CA GLY A 61 -13.53 -2.84 23.51
C GLY A 61 -14.77 -3.56 23.04
N ILE A 62 -14.73 -4.10 21.82
CA ILE A 62 -15.80 -4.94 21.30
C ILE A 62 -15.96 -6.22 22.12
N LYS A 63 -14.93 -6.61 22.86
CA LYS A 63 -14.99 -7.88 23.58
C LYS A 63 -15.92 -7.81 24.78
N GLN A 64 -16.09 -6.63 25.35
CA GLN A 64 -17.01 -6.44 26.46
C GLN A 64 -18.34 -5.81 26.06
N LEU A 65 -18.34 -5.01 25.00
CA LEU A 65 -19.59 -4.34 24.60
C LEU A 65 -20.60 -5.34 24.06
N GLN A 66 -20.14 -6.41 23.43
CA GLN A 66 -21.02 -7.47 22.97
C GLN A 66 -21.28 -8.52 24.04
N ALA A 67 -20.74 -8.33 25.24
CA ALA A 67 -20.95 -9.23 26.35
C ALA A 67 -21.99 -8.71 27.33
N ARG A 68 -21.88 -7.45 27.74
CA ARG A 68 -22.92 -6.83 28.55
C ARG A 68 -24.20 -6.57 27.77
N VAL A 69 -24.15 -6.65 26.44
CA VAL A 69 -25.37 -6.61 25.64
C VAL A 69 -26.23 -7.84 25.91
N LEU A 70 -25.60 -8.99 26.15
CA LEU A 70 -26.31 -10.23 26.41
C LEU A 70 -26.54 -10.49 27.90
N ALA A 71 -26.34 -9.48 28.75
CA ALA A 71 -26.75 -9.59 30.13
C ALA A 71 -28.24 -9.26 30.29
N VAL A 72 -28.68 -8.14 29.70
CA VAL A 72 -30.10 -7.82 29.68
C VAL A 72 -30.89 -8.87 28.91
N GLU A 73 -30.26 -9.52 27.93
CA GLU A 73 -30.98 -10.51 27.14
C GLU A 73 -31.37 -11.71 27.98
N ARG A 74 -30.59 -12.05 29.01
CA ARG A 74 -31.00 -13.09 29.93
C ARG A 74 -31.93 -12.57 31.01
N TYR A 75 -32.01 -11.24 31.20
CA TYR A 75 -32.99 -10.69 32.11
C TYR A 75 -34.29 -10.32 31.41
N LEU A 76 -34.18 -9.58 30.30
CA LEU A 76 -35.38 -9.03 29.65
C LEU A 76 -36.38 -10.11 29.28
N ARG A 77 -35.89 -11.27 28.84
CA ARG A 77 -36.77 -12.37 28.47
C ARG A 77 -37.77 -12.68 29.57
N ASP A 78 -37.33 -12.59 30.83
CA ASP A 78 -38.18 -12.87 31.97
C ASP A 78 -38.90 -11.63 32.49
N GLN A 79 -38.33 -10.44 32.27
CA GLN A 79 -39.05 -9.22 32.63
C GLN A 79 -40.34 -9.08 31.83
N GLN A 80 -40.31 -9.46 30.54
CA GLN A 80 -41.50 -9.38 29.72
C GLN A 80 -42.49 -10.48 30.07
N LEU A 81 -42.00 -11.70 30.28
CA LEU A 81 -42.89 -12.83 30.58
C LEU A 81 -43.64 -12.61 31.89
N LEU A 82 -42.90 -12.29 32.96
CA LEU A 82 -43.53 -12.09 34.25
C LEU A 82 -44.43 -10.86 34.27
N GLY A 83 -44.13 -9.86 33.44
CA GLY A 83 -44.93 -8.64 33.44
C GLY A 83 -46.35 -8.88 32.95
N ILE A 84 -46.49 -9.56 31.80
CA ILE A 84 -47.81 -9.87 31.27
C ILE A 84 -48.60 -10.72 32.26
N TRP A 85 -47.93 -11.69 32.88
CA TRP A 85 -48.59 -12.60 33.79
C TRP A 85 -49.12 -11.86 35.02
N GLY A 86 -49.77 -12.61 35.92
CA GLY A 86 -50.03 -12.21 37.29
C GLY A 86 -48.79 -12.02 38.13
N CYS A 87 -47.58 -12.13 37.57
CA CYS A 87 -46.35 -11.89 38.31
C CYS A 87 -46.02 -10.39 38.38
N SER A 88 -45.93 -9.74 37.22
CA SER A 88 -45.49 -8.35 37.12
C SER A 88 -44.16 -8.21 37.82
N GLY A 89 -44.18 -8.20 39.14
CA GLY A 89 -42.97 -8.34 39.92
C GLY A 89 -42.35 -9.72 39.75
N LYS A 90 -41.23 -9.91 40.43
CA LYS A 90 -40.40 -11.08 40.25
C LYS A 90 -40.55 -12.01 41.46
N LEU A 91 -39.51 -12.80 41.74
CA LEU A 91 -39.50 -13.81 42.79
C LEU A 91 -40.70 -14.75 42.67
N ILE A 92 -41.47 -14.89 43.75
CA ILE A 92 -42.59 -15.80 43.78
C ILE A 92 -43.74 -15.24 42.95
N CYS A 93 -44.54 -16.14 42.38
CA CYS A 93 -45.68 -15.75 41.56
C CYS A 93 -46.60 -16.93 41.32
N CYS A 94 -47.75 -16.96 41.99
CA CYS A 94 -48.72 -18.00 41.73
C CYS A 94 -49.40 -17.78 40.38
N THR A 95 -49.86 -18.88 39.77
CA THR A 95 -50.55 -18.82 38.49
C THR A 95 -51.79 -19.71 38.55
N ASN A 96 -52.70 -19.49 37.61
CA ASN A 96 -53.98 -20.20 37.59
C ASN A 96 -54.07 -21.17 36.42
N VAL A 97 -53.12 -22.10 36.31
CA VAL A 97 -53.09 -23.08 35.25
C VAL A 97 -53.26 -24.47 35.84
N PRO A 98 -54.31 -25.20 35.49
CA PRO A 98 -54.42 -26.60 35.94
C PRO A 98 -53.35 -27.46 35.27
N TRP A 99 -52.57 -28.16 36.08
CA TRP A 99 -51.61 -29.15 35.59
C TRP A 99 -52.42 -30.35 35.11
N ASN A 100 -53.00 -30.21 33.92
CA ASN A 100 -53.85 -31.26 33.36
C ASN A 100 -53.09 -32.58 33.33
N SER A 101 -53.65 -33.59 34.01
CA SER A 101 -52.94 -34.82 34.33
C SER A 101 -52.28 -35.50 33.15
N SER A 102 -52.63 -35.14 31.90
CA SER A 102 -51.89 -35.67 30.76
C SER A 102 -50.42 -35.28 30.81
N TRP A 103 -50.11 -34.16 31.46
CA TRP A 103 -48.73 -33.76 31.68
C TRP A 103 -48.07 -34.72 32.68
N SER A 104 -46.83 -34.40 33.06
CA SER A 104 -46.10 -35.24 34.01
C SER A 104 -46.83 -35.28 35.35
N ASN A 105 -47.93 -36.00 35.43
CA ASN A 105 -48.69 -36.11 36.67
C ASN A 105 -47.85 -36.84 37.71
N ARG A 106 -47.63 -36.18 38.84
CA ARG A 106 -46.82 -36.74 39.92
C ARG A 106 -47.45 -36.39 41.25
N ASN A 107 -47.05 -37.12 42.29
CA ASN A 107 -47.38 -36.70 43.64
C ASN A 107 -46.60 -35.43 43.98
N LEU A 108 -47.21 -34.56 44.79
CA LEU A 108 -46.53 -33.33 45.18
C LEU A 108 -45.25 -33.62 45.93
N SER A 109 -45.25 -34.69 46.73
CA SER A 109 -44.00 -35.11 47.39
C SER A 109 -42.99 -35.59 46.35
N GLU A 110 -43.45 -36.20 45.27
CA GLU A 110 -42.60 -36.58 44.16
C GLU A 110 -42.22 -35.40 43.28
N ILE A 111 -42.52 -34.18 43.72
CA ILE A 111 -42.13 -32.96 42.99
C ILE A 111 -41.30 -32.07 43.90
N TRP A 112 -41.88 -31.66 45.02
CA TRP A 112 -41.28 -30.65 45.88
C TRP A 112 -40.52 -31.22 47.08
N ASP A 113 -40.63 -32.53 47.34
CA ASP A 113 -40.00 -33.12 48.50
C ASP A 113 -38.87 -34.08 48.18
N ASN A 114 -38.92 -34.77 47.03
CA ASN A 114 -37.91 -35.75 46.67
C ASN A 114 -37.05 -35.30 45.49
N MET A 115 -37.20 -34.05 45.03
CA MET A 115 -36.49 -33.60 43.85
C MET A 115 -35.91 -32.21 44.06
N THR A 116 -34.91 -31.88 43.24
CA THR A 116 -34.29 -30.57 43.21
C THR A 116 -34.81 -29.80 42.00
N TRP A 117 -34.21 -28.65 41.73
CA TRP A 117 -34.57 -27.89 40.53
C TRP A 117 -34.26 -28.69 39.28
N LEU A 118 -33.08 -29.32 39.25
CA LEU A 118 -32.66 -30.06 38.06
C LEU A 118 -33.54 -31.28 37.82
N GLN A 119 -33.82 -32.04 38.89
CA GLN A 119 -34.55 -33.30 38.75
C GLN A 119 -36.00 -33.09 38.32
N TRP A 120 -36.56 -31.89 38.53
CA TRP A 120 -37.95 -31.66 38.16
C TRP A 120 -38.12 -30.83 36.90
N ASP A 121 -37.29 -29.80 36.68
CA ASP A 121 -37.30 -29.14 35.39
C ASP A 121 -36.94 -30.11 34.27
N LYS A 122 -36.38 -31.26 34.62
CA LYS A 122 -36.29 -32.37 33.67
C LYS A 122 -37.68 -32.85 33.26
N GLU A 123 -38.60 -32.95 34.22
CA GLU A 123 -39.91 -33.52 33.94
C GLU A 123 -40.79 -32.58 33.13
N ILE A 124 -40.67 -31.27 33.33
CA ILE A 124 -41.48 -30.34 32.55
C ILE A 124 -41.09 -30.39 31.08
N SER A 125 -39.85 -30.79 30.78
CA SER A 125 -39.31 -30.66 29.42
C SER A 125 -40.15 -31.41 28.40
N ASN A 126 -40.78 -32.52 28.80
CA ASN A 126 -41.66 -33.22 27.88
C ASN A 126 -42.88 -32.39 27.53
N TYR A 127 -43.30 -31.49 28.42
CA TYR A 127 -44.51 -30.71 28.21
C TYR A 127 -44.32 -29.22 28.44
N THR A 128 -43.11 -28.75 28.71
CA THR A 128 -42.90 -27.32 28.94
C THR A 128 -43.15 -26.48 27.70
N GLN A 129 -43.20 -27.11 26.53
CA GLN A 129 -43.63 -26.43 25.31
C GLN A 129 -45.15 -26.43 25.16
N ILE A 130 -45.86 -27.08 26.07
CA ILE A 130 -47.31 -27.11 26.06
C ILE A 130 -47.92 -26.31 27.20
N ILE A 131 -47.22 -26.20 28.34
CA ILE A 131 -47.76 -25.53 29.51
C ILE A 131 -48.13 -24.08 29.21
N TYR A 132 -47.34 -23.42 28.36
CA TYR A 132 -47.42 -21.98 28.17
C TYR A 132 -48.11 -21.60 26.85
N GLY A 133 -49.10 -22.39 26.46
CA GLY A 133 -50.14 -21.91 25.57
C GLY A 133 -51.30 -21.44 26.44
N LEU A 134 -50.96 -21.02 27.66
CA LEU A 134 -51.94 -20.78 28.70
C LEU A 134 -51.59 -19.56 29.56
N LEU A 135 -50.40 -19.57 30.15
CA LEU A 135 -50.04 -18.53 31.12
C LEU A 135 -50.13 -17.15 30.52
N GLU A 136 -49.61 -16.98 29.31
CA GLU A 136 -49.70 -15.71 28.61
C GLU A 136 -50.77 -15.70 27.52
N GLU A 137 -51.18 -16.88 27.05
CA GLU A 137 -52.05 -17.00 25.89
C GLU A 137 -53.50 -17.30 26.25
N SER A 138 -53.78 -17.97 27.36
CA SER A 138 -55.14 -18.24 27.79
C SER A 138 -55.49 -17.62 29.13
N GLN A 139 -54.51 -17.10 29.86
CA GLN A 139 -54.78 -16.42 31.12
C GLN A 139 -54.88 -14.93 30.92
N ASN A 140 -53.74 -14.26 30.76
CA ASN A 140 -53.70 -12.81 30.75
C ASN A 140 -54.19 -12.20 29.44
N GLN A 141 -54.44 -13.01 28.41
CA GLN A 141 -55.15 -12.47 27.24
C GLN A 141 -56.60 -12.17 27.58
N GLN A 142 -57.20 -13.00 28.42
CA GLN A 142 -58.61 -12.88 28.79
C GLN A 142 -58.83 -12.34 30.20
N GLU A 143 -57.93 -12.61 31.13
CA GLU A 143 -58.05 -12.16 32.51
C GLU A 143 -57.54 -10.72 32.70
N LYS A 144 -57.33 -9.99 31.61
CA LYS A 144 -57.09 -8.55 31.68
C LYS A 144 -58.00 -7.80 30.71
N ASN A 145 -59.13 -8.39 30.33
CA ASN A 145 -60.18 -7.69 29.62
C ASN A 145 -61.52 -7.83 30.31
N GLU A 146 -61.60 -8.60 31.40
CA GLU A 146 -62.70 -8.50 32.35
C GLU A 146 -62.36 -7.53 33.48
N GLN A 147 -61.31 -6.73 33.31
CA GLN A 147 -60.98 -5.66 34.24
C GLN A 147 -61.49 -4.30 33.75
N ASP A 148 -62.24 -4.28 32.66
CA ASP A 148 -62.98 -3.07 32.28
C ASP A 148 -64.34 -3.40 31.67
N LEU A 149 -64.78 -4.65 31.73
CA LEU A 149 -66.20 -4.97 31.70
C LEU A 149 -66.77 -5.07 33.11
N LEU A 150 -65.93 -5.47 34.07
CA LEU A 150 -66.27 -5.36 35.49
C LEU A 150 -66.09 -3.93 35.98
N ALA A 151 -64.97 -3.31 35.63
CA ALA A 151 -64.66 -1.96 36.10
C ALA A 151 -65.25 -0.91 35.15
N LEU A 152 -66.57 -0.93 35.06
CA LEU A 152 -67.34 0.14 34.44
C LEU A 152 -68.55 0.44 35.33
N ASP A 153 -68.30 0.56 36.62
CA ASP A 153 -69.34 0.76 37.62
C ASP A 153 -69.27 2.19 38.15
N ALA B 1 -55.40 -28.72 47.60
CA ALA B 1 -55.11 -30.03 48.15
C ALA B 1 -54.05 -30.77 47.33
N GLU B 2 -54.49 -31.49 46.29
CA GLU B 2 -53.58 -32.36 45.57
C GLU B 2 -53.51 -32.10 44.07
N ASN B 3 -54.59 -31.58 43.47
CA ASN B 3 -54.53 -31.25 42.05
C ASN B 3 -53.48 -30.18 41.80
N LEU B 4 -52.43 -30.52 41.07
CA LEU B 4 -51.26 -29.66 40.93
C LEU B 4 -51.58 -28.44 40.08
N TRP B 5 -50.64 -27.50 40.06
CA TRP B 5 -50.83 -26.21 39.41
C TRP B 5 -49.56 -25.82 38.68
N VAL B 6 -49.39 -24.52 38.46
CA VAL B 6 -48.17 -23.94 37.90
C VAL B 6 -47.79 -22.77 38.79
N THR B 7 -46.63 -22.84 39.44
CA THR B 7 -46.18 -21.82 40.37
C THR B 7 -44.83 -21.30 39.90
N VAL B 8 -44.68 -19.97 39.90
CA VAL B 8 -43.54 -19.30 39.28
C VAL B 8 -42.60 -18.79 40.37
N TYR B 9 -41.32 -19.07 40.20
CA TYR B 9 -40.27 -18.51 41.03
C TYR B 9 -39.16 -17.99 40.13
N TYR B 10 -38.71 -16.77 40.38
CA TYR B 10 -37.71 -16.11 39.57
C TYR B 10 -36.40 -16.01 40.35
N GLY B 11 -35.28 -16.16 39.64
CA GLY B 11 -34.00 -16.27 40.32
C GLY B 11 -33.69 -17.67 40.79
N VAL B 12 -34.22 -18.68 40.13
CA VAL B 12 -33.98 -20.06 40.59
C VAL B 12 -32.58 -20.48 40.17
N PRO B 13 -31.88 -21.29 40.95
CA PRO B 13 -30.61 -21.87 40.46
C PRO B 13 -30.83 -22.87 39.34
N VAL B 14 -31.05 -22.35 38.13
CA VAL B 14 -31.25 -23.17 36.93
C VAL B 14 -30.54 -22.49 35.77
N TRP B 15 -29.87 -23.29 34.94
CA TRP B 15 -29.16 -22.78 33.78
C TRP B 15 -29.35 -23.74 32.62
N LYS B 16 -28.84 -23.36 31.45
CA LYS B 16 -28.82 -24.21 30.26
C LYS B 16 -27.41 -24.23 29.70
N ASP B 17 -27.11 -25.28 28.94
CA ASP B 17 -25.84 -25.40 28.24
C ASP B 17 -25.95 -24.75 26.87
N ALA B 18 -25.19 -23.68 26.66
CA ALA B 18 -25.10 -23.00 25.38
C ALA B 18 -23.76 -22.29 25.29
N GLU B 19 -23.33 -22.02 24.06
CA GLU B 19 -22.02 -21.45 23.78
C GLU B 19 -22.18 -20.04 23.21
N THR B 20 -21.38 -19.11 23.73
CA THR B 20 -21.45 -17.73 23.28
C THR B 20 -20.12 -17.05 23.63
N THR B 21 -20.14 -15.72 23.73
CA THR B 21 -18.95 -14.90 23.82
C THR B 21 -18.75 -14.41 25.26
N LEU B 22 -17.56 -14.69 25.80
CA LEU B 22 -17.16 -14.20 27.11
C LEU B 22 -16.55 -12.81 26.95
N PHE B 23 -15.76 -12.37 27.92
CA PHE B 23 -14.91 -11.20 27.72
C PHE B 23 -13.64 -11.36 28.54
N CYS B 24 -12.60 -10.66 28.11
CA CYS B 24 -11.27 -10.80 28.69
C CYS B 24 -11.21 -10.27 30.12
N ALA B 25 -10.34 -10.89 30.91
CA ALA B 25 -9.77 -10.27 32.08
C ALA B 25 -8.28 -10.62 32.09
N SER B 26 -7.50 -9.83 32.82
CA SER B 26 -6.07 -10.06 32.79
C SER B 26 -5.38 -9.47 34.02
N ASP B 27 -5.93 -9.76 35.20
CA ASP B 27 -5.32 -9.37 36.49
C ASP B 27 -5.19 -7.84 36.50
N ALA B 28 -4.14 -7.31 37.11
CA ALA B 28 -3.83 -5.88 37.04
C ALA B 28 -2.32 -5.70 37.08
N LYS B 29 -1.61 -6.71 37.57
CA LYS B 29 -0.16 -6.77 37.47
C LYS B 29 0.30 -7.34 36.14
N ALA B 30 -0.49 -8.25 35.55
CA ALA B 30 -0.23 -8.67 34.18
C ALA B 30 -0.55 -7.56 33.18
N TYR B 31 -1.31 -6.55 33.60
CA TYR B 31 -1.57 -5.37 32.79
C TYR B 31 -0.31 -4.60 32.44
N GLU B 32 0.84 -4.96 33.00
CA GLU B 32 2.00 -4.10 33.02
C GLU B 32 3.13 -4.54 32.07
N THR B 33 2.86 -5.48 31.16
CA THR B 33 3.86 -5.82 30.16
C THR B 33 3.71 -5.01 28.88
N GLU B 34 2.52 -4.50 28.60
CA GLU B 34 2.30 -3.41 27.64
C GLU B 34 2.88 -3.66 26.26
N LYS B 35 3.93 -2.90 25.92
CA LYS B 35 4.57 -2.95 24.60
C LYS B 35 3.55 -2.70 23.49
N HIS B 36 2.76 -1.63 23.67
CA HIS B 36 1.67 -1.28 22.76
C HIS B 36 0.77 -2.49 22.53
N ASN B 37 0.20 -2.97 23.63
CA ASN B 37 -0.72 -4.10 23.66
C ASN B 37 -0.01 -5.41 23.33
N VAL B 38 0.70 -5.98 24.30
CA VAL B 38 1.04 -7.39 24.22
C VAL B 38 -0.28 -8.15 24.31
N TRP B 39 -0.68 -8.78 23.21
CA TRP B 39 -1.94 -9.50 23.04
C TRP B 39 -3.11 -8.55 22.83
N ALA B 40 -3.88 -8.20 23.87
CA ALA B 40 -5.16 -7.56 23.56
C ALA B 40 -5.72 -6.58 24.59
N THR B 41 -5.03 -6.25 25.68
CA THR B 41 -5.65 -5.45 26.72
C THR B 41 -5.71 -3.98 26.32
N HIS B 42 -6.93 -3.44 26.21
CA HIS B 42 -7.16 -2.03 25.91
C HIS B 42 -8.18 -1.45 26.88
N ALA B 43 -9.47 -1.55 26.54
CA ALA B 43 -10.54 -1.20 27.45
C ALA B 43 -10.96 -2.38 28.31
N CYS B 44 -10.21 -3.47 28.24
CA CYS B 44 -10.55 -4.70 28.93
C CYS B 44 -10.72 -4.46 30.42
N VAL B 45 -11.77 -5.02 30.99
CA VAL B 45 -11.98 -4.93 32.44
C VAL B 45 -10.88 -5.70 33.15
N PRO B 46 -10.15 -5.09 34.07
CA PRO B 46 -9.17 -5.87 34.85
C PRO B 46 -9.87 -6.90 35.72
N THR B 47 -9.20 -8.02 35.92
CA THR B 47 -9.76 -9.09 36.75
C THR B 47 -10.18 -8.54 38.11
N ASP B 48 -11.39 -8.90 38.53
CA ASP B 48 -11.83 -8.67 39.89
C ASP B 48 -10.72 -9.16 40.80
N PRO B 49 -10.02 -8.24 41.51
CA PRO B 49 -8.73 -8.60 42.14
C PRO B 49 -8.76 -9.85 43.00
N ASN B 50 -9.96 -10.33 43.32
CA ASN B 50 -10.15 -11.63 43.96
C ASN B 50 -11.32 -12.32 43.28
N PRO B 51 -11.05 -13.10 42.22
CA PRO B 51 -12.15 -13.72 41.49
C PRO B 51 -12.90 -14.75 42.32
N GLN B 52 -14.03 -14.34 42.89
CA GLN B 52 -14.80 -15.18 43.79
C GLN B 52 -15.15 -16.51 43.14
N GLU B 53 -14.86 -17.59 43.86
CA GLU B 53 -15.15 -18.95 43.41
C GLU B 53 -16.15 -19.56 44.38
N ILE B 54 -17.27 -20.03 43.86
CA ILE B 54 -18.37 -20.51 44.68
C ILE B 54 -18.49 -22.01 44.49
N HIS B 55 -18.14 -22.77 45.54
CA HIS B 55 -18.16 -24.22 45.46
C HIS B 55 -19.60 -24.74 45.39
N LEU B 56 -19.82 -25.73 44.54
CA LEU B 56 -21.13 -26.33 44.33
C LEU B 56 -21.14 -27.78 44.81
N GLU B 57 -22.32 -28.25 45.20
CA GLU B 57 -22.53 -29.64 45.56
C GLU B 57 -23.84 -30.12 44.96
N ASN B 58 -23.88 -31.41 44.62
CA ASN B 58 -25.00 -32.02 43.90
C ASN B 58 -25.20 -31.36 42.54
N VAL B 59 -24.12 -31.27 41.77
CA VAL B 59 -24.11 -30.64 40.45
C VAL B 59 -23.31 -31.52 39.51
N THR B 60 -23.92 -31.92 38.39
CA THR B 60 -23.30 -32.82 37.43
C THR B 60 -23.41 -32.24 36.03
N GLU B 61 -22.36 -32.45 35.23
CA GLU B 61 -22.32 -31.99 33.85
C GLU B 61 -21.25 -32.76 33.11
N GLU B 62 -21.47 -33.00 31.82
CA GLU B 62 -20.51 -33.73 30.98
C GLU B 62 -19.53 -32.74 30.36
N PHE B 63 -18.26 -32.86 30.75
CA PHE B 63 -17.19 -32.10 30.12
C PHE B 63 -16.55 -32.93 29.01
N ASN B 64 -15.88 -32.23 28.09
CA ASN B 64 -15.29 -32.89 26.94
C ASN B 64 -14.07 -32.11 26.47
N MET B 65 -13.00 -32.83 26.16
CA MET B 65 -11.78 -32.23 25.64
C MET B 65 -11.66 -32.37 24.12
N TRP B 66 -12.77 -32.59 23.43
CA TRP B 66 -12.72 -32.82 21.99
C TRP B 66 -13.73 -31.95 21.25
N LYS B 67 -15.02 -32.19 21.47
CA LYS B 67 -16.06 -31.38 20.84
C LYS B 67 -16.24 -30.04 21.53
N ASN B 68 -15.42 -29.73 22.54
CA ASN B 68 -15.48 -28.46 23.22
C ASN B 68 -15.30 -27.31 22.23
N ASN B 69 -16.23 -26.35 22.26
CA ASN B 69 -16.19 -25.22 21.34
C ASN B 69 -15.50 -24.00 21.92
N MET B 70 -14.99 -24.08 23.14
CA MET B 70 -14.05 -23.07 23.62
C MET B 70 -12.67 -23.27 23.04
N VAL B 71 -12.34 -24.50 22.64
CA VAL B 71 -11.18 -24.73 21.79
C VAL B 71 -11.41 -24.11 20.42
N GLU B 72 -12.65 -24.17 19.93
CA GLU B 72 -12.96 -23.69 18.59
C GLU B 72 -12.73 -22.19 18.48
N GLN B 73 -13.29 -21.41 19.41
CA GLN B 73 -13.11 -19.96 19.35
C GLN B 73 -11.67 -19.57 19.62
N MET B 74 -11.03 -20.21 20.60
CA MET B 74 -9.67 -19.84 20.99
C MET B 74 -8.70 -20.03 19.82
N HIS B 75 -8.92 -21.05 19.00
CA HIS B 75 -7.99 -21.34 17.91
C HIS B 75 -7.98 -20.28 16.83
N THR B 76 -9.07 -19.51 16.69
CA THR B 76 -9.10 -18.39 15.75
C THR B 76 -9.01 -17.04 16.44
N ASP B 77 -9.12 -16.99 17.76
CA ASP B 77 -8.83 -15.75 18.49
C ASP B 77 -7.36 -15.38 18.34
N ILE B 78 -6.47 -16.30 18.72
CA ILE B 78 -5.04 -16.05 18.70
C ILE B 78 -4.51 -15.86 17.28
N ILE B 79 -5.21 -16.39 16.27
CA ILE B 79 -4.81 -16.16 14.90
C ILE B 79 -4.96 -14.69 14.54
N SER B 80 -6.12 -14.09 14.81
CA SER B 80 -6.35 -12.70 14.44
C SER B 80 -5.68 -11.73 15.41
N LEU B 81 -5.54 -12.12 16.68
CA LEU B 81 -4.66 -11.40 17.59
C LEU B 81 -3.29 -11.20 16.97
N TRP B 82 -2.68 -12.31 16.56
CA TRP B 82 -1.41 -12.29 15.82
C TRP B 82 -1.53 -11.45 14.56
N ASP B 83 -2.62 -11.61 13.82
CA ASP B 83 -2.81 -10.85 12.58
C ASP B 83 -2.87 -9.36 12.83
N GLN B 84 -3.68 -8.94 13.81
CA GLN B 84 -3.88 -7.51 14.04
C GLN B 84 -2.70 -6.87 14.76
N SER B 85 -1.93 -7.65 15.52
CA SER B 85 -0.70 -7.12 16.09
C SER B 85 0.39 -6.93 15.05
N LEU B 86 0.11 -7.24 13.78
CA LEU B 86 1.08 -7.16 12.68
C LEU B 86 0.69 -6.18 11.61
N LYS B 87 -0.61 -6.03 11.33
CA LYS B 87 -1.07 -5.40 10.09
C LYS B 87 -1.03 -3.87 10.00
N PRO B 88 -0.40 -3.11 10.92
CA PRO B 88 -0.14 -1.70 10.60
C PRO B 88 1.34 -1.36 10.44
N CYS B 89 2.21 -2.35 10.38
CA CYS B 89 3.64 -2.09 10.45
C CYS B 89 4.30 -2.18 9.08
N VAL B 90 5.60 -2.45 9.05
CA VAL B 90 6.43 -2.25 7.86
C VAL B 90 6.38 -3.49 6.97
N LYS B 91 6.08 -3.27 5.69
CA LYS B 91 6.24 -4.31 4.68
C LYS B 91 7.70 -4.42 4.28
N LEU B 92 8.10 -5.62 3.87
CA LEU B 92 9.46 -5.86 3.42
C LEU B 92 9.48 -6.42 2.01
N THR B 93 8.75 -5.79 1.09
CA THR B 93 8.65 -6.25 -0.28
C THR B 93 9.97 -6.10 -1.04
N PRO B 94 10.70 -4.97 -0.90
CA PRO B 94 12.02 -4.88 -1.55
C PRO B 94 13.03 -5.89 -1.02
N LEU B 95 12.69 -6.64 0.03
CA LEU B 95 13.58 -7.64 0.60
C LEU B 95 13.46 -8.99 -0.08
N CYS B 96 12.70 -9.09 -1.16
CA CYS B 96 12.65 -10.31 -1.96
C CYS B 96 13.57 -10.21 -3.17
N VAL B 97 14.82 -9.87 -2.90
CA VAL B 97 15.87 -9.81 -3.89
C VAL B 97 16.88 -10.89 -3.55
N THR B 98 17.54 -11.42 -4.59
CA THR B 98 18.54 -12.45 -4.38
C THR B 98 19.63 -11.96 -3.43
N LEU B 99 19.97 -12.79 -2.45
CA LEU B 99 20.97 -12.45 -1.44
C LEU B 99 22.24 -13.24 -1.71
N GLN B 100 23.36 -12.53 -1.88
CA GLN B 100 24.66 -13.17 -1.98
C GLN B 100 25.01 -13.72 -0.59
N CYS B 101 25.06 -15.03 -0.45
CA CYS B 101 25.32 -15.66 0.85
C CYS B 101 26.59 -16.49 0.78
N THR B 102 27.38 -16.44 1.85
CA THR B 102 28.65 -17.16 1.91
C THR B 102 28.99 -17.44 3.37
N ASN B 103 29.72 -18.53 3.60
CA ASN B 103 30.08 -19.00 4.93
C ASN B 103 30.53 -17.85 5.82
N VAL B 104 29.88 -17.74 6.99
CA VAL B 104 29.93 -16.51 7.78
C VAL B 104 31.36 -16.15 8.18
N THR B 105 31.60 -14.83 8.30
CA THR B 105 32.87 -14.27 8.74
C THR B 105 33.36 -14.91 10.03
N ASN B 106 34.18 -15.94 9.92
CA ASN B 106 34.79 -16.59 11.07
C ASN B 106 36.18 -17.06 10.66
N ASN B 107 36.84 -17.79 11.56
CA ASN B 107 38.05 -18.53 11.22
C ASN B 107 37.71 -20.01 11.00
N ILE B 108 36.67 -20.23 10.19
CA ILE B 108 36.04 -21.53 9.99
C ILE B 108 35.67 -22.12 11.35
N THR B 109 36.17 -23.31 11.64
CA THR B 109 35.66 -24.14 12.74
C THR B 109 34.15 -24.14 12.74
N ASP B 110 33.59 -24.66 11.64
CA ASP B 110 32.15 -24.66 11.44
C ASP B 110 31.46 -25.60 12.43
N GLY B 114 29.46 -23.03 11.77
CA GLY B 114 29.18 -21.67 11.36
C GLY B 114 27.69 -21.44 11.23
N GLU B 115 27.06 -22.26 10.38
CA GLU B 115 25.60 -22.33 10.24
C GLU B 115 24.99 -21.05 9.70
N LEU B 116 25.67 -19.91 9.88
CA LEU B 116 25.21 -18.62 9.39
C LEU B 116 26.03 -18.20 8.18
N LYS B 117 25.64 -17.06 7.59
CA LYS B 117 26.31 -16.54 6.41
C LYS B 117 26.32 -15.03 6.45
N ASN B 118 27.29 -14.44 5.74
CA ASN B 118 27.50 -12.99 5.64
C ASN B 118 27.01 -12.55 4.26
N CYS B 119 25.83 -11.93 4.21
CA CYS B 119 25.03 -11.83 2.99
C CYS B 119 24.72 -10.38 2.62
N SER B 120 24.90 -10.05 1.33
CA SER B 120 24.84 -8.69 0.80
C SER B 120 23.70 -8.54 -0.20
N PHE B 121 23.32 -7.28 -0.45
CA PHE B 121 22.17 -6.93 -1.28
C PHE B 121 22.09 -5.40 -1.37
N ASN B 122 21.26 -4.94 -2.31
CA ASN B 122 20.89 -3.54 -2.46
C ASN B 122 19.56 -3.28 -1.77
N MET B 123 19.26 -1.99 -1.54
CA MET B 123 18.06 -1.61 -0.81
C MET B 123 17.77 -0.13 -1.03
N THR B 124 16.51 0.25 -0.87
CA THR B 124 16.04 1.61 -1.12
C THR B 124 16.03 2.41 0.18
N THR B 125 16.60 3.61 0.15
CA THR B 125 16.77 4.43 1.34
C THR B 125 15.68 5.49 1.46
N GLU B 126 15.98 6.60 2.15
CA GLU B 126 15.00 7.66 2.33
C GLU B 126 14.66 8.33 1.00
N LEU B 127 15.69 8.82 0.30
CA LEU B 127 15.50 9.26 -1.07
C LEU B 127 15.10 8.07 -1.93
N ARG B 128 14.40 8.36 -3.03
CA ARG B 128 13.85 7.27 -3.83
C ARG B 128 14.86 6.75 -4.85
N ASP B 129 15.62 7.66 -5.47
CA ASP B 129 16.43 7.27 -6.62
C ASP B 129 17.74 6.61 -6.23
N LYS B 130 18.22 6.79 -5.00
CA LYS B 130 19.48 6.20 -4.58
C LYS B 130 19.24 4.93 -3.78
N LYS B 131 20.11 3.95 -3.96
CA LYS B 131 20.00 2.65 -3.32
C LYS B 131 21.08 2.48 -2.26
N GLN B 132 21.08 1.32 -1.59
CA GLN B 132 21.87 1.11 -0.39
C GLN B 132 22.62 -0.22 -0.46
N LYS B 133 23.95 -0.15 -0.37
CA LYS B 133 24.77 -1.35 -0.16
C LYS B 133 24.82 -1.66 1.33
N VAL B 134 24.32 -2.84 1.72
CA VAL B 134 24.31 -3.23 3.13
C VAL B 134 24.16 -4.75 3.20
N TYR B 135 24.73 -5.34 4.25
CA TYR B 135 24.74 -6.79 4.42
C TYR B 135 24.15 -7.17 5.77
N SER B 136 23.67 -8.40 5.86
CA SER B 136 23.03 -8.92 7.06
C SER B 136 23.43 -10.37 7.26
N LEU B 137 22.86 -11.00 8.28
CA LEU B 137 23.16 -12.39 8.64
C LEU B 137 21.87 -13.14 8.87
N PHE B 138 21.70 -14.26 8.17
CA PHE B 138 20.50 -15.08 8.25
C PHE B 138 20.86 -16.52 8.59
N TYR B 139 19.88 -17.25 9.12
CA TYR B 139 20.05 -18.66 9.41
C TYR B 139 19.65 -19.49 8.18
N ARG B 140 20.12 -20.74 8.16
CA ARG B 140 19.88 -21.60 7.00
C ARG B 140 18.40 -21.94 6.82
N LEU B 141 17.55 -21.59 7.77
CA LEU B 141 16.12 -21.76 7.61
C LEU B 141 15.43 -20.50 7.12
N ASP B 142 16.07 -19.35 7.27
CA ASP B 142 15.49 -18.10 6.80
C ASP B 142 15.61 -17.91 5.30
N VAL B 143 16.53 -18.63 4.65
CA VAL B 143 16.80 -18.47 3.23
C VAL B 143 16.84 -19.84 2.58
N VAL B 144 16.62 -19.85 1.27
CA VAL B 144 16.66 -21.08 0.46
C VAL B 144 17.30 -20.74 -0.88
N GLN B 145 17.95 -21.74 -1.46
CA GLN B 145 18.81 -21.55 -2.64
C GLN B 145 17.97 -21.60 -3.90
N ILE B 146 17.61 -20.42 -4.43
CA ILE B 146 16.96 -20.33 -5.72
C ILE B 146 18.05 -20.19 -6.79
N ASN B 147 17.88 -20.90 -7.90
CA ASN B 147 18.91 -20.96 -8.92
C ASN B 147 18.42 -20.47 -10.28
N SER B 157 30.01 -21.02 -8.69
CA SER B 157 29.15 -19.89 -8.35
C SER B 157 28.80 -19.91 -6.87
N ASN B 158 28.93 -18.76 -6.21
CA ASN B 158 28.54 -18.66 -4.81
C ASN B 158 27.04 -18.85 -4.67
N LYS B 159 26.66 -19.64 -3.66
CA LYS B 159 25.28 -20.09 -3.52
C LYS B 159 24.33 -18.91 -3.37
N GLU B 160 23.32 -18.86 -4.24
CA GLU B 160 22.39 -17.74 -4.32
C GLU B 160 21.08 -18.08 -3.64
N TYR B 161 20.63 -17.19 -2.76
CA TYR B 161 19.45 -17.42 -1.94
C TYR B 161 18.45 -16.30 -2.13
N ARG B 162 17.20 -16.61 -1.83
CA ARG B 162 16.12 -15.65 -1.70
C ARG B 162 15.55 -15.76 -0.30
N LEU B 163 14.76 -14.77 0.10
CA LEU B 163 13.90 -14.96 1.27
C LEU B 163 12.94 -16.10 0.96
N ILE B 164 12.94 -17.11 1.83
CA ILE B 164 12.30 -18.38 1.49
C ILE B 164 10.81 -18.23 1.20
N ASN B 165 10.19 -17.14 1.65
CA ASN B 165 8.76 -16.94 1.46
C ASN B 165 8.39 -16.20 0.18
N CYS B 166 9.37 -15.65 -0.54
CA CYS B 166 9.07 -14.96 -1.79
C CYS B 166 8.35 -15.89 -2.76
N ASN B 167 8.78 -17.16 -2.82
CA ASN B 167 8.10 -18.17 -3.61
C ASN B 167 6.64 -18.36 -3.21
N THR B 168 6.23 -17.83 -2.06
CA THR B 168 4.89 -18.08 -1.54
C THR B 168 4.08 -16.79 -1.40
N SER B 169 4.45 -15.89 -0.50
CA SER B 169 3.54 -14.84 -0.06
C SER B 169 4.31 -13.57 0.31
N ALA B 170 3.56 -12.53 0.65
CA ALA B 170 4.11 -11.26 1.09
C ALA B 170 4.28 -11.24 2.61
N ILE B 171 5.25 -10.45 3.08
CA ILE B 171 5.75 -10.55 4.44
C ILE B 171 5.66 -9.18 5.11
N THR B 172 6.06 -9.15 6.39
CA THR B 172 5.96 -7.97 7.23
C THR B 172 7.05 -8.03 8.29
N GLN B 173 7.40 -6.87 8.83
CA GLN B 173 8.29 -6.76 9.97
C GLN B 173 7.51 -6.23 11.17
N ALA B 174 7.78 -6.79 12.34
CA ALA B 174 7.06 -6.40 13.55
C ALA B 174 7.64 -5.12 14.14
N CYS B 175 6.78 -4.36 14.82
CA CYS B 175 7.25 -3.21 15.59
C CYS B 175 8.04 -3.74 16.78
N PRO B 176 9.30 -3.34 16.94
CA PRO B 176 10.22 -4.12 17.79
C PRO B 176 9.84 -4.20 19.26
N LYS B 177 8.94 -3.33 19.73
CA LYS B 177 8.65 -3.29 21.17
C LYS B 177 7.90 -4.53 21.64
N VAL B 178 7.06 -5.11 20.79
CA VAL B 178 6.17 -6.20 21.16
C VAL B 178 6.94 -7.35 21.84
N SER B 179 6.67 -7.55 23.12
CA SER B 179 7.27 -8.65 23.88
C SER B 179 6.41 -9.90 23.68
N PHE B 180 7.05 -10.99 23.23
CA PHE B 180 6.32 -12.17 22.79
C PHE B 180 6.24 -13.27 23.84
N GLU B 181 6.91 -13.14 24.98
CA GLU B 181 6.76 -14.15 26.03
C GLU B 181 5.32 -14.15 26.51
N PRO B 182 4.68 -15.31 26.65
CA PRO B 182 3.26 -15.35 26.99
C PRO B 182 2.97 -14.67 28.33
N ILE B 183 1.78 -14.09 28.44
CA ILE B 183 1.41 -13.21 29.55
C ILE B 183 0.11 -13.72 30.18
N PRO B 184 -0.02 -13.71 31.51
CA PRO B 184 -1.20 -14.30 32.15
C PRO B 184 -2.47 -13.48 31.92
N ILE B 185 -3.59 -14.20 31.79
CA ILE B 185 -4.90 -13.61 31.53
C ILE B 185 -5.97 -14.44 32.22
N HIS B 186 -7.09 -13.79 32.54
CA HIS B 186 -8.23 -14.45 33.16
C HIS B 186 -9.45 -14.35 32.24
N TYR B 187 -10.53 -15.03 32.59
CA TYR B 187 -11.70 -15.08 31.72
C TYR B 187 -12.98 -14.96 32.54
N CYS B 188 -13.78 -13.98 32.16
CA CYS B 188 -14.95 -13.59 32.92
C CYS B 188 -16.21 -13.71 32.07
N ALA B 189 -17.28 -14.12 32.69
CA ALA B 189 -18.54 -14.05 31.99
C ALA B 189 -19.25 -12.76 32.35
N PRO B 190 -19.87 -12.08 31.38
CA PRO B 190 -20.82 -11.03 31.72
C PRO B 190 -22.00 -11.66 32.41
N ALA B 191 -22.89 -10.81 32.89
CA ALA B 191 -24.06 -11.35 33.56
C ALA B 191 -24.95 -12.07 32.55
N GLY B 192 -25.82 -12.92 33.07
CA GLY B 192 -26.59 -13.82 32.25
C GLY B 192 -25.84 -15.07 31.84
N PHE B 193 -24.54 -15.16 32.14
CA PHE B 193 -23.74 -16.33 31.84
C PHE B 193 -22.79 -16.59 33.00
N ALA B 194 -22.39 -17.85 33.15
CA ALA B 194 -21.48 -18.25 34.21
C ALA B 194 -20.45 -19.22 33.64
N ILE B 195 -19.44 -19.51 34.45
CA ILE B 195 -18.33 -20.37 34.04
C ILE B 195 -18.17 -21.45 35.11
N LEU B 196 -18.03 -22.71 34.66
CA LEU B 196 -17.95 -23.86 35.54
C LEU B 196 -16.58 -24.51 35.42
N LYS B 197 -16.04 -24.96 36.56
CA LYS B 197 -14.70 -25.55 36.62
C LYS B 197 -14.79 -26.99 37.16
N CYS B 198 -14.05 -27.89 36.52
CA CYS B 198 -14.13 -29.33 36.81
C CYS B 198 -12.97 -29.76 37.70
N LYS B 199 -13.12 -29.47 39.00
CA LYS B 199 -12.03 -29.60 39.97
C LYS B 199 -11.92 -31.04 40.46
N ASP B 200 -11.43 -31.91 39.58
CA ASP B 200 -11.27 -33.32 39.89
C ASP B 200 -9.87 -33.77 39.49
N LYS B 201 -9.45 -34.91 40.04
CA LYS B 201 -8.10 -35.43 39.90
C LYS B 201 -7.97 -36.54 38.87
N LYS B 202 -8.95 -37.45 38.78
CA LYS B 202 -8.88 -38.55 37.81
C LYS B 202 -10.05 -38.38 36.84
N PHE B 203 -9.84 -37.55 35.82
CA PHE B 203 -10.88 -37.22 34.84
C PHE B 203 -10.48 -37.78 33.49
N ASN B 204 -11.23 -38.78 33.01
CA ASN B 204 -10.90 -39.49 31.79
C ASN B 204 -11.36 -38.78 30.51
N GLY B 205 -11.71 -37.49 30.58
CA GLY B 205 -12.00 -36.74 29.38
C GLY B 205 -13.35 -36.99 28.74
N THR B 206 -14.10 -37.99 29.21
CA THR B 206 -15.41 -38.28 28.64
C THR B 206 -16.31 -38.85 29.72
N GLY B 207 -17.50 -38.26 29.86
CA GLY B 207 -18.43 -38.70 30.86
C GLY B 207 -18.72 -37.62 31.88
N PRO B 208 -19.28 -38.00 33.02
CA PRO B 208 -19.62 -37.01 34.05
C PRO B 208 -18.39 -36.57 34.84
N CYS B 209 -18.19 -35.24 34.94
CA CYS B 209 -17.15 -34.67 35.77
C CYS B 209 -17.55 -34.75 37.25
N PRO B 210 -16.58 -34.98 38.14
CA PRO B 210 -16.91 -35.18 39.56
C PRO B 210 -17.05 -33.93 40.42
N SER B 211 -16.47 -32.78 40.03
CA SER B 211 -16.47 -31.64 40.95
C SER B 211 -16.56 -30.32 40.18
N VAL B 212 -17.62 -29.55 40.43
CA VAL B 212 -17.91 -28.33 39.71
C VAL B 212 -17.92 -27.14 40.67
N SER B 213 -17.28 -26.06 40.26
CA SER B 213 -17.40 -24.76 40.90
C SER B 213 -17.70 -23.72 39.83
N THR B 214 -18.27 -22.59 40.25
CA THR B 214 -18.62 -21.54 39.31
C THR B 214 -17.99 -20.22 39.75
N VAL B 215 -17.82 -19.34 38.76
CA VAL B 215 -17.13 -18.06 38.96
C VAL B 215 -17.75 -17.02 38.04
N GLN B 216 -17.47 -15.76 38.32
CA GLN B 216 -17.54 -14.76 37.27
C GLN B 216 -16.22 -14.62 36.53
N CYS B 217 -15.11 -15.14 37.08
CA CYS B 217 -13.79 -14.99 36.47
C CYS B 217 -12.90 -16.17 36.83
N THR B 218 -12.02 -16.56 35.91
CA THR B 218 -11.24 -17.79 36.01
C THR B 218 -9.79 -17.52 36.43
N HIS B 219 -8.89 -18.45 36.13
CA HIS B 219 -7.50 -18.41 36.55
C HIS B 219 -6.66 -17.63 35.55
N GLY B 220 -5.34 -17.86 35.56
CA GLY B 220 -4.45 -17.21 34.63
C GLY B 220 -3.58 -18.18 33.84
N ILE B 221 -3.73 -18.19 32.52
CA ILE B 221 -2.91 -19.02 31.64
C ILE B 221 -2.02 -18.12 30.80
N LYS B 222 -1.11 -18.74 30.06
CA LYS B 222 -0.17 -18.04 29.20
C LYS B 222 -0.24 -18.61 27.79
N PRO B 223 -0.35 -17.78 26.76
CA PRO B 223 -0.42 -18.29 25.38
C PRO B 223 0.89 -18.90 24.91
N VAL B 224 1.14 -20.15 25.27
CA VAL B 224 2.44 -20.79 25.01
C VAL B 224 2.35 -21.51 23.67
N VAL B 225 3.00 -20.93 22.66
CA VAL B 225 3.08 -21.56 21.34
C VAL B 225 4.12 -22.67 21.40
N SER B 226 3.73 -23.83 21.91
CA SER B 226 4.65 -24.95 22.09
C SER B 226 4.07 -26.20 21.43
N THR B 227 4.71 -26.64 20.36
CA THR B 227 4.46 -27.98 19.86
C THR B 227 5.19 -28.99 20.75
N GLN B 228 4.81 -30.25 20.61
CA GLN B 228 5.35 -31.33 21.44
C GLN B 228 5.10 -31.08 22.93
N LEU B 229 5.92 -30.25 23.55
CA LEU B 229 5.86 -30.03 24.98
C LEU B 229 4.85 -28.94 25.35
N LEU B 230 4.61 -28.81 26.66
CA LEU B 230 3.80 -27.73 27.21
C LEU B 230 4.52 -27.16 28.44
N LEU B 231 4.53 -25.83 28.54
CA LEU B 231 5.24 -25.15 29.61
C LEU B 231 4.46 -23.91 30.01
N ASN B 232 4.89 -23.28 31.10
CA ASN B 232 4.35 -22.01 31.60
C ASN B 232 2.90 -22.12 32.06
N GLY B 233 2.41 -23.32 32.38
CA GLY B 233 0.99 -23.48 32.60
C GLY B 233 0.53 -24.12 33.89
N SER B 234 -0.27 -25.19 33.76
CA SER B 234 -1.00 -25.78 34.87
C SER B 234 -0.55 -27.23 35.06
N LEU B 235 0.02 -27.52 36.22
CA LEU B 235 0.48 -28.85 36.56
C LEU B 235 -0.70 -29.74 36.96
N ALA B 236 -0.42 -31.04 37.04
CA ALA B 236 -1.42 -32.03 37.45
C ALA B 236 -1.37 -32.21 38.96
N GLU B 237 -2.09 -33.21 39.47
CA GLU B 237 -2.21 -33.40 40.91
C GLU B 237 -2.13 -34.89 41.23
N GLU B 238 -1.12 -35.25 42.04
CA GLU B 238 -0.87 -36.57 42.61
C GLU B 238 -0.17 -37.50 41.63
N GLU B 239 -0.91 -38.40 40.97
CA GLU B 239 -0.34 -39.32 40.01
C GLU B 239 -0.43 -38.73 38.61
N VAL B 240 0.64 -38.89 37.83
CA VAL B 240 0.80 -38.15 36.58
C VAL B 240 -0.29 -38.53 35.59
N MET B 241 -0.82 -37.51 34.91
CA MET B 241 -2.03 -37.65 34.09
C MET B 241 -1.76 -38.37 32.78
N ILE B 242 -2.61 -39.33 32.45
CA ILE B 242 -2.55 -40.06 31.18
C ILE B 242 -3.93 -39.93 30.54
N ARG B 243 -4.13 -38.88 29.76
CA ARG B 243 -5.42 -38.57 29.16
C ARG B 243 -5.42 -38.90 27.68
N SER B 244 -6.58 -39.26 27.17
CA SER B 244 -6.77 -39.52 25.74
C SER B 244 -8.17 -39.09 25.33
N GLU B 245 -8.33 -38.81 24.03
CA GLU B 245 -9.65 -38.50 23.50
C GLU B 245 -10.55 -39.72 23.52
N ASN B 246 -10.00 -40.87 23.16
CA ASN B 246 -10.68 -42.16 23.21
C ASN B 246 -9.61 -43.24 23.04
N ILE B 247 -9.37 -44.01 24.09
CA ILE B 247 -8.12 -44.76 24.25
C ILE B 247 -7.97 -45.89 23.25
N THR B 248 -8.69 -45.83 22.14
CA THR B 248 -8.60 -46.86 21.10
C THR B 248 -8.59 -46.23 19.71
N ASN B 249 -7.90 -45.10 19.55
CA ASN B 249 -7.90 -44.37 18.28
C ASN B 249 -6.56 -43.64 18.15
N ASN B 250 -5.66 -44.21 17.37
CA ASN B 250 -4.30 -43.68 17.29
C ASN B 250 -4.18 -42.49 16.36
N ALA B 251 -5.16 -42.26 15.49
CA ALA B 251 -5.13 -41.11 14.61
C ALA B 251 -5.42 -39.81 15.34
N LYS B 252 -5.93 -39.87 16.56
CA LYS B 252 -6.12 -38.70 17.39
C LYS B 252 -4.82 -38.41 18.14
N ASN B 253 -4.43 -37.14 18.15
CA ASN B 253 -3.21 -36.75 18.84
C ASN B 253 -3.42 -36.79 20.35
N ILE B 254 -2.41 -37.28 21.08
CA ILE B 254 -2.54 -37.66 22.48
C ILE B 254 -1.87 -36.61 23.36
N LEU B 255 -2.48 -36.31 24.51
CA LEU B 255 -2.07 -35.22 25.37
C LEU B 255 -1.70 -35.74 26.75
N VAL B 256 -0.81 -35.01 27.43
CA VAL B 256 -0.27 -35.39 28.72
C VAL B 256 -0.21 -34.14 29.60
N GLN B 257 -0.38 -34.33 30.91
CA GLN B 257 -0.28 -33.26 31.89
C GLN B 257 0.59 -33.72 33.05
N PHE B 258 1.82 -33.21 33.12
CA PHE B 258 2.76 -33.62 34.15
C PHE B 258 2.30 -33.20 35.54
N ASN B 259 2.71 -33.97 36.54
CA ASN B 259 2.60 -33.55 37.93
C ASN B 259 3.89 -32.87 38.39
N THR B 260 5.02 -33.56 38.22
CA THR B 260 6.30 -32.98 38.58
C THR B 260 6.69 -31.93 37.55
N PRO B 261 7.14 -30.75 37.98
CA PRO B 261 7.62 -29.75 37.02
C PRO B 261 9.08 -29.96 36.66
N VAL B 262 9.38 -29.98 35.36
CA VAL B 262 10.75 -30.07 34.88
C VAL B 262 11.20 -28.67 34.50
N GLN B 263 12.29 -28.21 35.09
CA GLN B 263 12.71 -26.82 34.99
C GLN B 263 13.60 -26.63 33.77
N ILE B 264 13.22 -25.71 32.89
CA ILE B 264 13.96 -25.42 31.69
C ILE B 264 14.57 -24.03 31.81
N ASN B 265 15.59 -23.78 30.98
CA ASN B 265 16.23 -22.47 30.97
C ASN B 265 16.86 -22.22 29.60
N CYS B 266 16.03 -21.97 28.59
CA CYS B 266 16.56 -21.73 27.25
C CYS B 266 17.31 -20.40 27.19
N THR B 267 18.35 -20.35 26.36
CA THR B 267 19.13 -19.13 26.25
C THR B 267 19.75 -19.02 24.85
N ARG B 268 19.84 -17.80 24.35
CA ARG B 268 20.58 -17.47 23.14
C ARG B 268 21.82 -16.70 23.58
N PRO B 269 22.93 -17.38 23.83
CA PRO B 269 24.06 -16.75 24.54
C PRO B 269 24.94 -15.87 23.67
N ASN B 270 24.32 -14.96 22.93
CA ASN B 270 25.04 -14.06 22.02
C ASN B 270 24.53 -12.65 22.25
N ASN B 271 25.38 -11.80 22.84
CA ASN B 271 25.07 -10.40 23.06
C ASN B 271 24.76 -9.74 21.72
N ASN B 272 23.48 -9.72 21.34
CA ASN B 272 23.09 -9.37 19.98
C ASN B 272 23.19 -7.86 19.74
N THR B 273 23.44 -7.50 18.49
CA THR B 273 23.55 -6.11 18.06
C THR B 273 22.47 -5.83 17.02
N ARG B 274 21.83 -4.67 17.13
CA ARG B 274 20.72 -4.30 16.25
C ARG B 274 21.11 -3.09 15.40
N LYS B 275 20.83 -3.18 14.11
CA LYS B 275 21.23 -2.16 13.14
C LYS B 275 20.03 -1.29 12.77
N SER B 276 20.25 0.02 12.76
CA SER B 276 19.23 0.98 12.33
C SER B 276 19.39 1.21 10.83
N ILE B 277 18.41 0.77 10.05
CA ILE B 277 18.46 0.82 8.59
C ILE B 277 17.33 1.70 8.10
N ARG B 278 17.68 2.82 7.46
CA ARG B 278 16.68 3.73 6.90
C ARG B 278 16.27 3.23 5.52
N ILE B 279 15.02 2.77 5.40
CA ILE B 279 14.51 2.25 4.13
C ILE B 279 13.10 2.78 3.90
N GLY B 280 12.92 4.09 4.08
CA GLY B 280 11.60 4.67 4.08
C GLY B 280 11.10 5.12 2.72
N PRO B 281 10.59 6.37 2.64
CA PRO B 281 10.52 7.43 3.64
C PRO B 281 9.78 7.07 4.93
N GLY B 282 10.47 7.14 6.05
CA GLY B 282 9.92 6.77 7.35
C GLY B 282 10.22 5.34 7.75
N GLN B 283 9.97 4.39 6.85
CA GLN B 283 10.20 2.99 7.15
C GLN B 283 11.63 2.74 7.57
N ALA B 284 11.82 1.69 8.36
CA ALA B 284 13.15 1.30 8.83
C ALA B 284 13.23 -0.21 8.89
N PHE B 285 14.46 -0.70 9.02
CA PHE B 285 14.73 -2.12 9.20
C PHE B 285 15.71 -2.30 10.35
N TYR B 286 15.45 -3.31 11.18
CA TYR B 286 16.34 -3.68 12.26
C TYR B 286 17.08 -4.94 11.82
N ALA B 287 18.32 -4.77 11.41
CA ALA B 287 19.11 -5.87 10.87
C ALA B 287 19.88 -6.57 12.00
N THR B 288 20.23 -7.83 11.74
CA THR B 288 21.06 -8.59 12.68
C THR B 288 22.48 -8.05 12.61
N GLY B 289 22.85 -7.26 13.59
CA GLY B 289 24.21 -6.74 13.67
C GLY B 289 25.20 -7.85 14.00
N ASP B 290 26.41 -7.42 14.34
CA ASP B 290 27.49 -8.36 14.60
C ASP B 290 27.40 -8.91 16.01
N ILE B 291 27.51 -10.24 16.13
CA ILE B 291 27.43 -10.89 17.43
C ILE B 291 28.66 -10.54 18.26
N ILE B 292 28.43 -10.21 19.53
CA ILE B 292 29.49 -9.70 20.40
C ILE B 292 30.31 -10.88 20.94
N GLY B 293 31.47 -11.13 20.33
CA GLY B 293 32.46 -12.02 20.91
C GLY B 293 32.36 -13.49 20.59
N ASP B 294 32.58 -14.33 21.61
CA ASP B 294 32.61 -15.77 21.42
C ASP B 294 31.30 -16.27 20.84
N ILE B 295 31.38 -17.35 20.07
CA ILE B 295 30.27 -17.83 19.26
C ILE B 295 29.72 -19.10 19.91
N ARG B 296 28.47 -19.01 20.36
CA ARG B 296 27.73 -20.14 20.90
C ARG B 296 26.37 -20.21 20.23
N GLN B 297 25.80 -21.40 20.18
CA GLN B 297 24.49 -21.61 19.59
C GLN B 297 23.43 -21.74 20.68
N ALA B 298 22.23 -21.24 20.38
CA ALA B 298 21.14 -21.26 21.33
C ALA B 298 20.79 -22.71 21.72
N HIS B 299 20.29 -22.87 22.94
CA HIS B 299 20.01 -24.18 23.50
C HIS B 299 19.05 -24.03 24.66
N CYS B 300 18.72 -25.16 25.29
CA CYS B 300 17.83 -25.20 26.45
C CYS B 300 18.37 -26.26 27.41
N ASN B 301 18.68 -25.84 28.64
CA ASN B 301 19.19 -26.75 29.65
C ASN B 301 18.06 -27.24 30.55
N VAL B 302 18.20 -28.47 31.04
CA VAL B 302 17.14 -29.14 31.79
C VAL B 302 17.77 -29.93 32.93
N SER B 303 17.11 -29.93 34.09
CA SER B 303 17.64 -30.63 35.26
C SER B 303 17.45 -32.13 35.13
N LYS B 304 18.46 -32.89 35.56
CA LYS B 304 18.46 -34.33 35.35
C LYS B 304 17.58 -35.07 36.35
N ALA B 305 17.44 -34.54 37.57
CA ALA B 305 16.73 -35.26 38.61
C ALA B 305 15.24 -35.37 38.30
N THR B 306 14.61 -34.25 37.92
CA THR B 306 13.18 -34.26 37.69
C THR B 306 12.80 -35.01 36.42
N TRP B 307 13.71 -35.13 35.45
CA TRP B 307 13.40 -35.89 34.25
C TRP B 307 13.40 -37.38 34.54
N ASN B 308 14.35 -37.85 35.34
CA ASN B 308 14.44 -39.28 35.64
C ASN B 308 13.18 -39.80 36.30
N GLU B 309 12.48 -38.95 37.04
CA GLU B 309 11.26 -39.38 37.72
C GLU B 309 10.01 -39.17 36.88
N THR B 310 10.01 -38.19 35.96
CA THR B 310 8.93 -38.13 35.00
C THR B 310 8.91 -39.35 34.10
N LEU B 311 10.01 -40.10 34.04
CA LEU B 311 10.03 -41.40 33.40
C LEU B 311 9.19 -42.39 34.20
N GLY B 312 9.66 -42.74 35.40
CA GLY B 312 9.00 -43.79 36.17
C GLY B 312 7.57 -43.47 36.55
N LYS B 313 7.26 -42.19 36.76
CA LYS B 313 5.90 -41.82 37.14
C LYS B 313 4.94 -42.03 35.98
N VAL B 314 5.28 -41.50 34.80
CA VAL B 314 4.40 -41.65 33.63
C VAL B 314 4.29 -43.12 33.23
N VAL B 315 5.40 -43.87 33.33
CA VAL B 315 5.45 -45.22 32.79
C VAL B 315 4.41 -46.12 33.45
N LYS B 316 4.38 -46.15 34.79
CA LYS B 316 3.52 -47.09 35.49
C LYS B 316 2.04 -46.80 35.35
N GLN B 317 1.67 -45.62 34.84
CA GLN B 317 0.29 -45.32 34.49
C GLN B 317 -0.06 -45.71 33.06
N LEU B 318 0.92 -46.17 32.28
CA LEU B 318 0.72 -46.68 30.93
C LEU B 318 0.48 -48.19 30.89
N ARG B 319 1.17 -48.96 31.74
CA ARG B 319 0.78 -50.34 31.98
C ARG B 319 -0.61 -50.43 32.58
N LYS B 320 -1.12 -49.33 33.12
CA LYS B 320 -2.53 -49.23 33.50
C LYS B 320 -3.42 -48.84 32.34
N HIS B 321 -2.85 -48.53 31.18
CA HIS B 321 -3.62 -48.21 29.98
C HIS B 321 -3.45 -49.24 28.87
N PHE B 322 -2.50 -50.15 29.01
CA PHE B 322 -2.41 -51.35 28.17
C PHE B 322 -1.49 -52.41 28.78
N GLY B 323 -2.07 -53.47 29.33
CA GLY B 323 -1.29 -54.63 29.76
C GLY B 323 -0.39 -54.42 30.95
N ASN B 324 -0.52 -55.29 31.96
CA ASN B 324 0.39 -55.28 33.08
C ASN B 324 1.71 -55.98 32.77
N ASN B 325 1.80 -56.69 31.64
CA ASN B 325 3.05 -57.36 31.23
C ASN B 325 3.21 -57.14 29.74
N THR B 326 4.10 -56.22 29.37
CA THR B 326 4.42 -55.95 27.97
C THR B 326 5.75 -55.17 27.94
N ILE B 327 6.09 -54.65 26.76
CA ILE B 327 7.32 -53.90 26.56
C ILE B 327 6.98 -52.60 25.84
N ILE B 328 7.53 -51.50 26.32
CA ILE B 328 7.19 -50.16 25.85
C ILE B 328 8.46 -49.45 25.39
N ARG B 329 8.40 -48.82 24.22
CA ARG B 329 9.55 -48.20 23.60
C ARG B 329 9.22 -46.77 23.18
N PHE B 330 10.23 -45.91 23.20
CA PHE B 330 10.11 -44.52 22.76
C PHE B 330 11.20 -44.21 21.74
N ALA B 331 10.82 -43.48 20.70
CA ALA B 331 11.75 -43.04 19.67
C ALA B 331 11.31 -41.68 19.17
N ASN B 332 12.23 -40.96 18.54
CA ASN B 332 11.97 -39.61 18.07
C ASN B 332 11.18 -39.62 16.76
N SER B 333 10.80 -38.43 16.31
CA SER B 333 9.99 -38.31 15.10
C SER B 333 10.85 -38.48 13.85
N SER B 334 10.34 -39.24 12.89
CA SER B 334 11.11 -39.63 11.72
C SER B 334 11.21 -38.53 10.66
N GLY B 335 10.25 -37.63 10.59
CA GLY B 335 10.32 -36.58 9.60
C GLY B 335 9.01 -35.86 9.30
N GLY B 336 9.10 -34.57 9.01
CA GLY B 336 7.97 -33.75 8.67
C GLY B 336 8.40 -32.31 8.46
N ASP B 337 8.06 -31.45 9.40
CA ASP B 337 8.61 -30.10 9.45
C ASP B 337 9.09 -29.82 10.88
N LEU B 338 9.90 -28.78 11.02
CA LEU B 338 10.61 -28.56 12.27
C LEU B 338 9.69 -28.32 13.45
N GLU B 339 8.45 -27.88 13.21
CA GLU B 339 7.53 -27.66 14.33
C GLU B 339 7.21 -28.95 15.06
N VAL B 340 7.18 -30.08 14.36
CA VAL B 340 6.75 -31.33 14.97
C VAL B 340 7.94 -32.23 15.31
N THR B 341 9.02 -32.14 14.53
CA THR B 341 10.19 -32.95 14.83
C THR B 341 10.99 -32.37 15.98
N THR B 342 11.20 -31.05 15.96
CA THR B 342 11.85 -30.33 17.05
C THR B 342 10.80 -29.73 17.97
N HIS B 343 11.27 -29.06 19.02
CA HIS B 343 10.39 -28.33 19.92
C HIS B 343 10.26 -26.89 19.42
N SER B 344 9.04 -26.51 19.04
CA SER B 344 8.77 -25.18 18.53
C SER B 344 8.25 -24.31 19.66
N PHE B 345 8.92 -23.19 19.91
CA PHE B 345 8.51 -22.26 20.96
C PHE B 345 9.31 -20.98 20.82
N ASN B 346 8.67 -19.87 21.17
CA ASN B 346 9.32 -18.57 21.15
C ASN B 346 10.10 -18.37 22.45
N CYS B 347 11.36 -17.99 22.32
CA CYS B 347 12.23 -17.74 23.47
C CYS B 347 12.88 -16.36 23.30
N GLY B 348 12.22 -15.34 23.83
CA GLY B 348 12.78 -14.01 23.88
C GLY B 348 12.58 -13.16 22.65
N GLY B 349 11.58 -13.47 21.82
CA GLY B 349 11.27 -12.71 20.63
C GLY B 349 11.52 -13.47 19.35
N GLU B 350 12.25 -14.57 19.41
CA GLU B 350 12.52 -15.42 18.26
C GLU B 350 12.20 -16.86 18.65
N PHE B 351 12.05 -17.70 17.63
CA PHE B 351 11.59 -19.07 17.81
C PHE B 351 12.77 -20.04 17.80
N PHE B 352 12.81 -20.91 18.80
CA PHE B 352 13.81 -21.96 18.91
C PHE B 352 13.25 -23.28 18.37
N TYR B 353 14.16 -24.13 17.88
CA TYR B 353 13.81 -25.45 17.35
C TYR B 353 14.89 -26.42 17.79
N CYS B 354 14.63 -27.13 18.88
CA CYS B 354 15.60 -27.98 19.54
C CYS B 354 15.42 -29.43 19.12
N ASN B 355 16.51 -30.06 18.69
CA ASN B 355 16.49 -31.47 18.29
C ASN B 355 16.07 -32.34 19.47
N THR B 356 14.91 -32.99 19.35
CA THR B 356 14.31 -33.73 20.46
C THR B 356 14.66 -35.21 20.43
N SER B 357 15.89 -35.56 20.04
CA SER B 357 16.21 -36.97 19.85
C SER B 357 16.64 -37.62 21.15
N GLY B 358 17.36 -36.89 22.01
CA GLY B 358 17.86 -37.43 23.25
C GLY B 358 16.78 -37.82 24.23
N LEU B 359 15.59 -37.22 24.10
CA LEU B 359 14.48 -37.54 25.00
C LEU B 359 13.74 -38.79 24.52
N PHE B 360 13.00 -38.67 23.42
CA PHE B 360 12.26 -39.79 22.87
C PHE B 360 13.23 -40.89 22.44
N ASN B 361 13.61 -41.72 23.41
CA ASN B 361 14.73 -42.66 23.29
C ASN B 361 14.84 -43.44 24.60
N SER B 362 14.08 -44.52 24.73
CA SER B 362 14.07 -45.28 25.97
C SER B 362 13.39 -46.62 25.73
N THR B 363 13.60 -47.54 26.65
CA THR B 363 12.99 -48.87 26.61
C THR B 363 12.59 -49.24 28.03
N TRP B 364 11.33 -49.66 28.20
CA TRP B 364 10.77 -49.96 29.51
C TRP B 364 10.00 -51.27 29.46
N ILE B 365 10.19 -52.09 30.49
CA ILE B 365 9.53 -53.39 30.58
C ILE B 365 8.43 -53.32 31.63
N SER B 366 7.90 -54.48 32.02
CA SER B 366 6.91 -54.53 33.10
C SER B 366 7.53 -54.12 34.43
N ASN B 367 8.52 -54.87 34.89
CA ASN B 367 9.21 -54.56 36.14
C ASN B 367 10.71 -54.78 35.99
N ASN B 379 27.69 -32.17 40.37
CA ASN B 379 26.32 -32.14 39.89
C ASN B 379 26.24 -31.13 38.76
N ASP B 380 25.27 -31.33 37.87
CA ASP B 380 25.44 -30.78 36.52
C ASP B 380 24.05 -30.59 35.89
N SER B 381 23.98 -30.73 34.58
CA SER B 381 22.77 -30.49 33.80
C SER B 381 22.95 -31.14 32.42
N ILE B 382 21.89 -31.08 31.61
CA ILE B 382 21.91 -31.52 30.21
C ILE B 382 21.25 -30.44 29.36
N THR B 383 21.15 -30.69 28.05
CA THR B 383 20.60 -29.68 27.14
C THR B 383 20.22 -30.32 25.81
N LEU B 384 19.71 -29.50 24.91
CA LEU B 384 19.33 -29.85 23.56
C LEU B 384 19.76 -28.75 22.61
N PRO B 385 20.15 -29.08 21.38
CA PRO B 385 20.62 -28.06 20.43
C PRO B 385 19.44 -27.44 19.69
N CYS B 386 19.37 -26.11 19.72
CA CYS B 386 18.23 -25.37 19.22
C CYS B 386 18.67 -24.42 18.11
N ARG B 387 17.89 -24.38 17.04
CA ARG B 387 18.12 -23.50 15.90
C ARG B 387 17.36 -22.20 16.08
N ILE B 388 18.03 -21.09 15.78
CA ILE B 388 17.47 -19.76 15.93
C ILE B 388 16.73 -19.41 14.65
N LYS B 389 15.41 -19.33 14.72
CA LYS B 389 14.55 -19.03 13.58
C LYS B 389 13.84 -17.71 13.82
N GLN B 390 13.89 -16.82 12.84
CA GLN B 390 13.31 -15.49 12.95
C GLN B 390 12.08 -15.29 12.08
N ILE B 391 12.15 -15.66 10.80
CA ILE B 391 10.98 -15.63 9.92
C ILE B 391 10.15 -16.89 10.17
N ILE B 392 8.83 -16.76 10.09
CA ILE B 392 7.94 -17.90 10.32
C ILE B 392 6.59 -17.62 9.67
N ASN B 393 5.92 -18.68 9.24
CA ASN B 393 4.58 -18.63 8.68
C ASN B 393 3.69 -19.54 9.52
N MET B 394 3.44 -19.13 10.76
CA MET B 394 2.69 -19.95 11.70
C MET B 394 1.19 -19.67 11.59
N TRP B 395 0.42 -20.46 12.34
CA TRP B 395 -1.04 -20.41 12.41
C TRP B 395 -1.72 -20.82 11.12
N GLN B 396 -0.98 -21.33 10.13
CA GLN B 396 -1.52 -21.72 8.83
C GLN B 396 -2.41 -20.63 8.24
N ARG B 397 -2.16 -19.38 8.63
CA ARG B 397 -2.85 -18.22 8.09
C ARG B 397 -2.29 -17.97 6.69
N ILE B 398 -2.77 -18.78 5.75
CA ILE B 398 -2.23 -18.82 4.40
C ILE B 398 -2.26 -17.43 3.77
N GLY B 399 -1.11 -16.77 3.75
CA GLY B 399 -1.01 -15.44 3.22
C GLY B 399 -0.11 -14.53 4.02
N GLN B 400 0.29 -14.96 5.21
CA GLN B 400 1.06 -14.10 6.11
C GLN B 400 2.20 -14.87 6.77
N ALA B 401 3.42 -14.53 6.37
CA ALA B 401 4.64 -14.80 7.12
C ALA B 401 5.31 -13.45 7.39
N MET B 402 6.28 -13.45 8.31
CA MET B 402 6.83 -12.17 8.75
C MET B 402 8.18 -12.41 9.41
N TYR B 403 8.85 -11.31 9.76
CA TYR B 403 10.18 -11.34 10.37
C TYR B 403 10.11 -10.81 11.79
N ALA B 404 10.67 -11.58 12.74
CA ALA B 404 10.78 -11.16 14.14
C ALA B 404 12.01 -10.28 14.30
N PRO B 405 11.88 -9.05 14.78
CA PRO B 405 13.03 -8.15 14.84
C PRO B 405 14.11 -8.72 15.76
N PRO B 406 15.36 -8.33 15.55
CA PRO B 406 16.44 -8.87 16.39
C PRO B 406 16.25 -8.46 17.85
N ILE B 407 16.88 -9.22 18.73
CA ILE B 407 16.68 -9.07 20.17
C ILE B 407 18.02 -8.67 20.78
N GLN B 408 18.17 -7.38 21.07
CA GLN B 408 19.39 -6.89 21.71
C GLN B 408 19.64 -7.60 23.03
N GLY B 409 20.88 -8.03 23.24
CA GLY B 409 21.27 -8.66 24.48
C GLY B 409 21.03 -10.17 24.48
N VAL B 410 21.57 -10.81 25.52
CA VAL B 410 21.44 -12.26 25.67
C VAL B 410 20.02 -12.60 26.12
N ILE B 411 19.45 -13.64 25.52
CA ILE B 411 18.09 -14.09 25.81
C ILE B 411 18.15 -15.23 26.82
N ARG B 412 17.17 -15.28 27.72
CA ARG B 412 16.96 -16.44 28.56
C ARG B 412 15.46 -16.57 28.83
N CYS B 413 15.01 -17.81 29.01
CA CYS B 413 13.59 -18.06 29.28
C CYS B 413 13.47 -19.38 30.04
N VAL B 414 12.79 -19.34 31.18
CA VAL B 414 12.61 -20.49 32.05
C VAL B 414 11.12 -20.83 32.11
N SER B 415 10.82 -22.07 32.49
CA SER B 415 9.44 -22.50 32.59
C SER B 415 9.37 -23.87 33.23
N ASN B 416 8.27 -24.10 33.97
CA ASN B 416 7.92 -25.43 34.42
C ASN B 416 7.42 -26.25 33.23
N ILE B 417 8.18 -27.27 32.81
CA ILE B 417 7.69 -28.17 31.78
C ILE B 417 6.48 -28.90 32.32
N THR B 418 5.44 -29.03 31.48
CA THR B 418 4.12 -29.35 32.00
C THR B 418 3.38 -30.43 31.21
N GLY B 419 3.51 -30.43 29.88
CA GLY B 419 2.71 -31.35 29.07
C GLY B 419 3.45 -32.06 27.96
N LEU B 420 2.71 -32.78 27.11
CA LEU B 420 3.34 -33.58 26.06
C LEU B 420 2.30 -33.99 25.03
N ILE B 421 2.75 -34.08 23.78
CA ILE B 421 1.97 -34.60 22.66
C ILE B 421 2.78 -35.73 22.03
N LEU B 422 2.11 -36.84 21.70
CA LEU B 422 2.81 -38.00 21.15
C LEU B 422 1.81 -38.93 20.46
N THR B 423 2.34 -40.02 19.91
CA THR B 423 1.57 -40.99 19.15
C THR B 423 2.09 -42.40 19.45
N ARG B 424 1.67 -43.38 18.66
CA ARG B 424 2.04 -44.78 18.86
C ARG B 424 2.12 -45.47 17.49
N ASP B 425 2.34 -46.78 17.51
CA ASP B 425 2.46 -47.55 16.27
C ASP B 425 1.12 -48.15 15.84
N GLY B 426 1.12 -49.39 15.37
CA GLY B 426 -0.08 -50.03 14.86
C GLY B 426 -0.30 -51.39 15.51
N GLY B 427 -0.70 -52.35 14.67
CA GLY B 427 -1.01 -53.69 15.18
C GLY B 427 0.21 -54.35 15.80
N SER B 428 1.31 -54.41 15.06
CA SER B 428 2.58 -54.95 15.53
C SER B 428 2.44 -56.40 15.99
N THR B 429 3.48 -56.94 16.61
CA THR B 429 3.36 -58.22 17.29
C THR B 429 2.69 -57.97 18.63
N ASN B 430 1.45 -58.48 18.77
CA ASN B 430 0.59 -58.07 19.87
C ASN B 430 1.12 -58.57 21.22
N SER B 431 1.08 -57.68 22.22
CA SER B 431 1.59 -57.79 23.58
C SER B 431 3.13 -57.83 23.65
N THR B 432 3.83 -57.96 22.52
CA THR B 432 5.29 -58.10 22.58
C THR B 432 5.95 -56.76 22.83
N THR B 433 5.62 -55.74 22.04
CA THR B 433 6.20 -54.41 22.22
C THR B 433 5.35 -53.39 21.45
N GLU B 434 5.73 -52.13 21.58
CA GLU B 434 5.03 -50.99 20.97
C GLU B 434 5.92 -49.75 21.10
N THR B 435 5.82 -48.88 20.09
CA THR B 435 6.64 -47.67 19.99
C THR B 435 5.79 -46.43 20.30
N PHE B 436 6.48 -45.36 20.71
CA PHE B 436 5.84 -44.07 21.00
C PHE B 436 6.76 -42.96 20.52
N ARG B 437 6.22 -42.04 19.73
CA ARG B 437 6.97 -41.01 19.03
C ARG B 437 6.32 -39.65 19.18
N PRO B 438 7.08 -38.56 18.91
CA PRO B 438 6.50 -37.21 19.06
C PRO B 438 5.91 -36.63 17.79
N GLY B 439 5.13 -35.56 17.94
CA GLY B 439 4.51 -34.88 16.81
C GLY B 439 3.35 -34.00 17.22
N GLY B 440 2.20 -34.16 16.56
CA GLY B 440 1.02 -33.39 16.90
C GLY B 440 0.92 -32.08 16.14
N GLY B 441 1.48 -31.01 16.71
CA GLY B 441 1.61 -29.76 15.99
C GLY B 441 0.40 -28.85 16.03
N ASP B 442 -0.74 -29.34 15.53
CA ASP B 442 -1.95 -28.54 15.41
C ASP B 442 -2.30 -27.86 16.74
N MET B 443 -2.32 -26.53 16.72
CA MET B 443 -2.39 -25.73 17.93
C MET B 443 -3.73 -25.87 18.66
N ARG B 444 -4.62 -26.70 18.12
CA ARG B 444 -5.90 -26.89 18.77
C ARG B 444 -5.82 -27.93 19.88
N ASP B 445 -4.99 -28.95 19.71
CA ASP B 445 -4.77 -29.92 20.77
C ASP B 445 -3.90 -29.36 21.88
N ASN B 446 -3.14 -28.30 21.61
CA ASN B 446 -2.43 -27.60 22.67
C ASN B 446 -3.40 -26.78 23.52
N TRP B 447 -4.42 -26.20 22.91
CA TRP B 447 -5.45 -25.51 23.68
C TRP B 447 -6.29 -26.49 24.49
N ARG B 448 -6.32 -27.76 24.10
CA ARG B 448 -7.00 -28.78 24.89
C ARG B 448 -6.24 -29.13 26.17
N SER B 449 -5.02 -28.64 26.33
CA SER B 449 -4.25 -28.90 27.53
C SER B 449 -4.70 -28.06 28.72
N GLU B 450 -5.51 -27.03 28.48
CA GLU B 450 -6.11 -26.23 29.54
C GLU B 450 -7.63 -26.21 29.49
N LEU B 451 -8.24 -26.55 28.36
CA LEU B 451 -9.67 -26.41 28.15
C LEU B 451 -10.46 -27.66 28.48
N TYR B 452 -9.79 -28.72 28.92
CA TYR B 452 -10.49 -29.93 29.35
C TYR B 452 -11.41 -29.66 30.54
N LYS B 453 -11.19 -28.55 31.26
CA LYS B 453 -11.86 -28.28 32.53
C LYS B 453 -12.70 -27.01 32.48
N TYR B 454 -13.19 -26.62 31.30
CA TYR B 454 -13.96 -25.39 31.19
C TYR B 454 -15.06 -25.54 30.14
N LYS B 455 -16.27 -25.12 30.50
CA LYS B 455 -17.40 -25.07 29.58
C LYS B 455 -18.33 -23.94 30.00
N VAL B 456 -19.27 -23.61 29.12
CA VAL B 456 -20.06 -22.40 29.22
C VAL B 456 -21.50 -22.74 29.58
N VAL B 457 -22.14 -21.85 30.36
CA VAL B 457 -23.55 -21.96 30.71
C VAL B 457 -24.19 -20.58 30.61
N LYS B 458 -25.51 -20.59 30.39
CA LYS B 458 -26.34 -19.38 30.40
C LYS B 458 -27.41 -19.53 31.48
N ILE B 459 -27.72 -18.42 32.13
CA ILE B 459 -28.61 -18.43 33.29
C ILE B 459 -30.05 -18.22 32.83
N GLU B 460 -30.95 -19.06 33.34
CA GLU B 460 -32.38 -19.03 33.02
C GLU B 460 -33.14 -18.90 34.34
N PRO B 461 -33.31 -17.69 34.86
CA PRO B 461 -33.78 -17.53 36.24
C PRO B 461 -35.24 -17.93 36.46
N LEU B 462 -36.01 -18.15 35.41
CA LEU B 462 -37.45 -18.38 35.54
C LEU B 462 -37.71 -19.89 35.50
N GLY B 463 -37.77 -20.48 36.69
CA GLY B 463 -38.19 -21.86 36.83
C GLY B 463 -39.70 -21.99 36.84
N VAL B 464 -40.15 -23.20 37.14
CA VAL B 464 -41.58 -23.49 37.19
C VAL B 464 -41.77 -24.78 37.98
N ALA B 465 -42.87 -24.85 38.73
CA ALA B 465 -43.13 -25.99 39.59
C ALA B 465 -44.63 -26.14 39.86
N PRO B 466 -45.12 -27.38 39.93
CA PRO B 466 -46.49 -27.59 40.38
C PRO B 466 -46.60 -27.81 41.88
N THR B 467 -46.94 -26.77 42.63
CA THR B 467 -47.33 -26.97 44.02
C THR B 467 -48.80 -27.33 44.09
N ARG B 468 -49.57 -26.60 44.91
CA ARG B 468 -51.02 -26.73 44.96
C ARG B 468 -51.70 -25.37 44.99
N CYS B 469 -50.96 -24.29 44.74
CA CYS B 469 -51.43 -22.93 44.99
C CYS B 469 -51.82 -22.24 43.69
N LYS B 470 -52.44 -21.07 43.86
CA LYS B 470 -52.97 -20.29 42.75
C LYS B 470 -53.02 -18.83 43.18
N ARG B 471 -53.17 -17.94 42.20
CA ARG B 471 -53.26 -16.51 42.46
C ARG B 471 -54.72 -16.07 42.48
N ARG B 472 -54.95 -14.90 43.09
CA ARG B 472 -56.30 -14.37 43.19
C ARG B 472 -56.78 -13.85 41.84
N VAL B 473 -58.09 -13.66 41.74
CA VAL B 473 -58.72 -13.20 40.51
C VAL B 473 -58.50 -11.71 40.29
N VAL C 2 53.10 -26.93 36.57
CA VAL C 2 52.70 -27.98 35.65
C VAL C 2 53.93 -28.71 35.13
N GLN C 3 53.94 -30.03 35.28
CA GLN C 3 55.11 -30.83 34.92
C GLN C 3 54.65 -32.18 34.36
N LEU C 4 55.00 -32.45 33.11
CA LEU C 4 54.83 -33.79 32.55
C LEU C 4 56.04 -34.65 32.89
N ARG C 5 55.79 -35.92 33.18
CA ARG C 5 56.83 -36.86 33.57
C ARG C 5 56.57 -38.21 32.93
N GLU C 6 57.65 -38.88 32.52
CA GLU C 6 57.56 -40.12 31.77
C GLU C 6 58.20 -41.27 32.55
N SER C 7 57.86 -42.49 32.14
CA SER C 7 58.35 -43.70 32.78
C SER C 7 58.22 -44.86 31.81
N GLY C 8 59.29 -45.64 31.66
CA GLY C 8 59.27 -46.77 30.76
C GLY C 8 60.60 -47.50 30.67
N PRO C 9 60.68 -48.45 29.73
CA PRO C 9 61.94 -49.21 29.55
C PRO C 9 63.09 -48.38 28.98
N GLY C 10 63.24 -48.42 27.66
CA GLY C 10 64.33 -47.71 27.01
C GLY C 10 65.00 -48.52 25.91
N LEU C 11 64.68 -49.80 25.84
CA LEU C 11 65.18 -50.70 24.82
C LEU C 11 64.11 -51.75 24.59
N VAL C 12 63.90 -52.14 23.33
CA VAL C 12 62.77 -52.96 22.95
C VAL C 12 63.24 -54.12 22.09
N LYS C 13 62.62 -55.32 22.32
CA LYS C 13 62.85 -56.58 21.62
C LYS C 13 61.94 -56.69 20.39
N PRO C 14 62.37 -57.44 19.37
CA PRO C 14 61.56 -57.56 18.15
C PRO C 14 60.33 -58.45 18.35
N SER C 15 59.24 -58.08 17.66
CA SER C 15 57.96 -58.78 17.72
C SER C 15 57.39 -58.85 19.15
N GLU C 16 57.90 -58.03 20.04
CA GLU C 16 57.50 -58.03 21.45
C GLU C 16 56.67 -56.79 21.75
N THR C 17 56.12 -56.75 22.97
CA THR C 17 55.16 -55.73 23.36
C THR C 17 55.84 -54.56 24.06
N LEU C 18 55.46 -53.36 23.68
CA LEU C 18 55.98 -52.12 24.24
C LEU C 18 54.88 -51.38 24.99
N SER C 19 55.24 -50.78 26.12
CA SER C 19 54.28 -50.04 26.93
C SER C 19 54.99 -48.90 27.64
N LEU C 20 54.39 -47.70 27.59
CA LEU C 20 54.98 -46.51 28.17
C LEU C 20 53.93 -45.75 28.98
N SER C 21 54.42 -44.96 29.94
CA SER C 21 53.56 -44.19 30.84
C SER C 21 53.98 -42.74 30.86
N CYS C 22 53.03 -41.87 31.20
CA CYS C 22 53.23 -40.41 31.18
C CYS C 22 52.33 -39.83 32.28
N THR C 23 52.89 -39.72 33.49
CA THR C 23 52.13 -39.33 34.66
C THR C 23 52.03 -37.80 34.77
N VAL C 24 51.11 -37.36 35.63
CA VAL C 24 50.75 -35.94 35.74
C VAL C 24 50.84 -35.56 37.20
N SER C 25 52.01 -35.06 37.62
CA SER C 25 52.17 -34.45 38.93
C SER C 25 52.00 -32.94 38.79
N GLN C 26 51.25 -32.35 39.72
CA GLN C 26 50.95 -30.91 39.73
C GLN C 26 50.18 -30.49 38.48
N ASP C 27 48.86 -30.47 38.56
CA ASP C 27 48.03 -30.02 37.44
C ASP C 27 46.64 -29.69 37.95
N SER C 28 46.12 -28.55 37.52
CA SER C 28 44.82 -28.09 37.99
C SER C 28 43.69 -28.35 36.99
N ARG C 29 44.01 -28.56 35.71
CA ARG C 29 43.00 -28.78 34.67
C ARG C 29 43.45 -29.91 33.76
N PRO C 30 43.31 -31.16 34.22
CA PRO C 30 43.85 -32.29 33.46
C PRO C 30 42.81 -33.05 32.62
N SER C 31 41.67 -33.39 33.21
CA SER C 31 40.66 -34.22 32.55
C SER C 31 39.96 -33.49 31.40
N ASP C 32 40.37 -32.28 31.05
CA ASP C 32 39.67 -31.47 30.05
C ASP C 32 40.25 -31.61 28.65
N HIS C 33 41.27 -32.43 28.46
CA HIS C 33 42.08 -32.36 27.25
C HIS C 33 42.25 -33.73 26.60
N SER C 34 42.90 -33.70 25.44
CA SER C 34 43.25 -34.89 24.67
C SER C 34 44.75 -35.15 24.86
N TRP C 35 45.07 -36.27 25.50
CA TRP C 35 46.44 -36.59 25.88
C TRP C 35 47.08 -37.50 24.83
N THR C 36 48.26 -37.11 24.34
CA THR C 36 48.81 -37.61 23.09
C THR C 36 50.18 -38.27 23.29
N TRP C 37 50.65 -38.88 22.20
CA TRP C 37 51.99 -39.47 22.08
C TRP C 37 52.54 -39.16 20.69
N VAL C 38 53.83 -38.81 20.62
CA VAL C 38 54.51 -38.46 19.38
C VAL C 38 55.94 -39.03 19.44
N ARG C 39 56.47 -39.43 18.28
CA ARG C 39 57.80 -40.04 18.18
C ARG C 39 58.57 -39.42 17.01
N GLN C 40 59.82 -39.84 16.87
CA GLN C 40 60.75 -39.17 15.96
C GLN C 40 61.98 -40.06 15.79
N SER C 41 62.34 -40.30 14.53
CA SER C 41 63.52 -41.05 14.15
C SER C 41 64.77 -40.16 14.28
N PRO C 42 65.98 -40.76 14.41
CA PRO C 42 67.16 -39.99 14.83
C PRO C 42 67.44 -38.77 13.96
N GLY C 43 67.04 -37.60 14.45
CA GLY C 43 67.18 -36.36 13.70
C GLY C 43 66.17 -36.17 12.59
N LYS C 44 65.16 -37.03 12.51
CA LYS C 44 64.13 -36.92 11.49
C LYS C 44 62.96 -36.10 12.00
N ALA C 45 61.76 -36.36 11.47
CA ALA C 45 60.61 -35.51 11.75
C ALA C 45 59.70 -36.14 12.80
N LEU C 46 58.57 -35.47 13.07
CA LEU C 46 57.68 -35.81 14.16
C LEU C 46 56.40 -36.42 13.60
N GLU C 47 55.94 -37.52 14.21
CA GLU C 47 54.74 -38.21 13.75
C GLU C 47 53.82 -38.49 14.92
N TRP C 48 52.51 -38.37 14.66
CA TRP C 48 51.48 -38.35 15.69
C TRP C 48 50.81 -39.71 15.80
N ILE C 49 50.63 -40.19 17.03
CA ILE C 49 50.07 -41.52 17.27
C ILE C 49 48.58 -41.41 17.52
N GLY C 50 48.20 -40.65 18.53
CA GLY C 50 46.80 -40.48 18.86
C GLY C 50 46.63 -39.71 20.15
N ASP C 51 45.37 -39.53 20.53
CA ASP C 51 45.04 -38.90 21.80
C ASP C 51 44.01 -39.74 22.53
N ILE C 52 44.01 -39.62 23.85
CA ILE C 52 42.95 -40.15 24.70
C ILE C 52 42.40 -39.00 25.52
N HIS C 53 41.13 -38.67 25.30
CA HIS C 53 40.45 -37.80 26.23
C HIS C 53 40.07 -38.61 27.46
N TYR C 54 39.94 -37.91 28.60
CA TYR C 54 39.55 -38.56 29.84
C TYR C 54 38.32 -39.45 29.67
N ASN C 55 37.42 -39.10 28.75
CA ASN C 55 36.14 -39.78 28.60
C ASN C 55 36.25 -41.12 27.87
N GLY C 56 37.45 -41.54 27.49
CA GLY C 56 37.64 -42.82 26.85
C GLY C 56 37.52 -42.83 25.34
N ALA C 57 37.36 -41.66 24.71
CA ALA C 57 37.31 -41.57 23.26
C ALA C 57 38.74 -41.43 22.74
N THR C 58 39.36 -42.57 22.45
CA THR C 58 40.77 -42.62 22.09
C THR C 58 40.93 -42.49 20.58
N THR C 59 41.52 -41.38 20.15
CA THR C 59 41.83 -41.17 18.74
C THR C 59 43.16 -41.85 18.39
N TYR C 60 43.32 -42.23 17.13
CA TYR C 60 44.50 -42.97 16.70
C TYR C 60 44.86 -42.58 15.27
N ASN C 61 45.93 -43.23 14.76
CA ASN C 61 46.62 -43.06 13.48
C ASN C 61 46.30 -44.23 12.55
N PRO C 62 46.09 -43.98 11.26
CA PRO C 62 45.63 -45.05 10.36
C PRO C 62 46.50 -46.30 10.36
N SER C 63 47.83 -46.15 10.35
CA SER C 63 48.69 -47.32 10.20
C SER C 63 48.76 -48.15 11.47
N LEU C 64 48.90 -47.50 12.61
CA LEU C 64 49.05 -48.18 13.90
C LEU C 64 47.75 -48.79 14.41
N ARG C 65 46.69 -48.84 13.58
CA ARG C 65 45.41 -49.38 14.03
C ARG C 65 45.53 -50.82 14.52
N SER C 66 46.53 -51.55 14.02
CA SER C 66 46.71 -52.96 14.36
C SER C 66 47.74 -53.17 15.45
N ARG C 67 48.20 -52.11 16.11
CA ARG C 67 49.32 -52.25 17.03
C ARG C 67 49.05 -51.65 18.40
N VAL C 68 48.20 -50.62 18.48
CA VAL C 68 48.18 -49.77 19.67
C VAL C 68 46.84 -49.79 20.41
N ARG C 69 46.81 -49.09 21.55
CA ARG C 69 45.65 -48.90 22.42
C ARG C 69 46.10 -48.04 23.59
N ILE C 70 45.44 -46.91 23.81
CA ILE C 70 45.83 -45.96 24.85
C ILE C 70 44.90 -46.11 26.04
N GLU C 71 45.47 -46.47 27.19
CA GLU C 71 44.70 -46.63 28.41
C GLU C 71 44.72 -45.36 29.25
N LEU C 72 43.84 -45.31 30.24
CA LEU C 72 43.75 -44.17 31.15
C LEU C 72 43.52 -44.69 32.57
N ASP C 73 44.48 -44.43 33.46
CA ASP C 73 44.32 -44.67 34.89
C ASP C 73 44.30 -43.30 35.56
N GLN C 74 43.13 -42.66 35.53
CA GLN C 74 42.98 -41.25 35.91
C GLN C 74 43.18 -41.08 37.40
N SER C 75 43.47 -42.18 38.11
CA SER C 75 43.64 -42.10 39.55
C SER C 75 44.81 -41.23 39.96
N ILE C 76 45.76 -40.98 39.06
CA ILE C 76 46.97 -40.23 39.38
C ILE C 76 46.84 -38.77 38.97
N PRO C 77 46.47 -38.44 37.71
CA PRO C 77 46.16 -39.24 36.52
C PRO C 77 47.37 -39.54 35.64
N ARG C 78 47.31 -40.66 34.93
CA ARG C 78 48.31 -41.05 33.95
C ARG C 78 47.59 -41.65 32.75
N PHE C 79 48.26 -41.63 31.60
CA PHE C 79 47.77 -42.33 30.43
C PHE C 79 48.88 -43.21 29.86
N SER C 80 48.47 -44.36 29.33
CA SER C 80 49.38 -45.44 28.99
C SER C 80 49.16 -45.89 27.55
N LEU C 81 50.24 -46.26 26.87
CA LEU C 81 50.19 -46.72 25.49
C LEU C 81 50.75 -48.14 25.41
N LYS C 82 49.97 -49.04 24.83
CA LYS C 82 50.35 -50.46 24.69
C LYS C 82 50.46 -50.77 23.20
N MET C 83 51.69 -50.97 22.73
CA MET C 83 51.98 -51.13 21.31
C MET C 83 52.68 -52.47 21.08
N THR C 84 52.35 -53.12 19.96
CA THR C 84 52.88 -54.43 19.61
C THR C 84 53.65 -54.34 18.29
N SER C 85 54.36 -55.43 17.98
CA SER C 85 55.12 -55.60 16.74
C SER C 85 56.14 -54.47 16.56
N MET C 86 57.12 -54.47 17.46
CA MET C 86 58.17 -53.46 17.47
C MET C 86 59.37 -53.93 16.67
N THR C 87 59.82 -53.10 15.74
CA THR C 87 60.90 -53.44 14.83
C THR C 87 62.00 -52.38 14.89
N ALA C 88 63.15 -52.73 14.32
CA ALA C 88 64.28 -51.80 14.30
C ALA C 88 63.93 -50.50 13.59
N ALA C 89 63.01 -50.55 12.62
CA ALA C 89 62.54 -49.35 11.95
C ALA C 89 61.76 -48.43 12.88
N ASP C 90 61.32 -48.92 14.04
CA ASP C 90 60.64 -48.11 15.04
C ASP C 90 61.59 -47.45 16.02
N THR C 91 62.89 -47.50 15.76
CA THR C 91 63.88 -46.88 16.64
C THR C 91 63.81 -45.36 16.53
N GLY C 92 63.79 -44.69 17.67
CA GLY C 92 63.82 -43.23 17.67
C GLY C 92 63.39 -42.68 19.02
N MET C 93 63.21 -41.36 19.03
CA MET C 93 62.75 -40.65 20.22
C MET C 93 61.24 -40.77 20.37
N TYR C 94 60.78 -40.84 21.61
CA TYR C 94 59.36 -40.97 21.93
C TYR C 94 59.01 -39.98 23.03
N TYR C 95 58.14 -39.02 22.72
CA TYR C 95 57.71 -38.00 23.67
C TYR C 95 56.20 -38.10 23.88
N CYS C 96 55.77 -38.22 25.13
CA CYS C 96 54.36 -38.00 25.41
C CYS C 96 54.07 -36.50 25.40
N ALA C 97 52.80 -36.15 25.22
CA ALA C 97 52.42 -34.76 25.05
C ALA C 97 50.98 -34.59 25.46
N ARG C 98 50.45 -33.39 25.22
CA ARG C 98 49.07 -33.05 25.58
C ARG C 98 48.55 -32.08 24.53
N ASN C 99 47.49 -32.47 23.82
CA ASN C 99 46.78 -31.58 22.91
C ASN C 99 45.69 -30.88 23.70
N ALA C 100 45.82 -29.57 23.89
CA ALA C 100 44.92 -28.84 24.76
C ALA C 100 43.56 -28.64 24.11
N ILE C 101 42.53 -28.56 24.95
CA ILE C 101 41.15 -28.36 24.53
C ILE C 101 40.59 -27.21 25.35
N ARG C 102 40.38 -26.06 24.72
CA ARG C 102 39.87 -24.88 25.40
C ARG C 102 38.39 -24.69 25.10
N ILE C 103 37.63 -24.28 26.13
CA ILE C 103 36.18 -24.16 26.05
C ILE C 103 35.77 -22.80 26.61
N TYR C 104 34.56 -22.38 26.25
CA TYR C 104 33.92 -21.20 26.83
C TYR C 104 32.76 -21.52 27.74
N GLY C 105 32.06 -22.63 27.51
CA GLY C 105 30.93 -22.98 28.35
C GLY C 105 30.33 -24.35 28.11
N VAL C 106 29.99 -24.67 26.86
CA VAL C 106 29.22 -25.85 26.53
C VAL C 106 30.01 -26.75 25.59
N VAL C 107 29.89 -28.07 25.78
CA VAL C 107 30.66 -29.07 25.05
C VAL C 107 29.93 -29.54 23.80
N ALA C 108 28.76 -30.18 24.01
CA ALA C 108 28.09 -30.85 22.90
C ALA C 108 27.67 -29.89 21.80
N LEU C 109 27.45 -28.61 22.14
CA LEU C 109 27.18 -27.59 21.14
C LEU C 109 28.46 -26.97 20.58
N GLY C 110 29.57 -27.68 20.66
CA GLY C 110 30.80 -27.32 19.98
C GLY C 110 31.29 -25.90 20.16
N GLU C 111 31.46 -25.46 21.40
CA GLU C 111 32.08 -24.17 21.69
C GLU C 111 33.47 -24.34 22.29
N TRP C 112 34.15 -25.41 21.89
CA TRP C 112 35.53 -25.69 22.23
C TRP C 112 36.34 -25.80 20.93
N PHE C 113 37.65 -25.96 21.06
CA PHE C 113 38.50 -26.07 19.88
C PHE C 113 39.81 -26.74 20.26
N HIS C 114 40.43 -27.40 19.28
CA HIS C 114 41.73 -28.03 19.46
C HIS C 114 42.77 -26.94 19.64
N TYR C 115 43.15 -26.72 20.91
CA TYR C 115 44.06 -25.63 21.23
C TYR C 115 45.48 -25.90 20.72
N GLY C 116 46.00 -27.12 20.91
CA GLY C 116 47.34 -27.41 20.47
C GLY C 116 48.19 -28.25 21.42
N MET C 117 49.26 -28.83 20.89
CA MET C 117 50.16 -29.64 21.72
C MET C 117 51.23 -28.74 22.32
N ASP C 118 50.84 -28.02 23.38
CA ASP C 118 51.71 -27.05 24.02
C ASP C 118 52.69 -27.68 25.00
N VAL C 119 52.43 -28.90 25.45
CA VAL C 119 53.27 -29.56 26.44
C VAL C 119 53.75 -30.88 25.87
N TRP C 120 54.96 -31.27 26.27
CA TRP C 120 55.60 -32.48 25.76
C TRP C 120 56.52 -33.02 26.85
N GLY C 121 57.14 -34.16 26.57
CA GLY C 121 58.14 -34.73 27.46
C GLY C 121 59.55 -34.38 27.00
N GLN C 122 60.50 -34.59 27.90
CA GLN C 122 61.90 -34.39 27.54
C GLN C 122 62.41 -35.47 26.61
N GLY C 123 61.80 -36.65 26.62
CA GLY C 123 62.11 -37.66 25.64
C GLY C 123 62.80 -38.88 26.23
N THR C 124 62.40 -40.06 25.78
CA THR C 124 63.07 -41.31 26.12
C THR C 124 63.23 -42.11 24.84
N ALA C 125 64.47 -42.53 24.55
CA ALA C 125 64.73 -43.27 23.33
C ALA C 125 64.13 -44.67 23.42
N VAL C 126 63.63 -45.15 22.29
CA VAL C 126 63.11 -46.51 22.16
C VAL C 126 63.87 -47.15 21.00
N THR C 127 65.03 -47.70 21.29
CA THR C 127 65.84 -48.40 20.30
C THR C 127 65.46 -49.88 20.34
N VAL C 128 65.07 -50.41 19.19
CA VAL C 128 64.59 -51.79 19.08
C VAL C 128 65.75 -52.67 18.64
N SER C 129 66.08 -53.66 19.46
CA SER C 129 67.19 -54.57 19.17
C SER C 129 67.06 -55.79 20.07
N SER C 130 67.99 -56.71 19.92
CA SER C 130 68.10 -57.87 20.80
C SER C 130 69.42 -57.91 21.55
N ALA C 131 70.27 -56.90 21.39
CA ALA C 131 71.56 -56.84 22.08
C ALA C 131 71.33 -56.64 23.58
N SER C 132 72.43 -56.48 24.31
CA SER C 132 72.39 -56.44 25.77
C SER C 132 72.59 -55.02 26.28
N THR C 133 71.83 -54.67 27.32
CA THR C 133 72.04 -53.44 28.04
C THR C 133 73.23 -53.59 28.98
N LYS C 134 74.08 -52.57 29.01
CA LYS C 134 75.31 -52.62 29.80
C LYS C 134 75.42 -51.39 30.68
N GLY C 135 75.65 -51.62 31.98
CA GLY C 135 75.98 -50.56 32.90
C GLY C 135 77.32 -49.94 32.55
N PRO C 136 77.41 -48.62 32.62
CA PRO C 136 78.58 -47.93 32.07
C PRO C 136 79.84 -48.16 32.90
N SER C 137 80.98 -47.96 32.24
CA SER C 137 82.29 -47.99 32.86
C SER C 137 82.96 -46.64 32.63
N VAL C 138 83.22 -45.91 33.70
CA VAL C 138 83.68 -44.54 33.64
C VAL C 138 85.18 -44.48 33.94
N PHE C 139 85.86 -43.48 33.37
CA PHE C 139 87.30 -43.38 33.47
C PHE C 139 87.75 -41.93 33.59
N PRO C 140 88.60 -41.62 34.57
CA PRO C 140 88.99 -40.23 34.81
C PRO C 140 89.85 -39.66 33.69
N LEU C 141 89.53 -38.44 33.27
CA LEU C 141 90.39 -37.64 32.40
C LEU C 141 90.96 -36.52 33.27
N ALA C 142 91.97 -36.89 34.07
CA ALA C 142 92.48 -36.00 35.11
C ALA C 142 92.99 -34.68 34.52
N PRO C 143 92.88 -33.58 35.25
CA PRO C 143 93.08 -32.26 34.65
C PRO C 143 94.55 -31.92 34.45
N SER C 144 94.77 -30.84 33.70
CA SER C 144 96.10 -30.28 33.52
C SER C 144 96.53 -29.57 34.81
N SER C 145 97.83 -29.64 35.10
CA SER C 145 98.33 -29.16 36.39
C SER C 145 98.56 -27.66 36.41
N LYS C 146 98.71 -27.01 35.26
CA LYS C 146 98.82 -25.56 35.17
C LYS C 146 98.73 -25.10 33.73
N GLY C 151 94.29 -18.89 37.28
CA GLY C 151 94.72 -19.79 36.23
C GLY C 151 93.59 -20.64 35.68
N THR C 152 93.82 -21.25 34.52
CA THR C 152 92.78 -22.03 33.86
C THR C 152 93.36 -23.36 33.37
N ALA C 153 92.53 -24.39 33.42
CA ALA C 153 92.80 -25.69 32.82
C ALA C 153 91.46 -26.28 32.39
N ALA C 154 91.40 -27.60 32.24
CA ALA C 154 90.17 -28.29 31.86
C ALA C 154 90.33 -29.77 32.10
N LEU C 155 89.20 -30.48 32.11
CA LEU C 155 89.20 -31.92 32.35
C LEU C 155 87.85 -32.48 31.92
N GLY C 156 87.69 -33.78 32.10
CA GLY C 156 86.45 -34.44 31.77
C GLY C 156 86.40 -35.84 32.35
N CYS C 157 85.52 -36.66 31.79
CA CYS C 157 85.37 -38.05 32.23
C CYS C 157 84.88 -38.89 31.07
N LEU C 158 85.49 -40.05 30.87
CA LEU C 158 85.19 -40.94 29.75
C LEU C 158 84.26 -42.05 30.20
N VAL C 159 83.16 -42.24 29.46
CA VAL C 159 82.19 -43.30 29.72
C VAL C 159 82.17 -44.21 28.51
N LYS C 160 82.56 -45.47 28.71
CA LYS C 160 82.75 -46.41 27.62
C LYS C 160 81.94 -47.68 27.86
N ASP C 161 81.56 -48.32 26.75
CA ASP C 161 80.86 -49.61 26.75
C ASP C 161 79.52 -49.51 27.47
N TYR C 162 78.59 -48.83 26.79
CA TYR C 162 77.22 -48.79 27.27
C TYR C 162 76.26 -48.93 26.09
N PHE C 163 75.04 -49.37 26.41
CA PHE C 163 74.01 -49.66 25.43
C PHE C 163 72.65 -49.75 26.12
N PRO C 164 71.59 -49.14 25.56
CA PRO C 164 71.61 -48.29 24.37
C PRO C 164 71.61 -46.81 24.71
N GLU C 165 71.10 -45.99 23.79
CA GLU C 165 71.00 -44.56 24.03
C GLU C 165 69.89 -44.26 25.03
N PRO C 166 70.00 -43.15 25.78
CA PRO C 166 71.18 -42.30 25.88
C PRO C 166 71.71 -42.12 27.30
N VAL C 167 72.98 -41.73 27.43
CA VAL C 167 73.58 -41.35 28.71
C VAL C 167 73.57 -39.83 28.81
N THR C 168 73.10 -39.33 29.96
CA THR C 168 73.09 -37.90 30.26
C THR C 168 73.60 -37.71 31.67
N VAL C 169 74.35 -36.61 31.88
CA VAL C 169 75.10 -36.38 33.10
C VAL C 169 75.02 -34.91 33.48
N SER C 170 75.60 -34.59 34.64
CA SER C 170 76.01 -33.27 35.10
C SER C 170 76.91 -33.48 36.30
N TRP C 171 77.78 -32.51 36.56
CA TRP C 171 78.79 -32.66 37.60
C TRP C 171 78.28 -32.14 38.94
N ASN C 172 78.97 -32.55 40.00
CA ASN C 172 78.77 -32.03 41.36
C ASN C 172 77.31 -32.14 41.80
N SER C 173 76.75 -33.33 41.61
CA SER C 173 75.37 -33.64 41.99
C SER C 173 74.36 -32.74 41.30
N GLY C 174 74.74 -32.10 40.19
CA GLY C 174 73.87 -31.19 39.49
C GLY C 174 74.14 -29.74 39.83
N ALA C 175 75.40 -29.34 39.76
CA ALA C 175 75.80 -27.97 40.13
C ALA C 175 76.56 -27.25 39.02
N LEU C 176 76.68 -27.85 37.84
CA LEU C 176 77.46 -27.28 36.75
C LEU C 176 76.72 -27.47 35.43
N THR C 177 75.94 -26.46 35.05
CA THR C 177 75.35 -26.35 33.72
C THR C 177 75.54 -24.94 33.18
N SER C 178 76.77 -24.44 33.28
CA SER C 178 77.13 -23.11 32.78
C SER C 178 78.56 -23.20 32.29
N GLY C 179 78.75 -23.23 30.97
CA GLY C 179 80.05 -23.46 30.41
C GLY C 179 80.45 -24.91 30.52
N VAL C 180 79.58 -25.80 30.06
CA VAL C 180 79.77 -27.25 30.15
C VAL C 180 79.57 -27.85 28.78
N HIS C 181 80.25 -28.98 28.53
CA HIS C 181 80.25 -29.63 27.23
C HIS C 181 80.19 -31.14 27.42
N THR C 182 79.10 -31.76 26.99
CA THR C 182 79.00 -33.21 26.88
C THR C 182 79.00 -33.58 25.40
N PHE C 183 79.78 -34.59 25.05
CA PHE C 183 80.09 -34.88 23.66
C PHE C 183 79.41 -36.16 23.18
N PRO C 184 79.20 -36.30 21.87
CA PRO C 184 78.36 -37.39 21.36
C PRO C 184 78.93 -38.77 21.68
N ALA C 185 78.07 -39.78 21.52
CA ALA C 185 78.42 -41.17 21.78
C ALA C 185 78.68 -41.90 20.46
N VAL C 186 79.62 -42.85 20.52
CA VAL C 186 80.00 -43.62 19.35
C VAL C 186 79.66 -45.08 19.61
N LEU C 187 78.64 -45.59 18.92
CA LEU C 187 78.37 -47.02 18.93
C LEU C 187 79.55 -47.74 18.32
N GLN C 188 80.53 -48.11 19.16
CA GLN C 188 81.77 -48.71 18.68
C GLN C 188 81.50 -49.92 17.81
N SER C 189 82.49 -50.30 17.00
CA SER C 189 82.34 -51.42 16.08
C SER C 189 81.90 -52.68 16.82
N SER C 190 82.20 -52.77 18.11
CA SER C 190 81.74 -53.91 18.89
C SER C 190 80.22 -53.90 19.05
N GLY C 191 79.64 -52.71 19.20
CA GLY C 191 78.20 -52.60 19.40
C GLY C 191 77.84 -51.93 20.70
N LEU C 192 78.79 -51.20 21.29
CA LEU C 192 78.58 -50.48 22.53
C LEU C 192 78.96 -49.01 22.34
N TYR C 193 78.13 -48.12 22.89
CA TYR C 193 78.38 -46.70 22.78
C TYR C 193 79.48 -46.25 23.74
N SER C 194 79.98 -45.05 23.50
CA SER C 194 81.00 -44.44 24.36
C SER C 194 81.03 -42.94 24.12
N LEU C 195 81.04 -42.17 25.19
CA LEU C 195 81.09 -40.71 25.09
C LEU C 195 81.95 -40.18 26.23
N SER C 196 82.00 -38.85 26.35
CA SER C 196 82.72 -38.17 27.42
C SER C 196 82.05 -36.83 27.66
N SER C 197 82.39 -36.21 28.79
CA SER C 197 81.79 -34.95 29.20
C SER C 197 82.85 -34.04 29.79
N VAL C 198 82.95 -32.83 29.26
CA VAL C 198 83.99 -31.87 29.62
C VAL C 198 83.41 -30.78 30.51
N VAL C 199 84.16 -30.42 31.55
CA VAL C 199 83.80 -29.34 32.46
C VAL C 199 84.96 -28.36 32.53
N THR C 200 84.64 -27.07 32.62
CA THR C 200 85.62 -25.99 32.53
C THR C 200 86.02 -25.55 33.95
N VAL C 201 86.97 -26.28 34.53
CA VAL C 201 87.40 -26.05 35.91
C VAL C 201 88.76 -25.35 35.90
N PRO C 202 88.95 -24.31 36.72
CA PRO C 202 90.21 -23.55 36.67
C PRO C 202 91.34 -24.18 37.49
N SER C 203 92.41 -23.41 37.71
CA SER C 203 93.61 -23.86 38.40
C SER C 203 93.87 -22.95 39.60
N SER C 204 93.48 -23.41 40.78
CA SER C 204 93.73 -22.72 42.04
C SER C 204 93.24 -23.59 43.19
N SER C 205 91.98 -24.02 43.11
CA SER C 205 91.36 -24.89 44.11
C SER C 205 91.82 -26.34 43.99
N LEU C 206 92.70 -26.64 43.04
CA LEU C 206 93.08 -28.02 42.75
C LEU C 206 93.97 -28.63 43.83
N GLY C 207 93.62 -28.43 45.10
CA GLY C 207 94.43 -28.96 46.18
C GLY C 207 93.64 -29.39 47.40
N THR C 208 92.42 -28.87 47.56
CA THR C 208 91.61 -29.15 48.73
C THR C 208 90.25 -29.74 48.41
N GLN C 209 89.84 -29.77 47.15
CA GLN C 209 88.49 -30.21 46.79
C GLN C 209 88.41 -31.72 46.73
N THR C 210 87.22 -32.21 46.38
CA THR C 210 86.94 -33.63 46.18
C THR C 210 85.79 -33.71 45.17
N TYR C 211 86.03 -33.17 43.98
CA TYR C 211 84.99 -33.07 42.96
C TYR C 211 84.53 -34.46 42.52
N ILE C 212 83.22 -34.63 42.42
CA ILE C 212 82.64 -35.88 41.94
C ILE C 212 81.97 -35.64 40.60
N CYS C 213 81.79 -36.72 39.84
CA CYS C 213 81.20 -36.69 38.52
C CYS C 213 80.05 -37.71 38.49
N ASN C 214 78.85 -37.25 38.21
CA ASN C 214 77.64 -38.06 38.34
C ASN C 214 77.13 -38.46 36.96
N VAL C 215 76.97 -39.77 36.74
CA VAL C 215 76.61 -40.34 35.46
C VAL C 215 75.25 -41.00 35.60
N ASN C 216 74.43 -40.88 34.56
CA ASN C 216 73.14 -41.57 34.47
C ASN C 216 73.03 -42.24 33.11
N HIS C 217 73.21 -43.55 33.07
CA HIS C 217 72.83 -44.35 31.90
C HIS C 217 71.35 -44.67 32.08
N LYS C 218 70.51 -43.83 31.47
CA LYS C 218 69.07 -43.88 31.70
C LYS C 218 68.43 -45.25 31.47
N PRO C 219 68.82 -46.04 30.46
CA PRO C 219 68.18 -47.36 30.29
C PRO C 219 68.73 -48.49 31.16
N SER C 220 69.86 -48.31 31.84
CA SER C 220 70.46 -49.42 32.56
C SER C 220 70.24 -49.37 34.07
N ASN C 221 69.73 -48.27 34.60
CA ASN C 221 69.48 -48.11 36.04
C ASN C 221 70.73 -48.44 36.85
N THR C 222 71.85 -47.79 36.49
CA THR C 222 73.14 -48.00 37.16
C THR C 222 73.84 -46.64 37.22
N LYS C 223 73.42 -45.83 38.19
CA LYS C 223 74.02 -44.52 38.40
C LYS C 223 75.29 -44.66 39.23
N VAL C 224 76.25 -43.76 38.98
CA VAL C 224 77.61 -43.91 39.47
C VAL C 224 78.09 -42.62 40.13
N ASP C 225 78.81 -42.77 41.23
CA ASP C 225 79.61 -41.70 41.83
C ASP C 225 81.05 -42.19 41.83
N LYS C 226 81.84 -41.72 40.86
CA LYS C 226 83.24 -42.11 40.74
C LYS C 226 84.10 -40.86 40.89
N ARG C 227 84.90 -40.82 41.96
CA ARG C 227 85.79 -39.69 42.17
C ARG C 227 86.86 -39.65 41.10
N VAL C 228 86.95 -38.53 40.40
CA VAL C 228 87.89 -38.35 39.30
C VAL C 228 89.15 -37.71 39.87
N GLU C 229 90.08 -38.55 40.36
CA GLU C 229 91.21 -38.09 41.15
C GLU C 229 92.29 -37.49 40.25
N PRO C 230 93.13 -36.60 40.80
CA PRO C 230 93.99 -35.77 39.94
C PRO C 230 95.17 -36.52 39.32
N LYS C 231 96.03 -35.74 38.66
CA LYS C 231 97.14 -36.24 37.85
C LYS C 231 98.41 -36.20 38.69
N SER C 232 98.81 -37.36 39.21
CA SER C 232 99.96 -37.48 40.11
C SER C 232 101.24 -36.87 39.54
N GLU D 5 50.37 -35.34 2.91
CA GLU D 5 50.82 -34.64 4.10
C GLU D 5 50.77 -33.12 3.91
N LEU D 6 51.00 -32.38 4.98
CA LEU D 6 51.06 -30.93 4.89
C LEU D 6 52.35 -30.51 4.20
N THR D 7 52.25 -29.48 3.37
CA THR D 7 53.35 -29.06 2.51
C THR D 7 54.09 -27.88 3.13
N GLN D 8 55.41 -28.03 3.29
CA GLN D 8 56.31 -26.99 3.74
C GLN D 8 57.45 -26.84 2.75
N PRO D 9 58.11 -25.68 2.72
CA PRO D 9 59.37 -25.60 2.00
C PRO D 9 60.47 -26.28 2.80
N PRO D 10 61.49 -26.83 2.12
CA PRO D 10 62.56 -27.50 2.86
C PRO D 10 63.43 -26.53 3.65
N SER D 11 63.63 -25.31 3.15
CA SER D 11 64.45 -24.33 3.85
C SER D 11 64.20 -22.95 3.29
N VAL D 12 64.03 -21.97 4.18
CA VAL D 12 64.11 -20.57 3.83
C VAL D 12 65.12 -19.92 4.78
N SER D 13 66.21 -19.41 4.23
CA SER D 13 67.22 -18.68 4.99
C SER D 13 67.07 -17.19 4.72
N VAL D 14 67.81 -16.39 5.48
CA VAL D 14 67.81 -14.94 5.29
C VAL D 14 68.93 -14.34 6.11
N SER D 15 69.35 -13.13 5.75
CA SER D 15 70.35 -12.34 6.45
C SER D 15 69.76 -11.72 7.70
N PRO D 16 70.57 -11.58 8.77
CA PRO D 16 70.03 -11.08 10.04
C PRO D 16 69.37 -9.72 9.91
N GLY D 17 68.20 -9.59 10.53
CA GLY D 17 67.45 -8.36 10.54
C GLY D 17 66.25 -8.35 9.63
N GLN D 18 66.21 -9.21 8.61
CA GLN D 18 65.15 -9.21 7.62
C GLN D 18 64.10 -10.27 7.96
N THR D 19 63.12 -10.44 7.08
CA THR D 19 61.97 -11.29 7.31
C THR D 19 62.09 -12.56 6.47
N ALA D 20 61.90 -13.71 7.12
CA ALA D 20 61.93 -15.01 6.46
C ALA D 20 60.57 -15.66 6.57
N ARG D 21 60.07 -16.18 5.46
CA ARG D 21 58.76 -16.81 5.40
C ARG D 21 58.91 -18.33 5.52
N ILE D 22 57.95 -18.96 6.21
CA ILE D 22 57.87 -20.41 6.34
C ILE D 22 56.40 -20.78 6.24
N THR D 23 56.01 -21.42 5.14
CA THR D 23 54.60 -21.64 4.87
C THR D 23 54.22 -23.10 5.08
N CYS D 24 52.93 -23.30 5.35
CA CYS D 24 52.29 -24.60 5.40
C CYS D 24 51.20 -24.63 4.34
N SER D 25 50.85 -25.83 3.88
CA SER D 25 49.87 -25.97 2.81
C SER D 25 49.39 -27.41 2.78
N GLY D 26 48.12 -27.58 2.41
CA GLY D 26 47.57 -28.91 2.29
C GLY D 26 46.06 -28.87 2.06
N ALA D 27 45.42 -29.96 2.44
CA ALA D 27 44.01 -30.23 2.24
C ALA D 27 43.08 -29.71 3.35
N PRO D 28 43.48 -29.73 4.63
CA PRO D 28 42.58 -29.21 5.67
C PRO D 28 42.61 -27.70 5.88
N LEU D 29 43.52 -26.98 5.22
CA LEU D 29 43.67 -25.56 5.52
C LEU D 29 42.53 -24.71 5.00
N THR D 30 41.71 -25.25 4.08
CA THR D 30 40.50 -24.56 3.69
C THR D 30 39.41 -24.63 4.75
N SER D 31 39.62 -25.42 5.80
CA SER D 31 38.63 -25.56 6.87
C SER D 31 39.21 -25.68 8.26
N ARG D 32 40.53 -25.72 8.41
CA ARG D 32 41.15 -25.91 9.71
C ARG D 32 42.30 -24.93 9.92
N PHE D 33 42.67 -24.74 11.18
CA PHE D 33 43.74 -23.84 11.58
C PHE D 33 45.10 -24.53 11.44
N THR D 34 46.15 -23.71 11.39
CA THR D 34 47.52 -24.16 11.17
C THR D 34 48.38 -23.78 12.36
N TYR D 35 49.04 -24.78 12.94
CA TYR D 35 49.87 -24.64 14.13
C TYR D 35 51.34 -24.80 13.74
N TRP D 36 52.23 -24.26 14.57
CA TRP D 36 53.65 -24.22 14.23
C TRP D 36 54.51 -24.55 15.45
N TYR D 37 55.66 -25.18 15.17
CA TYR D 37 56.60 -25.64 16.19
C TYR D 37 58.01 -25.57 15.62
N ARG D 38 58.98 -25.25 16.46
CA ARG D 38 60.38 -25.12 16.07
C ARG D 38 61.25 -26.02 16.93
N GLN D 39 62.07 -26.87 16.29
CA GLN D 39 62.97 -27.76 17.00
C GLN D 39 64.42 -27.47 16.65
N LYS D 40 65.23 -27.22 17.68
CA LYS D 40 66.68 -27.20 17.55
C LYS D 40 67.22 -28.63 17.56
N PRO D 41 68.37 -28.89 16.92
CA PRO D 41 68.82 -30.27 16.70
C PRO D 41 68.88 -31.11 17.97
N GLY D 42 67.91 -32.01 18.12
CA GLY D 42 67.81 -32.88 19.27
C GLY D 42 67.03 -32.30 20.43
N GLN D 43 66.79 -30.99 20.44
CA GLN D 43 66.02 -30.36 21.49
C GLN D 43 64.54 -30.76 21.39
N ALA D 44 63.78 -30.34 22.38
CA ALA D 44 62.34 -30.46 22.26
C ALA D 44 61.82 -29.33 21.36
N PRO D 45 60.89 -29.62 20.45
CA PRO D 45 60.37 -28.58 19.57
C PRO D 45 59.60 -27.51 20.34
N VAL D 46 59.63 -26.29 19.81
CA VAL D 46 59.13 -25.11 20.51
C VAL D 46 57.89 -24.61 19.78
N LEU D 47 56.74 -24.66 20.46
CA LEU D 47 55.50 -24.16 19.91
C LEU D 47 55.53 -22.63 19.78
N ILE D 48 55.00 -22.13 18.67
CA ILE D 48 55.05 -20.68 18.42
C ILE D 48 53.72 -20.14 17.90
N ILE D 49 52.95 -20.95 17.17
CA ILE D 49 51.67 -20.52 16.62
C ILE D 49 50.57 -21.34 17.27
N SER D 50 49.62 -20.66 17.91
CA SER D 50 48.63 -21.30 18.77
C SER D 50 47.22 -21.03 18.28
N ARG D 51 46.32 -21.95 18.60
CA ARG D 51 44.89 -21.83 18.32
C ARG D 51 44.27 -20.96 19.41
N SER D 52 44.20 -19.66 19.15
CA SER D 52 43.77 -18.69 20.16
C SER D 52 42.28 -18.79 20.45
N SER D 53 41.46 -18.14 19.63
CA SER D 53 40.02 -18.05 19.85
C SER D 53 39.28 -18.76 18.73
N GLN D 54 37.96 -18.58 18.69
CA GLN D 54 37.12 -19.19 17.67
C GLN D 54 37.10 -18.33 16.40
N GLY D 61 57.98 -12.05 21.50
CA GLY D 61 56.95 -11.76 20.51
C GLY D 61 57.52 -11.44 19.15
N ARG D 62 57.83 -12.49 18.39
CA ARG D 62 58.49 -12.35 17.10
C ARG D 62 58.01 -13.44 16.15
N PHE D 63 56.70 -13.68 16.09
CA PHE D 63 56.17 -14.72 15.22
C PHE D 63 54.78 -14.33 14.72
N SER D 64 54.43 -14.90 13.57
CA SER D 64 53.17 -14.61 12.90
C SER D 64 52.98 -15.54 11.72
N ALA D 65 51.75 -16.03 11.52
CA ALA D 65 51.43 -16.95 10.43
C ALA D 65 50.17 -16.46 9.70
N SER D 66 50.27 -16.34 8.37
CA SER D 66 49.25 -15.65 7.58
C SER D 66 48.56 -16.61 6.62
N TRP D 67 47.22 -16.62 6.68
CA TRP D 67 46.38 -17.51 5.88
C TRP D 67 46.21 -16.96 4.46
N SER D 68 46.06 -17.88 3.50
CA SER D 68 45.83 -17.48 2.11
C SER D 68 45.29 -18.63 1.26
N GLY D 69 44.04 -19.03 1.49
CA GLY D 69 43.38 -19.99 0.63
C GLY D 69 43.67 -21.43 0.98
N THR D 70 44.79 -21.95 0.47
CA THR D 70 45.21 -23.32 0.74
C THR D 70 46.58 -23.37 1.42
N THR D 71 46.94 -22.30 2.14
CA THR D 71 48.27 -22.19 2.71
C THR D 71 48.25 -21.18 3.85
N VAL D 72 49.29 -21.24 4.67
CA VAL D 72 49.48 -20.33 5.81
C VAL D 72 50.97 -20.01 5.90
N THR D 73 51.30 -18.73 5.89
CA THR D 73 52.68 -18.26 5.75
C THR D 73 53.16 -17.66 7.06
N LEU D 74 54.25 -18.19 7.59
CA LEU D 74 54.87 -17.65 8.79
C LEU D 74 55.72 -16.42 8.45
N THR D 75 55.77 -15.48 9.39
CA THR D 75 56.50 -14.22 9.22
C THR D 75 57.50 -14.09 10.37
N ILE D 76 58.74 -14.47 10.11
CA ILE D 76 59.82 -14.35 11.09
C ILE D 76 60.56 -13.06 10.76
N ARG D 77 60.10 -11.96 11.36
CA ARG D 77 60.60 -10.63 11.07
C ARG D 77 61.80 -10.34 11.96
N GLY D 78 62.99 -10.32 11.38
CA GLY D 78 64.21 -10.09 12.14
C GLY D 78 64.74 -11.35 12.79
N VAL D 79 65.48 -12.15 12.04
CA VAL D 79 65.96 -13.45 12.52
C VAL D 79 67.29 -13.28 13.24
N GLN D 80 67.69 -14.33 13.96
CA GLN D 80 68.94 -14.34 14.69
C GLN D 80 69.44 -15.77 14.76
N ALA D 81 70.69 -15.94 15.23
CA ALA D 81 71.28 -17.26 15.30
C ALA D 81 70.47 -18.21 16.18
N ASP D 82 69.74 -17.66 17.16
CA ASP D 82 68.92 -18.51 18.02
C ASP D 82 67.79 -19.18 17.26
N ASP D 83 67.40 -18.65 16.11
CA ASP D 83 66.29 -19.22 15.34
C ASP D 83 66.74 -20.21 14.27
N GLU D 84 68.05 -20.48 14.17
CA GLU D 84 68.51 -21.49 13.21
C GLU D 84 68.10 -22.87 13.66
N ALA D 85 66.92 -23.32 13.23
CA ALA D 85 66.39 -24.61 13.66
C ALA D 85 65.39 -25.08 12.60
N ASP D 86 64.61 -26.09 12.94
CA ASP D 86 63.63 -26.67 12.03
C ASP D 86 62.22 -26.32 12.50
N TYR D 87 61.43 -25.75 11.59
CA TYR D 87 60.07 -25.30 11.89
C TYR D 87 59.08 -26.25 11.23
N TYR D 88 58.30 -26.94 12.06
CA TYR D 88 57.31 -27.90 11.59
C TYR D 88 55.92 -27.29 11.72
N CYS D 89 55.19 -27.23 10.61
CA CYS D 89 53.81 -26.79 10.71
C CYS D 89 52.92 -27.96 11.10
N GLN D 90 51.71 -27.63 11.56
CA GLN D 90 50.83 -28.63 12.12
C GLN D 90 49.39 -28.15 11.96
N SER D 91 48.48 -29.10 11.77
CA SER D 91 47.07 -28.77 11.61
C SER D 91 46.25 -30.03 11.88
N SER D 92 44.97 -29.81 12.18
CA SER D 92 44.01 -30.88 12.37
C SER D 92 43.33 -31.23 11.05
N ASP D 93 42.85 -32.45 10.97
CA ASP D 93 42.13 -32.91 9.79
C ASP D 93 40.75 -32.24 9.71
N THR D 94 40.16 -32.26 8.52
CA THR D 94 38.82 -31.72 8.36
C THR D 94 37.77 -32.60 9.02
N SER D 95 37.96 -33.92 8.98
CA SER D 95 37.19 -34.81 9.82
C SER D 95 37.67 -34.80 11.28
N ASP D 96 38.80 -34.14 11.56
CA ASP D 96 39.43 -34.05 12.87
C ASP D 96 39.85 -35.40 13.43
N SER D 97 39.76 -36.47 12.63
CA SER D 97 40.16 -37.80 13.09
C SER D 97 41.67 -37.95 13.28
N TYR D 98 42.47 -36.95 12.89
CA TYR D 98 43.90 -36.99 13.13
C TYR D 98 44.46 -35.57 13.05
N LYS D 99 45.71 -35.45 13.48
CA LYS D 99 46.52 -34.25 13.35
C LYS D 99 47.87 -34.64 12.79
N MET D 100 48.48 -33.74 12.01
CA MET D 100 49.68 -34.08 11.24
C MET D 100 50.65 -32.91 11.22
N PHE D 101 51.86 -33.19 10.73
CA PHE D 101 52.98 -32.25 10.73
C PHE D 101 53.49 -32.05 9.31
N GLY D 102 54.39 -31.07 9.18
CA GLY D 102 55.02 -30.75 7.91
C GLY D 102 56.45 -31.27 7.82
N GLY D 103 57.07 -30.98 6.68
CA GLY D 103 58.32 -31.65 6.34
C GLY D 103 59.54 -31.08 7.01
N GLY D 104 59.43 -29.89 7.61
CA GLY D 104 60.53 -29.30 8.34
C GLY D 104 61.35 -28.31 7.52
N THR D 105 61.21 -27.03 7.86
CA THR D 105 61.94 -25.96 7.19
C THR D 105 63.13 -25.56 8.05
N LYS D 106 64.34 -25.78 7.52
CA LYS D 106 65.56 -25.44 8.24
C LYS D 106 65.91 -23.98 7.96
N LEU D 107 65.53 -23.10 8.87
CA LEU D 107 65.93 -21.71 8.79
C LEU D 107 67.42 -21.61 9.09
N THR D 108 68.19 -21.07 8.14
CA THR D 108 69.62 -20.83 8.33
C THR D 108 69.87 -19.33 8.36
N VAL D 109 70.67 -18.88 9.32
CA VAL D 109 71.02 -17.47 9.43
C VAL D 109 72.26 -17.24 8.58
N LEU D 110 72.13 -16.38 7.58
CA LEU D 110 73.16 -16.26 6.55
C LEU D 110 74.36 -15.48 7.06
N GLY D 111 75.55 -15.95 6.70
CA GLY D 111 76.77 -15.21 6.96
C GLY D 111 77.25 -15.23 8.39
N GLN D 112 76.88 -16.25 9.17
CA GLN D 112 77.34 -16.35 10.53
C GLN D 112 78.86 -16.53 10.55
N PRO D 113 79.55 -15.99 11.56
CA PRO D 113 81.01 -15.95 11.52
C PRO D 113 81.64 -17.33 11.52
N ALA D 114 82.76 -17.45 10.81
CA ALA D 114 83.46 -18.72 10.62
C ALA D 114 84.31 -19.00 11.85
N ALA D 115 83.80 -19.85 12.74
CA ALA D 115 84.49 -20.16 13.99
C ALA D 115 85.50 -21.28 13.79
N ALA D 116 86.73 -21.04 14.23
CA ALA D 116 87.81 -22.01 14.14
C ALA D 116 87.57 -23.15 15.15
N PRO D 117 88.34 -24.24 15.10
CA PRO D 117 88.11 -25.35 16.04
C PRO D 117 88.85 -25.19 17.35
N SER D 118 88.26 -25.76 18.41
CA SER D 118 88.84 -25.79 19.75
C SER D 118 88.95 -27.25 20.19
N VAL D 119 90.18 -27.73 20.39
CA VAL D 119 90.46 -29.15 20.52
C VAL D 119 91.06 -29.45 21.90
N THR D 120 90.62 -30.57 22.48
CA THR D 120 91.12 -31.06 23.76
C THR D 120 91.51 -32.52 23.62
N LEU D 121 92.74 -32.85 23.99
CA LEU D 121 93.29 -34.19 23.83
C LEU D 121 93.73 -34.74 25.19
N PHE D 122 93.27 -35.94 25.52
CA PHE D 122 93.56 -36.58 26.79
C PHE D 122 94.20 -37.96 26.59
N PRO D 123 95.11 -38.35 27.47
CA PRO D 123 95.65 -39.71 27.43
C PRO D 123 94.77 -40.66 28.22
N PRO D 124 94.91 -41.96 28.03
CA PRO D 124 94.10 -42.92 28.78
C PRO D 124 94.37 -42.83 30.28
N SER D 125 93.36 -43.21 31.06
CA SER D 125 93.40 -43.05 32.50
C SER D 125 94.26 -44.13 33.15
N SER D 126 94.53 -43.93 34.44
CA SER D 126 95.25 -44.95 35.22
C SER D 126 94.47 -46.26 35.26
N GLU D 127 93.14 -46.18 35.33
CA GLU D 127 92.35 -47.40 35.48
C GLU D 127 92.11 -48.10 34.15
N GLU D 128 91.89 -47.34 33.07
CA GLU D 128 91.57 -47.97 31.79
C GLU D 128 92.75 -48.77 31.26
N LEU D 129 93.98 -48.29 31.47
CA LEU D 129 95.16 -49.05 31.08
C LEU D 129 95.37 -50.29 31.94
N GLN D 130 94.67 -50.40 33.07
CA GLN D 130 94.66 -51.62 33.86
C GLN D 130 93.50 -52.53 33.51
N ALA D 131 92.45 -51.99 32.88
CA ALA D 131 91.36 -52.78 32.35
C ALA D 131 91.55 -53.15 30.87
N ASN D 132 92.72 -52.84 30.31
CA ASN D 132 93.15 -53.31 28.99
C ASN D 132 92.42 -52.58 27.85
N LYS D 133 92.32 -51.26 27.99
CA LYS D 133 91.85 -50.40 26.92
C LYS D 133 92.61 -49.09 26.97
N ALA D 134 92.77 -48.46 25.79
CA ALA D 134 93.44 -47.18 25.65
C ALA D 134 92.64 -46.34 24.65
N THR D 135 91.55 -45.76 25.12
CA THR D 135 90.63 -44.99 24.27
C THR D 135 90.98 -43.51 24.42
N LEU D 136 91.80 -43.01 23.50
CA LEU D 136 92.23 -41.62 23.56
C LEU D 136 91.07 -40.70 23.20
N VAL D 137 91.08 -39.50 23.79
CA VAL D 137 89.94 -38.60 23.79
C VAL D 137 90.36 -37.26 23.19
N CYS D 138 89.92 -37.00 21.96
CA CYS D 138 90.19 -35.75 21.26
C CYS D 138 88.86 -35.10 20.92
N LEU D 139 88.48 -34.07 21.67
CA LEU D 139 87.17 -33.45 21.56
C LEU D 139 87.27 -32.05 20.97
N ILE D 140 86.24 -31.64 20.25
CA ILE D 140 86.23 -30.39 19.49
C ILE D 140 84.97 -29.60 19.85
N SER D 141 85.13 -28.31 20.09
CA SER D 141 84.03 -27.45 20.49
C SER D 141 84.11 -26.10 19.80
N ASP D 142 82.96 -25.43 19.73
CA ASP D 142 82.88 -24.00 19.41
C ASP D 142 83.38 -23.68 18.00
N PHE D 143 82.85 -24.39 17.00
CA PHE D 143 83.20 -24.12 15.61
C PHE D 143 81.95 -24.00 14.75
N TYR D 144 82.11 -23.35 13.60
CA TYR D 144 81.02 -23.01 12.69
C TYR D 144 81.73 -22.80 11.36
N PRO D 145 81.26 -23.41 10.27
CA PRO D 145 80.04 -24.22 10.13
C PRO D 145 80.23 -25.69 10.48
N GLY D 146 79.21 -26.50 10.21
CA GLY D 146 79.29 -27.93 10.43
C GLY D 146 80.13 -28.64 9.39
N ALA D 147 81.45 -28.55 9.52
CA ALA D 147 82.37 -29.18 8.59
C ALA D 147 83.78 -29.22 9.17
N VAL D 148 84.18 -30.36 9.72
CA VAL D 148 85.50 -30.55 10.30
C VAL D 148 86.12 -31.82 9.73
N THR D 149 87.41 -31.76 9.46
CA THR D 149 88.17 -32.88 8.92
C THR D 149 89.29 -33.20 9.90
N VAL D 150 89.31 -34.43 10.41
CA VAL D 150 90.20 -34.84 11.49
C VAL D 150 91.11 -35.95 10.99
N ALA D 151 92.36 -35.92 11.44
CA ALA D 151 93.34 -36.96 11.16
C ALA D 151 94.06 -37.33 12.45
N TRP D 152 94.68 -38.51 12.44
CA TRP D 152 95.39 -39.05 13.60
C TRP D 152 96.81 -39.40 13.19
N LYS D 153 97.78 -38.99 14.00
CA LYS D 153 99.18 -39.30 13.79
C LYS D 153 99.78 -39.91 15.04
N ALA D 154 100.42 -41.07 14.89
CA ALA D 154 101.20 -41.68 15.96
C ALA D 154 102.66 -41.30 15.73
N ASP D 155 103.21 -40.52 16.67
CA ASP D 155 104.50 -39.84 16.49
C ASP D 155 104.39 -38.87 15.34
N SER D 156 104.85 -39.28 14.15
CA SER D 156 104.57 -38.55 12.92
C SER D 156 104.02 -39.48 11.85
N SER D 157 103.61 -40.69 12.22
CA SER D 157 103.11 -41.70 11.30
C SER D 157 101.62 -41.90 11.53
N PRO D 158 100.77 -41.75 10.53
CA PRO D 158 99.33 -41.77 10.77
C PRO D 158 98.81 -43.15 11.13
N VAL D 159 97.59 -43.17 11.66
CA VAL D 159 96.93 -44.38 12.15
C VAL D 159 95.87 -44.80 11.15
N LYS D 160 95.78 -46.12 10.91
CA LYS D 160 94.85 -46.67 9.93
C LYS D 160 93.60 -47.25 10.58
N ALA D 161 93.78 -48.20 11.50
CA ALA D 161 92.67 -48.93 12.11
C ALA D 161 92.63 -48.63 13.60
N GLY D 162 91.44 -48.31 14.10
CA GLY D 162 91.23 -48.05 15.51
C GLY D 162 90.60 -46.70 15.79
N VAL D 163 90.27 -45.95 14.73
CA VAL D 163 89.76 -44.60 14.86
C VAL D 163 88.29 -44.59 14.48
N GLU D 164 87.45 -44.11 15.40
CA GLU D 164 86.04 -43.87 15.14
C GLU D 164 85.71 -42.45 15.57
N THR D 165 84.68 -41.87 14.96
CA THR D 165 84.34 -40.49 15.25
C THR D 165 82.84 -40.26 15.05
N THR D 166 82.35 -39.20 15.68
CA THR D 166 80.95 -38.80 15.58
C THR D 166 80.81 -37.64 14.59
N THR D 167 79.65 -37.01 14.58
CA THR D 167 79.30 -35.97 13.62
C THR D 167 78.96 -34.67 14.33
N PRO D 168 79.08 -33.53 13.64
CA PRO D 168 78.84 -32.24 14.30
C PRO D 168 77.43 -32.12 14.85
N SER D 169 77.34 -31.64 16.10
CA SER D 169 76.08 -31.43 16.80
C SER D 169 76.03 -30.01 17.33
N LYS D 170 74.89 -29.35 17.12
CA LYS D 170 74.76 -27.94 17.48
C LYS D 170 74.84 -27.75 18.99
N GLN D 171 75.63 -26.78 19.42
CA GLN D 171 75.89 -26.55 20.84
C GLN D 171 74.84 -25.61 21.42
N SER D 172 75.09 -25.16 22.66
CA SER D 172 74.21 -24.19 23.32
C SER D 172 74.30 -22.82 22.68
N ASN D 173 75.33 -22.56 21.87
CA ASN D 173 75.60 -21.24 21.32
C ASN D 173 75.41 -21.19 19.81
N ASN D 174 74.69 -22.15 19.24
CA ASN D 174 74.39 -22.26 17.82
C ASN D 174 75.62 -22.58 16.97
N LYS D 175 76.71 -23.02 17.60
CA LYS D 175 77.84 -23.62 16.91
C LYS D 175 77.77 -25.13 17.08
N TYR D 176 78.72 -25.84 16.47
CA TYR D 176 78.70 -27.29 16.46
C TYR D 176 79.90 -27.86 17.21
N ALA D 177 79.74 -29.10 17.67
CA ALA D 177 80.78 -29.81 18.41
C ALA D 177 80.72 -31.29 18.06
N ALA D 178 81.85 -31.97 18.27
CA ALA D 178 81.96 -33.39 17.96
C ALA D 178 83.09 -33.99 18.78
N SER D 179 83.23 -35.31 18.67
CA SER D 179 84.20 -36.08 19.44
C SER D 179 84.99 -37.01 18.51
N SER D 180 86.08 -37.56 19.05
CA SER D 180 86.93 -38.47 18.31
C SER D 180 87.69 -39.34 19.29
N TYR D 181 87.78 -40.64 18.98
CA TYR D 181 88.41 -41.59 19.88
C TYR D 181 89.26 -42.58 19.08
N LEU D 182 90.35 -43.03 19.70
CA LEU D 182 91.24 -44.02 19.13
C LEU D 182 91.32 -45.19 20.09
N SER D 183 90.91 -46.37 19.63
CA SER D 183 90.85 -47.57 20.46
C SER D 183 92.13 -48.38 20.25
N LEU D 184 93.06 -48.27 21.20
CA LEU D 184 94.27 -49.07 21.22
C LEU D 184 94.29 -49.91 22.49
N THR D 185 95.18 -50.90 22.50
CA THR D 185 95.44 -51.69 23.69
C THR D 185 96.36 -50.90 24.62
N PRO D 186 96.52 -51.35 25.87
CA PRO D 186 97.61 -50.81 26.69
C PRO D 186 98.99 -51.17 26.17
N GLU D 187 99.08 -52.13 25.25
CA GLU D 187 100.37 -52.54 24.69
C GLU D 187 100.84 -51.62 23.58
N GLN D 188 99.91 -50.98 22.87
CA GLN D 188 100.24 -50.09 21.76
C GLN D 188 100.29 -48.63 22.16
N TRP D 189 100.13 -48.31 23.45
CA TRP D 189 100.11 -46.92 23.87
C TRP D 189 101.43 -46.45 24.48
N LYS D 190 102.15 -47.31 25.20
CA LYS D 190 103.52 -47.01 25.58
C LYS D 190 104.51 -47.39 24.49
N SER D 191 104.04 -48.01 23.42
CA SER D 191 104.96 -48.57 22.43
C SER D 191 105.62 -47.49 21.59
N HIS D 192 104.86 -46.48 21.18
CA HIS D 192 105.39 -45.44 20.30
C HIS D 192 106.18 -44.40 21.08
N LYS D 193 106.05 -43.13 20.69
CA LYS D 193 106.66 -42.03 21.41
C LYS D 193 105.75 -40.82 21.60
N SER D 194 104.70 -40.65 20.80
CA SER D 194 103.76 -39.54 20.97
C SER D 194 102.51 -39.83 20.16
N TYR D 195 101.45 -39.08 20.46
CA TYR D 195 100.18 -39.20 19.76
C TYR D 195 99.64 -37.81 19.47
N SER D 196 99.24 -37.58 18.23
CA SER D 196 98.90 -36.24 17.75
C SER D 196 97.54 -36.23 17.06
N CYS D 197 96.68 -35.30 17.48
CA CYS D 197 95.35 -35.11 16.92
C CYS D 197 95.33 -33.84 16.07
N GLN D 198 94.82 -33.97 14.84
CA GLN D 198 94.95 -32.93 13.81
C GLN D 198 93.59 -32.70 13.18
N VAL D 199 93.14 -31.45 13.16
CA VAL D 199 91.75 -31.11 12.83
C VAL D 199 91.71 -29.90 11.91
N THR D 200 91.26 -30.10 10.66
CA THR D 200 91.11 -29.03 9.68
C THR D 200 89.73 -28.39 9.77
N HIS D 201 89.66 -27.08 9.57
CA HIS D 201 88.38 -26.37 9.52
C HIS D 201 88.48 -25.24 8.50
N GLU D 202 87.83 -25.42 7.35
CA GLU D 202 87.79 -24.41 6.29
C GLU D 202 89.19 -23.94 5.90
N GLY D 203 90.14 -24.89 5.85
CA GLY D 203 91.51 -24.55 5.53
C GLY D 203 92.26 -23.91 6.68
N SER D 204 92.22 -24.56 7.84
CA SER D 204 92.88 -24.10 9.05
C SER D 204 92.82 -25.23 10.07
N THR D 205 93.95 -25.49 10.74
CA THR D 205 94.05 -26.69 11.55
C THR D 205 94.89 -26.45 12.79
N VAL D 206 95.09 -27.53 13.55
CA VAL D 206 95.81 -27.49 14.82
C VAL D 206 96.21 -28.93 15.15
N GLU D 207 97.31 -29.09 15.89
CA GLU D 207 97.79 -30.41 16.26
C GLU D 207 98.22 -30.41 17.72
N LYS D 208 97.82 -31.43 18.46
CA LYS D 208 98.08 -31.56 19.89
C LYS D 208 98.94 -32.79 20.15
N THR D 209 99.94 -32.66 21.02
CA THR D 209 100.95 -33.69 21.22
C THR D 209 100.94 -34.16 22.67
N VAL D 210 100.71 -35.46 22.86
CA VAL D 210 100.83 -36.10 24.18
C VAL D 210 101.87 -37.22 24.06
N ALA D 211 102.08 -37.96 25.15
CA ALA D 211 103.15 -38.95 25.17
C ALA D 211 102.87 -39.95 26.30
N PRO D 212 103.55 -41.11 26.29
CA PRO D 212 103.51 -42.00 27.46
C PRO D 212 104.72 -41.81 28.37
N THR D 213 105.44 -40.71 28.20
CA THR D 213 106.56 -40.36 29.07
C THR D 213 106.51 -38.93 29.60
N GLU D 214 105.73 -38.05 28.98
CA GLU D 214 105.57 -36.70 29.49
C GLU D 214 104.40 -36.64 30.47
N CYS D 215 104.13 -35.43 30.96
CA CYS D 215 102.92 -35.12 31.72
C CYS D 215 102.89 -33.62 32.06
N GLU E 1 -13.14 -32.45 -11.18
CA GLU E 1 -13.07 -33.64 -10.34
C GLU E 1 -12.01 -33.52 -9.26
N VAL E 2 -12.11 -34.39 -8.25
CA VAL E 2 -10.99 -34.66 -7.36
C VAL E 2 -10.11 -35.71 -8.03
N GLN E 3 -8.81 -35.67 -7.76
CA GLN E 3 -7.87 -36.41 -8.60
C GLN E 3 -6.54 -36.60 -7.84
N LEU E 4 -6.38 -37.77 -7.25
CA LEU E 4 -5.08 -38.21 -6.76
C LEU E 4 -4.35 -38.90 -7.91
N VAL E 5 -3.24 -38.30 -8.36
CA VAL E 5 -2.57 -38.71 -9.58
C VAL E 5 -1.11 -39.01 -9.28
N GLU E 6 -0.60 -40.07 -9.88
CA GLU E 6 0.80 -40.48 -9.75
C GLU E 6 1.46 -40.44 -11.12
N SER E 7 2.75 -40.12 -11.12
CA SER E 7 3.48 -39.94 -12.36
C SER E 7 3.76 -41.28 -13.03
N GLY E 8 4.45 -41.22 -14.17
CA GLY E 8 4.78 -42.42 -14.89
C GLY E 8 5.75 -43.31 -14.13
N ALA E 9 5.68 -44.61 -14.41
CA ALA E 9 6.48 -45.59 -13.70
C ALA E 9 7.96 -45.39 -13.98
N GLN E 10 8.78 -45.94 -13.08
CA GLN E 10 10.24 -45.84 -13.19
C GLN E 10 10.85 -47.15 -12.69
N VAL E 11 11.14 -48.06 -13.63
CA VAL E 11 11.83 -49.30 -13.29
C VAL E 11 13.22 -48.98 -12.77
N LYS E 12 13.63 -49.67 -11.72
CA LYS E 12 14.89 -49.36 -11.04
C LYS E 12 15.67 -50.63 -10.75
N LYS E 13 17.04 -50.49 -10.74
CA LYS E 13 18.08 -51.45 -10.42
C LYS E 13 18.44 -51.37 -8.94
N PRO E 14 18.83 -52.48 -8.31
CA PRO E 14 18.99 -52.50 -6.85
C PRO E 14 20.17 -51.66 -6.40
N GLY E 15 20.25 -51.50 -5.08
CA GLY E 15 21.26 -50.65 -4.47
C GLY E 15 20.99 -49.17 -4.64
N ALA E 16 19.73 -48.76 -4.50
CA ALA E 16 19.35 -47.37 -4.76
C ALA E 16 17.95 -47.14 -4.19
N SER E 17 17.48 -45.90 -4.36
CA SER E 17 16.10 -45.52 -4.07
C SER E 17 15.61 -44.66 -5.24
N VAL E 18 14.32 -44.31 -5.22
CA VAL E 18 13.71 -43.66 -6.37
C VAL E 18 12.57 -42.76 -5.90
N THR E 19 12.37 -41.66 -6.60
CA THR E 19 11.41 -40.62 -6.26
C THR E 19 10.12 -40.83 -7.04
N VAL E 20 8.98 -40.75 -6.35
CA VAL E 20 7.66 -40.92 -6.95
C VAL E 20 6.83 -39.67 -6.66
N SER E 21 6.29 -39.06 -7.71
CA SER E 21 5.54 -37.82 -7.58
C SER E 21 4.04 -38.09 -7.38
N CYS E 22 3.36 -37.12 -6.78
CA CYS E 22 1.94 -37.22 -6.48
C CYS E 22 1.36 -35.86 -6.10
N THR E 23 0.30 -35.43 -6.78
CA THR E 23 -0.30 -34.13 -6.52
C THR E 23 -1.74 -34.13 -7.05
N ALA E 24 -2.37 -32.95 -7.01
CA ALA E 24 -3.76 -32.81 -7.38
C ALA E 24 -4.03 -31.35 -7.70
N SER E 25 -5.30 -31.05 -7.99
CA SER E 25 -5.75 -29.68 -8.19
C SER E 25 -7.26 -29.65 -8.05
N GLY E 26 -7.76 -28.82 -7.12
CA GLY E 26 -9.19 -28.72 -6.92
C GLY E 26 -9.61 -28.61 -5.47
N TYR E 27 -8.63 -28.50 -4.56
CA TYR E 27 -8.93 -28.31 -3.15
C TYR E 27 -7.70 -27.76 -2.45
N LYS E 28 -7.94 -26.97 -1.40
CA LYS E 28 -6.87 -26.58 -0.50
C LYS E 28 -6.44 -27.77 0.34
N PHE E 29 -5.15 -27.83 0.65
CA PHE E 29 -4.50 -29.07 1.05
C PHE E 29 -4.24 -29.19 2.55
N THR E 30 -4.56 -28.17 3.35
CA THR E 30 -4.17 -28.17 4.75
C THR E 30 -4.80 -29.31 5.55
N GLY E 31 -4.31 -30.53 5.33
CA GLY E 31 -4.71 -31.65 6.17
C GLY E 31 -5.32 -32.83 5.44
N TYR E 32 -5.08 -32.95 4.13
CA TYR E 32 -5.69 -34.01 3.35
C TYR E 32 -4.80 -35.26 3.40
N HIS E 33 -5.05 -36.06 4.44
CA HIS E 33 -4.28 -37.28 4.71
C HIS E 33 -4.07 -38.11 3.46
N MET E 34 -2.90 -38.73 3.36
CA MET E 34 -2.64 -39.67 2.27
C MET E 34 -1.85 -40.85 2.79
N HIS E 35 -2.28 -42.05 2.39
CA HIS E 35 -1.57 -43.29 2.65
C HIS E 35 -1.00 -43.82 1.34
N TRP E 36 -0.03 -44.71 1.45
CA TRP E 36 0.63 -45.30 0.29
C TRP E 36 0.64 -46.81 0.42
N VAL E 37 0.19 -47.49 -0.64
CA VAL E 37 -0.03 -48.93 -0.64
C VAL E 37 0.57 -49.51 -1.92
N ARG E 38 1.07 -50.75 -1.84
CA ARG E 38 1.81 -51.36 -2.93
C ARG E 38 1.29 -52.76 -3.23
N GLN E 39 1.24 -53.10 -4.53
CA GLN E 39 0.69 -54.37 -4.98
C GLN E 39 1.68 -55.08 -5.92
N ALA E 40 1.90 -56.37 -5.69
CA ALA E 40 2.54 -57.28 -6.64
C ALA E 40 1.49 -57.87 -7.56
N PRO E 41 1.82 -58.07 -8.85
CA PRO E 41 0.78 -58.37 -9.86
C PRO E 41 -0.16 -59.50 -9.47
N GLY E 42 -1.39 -59.15 -9.11
CA GLY E 42 -2.38 -60.11 -8.68
C GLY E 42 -2.38 -60.39 -7.18
N ARG E 43 -1.32 -60.04 -6.48
CA ARG E 43 -1.22 -60.29 -5.05
C ARG E 43 -1.96 -59.21 -4.26
N GLY E 44 -1.64 -59.07 -2.97
CA GLY E 44 -2.29 -58.11 -2.12
C GLY E 44 -1.68 -56.73 -2.22
N LEU E 45 -2.12 -55.86 -1.31
CA LEU E 45 -1.69 -54.46 -1.28
C LEU E 45 -1.19 -54.12 0.12
N GLU E 46 0.06 -53.69 0.21
CA GLU E 46 0.74 -53.48 1.47
C GLU E 46 0.93 -52.00 1.77
N TRP E 47 0.67 -51.62 3.02
CA TRP E 47 0.81 -50.24 3.47
C TRP E 47 2.21 -50.02 4.02
N MET E 48 2.86 -48.93 3.60
CA MET E 48 4.22 -48.62 4.00
C MET E 48 4.35 -47.37 4.84
N GLY E 49 3.28 -46.62 5.06
CA GLY E 49 3.38 -45.33 5.69
C GLY E 49 2.30 -44.41 5.15
N TRP E 50 2.42 -43.14 5.52
CA TRP E 50 1.36 -42.16 5.27
C TRP E 50 1.86 -40.79 5.70
N ILE E 51 1.02 -39.77 5.56
CA ILE E 51 1.38 -38.43 6.05
C ILE E 51 0.11 -37.63 6.26
N ASN E 52 0.11 -36.86 7.35
CA ASN E 52 -0.84 -35.78 7.54
C ASN E 52 -0.23 -34.51 6.96
N PRO E 53 -0.80 -33.94 5.89
CA PRO E 53 -0.17 -32.74 5.28
C PRO E 53 -0.06 -31.56 6.22
N PHE E 54 -0.75 -31.58 7.35
CA PHE E 54 -0.70 -30.50 8.33
C PHE E 54 0.56 -30.65 9.17
N ARG E 55 1.61 -29.90 8.80
CA ARG E 55 2.90 -29.85 9.46
C ARG E 55 3.70 -31.15 9.37
N GLY E 56 3.21 -32.16 8.65
CA GLY E 56 4.02 -33.35 8.37
C GLY E 56 4.11 -34.37 9.48
N ALA E 57 3.01 -34.60 10.21
CA ALA E 57 2.98 -35.65 11.22
C ALA E 57 2.81 -37.01 10.55
N VAL E 58 3.67 -37.96 10.89
CA VAL E 58 3.70 -39.27 10.25
C VAL E 58 3.90 -40.35 11.30
N LYS E 59 3.78 -41.60 10.84
CA LYS E 59 4.18 -42.77 11.61
C LYS E 59 4.35 -43.92 10.61
N TYR E 60 5.43 -44.67 10.76
CA TYR E 60 5.77 -45.75 9.85
C TYR E 60 5.56 -47.11 10.52
N PRO E 61 5.41 -48.18 9.72
CA PRO E 61 5.26 -49.52 10.31
C PRO E 61 6.53 -49.99 11.03
N GLN E 62 6.58 -51.27 11.38
CA GLN E 62 7.79 -51.88 11.88
C GLN E 62 8.44 -52.79 10.85
N ASN E 63 7.82 -52.96 9.68
CA ASN E 63 8.37 -53.77 8.60
C ASN E 63 9.06 -52.93 7.52
N PHE E 64 8.79 -51.63 7.46
CA PHE E 64 9.34 -50.77 6.42
C PHE E 64 10.08 -49.54 6.93
N ARG E 65 9.87 -49.13 8.19
CA ARG E 65 10.59 -47.95 8.67
C ARG E 65 12.07 -48.27 8.80
N GLY E 66 12.88 -47.20 8.80
CA GLY E 66 14.29 -47.33 8.54
C GLY E 66 14.64 -47.42 7.07
N ARG E 67 13.65 -47.66 6.21
CA ARG E 67 13.84 -47.69 4.76
C ARG E 67 13.06 -46.62 4.01
N VAL E 68 12.04 -46.02 4.62
CA VAL E 68 11.06 -45.22 3.91
C VAL E 68 11.23 -43.74 4.26
N SER E 69 10.56 -42.89 3.50
CA SER E 69 10.63 -41.43 3.65
C SER E 69 9.48 -40.81 2.87
N MET E 70 8.74 -39.89 3.52
CA MET E 70 7.56 -39.28 2.93
C MET E 70 7.45 -37.84 3.41
N THR E 71 6.98 -36.96 2.54
CA THR E 71 6.78 -35.54 2.87
C THR E 71 5.92 -34.89 1.77
N ARG E 72 5.79 -33.57 1.85
CA ARG E 72 4.97 -32.79 0.92
C ARG E 72 5.50 -31.37 0.85
N ASP E 73 5.13 -30.68 -0.23
CA ASP E 73 5.42 -29.26 -0.44
C ASP E 73 4.16 -28.46 -0.12
N THR E 74 4.33 -27.36 0.61
CA THR E 74 3.20 -26.70 1.27
C THR E 74 2.78 -25.41 0.58
N SER E 75 2.64 -25.44 -0.74
CA SER E 75 1.99 -24.42 -1.55
C SER E 75 2.22 -24.80 -3.00
N MET E 76 3.26 -25.61 -3.23
CA MET E 76 3.50 -26.27 -4.51
C MET E 76 2.77 -27.62 -4.58
N GLU E 77 2.18 -28.05 -3.46
CA GLU E 77 1.11 -29.06 -3.39
C GLU E 77 1.51 -30.42 -3.96
N ILE E 78 2.67 -30.94 -3.55
CA ILE E 78 3.16 -32.22 -4.09
C ILE E 78 3.49 -33.16 -2.94
N PHE E 79 2.93 -34.38 -3.01
CA PHE E 79 3.29 -35.48 -2.13
C PHE E 79 4.53 -36.19 -2.68
N TYR E 80 5.39 -36.64 -1.76
CA TYR E 80 6.59 -37.40 -2.11
C TYR E 80 6.65 -38.69 -1.30
N MET E 81 7.21 -39.73 -1.92
CA MET E 81 7.45 -41.00 -1.25
C MET E 81 8.67 -41.64 -1.90
N GLU E 82 9.49 -42.30 -1.08
CA GLU E 82 10.72 -42.91 -1.56
C GLU E 82 11.10 -44.06 -0.63
N LEU E 83 11.54 -45.16 -1.21
CA LEU E 83 11.89 -46.37 -0.46
C LEU E 83 13.32 -46.77 -0.80
N SER E 84 14.19 -46.72 0.19
CA SER E 84 15.55 -47.25 0.04
C SER E 84 15.55 -48.74 0.34
N ARG E 85 16.72 -49.36 0.13
CA ARG E 85 16.88 -50.82 0.28
C ARG E 85 15.93 -51.57 -0.64
N LEU E 86 15.94 -51.18 -1.93
CA LEU E 86 15.08 -51.80 -2.92
C LEU E 86 15.64 -53.17 -3.31
N THR E 87 14.86 -54.21 -3.06
CA THR E 87 15.18 -55.58 -3.48
C THR E 87 14.05 -56.12 -4.34
N SER E 88 14.22 -57.36 -4.80
CA SER E 88 13.15 -58.03 -5.55
C SER E 88 11.94 -58.30 -4.68
N ASP E 89 12.11 -58.31 -3.35
CA ASP E 89 10.97 -58.36 -2.45
C ASP E 89 10.07 -57.14 -2.60
N ASP E 90 10.57 -56.08 -3.23
CA ASP E 90 9.86 -54.80 -3.32
C ASP E 90 9.33 -54.53 -4.73
N THR E 91 9.46 -55.47 -5.65
CA THR E 91 8.85 -55.33 -6.98
C THR E 91 7.34 -55.24 -6.83
N ALA E 92 6.77 -54.06 -7.05
CA ALA E 92 5.36 -53.86 -6.81
C ALA E 92 4.86 -52.62 -7.55
N VAL E 93 3.55 -52.50 -7.62
CA VAL E 93 2.85 -51.33 -8.14
C VAL E 93 2.34 -50.54 -6.94
N TYR E 94 2.61 -49.24 -6.93
CA TYR E 94 2.45 -48.41 -5.73
C TYR E 94 1.29 -47.44 -5.90
N TYR E 95 0.21 -47.67 -5.15
CA TYR E 95 -0.98 -46.84 -5.16
C TYR E 95 -1.00 -45.90 -3.96
N CYS E 96 -1.73 -44.80 -4.10
CA CYS E 96 -1.93 -43.83 -3.02
C CYS E 96 -3.42 -43.55 -2.86
N ALA E 97 -3.77 -42.92 -1.74
CA ALA E 97 -5.18 -42.65 -1.44
C ALA E 97 -5.28 -41.58 -0.36
N ARG E 98 -6.40 -40.84 -0.38
CA ARG E 98 -6.71 -39.85 0.63
C ARG E 98 -7.84 -40.35 1.51
N GLU E 99 -7.85 -39.89 2.76
CA GLU E 99 -8.97 -40.18 3.65
C GLU E 99 -10.09 -39.17 3.42
N MET E 100 -11.28 -39.53 3.90
CA MET E 100 -12.50 -38.84 3.50
C MET E 100 -12.82 -37.64 4.40
N PHE E 101 -12.87 -37.86 5.71
CA PHE E 101 -13.42 -36.86 6.64
C PHE E 101 -12.29 -36.01 7.22
N ASP E 102 -11.89 -35.00 6.46
CA ASP E 102 -10.76 -34.16 6.82
C ASP E 102 -11.20 -32.70 6.90
N SER E 103 -10.74 -32.01 7.94
CA SER E 103 -11.09 -30.62 8.20
C SER E 103 -9.82 -29.81 8.41
N SER E 104 -9.99 -28.49 8.42
CA SER E 104 -8.86 -27.59 8.62
C SER E 104 -8.51 -27.42 10.09
N ALA E 105 -9.51 -27.54 10.98
CA ALA E 105 -9.30 -27.29 12.39
C ALA E 105 -9.28 -28.62 13.12
N ASP E 106 -10.43 -29.13 13.58
CA ASP E 106 -10.46 -30.42 14.26
C ASP E 106 -10.08 -31.54 13.29
N TRP E 107 -10.12 -32.76 13.78
CA TRP E 107 -9.58 -33.86 12.99
C TRP E 107 -10.52 -35.05 12.86
N SER E 108 -10.04 -36.20 13.31
CA SER E 108 -10.41 -37.52 12.79
C SER E 108 -9.89 -37.55 11.36
N PRO E 109 -9.90 -38.71 10.68
CA PRO E 109 -10.17 -40.05 11.18
C PRO E 109 -9.07 -41.04 10.82
N TRP E 110 -9.55 -42.18 10.39
CA TRP E 110 -8.70 -43.26 9.93
C TRP E 110 -9.36 -44.00 8.79
N ARG E 111 -10.45 -43.46 8.23
CA ARG E 111 -11.37 -44.17 7.36
C ARG E 111 -11.60 -43.35 6.09
N GLY E 112 -12.32 -43.96 5.15
CA GLY E 112 -12.73 -43.25 3.95
C GLY E 112 -11.62 -43.04 2.93
N MET E 113 -10.91 -44.11 2.58
CA MET E 113 -9.85 -44.04 1.58
C MET E 113 -10.48 -44.13 0.19
N VAL E 114 -11.12 -43.02 -0.21
CA VAL E 114 -11.96 -42.96 -1.39
C VAL E 114 -11.10 -42.86 -2.65
N ALA E 115 -10.39 -41.74 -2.81
CA ALA E 115 -9.71 -41.48 -4.07
C ALA E 115 -8.46 -42.35 -4.21
N TRP E 116 -8.33 -43.02 -5.35
CA TRP E 116 -7.23 -43.95 -5.59
C TRP E 116 -6.54 -43.62 -6.90
N GLY E 117 -5.21 -43.73 -6.89
CA GLY E 117 -4.38 -43.36 -8.02
C GLY E 117 -4.20 -44.46 -9.03
N GLN E 118 -3.17 -44.29 -9.86
CA GLN E 118 -2.92 -45.19 -10.98
C GLN E 118 -2.05 -46.38 -10.61
N GLY E 119 -1.04 -46.17 -9.76
CA GLY E 119 -0.12 -47.23 -9.42
C GLY E 119 1.21 -47.10 -10.13
N THR E 120 2.29 -46.92 -9.37
CA THR E 120 3.62 -46.70 -9.92
C THR E 120 4.36 -48.03 -9.96
N LEU E 121 4.50 -48.59 -11.16
CA LEU E 121 5.18 -49.87 -11.32
C LEU E 121 6.67 -49.70 -11.07
N VAL E 122 7.22 -50.56 -10.21
CA VAL E 122 8.66 -50.58 -9.91
C VAL E 122 9.13 -52.01 -10.10
N THR E 123 9.50 -52.35 -11.34
CA THR E 123 10.18 -53.61 -11.57
C THR E 123 11.61 -53.51 -11.03
N VAL E 124 11.97 -54.44 -10.16
CA VAL E 124 13.27 -54.42 -9.50
C VAL E 124 14.09 -55.58 -10.03
N SER E 125 15.15 -55.27 -10.77
CA SER E 125 16.01 -56.27 -11.35
C SER E 125 17.47 -55.81 -11.37
N SER F 2 -2.67 -65.82 7.05
CA SER F 2 -3.10 -64.44 6.84
C SER F 2 -3.81 -63.88 8.06
N ALA F 3 -3.85 -62.56 8.16
CA ALA F 3 -4.59 -61.91 9.22
C ALA F 3 -6.09 -61.89 8.95
N LEU F 4 -6.50 -62.04 7.68
CA LEU F 4 -7.89 -62.14 7.28
C LEU F 4 -8.02 -63.22 6.23
N THR F 5 -9.08 -64.03 6.33
CA THR F 5 -9.24 -65.22 5.52
C THR F 5 -10.39 -65.04 4.54
N GLN F 6 -10.11 -65.30 3.27
CA GLN F 6 -11.12 -65.32 2.21
C GLN F 6 -10.89 -66.53 1.32
N PRO F 7 -11.97 -67.13 0.82
CA PRO F 7 -11.83 -68.30 -0.06
C PRO F 7 -11.12 -67.94 -1.36
N ALA F 8 -10.70 -68.98 -2.08
CA ALA F 8 -9.99 -68.78 -3.34
C ALA F 8 -10.95 -68.34 -4.44
N SER F 9 -12.02 -69.10 -4.66
CA SER F 9 -12.99 -68.76 -5.70
C SER F 9 -14.30 -69.45 -5.37
N VAL F 10 -15.38 -68.67 -5.28
CA VAL F 10 -16.72 -69.18 -4.97
C VAL F 10 -17.58 -69.06 -6.22
N SER F 11 -18.47 -70.02 -6.40
CA SER F 11 -19.26 -70.15 -7.62
C SER F 11 -20.74 -69.86 -7.36
N GLY F 12 -21.43 -69.46 -8.42
CA GLY F 12 -22.85 -69.18 -8.34
C GLY F 12 -23.45 -68.84 -9.70
N SER F 13 -24.67 -69.34 -9.96
CA SER F 13 -25.35 -69.10 -11.23
C SER F 13 -26.01 -67.72 -11.22
N PRO F 14 -26.02 -67.02 -12.36
CA PRO F 14 -26.53 -65.64 -12.36
C PRO F 14 -28.02 -65.58 -12.06
N GLY F 15 -28.45 -64.37 -11.65
CA GLY F 15 -29.85 -64.11 -11.36
C GLY F 15 -30.26 -64.30 -9.92
N GLN F 16 -29.42 -64.89 -9.09
CA GLN F 16 -29.79 -65.21 -7.71
C GLN F 16 -29.03 -64.34 -6.71
N SER F 17 -28.63 -64.92 -5.57
CA SER F 17 -27.96 -64.19 -4.52
C SER F 17 -26.78 -65.00 -4.01
N ILE F 18 -25.67 -64.31 -3.73
CA ILE F 18 -24.43 -64.94 -3.30
C ILE F 18 -23.86 -64.17 -2.11
N THR F 19 -22.99 -64.84 -1.37
CA THR F 19 -22.39 -64.29 -0.16
C THR F 19 -20.93 -64.71 -0.07
N ILE F 20 -20.06 -63.76 0.23
CA ILE F 20 -18.63 -64.00 0.38
C ILE F 20 -18.28 -63.96 1.86
N SER F 21 -17.64 -65.02 2.35
CA SER F 21 -17.24 -65.10 3.75
C SER F 21 -15.84 -64.51 3.93
N CYS F 22 -15.59 -64.00 5.13
CA CYS F 22 -14.32 -63.35 5.46
C CYS F 22 -14.20 -63.25 6.97
N ALA F 23 -13.20 -63.92 7.56
CA ALA F 23 -13.11 -64.09 9.00
C ALA F 23 -11.97 -63.27 9.60
N GLY F 24 -12.15 -62.89 10.87
CA GLY F 24 -11.14 -62.17 11.63
C GLY F 24 -11.19 -62.54 13.11
N SER F 25 -10.57 -61.73 13.96
CA SER F 25 -10.46 -62.08 15.38
C SER F 25 -10.88 -60.89 16.26
N SER F 26 -10.41 -60.91 17.51
CA SER F 26 -11.00 -60.10 18.56
C SER F 26 -10.55 -58.64 18.56
N ARG F 27 -9.48 -58.31 17.83
CA ARG F 27 -9.00 -56.93 17.76
C ARG F 27 -9.11 -56.34 16.36
N ASP F 28 -9.86 -56.98 15.46
CA ASP F 28 -9.78 -56.69 14.05
C ASP F 28 -11.13 -56.34 13.43
N VAL F 29 -12.16 -57.13 13.70
CA VAL F 29 -13.43 -57.04 12.99
C VAL F 29 -14.52 -56.46 13.87
N GLY F 30 -14.65 -56.96 15.10
CA GLY F 30 -15.83 -56.62 15.90
C GLY F 30 -15.93 -55.17 16.29
N GLY F 31 -14.83 -54.44 16.24
CA GLY F 31 -14.82 -53.10 16.77
C GLY F 31 -14.44 -52.05 15.76
N PHE F 32 -14.52 -52.38 14.46
CA PHE F 32 -14.05 -51.48 13.42
C PHE F 32 -15.10 -51.39 12.31
N ASP F 33 -15.90 -50.32 12.37
CA ASP F 33 -17.01 -50.07 11.46
C ASP F 33 -16.59 -49.26 10.24
N LEU F 34 -15.34 -49.38 9.81
CA LEU F 34 -14.81 -48.65 8.68
C LEU F 34 -14.80 -49.47 7.39
N VAL F 35 -15.16 -50.75 7.48
CA VAL F 35 -15.21 -51.74 6.40
C VAL F 35 -15.43 -51.12 5.03
N SER F 36 -14.53 -51.42 4.08
CA SER F 36 -14.62 -50.89 2.73
C SER F 36 -14.30 -51.99 1.72
N TRP F 37 -14.96 -51.92 0.57
CA TRP F 37 -14.81 -52.89 -0.50
C TRP F 37 -14.50 -52.16 -1.81
N TYR F 38 -13.74 -52.82 -2.68
CA TYR F 38 -13.25 -52.20 -3.90
C TYR F 38 -13.34 -53.18 -5.07
N GLN F 39 -13.31 -52.62 -6.27
CA GLN F 39 -13.38 -53.37 -7.52
C GLN F 39 -12.09 -53.16 -8.32
N GLN F 40 -11.67 -54.21 -9.04
CA GLN F 40 -10.40 -54.18 -9.76
C GLN F 40 -10.53 -55.01 -11.03
N HIS F 41 -10.68 -54.34 -12.18
CA HIS F 41 -10.56 -55.00 -13.47
C HIS F 41 -9.08 -55.18 -13.82
N PRO F 42 -8.71 -56.31 -14.41
CA PRO F 42 -7.29 -56.56 -14.70
C PRO F 42 -6.71 -55.53 -15.66
N GLY F 43 -5.56 -54.97 -15.28
CA GLY F 43 -4.80 -54.11 -16.15
C GLY F 43 -4.99 -52.63 -15.93
N LYS F 44 -5.81 -52.22 -14.97
CA LYS F 44 -6.08 -50.80 -14.77
C LYS F 44 -6.10 -50.41 -13.29
N ALA F 45 -7.04 -49.57 -12.89
CA ALA F 45 -7.02 -48.90 -11.59
C ALA F 45 -8.12 -49.45 -10.67
N PRO F 46 -7.96 -49.30 -9.35
CA PRO F 46 -9.02 -49.73 -8.43
C PRO F 46 -10.12 -48.70 -8.29
N LYS F 47 -11.27 -49.17 -7.80
CA LYS F 47 -12.49 -48.38 -7.75
C LYS F 47 -13.16 -48.55 -6.40
N LEU F 48 -13.62 -47.46 -5.81
CA LEU F 48 -14.31 -47.51 -4.53
C LEU F 48 -15.74 -47.98 -4.72
N ILE F 49 -16.19 -48.89 -3.86
CA ILE F 49 -17.54 -49.45 -3.96
C ILE F 49 -18.33 -49.08 -2.71
N ILE F 50 -17.94 -49.67 -1.58
CA ILE F 50 -18.63 -49.45 -0.31
C ILE F 50 -17.59 -49.10 0.75
N TYR F 51 -17.97 -48.24 1.69
CA TYR F 51 -17.14 -47.88 2.82
C TYR F 51 -18.01 -47.72 4.05
N GLU F 52 -17.37 -47.74 5.22
CA GLU F 52 -18.06 -47.57 6.50
C GLU F 52 -19.15 -48.62 6.68
N VAL F 53 -18.75 -49.88 6.50
CA VAL F 53 -19.60 -51.07 6.63
C VAL F 53 -20.61 -51.16 5.49
N ASN F 54 -21.50 -50.19 5.38
CA ASN F 54 -22.59 -50.28 4.41
C ASN F 54 -23.02 -48.89 3.96
N LYS F 55 -22.05 -48.08 3.53
CA LYS F 55 -22.34 -46.76 3.00
C LYS F 55 -21.72 -46.64 1.61
N ARG F 56 -22.56 -46.29 0.63
CA ARG F 56 -22.08 -46.13 -0.73
C ARG F 56 -21.90 -44.66 -1.06
N PRO F 57 -20.83 -44.30 -1.75
CA PRO F 57 -20.73 -42.95 -2.31
C PRO F 57 -21.72 -42.81 -3.46
N SER F 58 -21.89 -41.57 -3.91
CA SER F 58 -22.79 -41.30 -5.03
C SER F 58 -22.32 -42.04 -6.27
N GLY F 59 -23.20 -42.86 -6.84
CA GLY F 59 -22.92 -43.57 -8.08
C GLY F 59 -22.83 -45.08 -7.96
N ILE F 60 -22.76 -45.65 -6.77
CA ILE F 60 -22.58 -47.09 -6.61
C ILE F 60 -23.95 -47.77 -6.64
N SER F 61 -24.06 -48.85 -7.43
CA SER F 61 -25.32 -49.53 -7.60
C SER F 61 -25.72 -50.29 -6.33
N SER F 62 -27.02 -50.35 -6.08
CA SER F 62 -27.56 -51.04 -4.92
C SER F 62 -27.52 -52.55 -5.04
N ARG F 63 -27.05 -53.09 -6.17
CA ARG F 63 -26.85 -54.53 -6.29
C ARG F 63 -25.84 -55.07 -5.29
N PHE F 64 -25.18 -54.19 -4.54
CA PHE F 64 -24.19 -54.58 -3.54
C PHE F 64 -24.54 -53.92 -2.22
N SER F 65 -24.59 -54.72 -1.16
CA SER F 65 -24.76 -54.24 0.20
C SER F 65 -23.80 -55.02 1.09
N ALA F 66 -22.96 -54.31 1.83
CA ALA F 66 -21.91 -54.92 2.62
C ALA F 66 -22.26 -54.90 4.10
N SER F 67 -21.55 -55.73 4.86
CA SER F 67 -21.85 -55.88 6.29
C SER F 67 -20.61 -56.37 7.01
N LYS F 68 -20.73 -56.43 8.34
CA LYS F 68 -19.68 -56.92 9.22
C LYS F 68 -20.35 -57.52 10.44
N SER F 69 -20.20 -58.83 10.64
CA SER F 69 -20.96 -59.56 11.64
C SER F 69 -20.00 -60.20 12.66
N GLY F 70 -19.73 -59.48 13.75
CA GLY F 70 -18.94 -60.02 14.84
C GLY F 70 -17.48 -60.24 14.48
N ASN F 71 -17.06 -61.50 14.47
CA ASN F 71 -15.69 -61.87 14.13
C ASN F 71 -15.50 -62.07 12.63
N THR F 72 -16.54 -61.88 11.82
CA THR F 72 -16.46 -62.09 10.39
C THR F 72 -17.31 -61.05 9.68
N ALA F 73 -17.18 -61.00 8.35
CA ALA F 73 -17.90 -60.05 7.52
C ALA F 73 -18.53 -60.80 6.35
N SER F 74 -19.32 -60.08 5.55
CA SER F 74 -20.02 -60.68 4.42
C SER F 74 -20.25 -59.63 3.34
N LEU F 75 -20.44 -60.11 2.11
CA LEU F 75 -20.67 -59.26 0.95
C LEU F 75 -21.88 -59.78 0.20
N THR F 76 -22.97 -59.02 0.23
CA THR F 76 -24.20 -59.40 -0.45
C THR F 76 -24.18 -58.88 -1.88
N ILE F 77 -24.37 -59.79 -2.84
CA ILE F 77 -24.37 -59.47 -4.27
C ILE F 77 -25.60 -60.11 -4.88
N SER F 78 -26.27 -59.36 -5.77
CA SER F 78 -27.52 -59.80 -6.37
C SER F 78 -27.50 -59.54 -7.87
N GLY F 79 -27.98 -60.50 -8.64
CA GLY F 79 -28.04 -60.37 -10.09
C GLY F 79 -26.67 -60.36 -10.74
N LEU F 80 -26.04 -61.52 -10.81
CA LEU F 80 -24.65 -61.58 -11.26
C LEU F 80 -24.56 -61.43 -12.78
N GLN F 81 -23.54 -60.70 -13.23
CA GLN F 81 -23.22 -60.55 -14.64
C GLN F 81 -21.75 -60.82 -14.86
N GLU F 82 -21.42 -61.38 -16.03
CA GLU F 82 -20.05 -61.78 -16.33
C GLU F 82 -19.08 -60.62 -16.48
N GLU F 83 -19.58 -59.38 -16.46
CA GLU F 83 -18.70 -58.22 -16.59
C GLU F 83 -17.73 -58.09 -15.42
N ASP F 84 -17.97 -58.80 -14.33
CA ASP F 84 -17.21 -58.62 -13.09
C ASP F 84 -16.22 -59.75 -12.82
N GLU F 85 -15.99 -60.63 -13.80
CA GLU F 85 -15.05 -61.73 -13.63
C GLU F 85 -13.62 -61.20 -13.50
N ALA F 86 -13.19 -60.92 -12.27
CA ALA F 86 -11.89 -60.29 -12.06
C ALA F 86 -11.43 -60.56 -10.64
N HIS F 87 -10.29 -59.96 -10.28
CA HIS F 87 -9.73 -60.04 -8.94
C HIS F 87 -10.30 -58.93 -8.07
N TYR F 88 -10.49 -59.22 -6.78
CA TYR F 88 -11.16 -58.29 -5.87
C TYR F 88 -10.56 -58.36 -4.48
N TYR F 89 -10.66 -57.24 -3.75
CA TYR F 89 -10.09 -57.10 -2.42
C TYR F 89 -10.97 -56.17 -1.58
N CYS F 90 -10.63 -56.04 -0.30
CA CYS F 90 -11.46 -55.33 0.67
C CYS F 90 -10.58 -54.81 1.81
N TYR F 91 -10.96 -53.68 2.40
CA TYR F 91 -10.06 -52.92 3.28
C TYR F 91 -10.72 -52.58 4.61
N SER F 92 -9.87 -52.12 5.55
CA SER F 92 -10.24 -51.60 6.85
C SER F 92 -9.01 -51.08 7.56
N TYR F 93 -9.24 -50.27 8.61
CA TYR F 93 -8.19 -49.74 9.47
C TYR F 93 -8.38 -50.27 10.88
N ALA F 94 -7.28 -50.71 11.50
CA ALA F 94 -7.33 -51.21 12.88
C ALA F 94 -5.90 -51.21 13.39
N ASP F 95 -5.51 -50.13 14.08
CA ASP F 95 -4.14 -49.86 14.49
C ASP F 95 -3.24 -49.74 13.26
N GLY F 96 -3.24 -50.77 12.41
CA GLY F 96 -2.64 -50.69 11.10
C GLY F 96 -3.68 -50.83 10.01
N VAL F 97 -3.28 -51.35 8.85
CA VAL F 97 -4.18 -51.56 7.72
C VAL F 97 -4.19 -53.06 7.40
N ALA F 98 -5.38 -53.59 7.11
CA ALA F 98 -5.57 -55.00 6.80
C ALA F 98 -6.51 -55.13 5.60
N PHE F 99 -6.56 -56.32 5.02
CA PHE F 99 -7.37 -56.53 3.84
C PHE F 99 -7.67 -58.03 3.70
N GLY F 100 -8.63 -58.32 2.82
CA GLY F 100 -9.15 -59.66 2.71
C GLY F 100 -8.33 -60.52 1.78
N GLY F 101 -8.58 -61.83 1.80
CA GLY F 101 -7.65 -62.77 1.21
C GLY F 101 -7.62 -62.70 -0.31
N GLY F 102 -8.68 -62.18 -0.91
CA GLY F 102 -8.75 -62.05 -2.35
C GLY F 102 -9.36 -63.27 -3.03
N THR F 103 -10.07 -63.04 -4.13
CA THR F 103 -10.82 -64.10 -4.79
C THR F 103 -10.94 -63.82 -6.27
N LYS F 104 -11.25 -64.87 -7.03
CA LYS F 104 -11.44 -64.82 -8.47
C LYS F 104 -12.91 -65.05 -8.79
N LEU F 105 -13.54 -64.06 -9.42
CA LEU F 105 -14.94 -64.18 -9.81
C LEU F 105 -15.06 -64.96 -11.11
N THR F 106 -16.06 -65.84 -11.18
CA THR F 106 -16.23 -66.71 -12.33
C THR F 106 -17.69 -66.71 -12.81
N VAL F 107 -18.21 -67.89 -13.13
CA VAL F 107 -19.58 -68.04 -13.61
C VAL F 107 -20.00 -69.50 -13.52
N LEU F 108 -21.24 -69.74 -13.10
CA LEU F 108 -21.77 -71.09 -12.99
C LEU F 108 -23.09 -71.20 -13.73
N VAL G 7 -61.78 -18.99 15.49
CA VAL G 7 -61.32 -17.93 14.59
C VAL G 7 -60.22 -17.11 15.26
N PHE G 8 -58.97 -17.42 14.91
CA PHE G 8 -57.80 -16.73 15.44
C PHE G 8 -57.14 -16.00 14.27
N LEU G 9 -57.44 -14.70 14.14
CA LEU G 9 -57.13 -13.87 12.98
C LEU G 9 -55.65 -13.46 12.86
N GLY G 10 -54.70 -13.93 13.65
CA GLY G 10 -53.31 -13.58 13.44
C GLY G 10 -52.87 -12.37 14.24
N PHE G 11 -51.74 -11.81 13.81
CA PHE G 11 -51.14 -10.65 14.48
C PHE G 11 -51.67 -9.38 13.84
N LEU G 12 -52.20 -8.48 14.68
CA LEU G 12 -52.95 -7.30 14.22
C LEU G 12 -54.08 -7.70 13.28
N GLY G 13 -54.53 -8.95 13.37
CA GLY G 13 -55.67 -9.42 12.58
C GLY G 13 -56.95 -8.68 12.90
N ALA G 14 -57.06 -8.12 14.11
CA ALA G 14 -58.11 -7.18 14.44
C ALA G 14 -57.68 -5.76 14.04
N ALA G 15 -57.39 -5.60 12.75
CA ALA G 15 -56.94 -4.32 12.22
C ALA G 15 -58.13 -3.38 12.02
N GLY G 16 -59.01 -3.73 11.08
CA GLY G 16 -60.18 -2.91 10.81
C GLY G 16 -61.44 -3.40 11.49
N SER G 17 -61.34 -3.72 12.79
CA SER G 17 -62.48 -4.19 13.57
C SER G 17 -62.68 -3.29 14.77
N THR G 18 -63.81 -3.50 15.46
CA THR G 18 -64.23 -2.60 16.53
C THR G 18 -63.18 -2.52 17.63
N MET G 19 -63.12 -1.34 18.28
CA MET G 19 -62.18 -1.14 19.37
C MET G 19 -62.33 -2.18 20.47
N GLY G 20 -63.58 -2.54 20.79
CA GLY G 20 -63.81 -3.55 21.81
C GLY G 20 -63.21 -4.90 21.43
N ALA G 21 -63.48 -5.34 20.20
CA ALA G 21 -62.87 -6.59 19.73
C ALA G 21 -61.37 -6.44 19.57
N ALA G 22 -60.88 -5.25 19.24
CA ALA G 22 -59.46 -5.02 19.03
C ALA G 22 -58.71 -4.74 20.33
N SER G 23 -59.40 -4.70 21.47
CA SER G 23 -58.76 -4.68 22.77
C SER G 23 -58.69 -6.07 23.40
N MET G 24 -59.05 -7.11 22.64
CA MET G 24 -58.99 -8.47 23.14
C MET G 24 -57.56 -9.00 23.13
N THR G 25 -56.93 -8.97 21.96
CA THR G 25 -55.60 -9.56 21.79
C THR G 25 -54.50 -8.62 22.26
N LEU G 26 -54.61 -8.14 23.50
CA LEU G 26 -53.56 -7.28 24.05
C LEU G 26 -52.27 -8.05 24.35
N THR G 27 -52.32 -9.38 24.35
CA THR G 27 -51.13 -10.22 24.52
C THR G 27 -50.63 -10.77 23.19
N VAL G 28 -50.94 -10.10 22.09
CA VAL G 28 -50.51 -10.53 20.76
C VAL G 28 -49.66 -9.46 20.08
N GLN G 29 -49.98 -8.19 20.29
CA GLN G 29 -49.15 -7.09 19.83
C GLN G 29 -48.24 -6.55 20.92
N ALA G 30 -47.94 -7.37 21.94
CA ALA G 30 -47.09 -6.95 23.03
C ALA G 30 -46.23 -8.12 23.49
N ARG G 31 -46.65 -9.34 23.14
CA ARG G 31 -45.84 -10.52 23.45
C ARG G 31 -44.56 -10.52 22.60
N ASN G 32 -44.71 -10.36 21.30
CA ASN G 32 -43.59 -10.42 20.36
C ASN G 32 -42.99 -9.04 20.09
N LEU G 33 -43.27 -8.06 20.93
CA LEU G 33 -42.48 -6.84 20.94
C LEU G 33 -41.15 -7.03 21.66
N LEU G 34 -40.97 -8.18 22.32
CA LEU G 34 -39.67 -8.61 22.82
C LEU G 34 -39.42 -10.06 22.41
N SER G 35 -40.43 -10.92 22.63
CA SER G 35 -40.45 -12.28 22.10
C SER G 35 -39.29 -13.12 22.64
N GLY G 36 -38.95 -12.89 23.90
CA GLY G 36 -37.95 -13.68 24.60
C GLY G 36 -36.58 -13.06 24.57
N THR G 58 -16.18 -8.19 11.70
CA THR G 58 -16.53 -8.66 10.36
C THR G 58 -17.62 -7.77 9.73
N VAL G 59 -18.04 -8.14 8.52
CA VAL G 59 -19.19 -7.50 7.88
C VAL G 59 -20.15 -8.61 7.48
N TRP G 60 -21.19 -8.25 6.72
CA TRP G 60 -22.34 -9.12 6.49
C TRP G 60 -22.93 -9.58 7.82
N GLY G 61 -22.76 -8.75 8.85
CA GLY G 61 -23.24 -9.04 10.19
C GLY G 61 -23.50 -7.76 10.94
N ILE G 62 -22.96 -6.65 10.45
CA ILE G 62 -23.33 -5.33 10.96
C ILE G 62 -24.82 -5.13 10.87
N LYS G 63 -25.46 -5.72 9.85
CA LYS G 63 -26.88 -5.52 9.61
C LYS G 63 -27.72 -5.97 10.80
N GLN G 64 -27.49 -7.19 11.29
CA GLN G 64 -28.23 -7.68 12.44
C GLN G 64 -27.95 -6.85 13.68
N LEU G 65 -26.65 -6.69 14.02
CA LEU G 65 -26.25 -5.97 15.22
C LEU G 65 -26.61 -4.50 15.18
N GLN G 66 -26.95 -3.95 14.00
CA GLN G 66 -27.45 -2.59 13.90
C GLN G 66 -28.96 -2.52 14.11
N ALA G 67 -29.70 -3.38 13.40
CA ALA G 67 -31.16 -3.29 13.42
C ALA G 67 -31.74 -3.64 14.78
N ARG G 68 -31.10 -4.54 15.52
CA ARG G 68 -31.66 -4.98 16.79
C ARG G 68 -31.51 -3.92 17.88
N VAL G 69 -30.69 -2.90 17.65
CA VAL G 69 -30.54 -1.81 18.61
C VAL G 69 -31.75 -0.91 18.61
N LEU G 70 -32.66 -1.14 17.65
CA LEU G 70 -33.91 -0.41 17.56
C LEU G 70 -35.09 -1.20 18.10
N ALA G 71 -34.93 -2.48 18.40
CA ALA G 71 -36.07 -3.28 18.85
C ALA G 71 -36.49 -2.91 20.26
N VAL G 72 -35.52 -2.87 21.19
CA VAL G 72 -35.84 -2.54 22.57
C VAL G 72 -35.89 -1.03 22.82
N GLU G 73 -35.51 -0.22 21.85
CA GLU G 73 -35.72 1.23 21.98
C GLU G 73 -37.19 1.58 21.81
N ARG G 74 -37.90 0.87 20.94
CA ARG G 74 -39.34 1.01 20.80
C ARG G 74 -40.09 -0.11 21.50
N TYR G 75 -39.47 -0.71 22.52
CA TYR G 75 -40.16 -1.61 23.42
C TYR G 75 -39.95 -1.17 24.86
N LEU G 76 -38.71 -0.85 25.24
CA LEU G 76 -38.45 -0.35 26.58
C LEU G 76 -39.15 0.97 26.83
N ARG G 77 -39.40 1.75 25.77
CA ARG G 77 -40.24 2.94 25.89
C ARG G 77 -41.59 2.58 26.48
N ASP G 78 -42.12 1.41 26.13
CA ASP G 78 -43.41 0.97 26.65
C ASP G 78 -43.27 0.40 28.06
N GLN G 79 -42.21 -0.37 28.32
CA GLN G 79 -41.92 -0.77 29.69
C GLN G 79 -41.58 0.42 30.56
N GLN G 80 -41.28 1.57 29.95
CA GLN G 80 -41.02 2.79 30.70
C GLN G 80 -42.32 3.51 31.05
N LEU G 81 -43.20 3.67 30.07
CA LEU G 81 -44.32 4.60 30.21
C LEU G 81 -45.45 4.00 31.04
N LEU G 82 -45.67 2.68 30.93
CA LEU G 82 -46.69 2.05 31.75
C LEU G 82 -46.34 2.16 33.23
N GLY G 83 -45.05 2.07 33.57
CA GLY G 83 -44.67 2.16 34.97
C GLY G 83 -44.93 3.51 35.58
N ILE G 84 -44.76 4.58 34.80
CA ILE G 84 -44.96 5.92 35.34
C ILE G 84 -46.44 6.32 35.33
N TRP G 85 -47.26 5.64 34.53
CA TRP G 85 -48.70 5.83 34.62
C TRP G 85 -49.27 4.90 35.69
N GLY G 86 -50.59 4.98 35.89
CA GLY G 86 -51.26 4.05 36.78
C GLY G 86 -51.41 2.70 36.13
N CYS G 87 -50.28 2.03 35.85
CA CYS G 87 -50.31 0.79 35.08
C CYS G 87 -49.37 -0.25 35.67
N SER G 88 -48.07 -0.12 35.40
CA SER G 88 -47.06 -1.09 35.83
C SER G 88 -47.46 -2.50 35.39
N GLY G 89 -48.41 -3.11 36.09
CA GLY G 89 -49.02 -4.34 35.64
C GLY G 89 -49.47 -4.21 34.20
N LYS G 90 -49.05 -5.15 33.35
CA LYS G 90 -49.08 -4.93 31.91
C LYS G 90 -50.51 -4.97 31.39
N LEU G 91 -50.63 -4.81 30.07
CA LEU G 91 -51.89 -4.89 29.34
C LEU G 91 -52.81 -3.71 29.66
N ILE G 92 -53.90 -3.96 30.40
CA ILE G 92 -54.88 -2.92 30.66
C ILE G 92 -54.71 -2.39 32.08
N CYS G 93 -55.03 -1.11 32.25
CA CYS G 93 -54.92 -0.38 33.51
C CYS G 93 -55.48 1.03 33.35
N CYS G 94 -56.33 1.44 34.29
CA CYS G 94 -57.09 2.67 34.14
C CYS G 94 -56.33 3.87 34.71
N THR G 95 -56.98 5.03 34.67
CA THR G 95 -56.37 6.28 35.12
C THR G 95 -57.36 7.06 35.97
N ASN G 96 -56.83 7.99 36.76
CA ASN G 96 -57.65 8.90 37.56
C ASN G 96 -57.48 10.33 37.07
N VAL G 97 -57.86 10.61 35.83
CA VAL G 97 -57.67 11.92 35.22
C VAL G 97 -58.97 12.39 34.58
N PRO G 98 -59.29 13.68 34.64
CA PRO G 98 -60.43 14.20 33.87
C PRO G 98 -60.13 14.15 32.37
N TRP G 99 -61.01 13.49 31.63
CA TRP G 99 -61.06 13.65 30.18
C TRP G 99 -61.47 15.09 29.93
N ASN G 100 -60.49 15.95 29.67
CA ASN G 100 -60.78 17.36 29.45
C ASN G 100 -61.62 17.50 28.19
N SER G 101 -62.86 17.97 28.35
CA SER G 101 -63.84 17.97 27.27
C SER G 101 -63.51 18.95 26.14
N SER G 102 -62.39 19.67 26.20
CA SER G 102 -61.94 20.40 25.01
C SER G 102 -61.56 19.45 23.89
N TRP G 103 -61.30 18.19 24.21
CA TRP G 103 -61.04 17.17 23.21
C TRP G 103 -62.36 16.76 22.55
N SER G 104 -62.27 16.27 21.31
CA SER G 104 -63.45 15.90 20.57
C SER G 104 -64.24 14.79 21.27
N ASN G 105 -65.01 15.17 22.29
CA ASN G 105 -65.82 14.20 23.02
C ASN G 105 -66.99 13.75 22.16
N ARG G 106 -67.30 12.45 22.24
CA ARG G 106 -68.35 11.86 21.40
C ARG G 106 -69.21 10.94 22.26
N ASN G 107 -70.34 10.53 21.69
CA ASN G 107 -71.28 9.67 22.38
C ASN G 107 -70.71 8.25 22.50
N LEU G 108 -71.01 7.59 23.63
CA LEU G 108 -70.39 6.31 23.91
C LEU G 108 -70.87 5.22 22.95
N SER G 109 -72.15 5.23 22.60
CA SER G 109 -72.62 4.28 21.61
C SER G 109 -72.13 4.61 20.21
N GLU G 110 -71.37 5.68 20.05
CA GLU G 110 -70.70 6.02 18.80
C GLU G 110 -69.19 5.91 18.91
N ILE G 111 -68.69 5.29 19.97
CA ILE G 111 -67.26 5.08 20.16
C ILE G 111 -66.97 3.59 20.24
N TRP G 112 -67.24 2.97 21.40
CA TRP G 112 -66.91 1.57 21.58
C TRP G 112 -67.74 0.67 20.67
N ASP G 113 -69.04 0.98 20.52
CA ASP G 113 -69.92 0.13 19.74
C ASP G 113 -69.50 0.03 18.27
N ASN G 114 -68.73 0.98 17.76
CA ASN G 114 -68.56 1.09 16.32
C ASN G 114 -67.15 1.46 15.84
N MET G 115 -66.30 2.09 16.64
CA MET G 115 -65.03 2.59 16.14
C MET G 115 -63.93 1.52 16.23
N THR G 116 -62.86 1.76 15.49
CA THR G 116 -61.69 0.89 15.44
C THR G 116 -60.49 1.60 16.04
N TRP G 117 -59.42 0.82 16.29
CA TRP G 117 -58.18 1.40 16.76
C TRP G 117 -57.37 2.06 15.64
N LEU G 118 -57.81 1.93 14.39
CA LEU G 118 -57.19 2.62 13.27
C LEU G 118 -57.87 3.94 12.93
N GLN G 119 -59.17 4.06 13.24
CA GLN G 119 -59.85 5.32 13.04
C GLN G 119 -59.70 6.22 14.26
N TRP G 120 -59.43 5.64 15.43
CA TRP G 120 -59.32 6.42 16.65
C TRP G 120 -58.07 7.30 16.64
N ASP G 121 -56.91 6.69 16.38
CA ASP G 121 -55.64 7.41 16.49
C ASP G 121 -55.49 8.51 15.43
N LYS G 122 -56.28 8.46 14.35
CA LYS G 122 -56.22 9.52 13.36
C LYS G 122 -56.81 10.83 13.88
N GLU G 123 -57.68 10.77 14.89
CA GLU G 123 -58.34 11.98 15.38
C GLU G 123 -57.43 12.75 16.33
N ILE G 124 -56.76 12.04 17.24
CA ILE G 124 -55.94 12.66 18.28
C ILE G 124 -54.68 13.25 17.68
N SER G 125 -54.51 13.06 16.37
CA SER G 125 -53.27 13.45 15.69
C SER G 125 -52.96 14.92 15.89
N ASN G 126 -53.92 15.80 15.55
CA ASN G 126 -53.63 17.22 15.48
C ASN G 126 -53.32 17.86 16.83
N TYR G 127 -53.57 17.16 17.95
CA TYR G 127 -53.38 17.79 19.25
C TYR G 127 -52.88 16.84 20.33
N THR G 128 -52.40 15.65 19.96
CA THR G 128 -51.90 14.73 20.99
C THR G 128 -50.64 15.26 21.65
N GLN G 129 -49.96 16.23 21.04
CA GLN G 129 -48.83 16.88 21.68
C GLN G 129 -49.27 17.89 22.73
N ILE G 130 -50.50 18.38 22.64
CA ILE G 130 -51.12 19.12 23.75
C ILE G 130 -51.85 18.17 24.69
N ILE G 131 -52.49 17.15 24.12
CA ILE G 131 -53.21 16.16 24.93
C ILE G 131 -52.25 15.50 25.91
N TYR G 132 -51.24 14.81 25.39
CA TYR G 132 -50.37 14.10 26.32
C TYR G 132 -49.47 15.07 27.08
N GLY G 133 -49.94 15.45 28.25
CA GLY G 133 -49.19 16.24 29.20
C GLY G 133 -50.00 16.22 30.48
N LEU G 134 -50.62 15.07 30.75
CA LEU G 134 -51.65 14.97 31.78
C LEU G 134 -51.55 13.71 32.64
N LEU G 135 -51.79 12.53 32.05
CA LEU G 135 -51.68 11.25 32.77
C LEU G 135 -50.46 11.26 33.68
N GLU G 136 -49.36 11.80 33.16
CA GLU G 136 -48.11 11.85 33.89
C GLU G 136 -48.03 13.11 34.74
N GLU G 137 -48.36 14.26 34.14
CA GLU G 137 -48.28 15.53 34.84
C GLU G 137 -49.37 15.69 35.89
N SER G 138 -50.47 14.93 35.80
CA SER G 138 -51.61 15.15 36.68
C SER G 138 -51.88 13.97 37.61
N GLN G 139 -52.19 12.78 37.07
CA GLN G 139 -52.58 11.67 37.92
C GLN G 139 -51.46 11.26 38.87
N ASN G 140 -50.46 10.53 38.35
CA ASN G 140 -49.40 10.03 39.21
C ASN G 140 -48.54 11.13 39.80
N GLN G 141 -48.67 12.38 39.33
CA GLN G 141 -48.04 13.49 40.02
C GLN G 141 -48.83 13.91 41.26
N GLN G 142 -50.11 13.56 41.33
CA GLN G 142 -50.93 13.89 42.48
C GLN G 142 -51.70 12.70 43.04
N GLU G 143 -52.28 11.86 42.17
CA GLU G 143 -53.01 10.69 42.64
C GLU G 143 -52.07 9.66 43.28
N LYS G 144 -50.77 9.73 43.01
CA LYS G 144 -49.78 8.99 43.76
C LYS G 144 -49.11 9.84 44.82
N ASN G 145 -49.44 11.13 44.90
CA ASN G 145 -49.10 11.99 46.01
C ASN G 145 -50.30 12.20 46.94
N GLU G 146 -51.41 11.53 46.67
CA GLU G 146 -52.44 11.27 47.67
C GLU G 146 -52.14 10.02 48.48
N GLN G 147 -51.11 9.28 48.11
CA GLN G 147 -50.67 8.09 48.83
C GLN G 147 -49.54 8.39 49.82
N ASP G 148 -48.73 9.41 49.55
CA ASP G 148 -47.91 10.02 50.58
C ASP G 148 -48.56 11.30 51.12
N LEU G 149 -49.87 11.45 50.90
CA LEU G 149 -50.74 12.18 51.80
C LEU G 149 -51.69 11.21 52.48
N LEU G 150 -51.47 9.91 52.27
CA LEU G 150 -52.07 8.85 53.05
C LEU G 150 -51.03 8.28 54.00
N ALA G 151 -50.21 7.34 53.52
CA ALA G 151 -49.44 6.43 54.38
C ALA G 151 -48.29 7.15 55.09
N LEU G 152 -48.50 7.52 56.36
CA LEU G 152 -47.41 7.90 57.27
C LEU G 152 -47.87 8.06 58.72
N ASP G 153 -48.71 9.06 58.98
CA ASP G 153 -49.10 9.40 60.35
C ASP G 153 -50.62 9.38 60.51
N ALA H 1 -69.77 8.31 37.86
CA ALA H 1 -71.14 8.30 37.34
C ALA H 1 -71.16 8.61 35.85
N GLU H 2 -70.94 9.88 35.50
CA GLU H 2 -70.96 10.33 34.11
C GLU H 2 -69.85 11.33 33.83
N ASN H 3 -68.70 11.16 34.46
CA ASN H 3 -67.54 12.03 34.29
C ASN H 3 -66.39 11.15 33.82
N LEU H 4 -66.14 11.16 32.52
CA LEU H 4 -65.27 10.18 31.88
C LEU H 4 -63.81 10.35 32.32
N TRP H 5 -63.05 9.27 32.17
CA TRP H 5 -61.65 9.16 32.51
C TRP H 5 -60.81 8.98 31.23
N VAL H 6 -59.64 8.36 31.39
CA VAL H 6 -58.84 7.83 30.30
C VAL H 6 -58.37 6.45 30.73
N THR H 7 -58.30 5.52 29.78
CA THR H 7 -57.89 4.16 30.06
C THR H 7 -56.76 3.76 29.12
N VAL H 8 -55.78 3.06 29.67
CA VAL H 8 -54.55 2.73 28.97
C VAL H 8 -54.57 1.27 28.55
N TYR H 9 -54.25 1.01 27.29
CA TYR H 9 -54.11 -0.33 26.74
C TYR H 9 -52.71 -0.48 26.17
N TYR H 10 -52.24 -1.72 26.11
CA TYR H 10 -50.92 -2.02 25.56
C TYR H 10 -51.02 -3.13 24.54
N GLY H 11 -50.49 -2.89 23.35
CA GLY H 11 -50.56 -3.86 22.27
C GLY H 11 -51.73 -3.61 21.34
N VAL H 12 -52.03 -2.34 21.10
CA VAL H 12 -53.12 -1.97 20.20
C VAL H 12 -52.62 -2.05 18.76
N PRO H 13 -53.46 -2.48 17.82
CA PRO H 13 -53.02 -2.53 16.42
C PRO H 13 -52.94 -1.13 15.81
N VAL H 14 -51.76 -0.52 15.89
CA VAL H 14 -51.54 0.87 15.46
C VAL H 14 -50.16 0.96 14.83
N TRP H 15 -50.06 1.69 13.72
CA TRP H 15 -48.77 1.89 13.07
C TRP H 15 -48.78 3.21 12.30
N LYS H 16 -47.58 3.69 11.98
CA LYS H 16 -47.36 4.92 11.23
C LYS H 16 -46.33 4.67 10.13
N ASP H 17 -46.01 5.74 9.40
CA ASP H 17 -44.99 5.70 8.35
C ASP H 17 -43.65 6.16 8.91
N ALA H 18 -42.63 5.30 8.81
CA ALA H 18 -41.28 5.61 9.25
C ALA H 18 -40.31 4.63 8.59
N GLU H 19 -39.11 5.14 8.29
CA GLU H 19 -38.09 4.43 7.53
C GLU H 19 -36.95 4.02 8.45
N THR H 20 -36.37 2.86 8.18
CA THR H 20 -35.31 2.34 9.05
C THR H 20 -34.53 1.25 8.30
N THR H 21 -33.80 0.44 9.05
CA THR H 21 -32.82 -0.52 8.55
C THR H 21 -33.27 -1.94 8.81
N LEU H 22 -33.04 -2.81 7.83
CA LEU H 22 -33.40 -4.23 7.87
C LEU H 22 -32.16 -5.08 8.15
N PHE H 23 -32.28 -6.39 7.94
CA PHE H 23 -31.11 -7.27 7.99
C PHE H 23 -31.35 -8.49 7.10
N CYS H 24 -30.24 -9.09 6.67
CA CYS H 24 -30.24 -10.15 5.68
C CYS H 24 -30.62 -11.50 6.30
N ALA H 25 -31.16 -12.38 5.46
CA ALA H 25 -31.52 -13.74 5.88
C ALA H 25 -31.61 -14.62 4.65
N SER H 26 -30.83 -15.69 4.61
CA SER H 26 -30.78 -16.60 3.46
C SER H 26 -30.97 -18.04 3.90
N ASP H 27 -31.85 -18.26 4.87
CA ASP H 27 -32.16 -19.58 5.41
C ASP H 27 -30.93 -20.25 6.00
N ALA H 28 -31.10 -21.45 6.56
CA ALA H 28 -29.99 -22.26 7.02
C ALA H 28 -29.40 -23.13 5.91
N LYS H 29 -29.65 -22.78 4.66
CA LYS H 29 -29.34 -23.65 3.54
C LYS H 29 -28.47 -23.01 2.47
N ALA H 30 -28.73 -21.74 2.12
CA ALA H 30 -27.99 -21.11 1.03
C ALA H 30 -26.49 -21.05 1.32
N TYR H 31 -26.10 -21.20 2.58
CA TYR H 31 -24.69 -21.20 2.97
C TYR H 31 -23.89 -22.30 2.28
N GLU H 32 -24.58 -23.33 1.76
CA GLU H 32 -23.91 -24.52 1.27
C GLU H 32 -23.63 -24.51 -0.23
N THR H 33 -23.96 -23.43 -0.94
CA THR H 33 -23.37 -23.25 -2.25
C THR H 33 -21.93 -22.78 -2.16
N GLU H 34 -21.47 -22.44 -0.96
CA GLU H 34 -20.08 -22.16 -0.64
C GLU H 34 -19.41 -21.23 -1.63
N LYS H 35 -18.52 -21.80 -2.45
CA LYS H 35 -17.60 -21.04 -3.29
C LYS H 35 -17.06 -19.84 -2.54
N HIS H 36 -16.66 -20.09 -1.29
CA HIS H 36 -16.05 -19.10 -0.40
C HIS H 36 -16.85 -17.80 -0.38
N ASN H 37 -18.06 -17.93 0.16
CA ASN H 37 -19.00 -16.82 0.29
C ASN H 37 -19.32 -16.23 -1.07
N VAL H 38 -20.16 -16.91 -1.84
CA VAL H 38 -20.66 -16.36 -3.10
C VAL H 38 -21.33 -15.05 -2.77
N TRP H 39 -20.85 -13.96 -3.36
CA TRP H 39 -21.51 -12.67 -3.26
C TRP H 39 -21.47 -12.14 -1.82
N ALA H 40 -22.37 -12.63 -0.97
CA ALA H 40 -22.50 -12.04 0.36
C ALA H 40 -22.82 -13.01 1.49
N THR H 41 -23.23 -14.26 1.22
CA THR H 41 -23.68 -15.16 2.27
C THR H 41 -22.47 -15.73 3.00
N HIS H 42 -22.11 -15.13 4.13
CA HIS H 42 -21.05 -15.65 4.98
C HIS H 42 -21.46 -15.56 6.45
N ALA H 43 -21.16 -14.43 7.10
CA ALA H 43 -21.54 -14.22 8.49
C ALA H 43 -23.05 -13.97 8.64
N CYS H 44 -23.77 -13.72 7.54
CA CYS H 44 -25.19 -13.45 7.64
C CYS H 44 -25.93 -14.65 8.24
N VAL H 45 -27.03 -14.35 8.93
CA VAL H 45 -27.70 -15.29 9.84
C VAL H 45 -28.82 -16.02 9.11
N PRO H 46 -29.04 -17.31 9.38
CA PRO H 46 -30.12 -18.05 8.72
C PRO H 46 -31.51 -17.51 9.03
N THR H 47 -32.47 -17.87 8.18
CA THR H 47 -33.83 -17.36 8.23
C THR H 47 -34.71 -18.24 9.11
N ASP H 48 -35.81 -17.68 9.56
CA ASP H 48 -36.76 -18.43 10.38
C ASP H 48 -37.57 -19.36 9.49
N PRO H 49 -37.87 -20.58 9.96
CA PRO H 49 -38.45 -21.60 9.06
C PRO H 49 -39.86 -21.29 8.52
N ASN H 50 -40.49 -20.16 8.85
CA ASN H 50 -41.79 -19.90 8.25
C ASN H 50 -42.11 -18.41 8.23
N PRO H 51 -42.02 -17.74 7.08
CA PRO H 51 -42.35 -16.31 7.01
C PRO H 51 -43.86 -16.08 7.07
N GLN H 52 -44.35 -15.64 8.23
CA GLN H 52 -45.79 -15.54 8.45
C GLN H 52 -46.34 -14.31 7.73
N GLU H 53 -47.21 -14.55 6.75
CA GLU H 53 -47.95 -13.49 6.09
C GLU H 53 -49.38 -13.46 6.65
N ILE H 54 -49.81 -12.29 7.09
CA ILE H 54 -51.16 -12.10 7.63
C ILE H 54 -51.89 -11.11 6.73
N HIS H 55 -52.94 -11.58 6.08
CA HIS H 55 -53.74 -10.71 5.22
C HIS H 55 -54.65 -9.82 6.06
N LEU H 56 -54.87 -8.61 5.58
CA LEU H 56 -55.72 -7.63 6.25
C LEU H 56 -56.92 -7.30 5.38
N GLU H 57 -58.10 -7.46 5.94
CA GLU H 57 -59.33 -6.96 5.35
C GLU H 57 -59.62 -5.58 5.92
N ASN H 58 -60.17 -4.70 5.07
CA ASN H 58 -60.62 -3.37 5.50
C ASN H 58 -59.45 -2.53 6.00
N VAL H 59 -58.34 -2.57 5.28
CA VAL H 59 -57.15 -1.80 5.62
C VAL H 59 -56.64 -1.13 4.35
N THR H 60 -56.61 0.20 4.35
CA THR H 60 -56.23 0.99 3.16
C THR H 60 -55.09 1.94 3.51
N GLU H 61 -53.91 1.38 3.74
CA GLU H 61 -52.72 2.19 3.93
C GLU H 61 -52.21 2.69 2.58
N GLU H 62 -51.74 3.94 2.56
CA GLU H 62 -51.28 4.55 1.31
C GLU H 62 -49.83 4.14 1.06
N PHE H 63 -49.58 3.54 -0.10
CA PHE H 63 -48.30 2.92 -0.41
C PHE H 63 -47.43 3.81 -1.30
N ASN H 64 -46.18 3.40 -1.45
CA ASN H 64 -45.22 4.10 -2.30
C ASN H 64 -44.10 3.13 -2.63
N MET H 65 -43.95 2.81 -3.91
CA MET H 65 -42.85 1.97 -4.37
C MET H 65 -41.68 2.76 -4.94
N TRP H 66 -41.86 4.07 -5.14
CA TRP H 66 -40.85 4.90 -5.79
C TRP H 66 -39.96 5.60 -4.76
N LYS H 67 -40.52 6.55 -4.02
CA LYS H 67 -39.79 7.16 -2.92
C LYS H 67 -39.53 6.19 -1.78
N ASN H 68 -40.08 4.97 -1.87
CA ASN H 68 -39.80 3.85 -0.98
C ASN H 68 -38.34 3.82 -0.57
N ASN H 69 -38.08 4.01 0.73
CA ASN H 69 -36.72 4.09 1.22
C ASN H 69 -35.97 2.76 1.14
N MET H 70 -36.64 1.66 0.77
CA MET H 70 -35.97 0.38 0.65
C MET H 70 -35.35 0.15 -0.73
N VAL H 71 -35.86 0.81 -1.78
CA VAL H 71 -35.25 0.68 -3.09
C VAL H 71 -33.84 1.25 -3.08
N GLU H 72 -33.59 2.25 -2.24
CA GLU H 72 -32.25 2.82 -2.15
C GLU H 72 -31.38 2.01 -1.19
N GLN H 73 -31.96 1.47 -0.12
CA GLN H 73 -31.21 0.60 0.79
C GLN H 73 -30.64 -0.60 0.03
N MET H 74 -31.38 -1.09 -0.95
CA MET H 74 -30.94 -2.25 -1.73
C MET H 74 -29.74 -1.90 -2.60
N HIS H 75 -29.77 -0.73 -3.23
CA HIS H 75 -28.69 -0.32 -4.12
C HIS H 75 -27.36 -0.17 -3.40
N THR H 76 -27.38 0.04 -2.08
CA THR H 76 -26.16 0.25 -1.33
C THR H 76 -25.45 -1.04 -0.95
N ASP H 77 -26.13 -2.17 -1.00
CA ASP H 77 -25.53 -3.42 -0.52
C ASP H 77 -24.49 -3.95 -1.50
N ILE H 78 -24.78 -3.89 -2.80
CA ILE H 78 -23.90 -4.46 -3.81
C ILE H 78 -22.53 -3.81 -3.82
N ILE H 79 -22.39 -2.64 -3.18
CA ILE H 79 -21.11 -1.94 -3.18
C ILE H 79 -20.20 -2.45 -2.06
N SER H 80 -20.77 -2.88 -0.94
CA SER H 80 -19.97 -3.24 0.23
C SER H 80 -19.48 -4.68 0.21
N LEU H 81 -20.31 -5.63 -0.23
CA LEU H 81 -19.81 -6.98 -0.48
C LEU H 81 -18.67 -6.93 -1.49
N TRP H 82 -18.78 -6.02 -2.47
CA TRP H 82 -17.66 -5.70 -3.34
C TRP H 82 -16.45 -5.26 -2.52
N ASP H 83 -16.58 -4.16 -1.77
CA ASP H 83 -15.45 -3.58 -1.05
C ASP H 83 -14.84 -4.57 -0.07
N GLN H 84 -15.67 -5.28 0.70
CA GLN H 84 -15.17 -6.24 1.67
C GLN H 84 -14.85 -7.61 1.04
N SER H 85 -14.94 -7.72 -0.29
CA SER H 85 -14.27 -8.76 -1.04
C SER H 85 -13.37 -8.16 -2.12
N LEU H 86 -13.00 -6.89 -1.96
CA LEU H 86 -12.13 -6.20 -2.91
C LEU H 86 -10.85 -5.72 -2.23
N LYS H 87 -10.96 -4.89 -1.19
CA LYS H 87 -9.82 -4.32 -0.48
C LYS H 87 -8.85 -5.36 0.07
N PRO H 88 -9.25 -6.62 0.33
CA PRO H 88 -8.24 -7.62 0.69
C PRO H 88 -7.90 -8.62 -0.41
N CYS H 89 -7.60 -8.13 -1.63
CA CYS H 89 -7.10 -9.02 -2.67
C CYS H 89 -5.92 -8.38 -3.42
N VAL H 90 -5.88 -8.52 -4.74
CA VAL H 90 -4.70 -8.16 -5.52
C VAL H 90 -4.94 -6.82 -6.20
N LYS H 91 -4.21 -5.79 -5.77
CA LYS H 91 -4.18 -4.52 -6.47
C LYS H 91 -3.19 -4.59 -7.62
N LEU H 92 -3.54 -3.97 -8.75
CA LEU H 92 -2.89 -4.25 -10.03
C LEU H 92 -2.45 -2.98 -10.75
N THR H 93 -1.85 -2.03 -10.03
CA THR H 93 -1.34 -0.86 -10.74
C THR H 93 -0.11 -1.14 -11.59
N PRO H 94 0.69 -2.18 -11.32
CA PRO H 94 1.72 -2.56 -12.30
C PRO H 94 1.17 -2.94 -13.67
N LEU H 95 -0.13 -3.20 -13.78
CA LEU H 95 -0.73 -3.59 -15.06
C LEU H 95 -0.83 -2.43 -16.05
N CYS H 96 -0.45 -1.22 -15.65
CA CYS H 96 -0.41 -0.10 -16.59
C CYS H 96 1.00 0.06 -17.17
N VAL H 97 1.54 -1.03 -17.69
CA VAL H 97 2.77 -1.04 -18.48
C VAL H 97 2.38 -1.27 -19.93
N THR H 98 2.98 -0.49 -20.84
CA THR H 98 2.57 -0.48 -22.24
C THR H 98 2.52 -1.88 -22.83
N LEU H 99 1.54 -2.12 -23.70
CA LEU H 99 1.30 -3.41 -24.30
C LEU H 99 1.49 -3.35 -25.81
N GLN H 100 1.83 -4.50 -26.38
CA GLN H 100 1.96 -4.68 -27.82
C GLN H 100 0.91 -5.70 -28.27
N CYS H 101 -0.04 -5.26 -29.09
CA CYS H 101 -1.21 -6.05 -29.42
C CYS H 101 -1.36 -6.18 -30.93
N THR H 102 -2.01 -7.27 -31.36
CA THR H 102 -2.10 -7.59 -32.77
C THR H 102 -3.30 -8.51 -33.03
N ASN H 103 -3.85 -8.41 -34.25
CA ASN H 103 -4.90 -9.31 -34.68
C ASN H 103 -4.40 -10.76 -34.63
N VAL H 104 -5.18 -11.63 -33.99
CA VAL H 104 -4.69 -12.90 -33.48
C VAL H 104 -4.35 -13.91 -34.58
N THR H 105 -3.97 -15.11 -34.16
CA THR H 105 -3.44 -16.16 -35.04
C THR H 105 -4.59 -16.83 -35.77
N ASN H 106 -4.85 -16.36 -37.00
CA ASN H 106 -6.02 -16.77 -37.74
C ASN H 106 -5.66 -16.86 -39.22
N ASN H 107 -6.68 -17.06 -40.05
CA ASN H 107 -6.62 -16.75 -41.48
C ASN H 107 -7.21 -15.37 -41.74
N ILE H 108 -6.84 -14.41 -40.89
CA ILE H 108 -7.43 -13.08 -40.82
C ILE H 108 -8.94 -13.21 -40.59
N THR H 109 -9.75 -12.92 -41.61
CA THR H 109 -11.19 -12.81 -41.46
C THR H 109 -11.54 -11.90 -40.28
N ASP H 110 -11.05 -10.67 -40.36
CA ASP H 110 -11.22 -9.70 -39.28
C ASP H 110 -12.39 -8.77 -39.55
N GLY H 114 -10.47 -8.34 -35.95
CA GLY H 114 -10.51 -9.63 -35.29
C GLY H 114 -11.11 -9.57 -33.91
N GLU H 115 -11.43 -8.34 -33.48
CA GLU H 115 -12.09 -8.03 -32.22
C GLU H 115 -11.16 -8.11 -31.02
N LEU H 116 -10.22 -9.05 -31.03
CA LEU H 116 -9.29 -9.21 -29.92
C LEU H 116 -7.85 -9.08 -30.41
N LYS H 117 -6.91 -9.16 -29.47
CA LYS H 117 -5.51 -8.93 -29.75
C LYS H 117 -4.63 -9.90 -28.97
N ASN H 118 -3.59 -10.40 -29.63
CA ASN H 118 -2.62 -11.30 -29.00
C ASN H 118 -1.48 -10.44 -28.45
N CYS H 119 -1.70 -9.94 -27.22
CA CYS H 119 -0.86 -8.91 -26.65
C CYS H 119 0.34 -9.49 -25.90
N SER H 120 1.16 -8.62 -25.31
CA SER H 120 2.36 -8.96 -24.57
C SER H 120 2.91 -7.69 -23.93
N PHE H 121 3.45 -7.81 -22.72
CA PHE H 121 3.96 -6.65 -21.99
C PHE H 121 4.76 -7.13 -20.77
N ASN H 122 5.18 -6.17 -19.94
CA ASN H 122 6.27 -6.33 -18.98
C ASN H 122 5.78 -6.20 -17.53
N MET H 123 6.27 -7.06 -16.66
CA MET H 123 5.87 -7.09 -15.25
C MET H 123 7.04 -7.60 -14.40
N THR H 124 6.80 -7.83 -13.11
CA THR H 124 7.80 -8.32 -12.18
C THR H 124 7.46 -9.75 -11.74
N THR H 125 8.36 -10.35 -10.97
CA THR H 125 8.21 -11.74 -10.56
C THR H 125 8.46 -11.89 -9.06
N GLU H 126 8.72 -13.12 -8.62
CA GLU H 126 8.94 -13.40 -7.20
C GLU H 126 10.12 -12.59 -6.68
N LEU H 127 11.15 -12.43 -7.49
CA LEU H 127 12.33 -11.66 -7.10
C LEU H 127 12.16 -10.19 -7.47
N ARG H 128 12.98 -9.35 -6.86
CA ARG H 128 12.82 -7.90 -7.00
C ARG H 128 13.55 -7.37 -8.22
N ASP H 129 14.86 -7.63 -8.30
CA ASP H 129 15.63 -7.22 -9.47
C ASP H 129 15.02 -7.76 -10.75
N LYS H 130 14.92 -9.08 -10.83
CA LYS H 130 14.43 -9.74 -12.04
C LYS H 130 12.92 -9.58 -12.16
N LYS H 131 12.45 -9.53 -13.40
CA LYS H 131 11.08 -9.18 -13.69
C LYS H 131 10.50 -10.17 -14.70
N GLN H 132 9.43 -9.79 -15.40
CA GLN H 132 8.69 -10.79 -16.18
C GLN H 132 7.86 -10.16 -17.29
N LYS H 133 8.07 -10.61 -18.53
CA LYS H 133 7.13 -10.37 -19.61
C LYS H 133 6.20 -11.57 -19.75
N VAL H 134 4.95 -11.31 -20.13
CA VAL H 134 3.97 -12.37 -20.32
C VAL H 134 2.86 -11.86 -21.22
N TYR H 135 2.28 -12.77 -21.99
CA TYR H 135 1.28 -12.42 -23.00
C TYR H 135 -0.12 -12.83 -22.54
N SER H 136 -1.10 -12.03 -22.95
CA SER H 136 -2.51 -12.28 -22.68
C SER H 136 -3.31 -11.86 -23.91
N LEU H 137 -4.63 -12.09 -23.86
CA LEU H 137 -5.51 -11.75 -24.96
C LEU H 137 -6.65 -10.89 -24.44
N PHE H 138 -6.79 -9.69 -25.01
CA PHE H 138 -7.77 -8.71 -24.58
C PHE H 138 -8.72 -8.36 -25.71
N TYR H 139 -9.97 -8.11 -25.36
CA TYR H 139 -10.93 -7.54 -26.30
C TYR H 139 -10.50 -6.12 -26.66
N ARG H 140 -10.69 -5.73 -27.92
CA ARG H 140 -10.33 -4.38 -28.33
C ARG H 140 -11.15 -3.31 -27.60
N LEU H 141 -12.17 -3.73 -26.85
CA LEU H 141 -12.88 -2.83 -25.95
C LEU H 141 -12.09 -2.59 -24.67
N ASP H 142 -11.44 -3.63 -24.15
CA ASP H 142 -10.68 -3.51 -22.91
C ASP H 142 -9.43 -2.65 -23.06
N VAL H 143 -8.95 -2.44 -24.28
CA VAL H 143 -7.70 -1.74 -24.53
C VAL H 143 -7.94 -0.63 -25.55
N VAL H 144 -6.89 0.17 -25.77
CA VAL H 144 -6.98 1.33 -26.66
C VAL H 144 -5.57 1.74 -27.05
N GLN H 145 -5.45 2.38 -28.21
CA GLN H 145 -4.15 2.69 -28.82
C GLN H 145 -3.49 3.88 -28.14
N ILE H 146 -2.23 4.11 -28.51
CA ILE H 146 -1.44 5.20 -27.95
C ILE H 146 -0.25 5.45 -28.87
N ASN H 147 0.14 6.72 -28.99
CA ASN H 147 1.34 7.09 -29.75
C ASN H 147 2.06 8.24 -29.04
N SER H 157 6.51 2.18 -37.06
CA SER H 157 6.19 1.57 -35.77
C SER H 157 4.76 1.04 -35.76
N ASN H 158 4.57 -0.14 -35.18
CA ASN H 158 3.26 -0.74 -35.09
C ASN H 158 2.34 0.08 -34.18
N LYS H 159 1.08 -0.33 -34.13
CA LYS H 159 0.11 0.28 -33.22
C LYS H 159 0.36 -0.24 -31.81
N GLU H 160 0.60 0.66 -30.88
CA GLU H 160 0.88 0.33 -29.49
C GLU H 160 -0.33 0.67 -28.62
N TYR H 161 -0.54 -0.16 -27.60
CA TYR H 161 -1.78 -0.15 -26.82
C TYR H 161 -1.49 0.06 -25.34
N ARG H 162 -2.58 0.26 -24.59
CA ARG H 162 -2.55 0.31 -23.14
C ARG H 162 -3.96 0.13 -22.61
N LEU H 163 -4.06 -0.22 -21.33
CA LEU H 163 -5.35 -0.55 -20.72
C LEU H 163 -6.23 0.67 -20.59
N ILE H 164 -7.54 0.44 -20.57
CA ILE H 164 -8.49 1.53 -20.77
C ILE H 164 -8.65 2.35 -19.50
N ASN H 165 -8.40 1.76 -18.34
CA ASN H 165 -8.66 2.46 -17.10
C ASN H 165 -7.51 3.37 -16.67
N CYS H 166 -6.30 3.14 -17.21
CA CYS H 166 -5.11 3.83 -16.71
C CYS H 166 -5.22 5.34 -16.86
N ASN H 167 -6.06 5.84 -17.76
CA ASN H 167 -6.32 7.27 -17.85
C ASN H 167 -7.49 7.71 -16.98
N THR H 168 -7.82 6.94 -15.94
CA THR H 168 -8.92 7.28 -15.05
C THR H 168 -8.72 6.69 -13.66
N SER H 169 -8.53 5.37 -13.59
CA SER H 169 -8.63 4.66 -12.33
C SER H 169 -7.47 3.70 -12.13
N ALA H 170 -6.99 3.63 -10.89
CA ALA H 170 -6.20 2.49 -10.45
C ALA H 170 -7.12 1.29 -10.25
N ILE H 171 -6.52 0.10 -10.24
CA ILE H 171 -7.29 -1.14 -10.36
C ILE H 171 -6.89 -2.12 -9.28
N THR H 172 -7.87 -2.91 -8.83
CA THR H 172 -7.66 -3.98 -7.85
C THR H 172 -8.36 -5.23 -8.37
N GLN H 173 -7.58 -6.25 -8.69
CA GLN H 173 -8.18 -7.53 -9.08
C GLN H 173 -8.97 -8.10 -7.93
N ALA H 174 -10.10 -8.70 -8.25
CA ALA H 174 -10.92 -9.38 -7.25
C ALA H 174 -10.22 -10.66 -6.81
N CYS H 175 -10.95 -11.52 -6.11
CA CYS H 175 -10.46 -12.84 -5.76
C CYS H 175 -11.33 -13.89 -6.44
N PRO H 176 -10.73 -14.88 -7.10
CA PRO H 176 -11.56 -15.89 -7.78
C PRO H 176 -12.39 -16.73 -6.83
N LYS H 177 -12.05 -16.74 -5.54
CA LYS H 177 -12.82 -17.48 -4.56
C LYS H 177 -14.25 -16.95 -4.48
N VAL H 178 -14.40 -15.66 -4.15
CA VAL H 178 -15.70 -15.03 -4.05
C VAL H 178 -16.39 -15.04 -5.41
N SER H 179 -17.45 -15.84 -5.54
CA SER H 179 -18.21 -15.89 -6.79
C SER H 179 -19.20 -14.73 -6.86
N PHE H 180 -19.29 -14.12 -8.03
CA PHE H 180 -20.18 -12.98 -8.26
C PHE H 180 -21.58 -13.41 -8.69
N GLU H 181 -21.95 -14.66 -8.48
CA GLU H 181 -23.32 -15.07 -8.78
C GLU H 181 -24.27 -14.40 -7.79
N PRO H 182 -25.29 -13.68 -8.26
CA PRO H 182 -26.24 -13.05 -7.34
C PRO H 182 -26.96 -14.09 -6.50
N ILE H 183 -26.90 -13.90 -5.18
CA ILE H 183 -27.42 -14.87 -4.21
C ILE H 183 -28.67 -14.30 -3.56
N PRO H 184 -29.74 -15.07 -3.44
CA PRO H 184 -30.98 -14.53 -2.85
C PRO H 184 -30.82 -14.14 -1.39
N ILE H 185 -31.58 -13.13 -0.99
CA ILE H 185 -31.57 -12.60 0.37
C ILE H 185 -32.98 -12.19 0.74
N HIS H 186 -33.43 -12.58 1.92
CA HIS H 186 -34.69 -12.09 2.49
C HIS H 186 -34.43 -10.85 3.33
N TYR H 187 -35.38 -9.93 3.29
CA TYR H 187 -35.31 -8.68 4.06
C TYR H 187 -36.24 -8.79 5.25
N CYS H 188 -35.68 -8.74 6.46
CA CYS H 188 -36.41 -8.99 7.69
C CYS H 188 -36.26 -7.81 8.65
N ALA H 189 -37.14 -7.74 9.63
CA ALA H 189 -37.30 -6.59 10.51
C ALA H 189 -37.40 -7.01 11.96
N PRO H 190 -37.11 -6.08 12.90
CA PRO H 190 -37.23 -6.41 14.33
C PRO H 190 -38.48 -5.81 14.98
N ALA H 191 -38.50 -5.76 16.31
CA ALA H 191 -39.68 -5.28 17.03
C ALA H 191 -39.85 -3.78 16.86
N GLY H 192 -41.11 -3.35 16.73
CA GLY H 192 -41.43 -1.95 16.51
C GLY H 192 -41.46 -1.54 15.05
N PHE H 193 -40.90 -2.34 14.15
CA PHE H 193 -40.96 -2.11 12.72
C PHE H 193 -41.39 -3.39 12.02
N ALA H 194 -41.96 -3.24 10.83
CA ALA H 194 -42.43 -4.38 10.07
C ALA H 194 -42.60 -3.97 8.61
N ILE H 195 -43.14 -4.88 7.80
CA ILE H 195 -43.21 -4.73 6.36
C ILE H 195 -44.63 -5.04 5.90
N LEU H 196 -45.17 -4.18 5.05
CA LEU H 196 -46.47 -4.38 4.43
C LEU H 196 -46.28 -4.98 3.03
N LYS H 197 -47.27 -5.77 2.60
CA LYS H 197 -47.29 -6.31 1.25
C LYS H 197 -48.68 -6.14 0.66
N CYS H 198 -48.78 -5.39 -0.42
CA CYS H 198 -50.04 -5.20 -1.14
C CYS H 198 -50.18 -6.27 -2.21
N LYS H 199 -50.49 -7.49 -1.75
CA LYS H 199 -50.61 -8.67 -2.59
C LYS H 199 -51.62 -8.50 -3.73
N ASP H 200 -52.49 -7.49 -3.67
CA ASP H 200 -53.57 -7.27 -4.62
C ASP H 200 -53.21 -7.42 -6.10
N LYS H 201 -54.20 -7.79 -6.92
CA LYS H 201 -53.98 -8.04 -8.34
C LYS H 201 -53.93 -6.72 -9.10
N LYS H 202 -55.09 -6.11 -9.33
CA LYS H 202 -55.20 -4.84 -10.04
C LYS H 202 -54.78 -3.71 -9.11
N PHE H 203 -53.47 -3.58 -8.91
CA PHE H 203 -52.89 -2.60 -7.99
C PHE H 203 -52.22 -1.51 -8.82
N ASN H 204 -52.76 -0.30 -8.75
CA ASN H 204 -52.28 0.83 -9.55
C ASN H 204 -51.21 1.66 -8.84
N GLY H 205 -50.76 1.24 -7.66
CA GLY H 205 -49.61 1.88 -7.04
C GLY H 205 -49.93 3.02 -6.09
N THR H 206 -50.15 4.22 -6.63
CA THR H 206 -50.24 5.43 -5.84
C THR H 206 -51.37 5.39 -4.81
N GLY H 207 -51.04 5.11 -3.56
CA GLY H 207 -51.95 5.35 -2.47
C GLY H 207 -52.54 4.10 -1.85
N PRO H 208 -53.82 4.18 -1.48
CA PRO H 208 -54.42 3.13 -0.64
C PRO H 208 -54.64 1.83 -1.39
N CYS H 209 -54.29 0.73 -0.72
CA CYS H 209 -54.41 -0.62 -1.28
C CYS H 209 -55.37 -1.44 -0.42
N PRO H 210 -56.50 -1.88 -0.98
CA PRO H 210 -57.59 -2.39 -0.13
C PRO H 210 -57.29 -3.70 0.60
N SER H 211 -56.34 -4.53 0.15
CA SER H 211 -56.07 -5.81 0.78
C SER H 211 -54.57 -5.91 1.11
N VAL H 212 -54.16 -5.19 2.17
CA VAL H 212 -52.79 -5.24 2.63
C VAL H 212 -52.52 -6.56 3.35
N SER H 213 -51.29 -7.05 3.23
CA SER H 213 -50.81 -8.16 4.03
C SER H 213 -49.47 -7.77 4.65
N THR H 214 -49.13 -8.42 5.76
CA THR H 214 -47.96 -8.07 6.54
C THR H 214 -47.07 -9.29 6.75
N VAL H 215 -45.76 -9.05 6.79
CA VAL H 215 -44.76 -10.09 6.85
C VAL H 215 -43.60 -9.63 7.74
N GLN H 216 -42.76 -10.60 8.11
CA GLN H 216 -41.48 -10.31 8.76
C GLN H 216 -40.32 -10.36 7.78
N CYS H 217 -40.29 -11.35 6.89
CA CYS H 217 -39.24 -11.49 5.89
C CYS H 217 -39.87 -11.47 4.51
N THR H 218 -39.40 -10.56 3.66
CA THR H 218 -39.90 -10.47 2.29
C THR H 218 -39.57 -11.74 1.53
N HIS H 219 -40.22 -11.90 0.37
CA HIS H 219 -39.88 -13.01 -0.52
C HIS H 219 -38.48 -12.76 -1.10
N GLY H 220 -37.72 -13.84 -1.25
CA GLY H 220 -36.32 -13.77 -1.63
C GLY H 220 -36.03 -13.00 -2.90
N ILE H 221 -35.05 -12.12 -2.85
CA ILE H 221 -34.69 -11.25 -3.97
C ILE H 221 -33.27 -11.56 -4.41
N LYS H 222 -33.06 -11.58 -5.73
CA LYS H 222 -31.73 -11.80 -6.30
C LYS H 222 -31.16 -10.49 -6.81
N PRO H 223 -29.92 -10.16 -6.46
CA PRO H 223 -29.27 -8.92 -6.94
C PRO H 223 -28.61 -9.10 -8.30
N VAL H 224 -29.44 -9.32 -9.33
CA VAL H 224 -28.96 -9.62 -10.67
C VAL H 224 -28.49 -8.33 -11.33
N VAL H 225 -27.23 -8.31 -11.76
CA VAL H 225 -26.65 -7.16 -12.46
C VAL H 225 -27.24 -7.09 -13.85
N SER H 226 -28.48 -6.63 -13.97
CA SER H 226 -29.24 -6.70 -15.22
C SER H 226 -29.91 -5.36 -15.49
N THR H 227 -29.48 -4.68 -16.54
CA THR H 227 -30.16 -3.51 -17.05
C THR H 227 -31.07 -3.92 -18.21
N GLN H 228 -31.88 -2.96 -18.67
CA GLN H 228 -32.97 -3.23 -19.61
C GLN H 228 -33.83 -4.36 -19.06
N LEU H 229 -33.53 -5.59 -19.44
CA LEU H 229 -34.29 -6.73 -18.96
C LEU H 229 -33.97 -7.02 -17.49
N LEU H 230 -34.72 -7.96 -16.92
CA LEU H 230 -34.44 -8.51 -15.60
C LEU H 230 -34.47 -10.03 -15.69
N LEU H 231 -33.51 -10.68 -15.05
CA LEU H 231 -33.38 -12.13 -15.08
C LEU H 231 -33.39 -12.68 -13.66
N ASN H 232 -33.81 -13.95 -13.54
CA ASN H 232 -33.82 -14.67 -12.26
C ASN H 232 -34.65 -13.94 -11.20
N GLY H 233 -35.76 -13.35 -11.62
CA GLY H 233 -36.48 -12.41 -10.79
C GLY H 233 -37.88 -12.83 -10.40
N SER H 234 -38.71 -11.83 -10.10
CA SER H 234 -40.04 -12.04 -9.52
C SER H 234 -41.12 -11.85 -10.59
N LEU H 235 -41.96 -12.87 -10.76
CA LEU H 235 -43.06 -12.79 -11.71
C LEU H 235 -44.22 -12.00 -11.14
N ALA H 236 -45.06 -11.50 -12.04
CA ALA H 236 -46.21 -10.68 -11.65
C ALA H 236 -47.39 -11.57 -11.31
N GLU H 237 -48.42 -10.95 -10.71
CA GLU H 237 -49.66 -11.62 -10.38
C GLU H 237 -50.74 -11.15 -11.36
N GLU H 238 -51.42 -12.12 -11.98
CA GLU H 238 -52.45 -11.86 -12.99
C GLU H 238 -51.87 -11.12 -14.18
N GLU H 239 -52.22 -9.84 -14.33
CA GLU H 239 -51.78 -9.05 -15.48
C GLU H 239 -50.31 -8.67 -15.34
N VAL H 240 -49.77 -8.10 -16.41
CA VAL H 240 -48.38 -7.67 -16.43
C VAL H 240 -48.28 -6.29 -15.79
N MET H 241 -47.36 -6.16 -14.83
CA MET H 241 -47.15 -4.88 -14.16
C MET H 241 -46.46 -3.90 -15.09
N ILE H 242 -47.04 -2.72 -15.25
CA ILE H 242 -46.49 -1.65 -16.08
C ILE H 242 -46.42 -0.40 -15.21
N ARG H 243 -45.22 -0.05 -14.75
CA ARG H 243 -45.04 1.03 -13.79
C ARG H 243 -44.22 2.17 -14.41
N SER H 244 -44.50 3.38 -13.95
CA SER H 244 -43.74 4.57 -14.31
C SER H 244 -44.13 5.71 -13.39
N GLU H 245 -43.15 6.38 -12.79
CA GLU H 245 -43.46 7.46 -11.86
C GLU H 245 -44.20 8.60 -12.56
N ASN H 246 -44.00 8.75 -13.86
CA ASN H 246 -44.66 9.82 -14.59
C ASN H 246 -44.55 9.46 -16.07
N ILE H 247 -45.61 8.83 -16.59
CA ILE H 247 -45.62 8.37 -17.98
C ILE H 247 -45.55 9.55 -18.94
N THR H 248 -45.95 10.74 -18.50
CA THR H 248 -45.81 11.94 -19.32
C THR H 248 -44.47 12.65 -19.10
N ASN H 249 -43.43 11.89 -18.75
CA ASN H 249 -42.09 12.43 -18.58
C ASN H 249 -41.13 11.32 -18.99
N ASN H 250 -40.59 11.43 -20.21
CA ASN H 250 -39.75 10.38 -20.75
C ASN H 250 -38.40 10.27 -20.06
N ALA H 251 -38.05 11.24 -19.20
CA ALA H 251 -36.88 11.09 -18.34
C ALA H 251 -37.17 10.20 -17.13
N LYS H 252 -38.43 9.88 -16.88
CA LYS H 252 -38.78 8.92 -15.85
C LYS H 252 -38.58 7.50 -16.37
N ASN H 253 -37.99 6.64 -15.55
CA ASN H 253 -37.71 5.28 -15.96
C ASN H 253 -38.97 4.43 -15.88
N ILE H 254 -39.25 3.70 -16.97
CA ILE H 254 -40.43 2.86 -17.08
C ILE H 254 -39.98 1.40 -17.01
N LEU H 255 -40.64 0.61 -16.17
CA LEU H 255 -40.17 -0.72 -15.81
C LEU H 255 -41.29 -1.73 -15.97
N VAL H 256 -40.93 -2.92 -16.47
CA VAL H 256 -41.88 -4.00 -16.74
C VAL H 256 -41.59 -5.17 -15.82
N GLN H 257 -42.63 -5.89 -15.43
CA GLN H 257 -42.52 -7.11 -14.63
C GLN H 257 -43.53 -8.12 -15.17
N PHE H 258 -43.05 -9.08 -15.93
CA PHE H 258 -43.91 -10.10 -16.52
C PHE H 258 -44.37 -11.11 -15.47
N ASN H 259 -45.45 -11.82 -15.79
CA ASN H 259 -45.84 -13.00 -15.03
C ASN H 259 -45.40 -14.30 -15.70
N THR H 260 -44.72 -14.20 -16.84
CA THR H 260 -44.33 -15.35 -17.65
C THR H 260 -42.87 -15.21 -18.03
N PRO H 261 -42.05 -16.25 -17.82
CA PRO H 261 -40.63 -16.14 -18.16
C PRO H 261 -40.36 -16.50 -19.62
N VAL H 262 -39.50 -15.71 -20.24
CA VAL H 262 -38.97 -15.99 -21.57
C VAL H 262 -37.66 -16.75 -21.40
N GLN H 263 -37.48 -17.81 -22.19
CA GLN H 263 -36.29 -18.64 -22.04
C GLN H 263 -35.11 -18.03 -22.77
N ILE H 264 -33.93 -18.16 -22.15
CA ILE H 264 -32.67 -17.68 -22.74
C ILE H 264 -31.61 -18.74 -22.50
N ASN H 265 -30.74 -18.95 -23.50
CA ASN H 265 -29.69 -19.96 -23.45
C ASN H 265 -28.33 -19.30 -23.68
N CYS H 266 -27.89 -18.51 -22.71
CA CYS H 266 -26.62 -17.81 -22.81
C CYS H 266 -25.46 -18.75 -22.54
N THR H 267 -24.39 -18.64 -23.34
CA THR H 267 -23.21 -19.48 -23.13
C THR H 267 -22.01 -18.83 -23.80
N ARG H 268 -20.84 -19.47 -23.65
CA ARG H 268 -19.59 -18.89 -24.13
C ARG H 268 -18.65 -20.04 -24.43
N PRO H 269 -18.68 -20.53 -25.66
CA PRO H 269 -18.08 -21.85 -25.95
C PRO H 269 -16.57 -21.77 -26.09
N ASN H 270 -15.90 -21.50 -24.98
CA ASN H 270 -14.44 -21.38 -25.00
C ASN H 270 -13.85 -22.00 -23.75
N ASN H 271 -12.86 -22.88 -23.93
CA ASN H 271 -12.09 -23.47 -22.84
C ASN H 271 -10.98 -22.50 -22.48
N ASN H 272 -11.12 -21.79 -21.36
CA ASN H 272 -10.15 -20.79 -20.94
C ASN H 272 -9.07 -21.41 -20.07
N THR H 273 -7.83 -20.99 -20.30
CA THR H 273 -6.69 -21.41 -19.50
C THR H 273 -6.26 -20.25 -18.60
N ARG H 274 -6.10 -20.54 -17.31
CA ARG H 274 -5.72 -19.51 -16.34
C ARG H 274 -4.21 -19.53 -16.15
N LYS H 275 -3.54 -18.52 -16.70
CA LYS H 275 -2.12 -18.33 -16.47
C LYS H 275 -1.92 -17.64 -15.13
N SER H 276 -1.17 -18.29 -14.22
CA SER H 276 -0.95 -17.78 -12.88
C SER H 276 0.37 -17.01 -12.88
N ILE H 277 0.28 -15.68 -12.83
CA ILE H 277 1.44 -14.81 -12.99
C ILE H 277 1.88 -14.32 -11.61
N ARG H 278 3.14 -14.58 -11.28
CA ARG H 278 3.73 -14.12 -10.02
C ARG H 278 4.17 -12.68 -10.18
N ILE H 279 3.52 -11.77 -9.45
CA ILE H 279 3.84 -10.35 -9.51
C ILE H 279 3.87 -9.77 -8.11
N GLY H 280 4.13 -10.62 -7.11
CA GLY H 280 3.97 -10.23 -5.74
C GLY H 280 5.25 -9.86 -5.03
N PRO H 281 5.76 -10.73 -4.14
CA PRO H 281 5.36 -12.12 -3.82
C PRO H 281 3.91 -12.30 -3.34
N GLY H 282 3.37 -13.49 -3.56
CA GLY H 282 2.01 -13.79 -3.17
C GLY H 282 1.00 -13.45 -4.24
N GLN H 283 0.92 -12.17 -4.60
CA GLN H 283 -0.05 -11.69 -5.57
C GLN H 283 0.04 -12.46 -6.87
N ALA H 284 -1.09 -13.03 -7.29
CA ALA H 284 -1.17 -13.89 -8.48
C ALA H 284 -2.09 -13.22 -9.50
N PHE H 285 -1.52 -12.84 -10.63
CA PHE H 285 -2.29 -12.24 -11.72
C PHE H 285 -2.68 -13.33 -12.71
N TYR H 286 -3.88 -13.20 -13.27
CA TYR H 286 -4.42 -14.19 -14.20
C TYR H 286 -4.45 -13.58 -15.60
N ALA H 287 -3.72 -14.21 -16.52
CA ALA H 287 -3.66 -13.81 -17.91
C ALA H 287 -4.43 -14.80 -18.77
N THR H 288 -4.94 -14.30 -19.91
CA THR H 288 -5.72 -15.12 -20.82
C THR H 288 -4.82 -16.19 -21.43
N GLY H 289 -4.95 -17.42 -20.94
CA GLY H 289 -4.26 -18.53 -21.57
C GLY H 289 -4.75 -18.75 -22.99
N ASP H 290 -3.89 -19.42 -23.77
CA ASP H 290 -4.16 -19.68 -25.18
C ASP H 290 -5.55 -20.31 -25.37
N ILE H 291 -6.49 -19.52 -25.91
CA ILE H 291 -7.85 -20.00 -26.09
C ILE H 291 -7.85 -21.16 -27.07
N ILE H 292 -8.67 -22.18 -26.76
CA ILE H 292 -8.56 -23.50 -27.37
C ILE H 292 -9.19 -23.47 -28.75
N GLY H 293 -8.35 -23.40 -29.78
CA GLY H 293 -8.76 -23.78 -31.13
C GLY H 293 -9.80 -22.84 -31.74
N ASP H 294 -10.85 -23.45 -32.30
CA ASP H 294 -11.88 -22.70 -33.00
C ASP H 294 -12.43 -21.57 -32.13
N ILE H 295 -12.76 -20.45 -32.76
CA ILE H 295 -13.04 -19.20 -32.06
C ILE H 295 -14.49 -18.82 -32.30
N ARG H 296 -15.28 -18.81 -31.22
CA ARG H 296 -16.66 -18.35 -31.24
C ARG H 296 -16.88 -17.41 -30.08
N GLN H 297 -17.67 -16.35 -30.32
CA GLN H 297 -17.97 -15.35 -29.31
C GLN H 297 -19.23 -15.72 -28.54
N ALA H 298 -19.36 -15.13 -27.35
CA ALA H 298 -20.49 -15.42 -26.48
C ALA H 298 -21.81 -15.03 -27.15
N HIS H 299 -22.87 -15.73 -26.75
CA HIS H 299 -24.19 -15.54 -27.35
C HIS H 299 -25.26 -15.95 -26.35
N CYS H 300 -26.51 -15.85 -26.79
CA CYS H 300 -27.67 -16.33 -26.03
C CYS H 300 -28.71 -16.80 -27.03
N ASN H 301 -29.11 -18.07 -26.93
CA ASN H 301 -30.20 -18.59 -27.74
C ASN H 301 -31.52 -18.25 -27.05
N VAL H 302 -32.25 -17.28 -27.59
CA VAL H 302 -33.52 -16.84 -27.04
C VAL H 302 -34.64 -17.53 -27.79
N SER H 303 -35.49 -18.25 -27.08
CA SER H 303 -36.66 -18.87 -27.70
C SER H 303 -37.57 -17.80 -28.27
N LYS H 304 -37.54 -17.63 -29.60
CA LYS H 304 -38.35 -16.60 -30.25
C LYS H 304 -39.84 -16.82 -29.99
N ALA H 305 -40.26 -18.07 -29.76
CA ALA H 305 -41.65 -18.32 -29.41
C ALA H 305 -42.01 -17.67 -28.07
N THR H 306 -41.16 -17.87 -27.07
CA THR H 306 -41.39 -17.23 -25.78
C THR H 306 -41.16 -15.73 -25.86
N TRP H 307 -40.32 -15.27 -26.79
CA TRP H 307 -40.08 -13.84 -26.92
C TRP H 307 -41.32 -13.13 -27.44
N ASN H 308 -41.84 -13.56 -28.59
CA ASN H 308 -43.01 -12.93 -29.17
C ASN H 308 -44.27 -13.19 -28.36
N GLU H 309 -44.25 -14.18 -27.46
CA GLU H 309 -45.42 -14.43 -26.62
C GLU H 309 -45.66 -13.29 -25.65
N THR H 310 -44.67 -12.98 -24.81
CA THR H 310 -44.80 -11.87 -23.88
C THR H 310 -44.82 -10.53 -24.61
N LEU H 311 -44.38 -10.49 -25.87
CA LEU H 311 -44.47 -9.26 -26.65
C LEU H 311 -45.91 -8.89 -26.92
N GLY H 312 -46.71 -9.83 -27.44
CA GLY H 312 -48.09 -9.54 -27.74
C GLY H 312 -48.94 -9.27 -26.51
N LYS H 313 -48.54 -9.82 -25.35
CA LYS H 313 -49.32 -9.64 -24.13
C LYS H 313 -49.27 -8.18 -23.67
N VAL H 314 -48.07 -7.61 -23.59
CA VAL H 314 -47.93 -6.26 -23.04
C VAL H 314 -48.37 -5.21 -24.06
N VAL H 315 -48.04 -5.42 -25.34
CA VAL H 315 -48.40 -4.44 -26.38
C VAL H 315 -49.90 -4.19 -26.38
N LYS H 316 -50.69 -5.24 -26.17
CA LYS H 316 -52.14 -5.09 -26.13
C LYS H 316 -52.64 -4.41 -24.86
N GLN H 317 -51.79 -4.30 -23.82
CA GLN H 317 -52.11 -3.50 -22.65
C GLN H 317 -51.83 -2.01 -22.85
N LEU H 318 -51.54 -1.59 -24.08
CA LEU H 318 -51.06 -0.24 -24.35
C LEU H 318 -51.91 0.56 -25.31
N ARG H 319 -52.66 -0.09 -26.20
CA ARG H 319 -53.62 0.66 -27.02
C ARG H 319 -54.74 1.24 -26.16
N LYS H 320 -54.99 0.66 -24.99
CA LYS H 320 -55.88 1.28 -24.01
C LYS H 320 -55.32 2.57 -23.45
N HIS H 321 -54.06 2.90 -23.72
CA HIS H 321 -53.45 4.11 -23.21
C HIS H 321 -53.49 5.25 -24.21
N PHE H 322 -54.15 5.09 -25.35
CA PHE H 322 -54.00 6.10 -26.42
C PHE H 322 -55.15 5.91 -27.43
N GLY H 323 -56.25 6.63 -27.20
CA GLY H 323 -57.32 6.73 -28.18
C GLY H 323 -58.00 5.41 -28.44
N ASN H 324 -58.25 5.13 -29.72
CA ASN H 324 -58.89 3.90 -30.13
C ASN H 324 -58.30 3.26 -31.38
N ASN H 325 -57.81 4.02 -32.36
CA ASN H 325 -57.15 3.48 -33.55
C ASN H 325 -55.85 4.24 -33.73
N THR H 326 -54.72 3.56 -33.57
CA THR H 326 -53.43 4.23 -33.49
C THR H 326 -52.38 3.43 -34.24
N ILE H 327 -51.15 3.93 -34.20
CA ILE H 327 -49.99 3.32 -34.86
C ILE H 327 -48.84 3.35 -33.87
N ILE H 328 -48.26 2.19 -33.57
CA ILE H 328 -47.33 2.03 -32.46
C ILE H 328 -46.01 1.49 -33.02
N ARG H 329 -44.93 2.25 -32.82
CA ARG H 329 -43.61 1.91 -33.34
C ARG H 329 -42.74 1.30 -32.25
N PHE H 330 -41.73 0.55 -32.68
CA PHE H 330 -40.75 -0.08 -31.80
C PHE H 330 -39.38 0.01 -32.44
N ALA H 331 -38.38 0.41 -31.66
CA ALA H 331 -37.02 0.53 -32.15
C ALA H 331 -36.05 0.15 -31.03
N ASN H 332 -34.75 0.19 -31.34
CA ASN H 332 -33.73 -0.08 -30.35
C ASN H 332 -33.45 1.18 -29.52
N SER H 333 -32.63 1.01 -28.49
CA SER H 333 -32.29 2.12 -27.61
C SER H 333 -31.70 3.29 -28.39
N SER H 334 -32.20 4.49 -28.12
CA SER H 334 -31.74 5.67 -28.84
C SER H 334 -30.33 6.10 -28.46
N GLY H 335 -29.70 5.44 -27.50
CA GLY H 335 -28.30 5.72 -27.19
C GLY H 335 -27.99 5.53 -25.72
N GLY H 336 -26.75 5.14 -25.44
CA GLY H 336 -26.30 4.92 -24.09
C GLY H 336 -25.14 3.96 -24.05
N ASP H 337 -24.43 3.96 -22.92
CA ASP H 337 -23.33 3.04 -22.73
C ASP H 337 -23.84 1.60 -22.76
N LEU H 338 -22.89 0.65 -22.69
CA LEU H 338 -23.22 -0.76 -22.86
C LEU H 338 -24.31 -1.22 -21.90
N GLU H 339 -24.29 -0.70 -20.67
CA GLU H 339 -25.36 -1.04 -19.73
C GLU H 339 -26.72 -0.56 -20.23
N VAL H 340 -26.75 0.48 -21.05
CA VAL H 340 -28.01 1.07 -21.50
C VAL H 340 -28.44 0.47 -22.84
N THR H 341 -27.58 0.60 -23.85
CA THR H 341 -27.98 0.20 -25.20
C THR H 341 -28.15 -1.31 -25.31
N THR H 342 -27.30 -2.08 -24.64
CA THR H 342 -27.31 -3.53 -24.73
C THR H 342 -28.02 -4.13 -23.52
N HIS H 343 -28.10 -5.46 -23.51
CA HIS H 343 -28.60 -6.23 -22.37
C HIS H 343 -27.40 -6.68 -21.56
N SER H 344 -27.16 -6.00 -20.44
CA SER H 344 -26.02 -6.30 -19.58
C SER H 344 -26.40 -7.32 -18.52
N PHE H 345 -25.52 -8.30 -18.31
CA PHE H 345 -25.73 -9.28 -17.25
C PHE H 345 -24.45 -10.07 -17.03
N ASN H 346 -24.19 -10.41 -15.77
CA ASN H 346 -23.10 -11.31 -15.42
C ASN H 346 -23.43 -12.72 -15.90
N CYS H 347 -22.41 -13.44 -16.38
CA CYS H 347 -22.59 -14.81 -16.88
C CYS H 347 -21.37 -15.64 -16.45
N GLY H 348 -21.42 -16.15 -15.23
CA GLY H 348 -20.41 -17.07 -14.72
C GLY H 348 -19.24 -16.43 -14.01
N GLY H 349 -19.25 -15.11 -13.83
CA GLY H 349 -18.12 -14.37 -13.31
C GLY H 349 -17.59 -13.36 -14.29
N GLU H 350 -17.91 -13.53 -15.57
CA GLU H 350 -17.64 -12.55 -16.60
C GLU H 350 -18.95 -11.82 -16.91
N PHE H 351 -18.90 -10.90 -17.87
CA PHE H 351 -20.01 -9.99 -18.12
C PHE H 351 -20.31 -9.93 -19.61
N PHE H 352 -21.59 -10.04 -19.95
CA PHE H 352 -22.05 -10.10 -21.33
C PHE H 352 -22.92 -8.89 -21.66
N TYR H 353 -22.88 -8.49 -22.93
CA TYR H 353 -23.70 -7.40 -23.47
C TYR H 353 -24.13 -7.84 -24.87
N CYS H 354 -25.44 -8.12 -25.04
CA CYS H 354 -25.91 -8.96 -26.14
C CYS H 354 -26.65 -8.20 -27.24
N ASN H 355 -26.35 -6.91 -27.43
CA ASN H 355 -26.77 -6.13 -28.59
C ASN H 355 -28.27 -6.27 -28.86
N THR H 356 -29.09 -5.50 -28.13
CA THR H 356 -30.54 -5.72 -28.12
C THR H 356 -31.17 -5.29 -29.42
N SER H 357 -30.35 -4.96 -30.43
CA SER H 357 -30.90 -4.62 -31.75
C SER H 357 -31.62 -5.82 -32.36
N GLY H 358 -31.28 -7.04 -31.96
CA GLY H 358 -31.94 -8.23 -32.46
C GLY H 358 -33.18 -8.61 -31.70
N LEU H 359 -33.78 -7.65 -31.00
CA LEU H 359 -34.99 -7.91 -30.22
C LEU H 359 -36.08 -6.89 -30.50
N PHE H 360 -35.72 -5.63 -30.75
CA PHE H 360 -36.66 -4.53 -30.84
C PHE H 360 -36.73 -4.02 -32.28
N ASN H 361 -37.72 -4.49 -33.02
CA ASN H 361 -37.91 -4.20 -34.44
C ASN H 361 -39.14 -4.96 -34.95
N SER H 362 -40.25 -4.26 -35.12
CA SER H 362 -41.48 -4.96 -35.49
C SER H 362 -42.53 -4.00 -36.01
N THR H 363 -43.50 -4.59 -36.73
CA THR H 363 -44.78 -3.98 -37.07
C THR H 363 -45.68 -5.05 -37.68
N TRP H 364 -46.89 -5.20 -37.16
CA TRP H 364 -47.83 -6.23 -37.61
C TRP H 364 -49.13 -5.58 -38.05
N ILE H 365 -50.05 -6.40 -38.57
CA ILE H 365 -51.18 -5.92 -39.35
C ILE H 365 -52.50 -6.22 -38.63
N SER H 366 -53.59 -5.72 -39.21
CA SER H 366 -54.87 -5.65 -38.52
C SER H 366 -55.69 -6.94 -38.63
N ASN H 367 -55.37 -7.82 -39.56
CA ASN H 367 -56.07 -9.09 -39.67
C ASN H 367 -55.10 -10.22 -39.98
N ASN H 379 -39.09 -25.29 -36.58
CA ASN H 379 -38.62 -24.70 -35.34
C ASN H 379 -37.25 -24.05 -35.52
N ASP H 380 -37.13 -22.80 -35.06
CA ASP H 380 -35.86 -22.09 -35.08
C ASP H 380 -35.82 -21.14 -33.90
N SER H 381 -34.66 -20.56 -33.67
CA SER H 381 -34.43 -19.72 -32.50
C SER H 381 -33.66 -18.47 -32.89
N ILE H 382 -34.21 -17.31 -32.55
CA ILE H 382 -33.42 -16.10 -32.59
C ILE H 382 -32.32 -16.20 -31.54
N THR H 383 -31.19 -15.55 -31.80
CA THR H 383 -30.08 -15.58 -30.86
C THR H 383 -29.36 -14.24 -30.92
N LEU H 384 -28.62 -13.94 -29.86
CA LEU H 384 -28.12 -12.58 -29.72
C LEU H 384 -26.60 -12.55 -29.62
N PRO H 385 -25.97 -11.59 -30.29
CA PRO H 385 -24.50 -11.49 -30.26
C PRO H 385 -24.03 -10.74 -29.01
N CYS H 386 -23.19 -11.37 -28.20
CA CYS H 386 -22.83 -10.83 -26.89
C CYS H 386 -21.35 -10.51 -26.83
N ARG H 387 -21.02 -9.34 -26.28
CA ARG H 387 -19.63 -8.94 -26.05
C ARG H 387 -19.24 -9.27 -24.61
N ILE H 388 -17.94 -9.17 -24.34
CA ILE H 388 -17.38 -9.52 -23.04
C ILE H 388 -16.57 -8.35 -22.51
N LYS H 389 -16.81 -7.98 -21.25
CA LYS H 389 -16.10 -6.88 -20.60
C LYS H 389 -15.59 -7.36 -19.25
N GLN H 390 -14.28 -7.27 -19.04
CA GLN H 390 -13.63 -7.67 -17.80
C GLN H 390 -13.21 -6.48 -16.95
N ILE H 391 -12.43 -5.55 -17.50
CA ILE H 391 -12.12 -4.31 -16.81
C ILE H 391 -13.39 -3.50 -16.68
N ILE H 392 -13.80 -3.22 -15.44
CA ILE H 392 -14.97 -2.39 -15.18
C ILE H 392 -14.64 -1.36 -14.12
N ASN H 393 -15.11 -0.14 -14.33
CA ASN H 393 -15.14 0.92 -13.33
C ASN H 393 -16.56 1.09 -12.78
N MET H 394 -17.27 -0.02 -12.65
CA MET H 394 -18.67 0.02 -12.26
C MET H 394 -18.82 0.64 -10.88
N TRP H 395 -20.03 1.16 -10.62
CA TRP H 395 -20.39 1.98 -9.47
C TRP H 395 -19.69 3.34 -9.51
N GLN H 396 -19.10 3.70 -10.66
CA GLN H 396 -18.35 4.95 -10.87
C GLN H 396 -17.61 5.41 -9.63
N ARG H 397 -17.08 4.47 -8.85
CA ARG H 397 -16.29 4.78 -7.66
C ARG H 397 -14.83 5.00 -8.09
N ILE H 398 -14.62 6.15 -8.74
CA ILE H 398 -13.31 6.51 -9.26
C ILE H 398 -12.34 6.62 -8.09
N GLY H 399 -11.40 5.68 -8.03
CA GLY H 399 -10.58 5.48 -6.86
C GLY H 399 -10.53 4.00 -6.53
N GLN H 400 -11.53 3.26 -7.01
CA GLN H 400 -11.62 1.82 -6.80
C GLN H 400 -12.33 1.21 -8.02
N ALA H 401 -11.53 0.79 -9.00
CA ALA H 401 -11.97 -0.06 -10.09
C ALA H 401 -11.31 -1.43 -9.93
N MET H 402 -11.69 -2.37 -10.79
CA MET H 402 -11.33 -3.76 -10.54
C MET H 402 -11.14 -4.51 -11.85
N TYR H 403 -10.65 -5.74 -11.73
CA TYR H 403 -10.57 -6.71 -12.80
C TYR H 403 -11.39 -7.94 -12.42
N ALA H 404 -12.23 -8.40 -13.34
CA ALA H 404 -13.03 -9.60 -13.12
C ALA H 404 -12.20 -10.84 -13.43
N PRO H 405 -12.01 -11.75 -12.47
CA PRO H 405 -11.13 -12.89 -12.72
C PRO H 405 -11.68 -13.80 -13.81
N PRO H 406 -10.82 -14.50 -14.54
CA PRO H 406 -11.29 -15.36 -15.63
C PRO H 406 -11.90 -16.65 -15.11
N ILE H 407 -12.79 -17.22 -15.92
CA ILE H 407 -13.61 -18.35 -15.52
C ILE H 407 -13.20 -19.57 -16.35
N GLN H 408 -12.80 -20.63 -15.67
CA GLN H 408 -12.48 -21.90 -16.31
C GLN H 408 -13.74 -22.76 -16.36
N GLY H 409 -14.32 -22.89 -17.55
CA GLY H 409 -15.55 -23.65 -17.71
C GLY H 409 -16.56 -22.91 -18.55
N VAL H 410 -17.10 -23.56 -19.58
CA VAL H 410 -18.07 -22.94 -20.46
C VAL H 410 -19.34 -22.63 -19.69
N ILE H 411 -19.88 -21.44 -19.88
CA ILE H 411 -20.92 -20.91 -19.01
C ILE H 411 -22.28 -20.86 -19.70
N ARG H 412 -22.95 -22.01 -19.80
CA ARG H 412 -24.36 -22.02 -20.11
C ARG H 412 -25.14 -21.45 -18.91
N CYS H 413 -26.08 -20.56 -19.20
CA CYS H 413 -26.86 -19.89 -18.15
C CYS H 413 -28.28 -19.67 -18.64
N VAL H 414 -29.23 -20.39 -18.05
CA VAL H 414 -30.66 -20.17 -18.27
C VAL H 414 -31.20 -19.36 -17.10
N SER H 415 -32.20 -18.53 -17.40
CA SER H 415 -32.82 -17.70 -16.37
C SER H 415 -34.16 -17.21 -16.90
N ASN H 416 -35.00 -16.76 -15.98
CA ASN H 416 -36.32 -16.25 -16.33
C ASN H 416 -36.19 -14.79 -16.75
N ILE H 417 -36.34 -14.52 -18.04
CA ILE H 417 -36.44 -13.14 -18.50
C ILE H 417 -37.67 -12.53 -17.84
N THR H 418 -37.45 -11.64 -16.87
CA THR H 418 -38.51 -11.22 -15.95
C THR H 418 -38.98 -9.77 -16.17
N GLY H 419 -38.11 -8.86 -16.58
CA GLY H 419 -38.45 -7.46 -16.68
C GLY H 419 -38.06 -6.77 -17.97
N LEU H 420 -38.06 -5.45 -17.95
CA LEU H 420 -37.72 -4.62 -19.11
C LEU H 420 -37.70 -3.17 -18.66
N ILE H 421 -36.77 -2.40 -19.21
CA ILE H 421 -36.63 -0.99 -18.92
C ILE H 421 -36.59 -0.25 -20.25
N LEU H 422 -37.44 0.77 -20.40
CA LEU H 422 -37.58 1.47 -21.67
C LEU H 422 -38.10 2.88 -21.44
N THR H 423 -38.11 3.67 -22.52
CA THR H 423 -38.60 5.04 -22.51
C THR H 423 -39.47 5.31 -23.74
N ARG H 424 -39.45 6.54 -24.25
CA ARG H 424 -40.31 6.93 -25.36
C ARG H 424 -39.76 8.21 -25.98
N ASP H 425 -40.12 8.44 -27.25
CA ASP H 425 -39.66 9.61 -27.99
C ASP H 425 -40.37 10.86 -27.48
N GLY H 426 -40.29 11.94 -28.27
CA GLY H 426 -40.87 13.21 -27.88
C GLY H 426 -42.10 13.62 -28.67
N GLY H 427 -42.18 14.89 -29.02
CA GLY H 427 -43.36 15.44 -29.67
C GLY H 427 -43.63 14.90 -31.05
N SER H 428 -42.81 15.27 -32.04
CA SER H 428 -42.93 14.81 -33.41
C SER H 428 -44.27 15.18 -34.02
N THR H 429 -44.69 14.46 -35.06
CA THR H 429 -46.00 14.66 -35.65
C THR H 429 -47.04 13.89 -34.83
N ASN H 430 -48.12 14.58 -34.44
CA ASN H 430 -49.03 14.07 -33.44
C ASN H 430 -50.09 13.15 -34.05
N SER H 431 -50.69 12.33 -33.18
CA SER H 431 -51.81 11.45 -33.51
C SER H 431 -51.45 10.41 -34.57
N THR H 432 -50.84 10.86 -35.67
CA THR H 432 -50.52 9.95 -36.77
C THR H 432 -49.68 8.76 -36.30
N THR H 433 -48.79 8.98 -35.32
CA THR H 433 -48.01 7.91 -34.69
C THR H 433 -47.25 8.51 -33.51
N GLU H 434 -46.45 7.66 -32.87
CA GLU H 434 -45.53 7.94 -31.78
C GLU H 434 -44.78 6.65 -31.47
N THR H 435 -43.50 6.79 -31.17
CA THR H 435 -42.54 5.69 -31.15
C THR H 435 -42.03 5.41 -29.73
N PHE H 436 -41.41 4.25 -29.58
CA PHE H 436 -40.99 3.72 -28.28
C PHE H 436 -39.70 2.93 -28.47
N ARG H 437 -38.89 2.89 -27.42
CA ARG H 437 -37.57 2.28 -27.49
C ARG H 437 -37.05 2.04 -26.08
N PRO H 438 -36.16 1.08 -25.88
CA PRO H 438 -35.61 0.83 -24.54
C PRO H 438 -34.54 1.84 -24.16
N GLY H 439 -34.17 1.82 -22.88
CA GLY H 439 -33.15 2.71 -22.38
C GLY H 439 -33.13 2.85 -20.86
N GLY H 440 -33.03 4.08 -20.38
CA GLY H 440 -32.99 4.35 -18.96
C GLY H 440 -31.75 3.80 -18.28
N GLY H 441 -31.69 2.49 -18.12
CA GLY H 441 -30.54 1.82 -17.53
C GLY H 441 -30.43 1.79 -16.01
N ASP H 442 -30.59 2.95 -15.38
CA ASP H 442 -30.41 3.12 -13.93
C ASP H 442 -31.04 1.97 -13.15
N MET H 443 -30.20 1.28 -12.36
CA MET H 443 -30.55 -0.01 -11.78
C MET H 443 -31.56 0.09 -10.64
N ARG H 444 -31.91 1.29 -10.19
CA ARG H 444 -32.88 1.41 -9.11
C ARG H 444 -34.26 0.91 -9.53
N ASP H 445 -34.55 0.91 -10.84
CA ASP H 445 -35.78 0.30 -11.32
C ASP H 445 -35.70 -1.21 -11.26
N ASN H 446 -34.63 -1.78 -11.82
CA ASN H 446 -34.44 -3.23 -11.77
C ASN H 446 -34.47 -3.74 -10.33
N TRP H 447 -33.89 -2.98 -9.40
CA TRP H 447 -34.02 -3.33 -8.00
C TRP H 447 -35.46 -3.17 -7.51
N ARG H 448 -36.17 -2.15 -8.02
CA ARG H 448 -37.53 -1.89 -7.57
C ARG H 448 -38.50 -2.96 -8.05
N SER H 449 -38.21 -3.59 -9.19
CA SER H 449 -39.05 -4.67 -9.68
C SER H 449 -39.18 -5.82 -8.70
N GLU H 450 -38.35 -5.84 -7.65
CA GLU H 450 -38.41 -6.86 -6.61
C GLU H 450 -38.96 -6.33 -5.30
N LEU H 451 -39.27 -5.04 -5.21
CA LEU H 451 -39.72 -4.42 -3.98
C LEU H 451 -40.94 -3.53 -4.19
N TYR H 452 -41.62 -3.68 -5.32
CA TYR H 452 -42.73 -2.79 -5.67
C TYR H 452 -43.90 -2.90 -4.71
N LYS H 453 -44.04 -4.00 -3.99
CA LYS H 453 -45.23 -4.26 -3.19
C LYS H 453 -44.98 -4.15 -1.69
N TYR H 454 -43.91 -3.46 -1.27
CA TYR H 454 -43.51 -3.42 0.12
C TYR H 454 -43.47 -1.99 0.64
N LYS H 455 -43.69 -1.86 1.96
CA LYS H 455 -43.68 -0.56 2.63
C LYS H 455 -43.36 -0.78 4.10
N VAL H 456 -42.42 0.01 4.62
CA VAL H 456 -41.96 -0.09 6.00
C VAL H 456 -42.81 0.81 6.89
N VAL H 457 -43.18 0.30 8.07
CA VAL H 457 -43.97 1.02 9.05
C VAL H 457 -43.39 0.77 10.44
N LYS H 458 -43.83 1.59 11.40
CA LYS H 458 -43.44 1.45 12.79
C LYS H 458 -44.69 1.28 13.65
N ILE H 459 -44.60 0.42 14.65
CA ILE H 459 -45.74 0.08 15.50
C ILE H 459 -45.77 1.01 16.71
N GLU H 460 -46.96 1.56 16.99
CA GLU H 460 -47.19 2.42 18.16
C GLU H 460 -48.16 1.69 19.08
N PRO H 461 -47.66 0.78 19.92
CA PRO H 461 -48.55 -0.15 20.63
C PRO H 461 -49.34 0.47 21.76
N LEU H 462 -49.18 1.75 22.05
CA LEU H 462 -49.92 2.40 23.14
C LEU H 462 -51.23 2.97 22.62
N GLY H 463 -52.32 2.65 23.30
CA GLY H 463 -53.63 3.13 22.91
C GLY H 463 -54.41 3.61 24.13
N VAL H 464 -55.27 4.61 23.89
CA VAL H 464 -56.00 5.28 24.95
C VAL H 464 -57.47 5.41 24.54
N ALA H 465 -58.31 5.61 25.55
CA ALA H 465 -59.75 5.75 25.35
C ALA H 465 -60.37 6.22 26.67
N PRO H 466 -61.53 6.89 26.62
CA PRO H 466 -62.22 7.28 27.84
C PRO H 466 -63.35 6.32 28.24
N THR H 467 -63.08 5.42 29.18
CA THR H 467 -64.12 4.59 29.76
C THR H 467 -64.57 5.21 31.09
N ARG H 468 -65.45 4.51 31.80
CA ARG H 468 -65.93 4.94 33.10
C ARG H 468 -65.05 4.45 34.25
N CYS H 469 -63.86 3.94 33.94
CA CYS H 469 -63.04 3.22 34.91
C CYS H 469 -62.16 4.18 35.71
N LYS H 470 -62.17 4.03 37.03
CA LYS H 470 -61.27 4.74 37.92
C LYS H 470 -60.52 3.74 38.79
N ARG H 471 -59.27 4.08 39.12
CA ARG H 471 -58.48 3.28 40.05
C ARG H 471 -58.76 3.71 41.48
N ARG H 472 -57.80 3.50 42.37
CA ARG H 472 -57.82 4.07 43.70
C ARG H 472 -57.06 5.39 43.70
N VAL H 473 -57.24 6.16 44.77
CA VAL H 473 -56.58 7.46 44.88
C VAL H 473 -55.34 7.34 45.76
N GLU I 1 -18.07 29.09 -8.18
CA GLU I 1 -18.95 29.10 -9.33
C GLU I 1 -18.63 27.96 -10.30
N VAL I 2 -19.64 27.51 -11.04
CA VAL I 2 -19.48 26.45 -12.02
C VAL I 2 -19.87 27.01 -13.39
N GLN I 3 -19.29 26.43 -14.44
CA GLN I 3 -19.44 26.96 -15.78
C GLN I 3 -19.69 25.84 -16.78
N LEU I 4 -20.25 26.25 -17.92
CA LEU I 4 -20.38 25.40 -19.10
C LEU I 4 -19.65 26.09 -20.24
N VAL I 5 -18.57 25.48 -20.72
CA VAL I 5 -17.65 26.10 -21.68
C VAL I 5 -17.67 25.30 -22.97
N GLU I 6 -17.93 26.00 -24.08
CA GLU I 6 -17.96 25.42 -25.41
C GLU I 6 -16.70 25.80 -26.18
N SER I 7 -16.55 25.22 -27.37
CA SER I 7 -15.39 25.42 -28.22
C SER I 7 -15.57 26.67 -29.07
N GLY I 8 -14.67 26.87 -30.05
CA GLY I 8 -14.73 28.02 -30.91
C GLY I 8 -15.65 27.84 -32.09
N ALA I 9 -15.28 28.45 -33.21
CA ALA I 9 -16.10 28.50 -34.40
C ALA I 9 -15.53 27.59 -35.48
N GLN I 10 -16.43 27.00 -36.28
CA GLN I 10 -16.07 26.12 -37.38
C GLN I 10 -17.01 26.35 -38.54
N VAL I 11 -16.46 26.53 -39.74
CA VAL I 11 -17.23 26.75 -40.96
C VAL I 11 -17.06 25.54 -41.86
N LYS I 12 -18.16 25.10 -42.48
CA LYS I 12 -18.19 23.87 -43.25
C LYS I 12 -18.89 24.09 -44.58
N LYS I 13 -18.89 23.05 -45.40
CA LYS I 13 -19.55 22.96 -46.69
C LYS I 13 -20.74 22.01 -46.62
N PRO I 14 -21.63 22.03 -47.62
CA PRO I 14 -22.78 21.14 -47.58
C PRO I 14 -22.39 19.67 -47.74
N GLY I 15 -23.12 18.80 -47.03
CA GLY I 15 -22.82 17.39 -47.02
C GLY I 15 -21.80 17.04 -45.96
N ALA I 16 -21.99 17.55 -44.75
CA ALA I 16 -20.97 17.46 -43.71
C ALA I 16 -21.63 17.18 -42.37
N SER I 17 -20.83 17.31 -41.31
CA SER I 17 -21.21 17.13 -39.92
C SER I 17 -20.07 17.70 -39.07
N VAL I 18 -20.41 18.23 -37.91
CA VAL I 18 -19.51 19.11 -37.17
C VAL I 18 -19.34 18.60 -35.74
N THR I 19 -18.11 18.70 -35.23
CA THR I 19 -17.78 18.40 -33.84
C THR I 19 -17.98 19.66 -33.01
N VAL I 20 -18.96 19.63 -32.10
CA VAL I 20 -19.25 20.74 -31.21
C VAL I 20 -19.39 20.17 -29.80
N SER I 21 -18.69 20.77 -28.84
CA SER I 21 -18.59 20.23 -27.49
C SER I 21 -18.92 21.29 -26.46
N CYS I 22 -18.96 20.85 -25.20
CA CYS I 22 -19.26 21.73 -24.07
C CYS I 22 -18.83 21.00 -22.80
N THR I 23 -17.65 21.33 -22.30
CA THR I 23 -17.11 20.70 -21.11
C THR I 23 -17.69 21.35 -19.85
N ALA I 24 -17.49 20.69 -18.72
CA ALA I 24 -18.03 21.15 -17.45
C ALA I 24 -17.02 20.89 -16.33
N SER I 25 -17.13 21.70 -15.29
CA SER I 25 -16.28 21.55 -14.11
C SER I 25 -16.96 22.25 -12.93
N GLY I 26 -16.35 22.13 -11.76
CA GLY I 26 -16.88 22.72 -10.56
C GLY I 26 -17.89 21.87 -9.81
N TYR I 27 -18.31 20.74 -10.37
CA TYR I 27 -19.25 19.85 -9.70
C TYR I 27 -18.96 18.42 -10.11
N LYS I 28 -19.71 17.49 -9.53
CA LYS I 28 -19.60 16.07 -9.85
C LYS I 28 -20.42 15.79 -11.11
N PHE I 29 -19.74 15.81 -12.25
CA PHE I 29 -20.25 15.58 -13.59
C PHE I 29 -21.42 14.62 -13.67
N THR I 30 -21.36 13.52 -12.90
CA THR I 30 -22.21 12.36 -13.15
C THR I 30 -23.71 12.65 -12.99
N GLY I 31 -24.10 13.76 -12.39
CA GLY I 31 -25.51 13.90 -12.06
C GLY I 31 -26.25 15.04 -12.72
N TYR I 32 -25.75 15.54 -13.85
CA TYR I 32 -26.32 16.73 -14.51
C TYR I 32 -26.82 16.36 -15.90
N HIS I 33 -28.14 16.32 -16.07
CA HIS I 33 -28.71 16.25 -17.41
C HIS I 33 -28.25 17.45 -18.23
N MET I 34 -28.12 17.23 -19.53
CA MET I 34 -27.62 18.28 -20.42
C MET I 34 -28.35 18.20 -21.76
N HIS I 35 -28.61 19.36 -22.35
CA HIS I 35 -29.31 19.48 -23.61
C HIS I 35 -28.44 20.19 -24.64
N TRP I 36 -28.67 19.86 -25.91
CA TRP I 36 -28.16 20.64 -27.03
C TRP I 36 -29.35 21.25 -27.75
N VAL I 37 -29.42 22.58 -27.74
CA VAL I 37 -30.48 23.34 -28.37
C VAL I 37 -29.83 24.38 -29.28
N ARG I 38 -30.48 24.67 -30.40
CA ARG I 38 -29.93 25.58 -31.40
C ARG I 38 -30.85 26.79 -31.58
N GLN I 39 -30.24 27.96 -31.71
CA GLN I 39 -30.96 29.22 -31.84
C GLN I 39 -30.63 29.86 -33.18
N ALA I 40 -31.66 30.39 -33.84
CA ALA I 40 -31.48 31.25 -35.00
C ALA I 40 -31.41 32.71 -34.54
N PRO I 41 -30.54 33.52 -35.17
CA PRO I 41 -30.25 34.86 -34.63
C PRO I 41 -31.49 35.73 -34.43
N GLY I 42 -31.84 35.98 -33.17
CA GLY I 42 -33.02 36.77 -32.87
C GLY I 42 -34.34 36.07 -33.08
N ARG I 43 -34.31 34.77 -33.39
CA ARG I 43 -35.53 34.01 -33.61
C ARG I 43 -35.89 33.22 -32.36
N GLY I 44 -35.89 31.89 -32.48
CA GLY I 44 -36.20 31.02 -31.37
C GLY I 44 -35.21 29.87 -31.30
N LEU I 45 -35.43 29.00 -30.32
CA LEU I 45 -34.56 27.86 -30.06
C LEU I 45 -35.29 26.56 -30.36
N GLU I 46 -34.61 25.66 -31.09
CA GLU I 46 -35.16 24.38 -31.50
C GLU I 46 -34.34 23.26 -30.87
N TRP I 47 -35.04 22.22 -30.41
CA TRP I 47 -34.43 21.15 -29.63
C TRP I 47 -34.04 19.98 -30.52
N MET I 48 -32.90 19.36 -30.21
CA MET I 48 -32.38 18.24 -30.98
C MET I 48 -32.08 17.01 -30.15
N GLY I 49 -31.85 17.14 -28.85
CA GLY I 49 -31.51 16.00 -28.04
C GLY I 49 -31.03 16.35 -26.65
N TRP I 50 -31.07 15.37 -25.75
CA TRP I 50 -30.61 15.54 -24.38
C TRP I 50 -29.87 14.28 -23.96
N ILE I 51 -29.10 14.39 -22.88
CA ILE I 51 -28.28 13.28 -22.42
C ILE I 51 -28.37 13.14 -20.90
N ASN I 52 -28.50 11.88 -20.45
CA ASN I 52 -28.30 11.52 -19.06
C ASN I 52 -26.86 11.01 -18.92
N PRO I 53 -25.97 11.76 -18.27
CA PRO I 53 -24.57 11.32 -18.19
C PRO I 53 -24.35 10.05 -17.39
N PHE I 54 -25.37 9.55 -16.68
CA PHE I 54 -25.27 8.28 -15.97
C PHE I 54 -25.53 7.17 -16.98
N ARG I 55 -24.45 6.73 -17.63
CA ARG I 55 -24.40 5.66 -18.62
C ARG I 55 -24.95 6.06 -19.99
N GLY I 56 -25.28 7.33 -20.20
CA GLY I 56 -25.32 7.88 -21.55
C GLY I 56 -26.64 7.86 -22.28
N ALA I 57 -27.76 7.80 -21.56
CA ALA I 57 -29.06 7.74 -22.22
C ALA I 57 -29.35 9.05 -22.95
N VAL I 58 -29.74 8.94 -24.23
CA VAL I 58 -30.03 10.08 -25.07
C VAL I 58 -31.32 9.85 -25.83
N LYS I 59 -31.90 10.95 -26.33
CA LYS I 59 -33.15 10.90 -27.08
C LYS I 59 -33.23 12.15 -27.97
N TYR I 60 -33.84 11.99 -29.14
CA TYR I 60 -33.97 13.08 -30.11
C TYR I 60 -35.43 13.27 -30.54
N PRO I 61 -35.73 14.25 -31.39
CA PRO I 61 -37.02 14.24 -32.09
C PRO I 61 -37.05 13.19 -33.20
N GLN I 62 -37.92 13.38 -34.19
CA GLN I 62 -38.01 12.44 -35.30
C GLN I 62 -37.51 13.01 -36.62
N ASN I 63 -37.26 14.31 -36.70
CA ASN I 63 -36.51 14.89 -37.80
C ASN I 63 -35.01 14.84 -37.54
N PHE I 64 -34.57 14.10 -36.52
CA PHE I 64 -33.19 14.06 -36.09
C PHE I 64 -32.65 12.68 -35.77
N ARG I 65 -33.47 11.73 -35.29
CA ARG I 65 -32.96 10.42 -34.89
C ARG I 65 -32.32 9.71 -36.08
N GLY I 66 -31.06 9.33 -35.93
CA GLY I 66 -30.30 8.81 -37.04
C GLY I 66 -29.26 9.84 -37.48
N ARG I 67 -29.71 11.08 -37.66
CA ARG I 67 -28.78 12.17 -37.92
C ARG I 67 -27.95 12.49 -36.68
N VAL I 68 -28.62 12.68 -35.54
CA VAL I 68 -27.94 13.08 -34.31
C VAL I 68 -27.44 11.84 -33.58
N SER I 69 -26.15 11.82 -33.29
CA SER I 69 -25.56 10.98 -32.25
C SER I 69 -24.86 11.88 -31.25
N MET I 70 -24.81 11.43 -30.01
CA MET I 70 -24.61 12.35 -28.90
C MET I 70 -24.10 11.59 -27.69
N THR I 71 -23.01 12.07 -27.09
CA THR I 71 -22.39 11.35 -25.98
C THR I 71 -21.55 12.31 -25.15
N ARG I 72 -20.80 11.75 -24.19
CA ARG I 72 -20.06 12.51 -23.20
C ARG I 72 -18.90 11.65 -22.70
N ASP I 73 -18.17 12.15 -21.71
CA ASP I 73 -17.16 11.38 -20.99
C ASP I 73 -17.18 11.79 -19.52
N THR I 74 -17.05 10.81 -18.63
CA THR I 74 -17.31 11.01 -17.20
C THR I 74 -16.07 11.17 -16.35
N SER I 75 -14.87 11.06 -16.93
CA SER I 75 -13.65 11.35 -16.17
C SER I 75 -12.80 12.37 -16.91
N MET I 76 -12.88 12.39 -18.24
CA MET I 76 -12.40 13.53 -19.01
C MET I 76 -13.32 14.73 -18.89
N GLU I 77 -14.57 14.52 -18.45
CA GLU I 77 -15.50 15.58 -18.05
C GLU I 77 -15.79 16.53 -19.22
N ILE I 78 -16.62 16.06 -20.13
CA ILE I 78 -16.98 16.83 -21.32
C ILE I 78 -18.22 16.21 -21.95
N PHE I 79 -19.03 17.07 -22.58
CA PHE I 79 -20.17 16.65 -23.40
C PHE I 79 -19.86 16.88 -24.87
N TYR I 80 -20.38 15.99 -25.72
CA TYR I 80 -20.25 16.07 -27.16
C TYR I 80 -21.63 16.07 -27.81
N MET I 81 -21.63 16.32 -29.12
CA MET I 81 -22.75 16.04 -30.01
C MET I 81 -22.35 16.38 -31.43
N GLU I 82 -22.87 15.61 -32.37
CA GLU I 82 -22.61 15.81 -33.81
C GLU I 82 -23.89 15.50 -34.57
N LEU I 83 -24.53 16.54 -35.08
CA LEU I 83 -25.64 16.37 -36.01
C LEU I 83 -25.07 16.06 -37.39
N SER I 84 -25.39 14.87 -37.92
CA SER I 84 -24.87 14.47 -39.21
C SER I 84 -25.86 14.82 -40.31
N ARG I 85 -25.39 14.73 -41.56
CA ARG I 85 -26.16 15.07 -42.75
C ARG I 85 -26.54 16.56 -42.74
N LEU I 86 -25.59 17.42 -43.06
CA LEU I 86 -25.79 18.86 -43.02
C LEU I 86 -26.24 19.38 -44.36
N THR I 87 -27.25 20.24 -44.36
CA THR I 87 -27.66 21.01 -45.51
C THR I 87 -27.44 22.49 -45.24
N SER I 88 -27.67 23.32 -46.26
CA SER I 88 -27.54 24.76 -46.08
C SER I 88 -28.66 25.34 -45.21
N ASP I 89 -29.58 24.52 -44.73
CA ASP I 89 -30.65 24.96 -43.84
C ASP I 89 -30.41 24.56 -42.39
N ASP I 90 -29.21 24.12 -42.05
CA ASP I 90 -28.91 23.61 -40.71
C ASP I 90 -27.93 24.50 -39.95
N THR I 91 -27.76 25.75 -40.39
CA THR I 91 -26.86 26.70 -39.74
C THR I 91 -27.54 27.26 -38.49
N ALA I 92 -26.81 27.29 -37.38
CA ALA I 92 -27.34 27.81 -36.12
C ALA I 92 -26.21 28.01 -35.13
N VAL I 93 -26.53 28.73 -34.05
CA VAL I 93 -25.68 28.84 -32.88
C VAL I 93 -26.19 27.83 -31.85
N TYR I 94 -25.38 26.82 -31.56
CA TYR I 94 -25.78 25.71 -30.73
C TYR I 94 -25.36 25.94 -29.29
N TYR I 95 -26.29 25.75 -28.35
CA TYR I 95 -26.08 26.01 -26.94
C TYR I 95 -26.20 24.71 -26.14
N CYS I 96 -25.21 24.44 -25.30
CA CYS I 96 -25.39 23.49 -24.22
C CYS I 96 -26.01 24.19 -23.02
N ALA I 97 -26.88 23.49 -22.31
CA ALA I 97 -27.56 24.05 -21.16
C ALA I 97 -28.03 22.91 -20.27
N ARG I 98 -27.97 23.15 -18.97
CA ARG I 98 -28.30 22.14 -17.97
C ARG I 98 -29.64 22.43 -17.34
N GLU I 99 -30.32 21.37 -16.92
CA GLU I 99 -31.65 21.47 -16.33
C GLU I 99 -31.57 22.06 -14.92
N MET I 100 -32.75 22.24 -14.31
CA MET I 100 -32.85 22.83 -12.99
C MET I 100 -32.84 21.78 -11.89
N PHE I 101 -33.59 20.69 -12.05
CA PHE I 101 -33.81 19.71 -10.99
C PHE I 101 -33.42 18.31 -11.49
N ASP I 102 -32.15 17.96 -11.35
CA ASP I 102 -31.69 16.60 -11.54
C ASP I 102 -31.30 16.02 -10.18
N SER I 103 -30.93 14.75 -10.18
CA SER I 103 -30.45 14.10 -8.97
C SER I 103 -29.68 12.84 -9.36
N SER I 104 -29.63 11.88 -8.43
CA SER I 104 -29.02 10.59 -8.69
C SER I 104 -29.98 9.42 -8.45
N ALA I 105 -31.24 9.70 -8.15
CA ALA I 105 -32.22 8.66 -7.88
C ALA I 105 -33.51 8.92 -8.64
N ASP I 106 -34.44 9.64 -8.04
CA ASP I 106 -35.65 10.04 -8.75
C ASP I 106 -35.30 11.14 -9.75
N TRP I 107 -36.31 11.58 -10.51
CA TRP I 107 -36.00 12.51 -11.58
C TRP I 107 -36.93 13.71 -11.62
N SER I 108 -37.69 13.84 -12.72
CA SER I 108 -38.29 15.11 -13.13
C SER I 108 -37.17 16.11 -13.40
N PRO I 109 -37.46 17.29 -13.97
CA PRO I 109 -38.60 17.69 -14.78
C PRO I 109 -38.10 17.95 -16.18
N TRP I 110 -38.27 19.19 -16.66
CA TRP I 110 -37.63 19.61 -17.90
C TRP I 110 -37.26 21.09 -17.88
N ARG I 111 -37.19 21.71 -16.70
CA ARG I 111 -37.29 23.15 -16.54
C ARG I 111 -35.93 23.79 -16.31
N GLY I 112 -35.93 25.13 -16.27
CA GLY I 112 -34.86 25.93 -15.72
C GLY I 112 -33.46 25.73 -16.26
N MET I 113 -33.06 26.58 -17.20
CA MET I 113 -31.70 26.58 -17.73
C MET I 113 -30.98 27.79 -17.16
N VAL I 114 -30.33 27.60 -16.02
CA VAL I 114 -29.61 28.68 -15.37
C VAL I 114 -28.25 28.90 -16.02
N ALA I 115 -27.43 27.86 -16.07
CA ALA I 115 -26.08 27.95 -16.58
C ALA I 115 -26.10 27.72 -18.10
N TRP I 116 -25.51 28.66 -18.83
CA TRP I 116 -25.49 28.62 -20.29
C TRP I 116 -24.07 28.74 -20.81
N GLY I 117 -23.78 28.01 -21.88
CA GLY I 117 -22.56 28.22 -22.61
C GLY I 117 -22.63 29.50 -23.44
N GLN I 118 -21.48 29.86 -24.03
CA GLN I 118 -21.42 31.11 -24.79
C GLN I 118 -22.00 30.97 -26.19
N GLY I 119 -22.18 29.74 -26.68
CA GLY I 119 -22.74 29.53 -28.00
C GLY I 119 -21.69 29.23 -29.06
N THR I 120 -21.83 28.11 -29.73
CA THR I 120 -20.90 27.69 -30.78
C THR I 120 -21.59 27.79 -32.13
N LEU I 121 -20.94 28.45 -33.09
CA LEU I 121 -21.52 28.75 -34.39
C LEU I 121 -21.06 27.71 -35.41
N VAL I 122 -22.01 27.24 -36.21
CA VAL I 122 -21.76 26.28 -37.28
C VAL I 122 -22.47 26.78 -38.54
N THR I 123 -21.72 26.90 -39.63
CA THR I 123 -22.22 27.46 -40.87
C THR I 123 -22.06 26.46 -42.02
N VAL I 124 -23.08 26.38 -42.87
CA VAL I 124 -23.08 25.47 -44.01
C VAL I 124 -23.51 26.24 -45.25
N SER I 125 -22.64 26.29 -46.26
CA SER I 125 -22.96 26.93 -47.53
C SER I 125 -22.19 26.30 -48.67
N SER J 2 -44.12 22.87 -34.94
CA SER J 2 -43.36 23.35 -33.80
C SER J 2 -43.78 22.63 -32.51
N ALA J 3 -43.68 23.33 -31.38
CA ALA J 3 -44.03 22.71 -30.11
C ALA J 3 -44.36 23.71 -29.00
N LEU J 4 -44.51 24.99 -29.33
CA LEU J 4 -44.88 25.96 -28.31
C LEU J 4 -45.45 27.19 -28.99
N THR J 5 -46.57 27.67 -28.47
CA THR J 5 -47.31 28.80 -29.07
C THR J 5 -46.73 30.10 -28.52
N GLN J 6 -45.75 30.66 -29.24
CA GLN J 6 -45.26 31.99 -28.95
C GLN J 6 -45.91 33.01 -29.89
N PRO J 7 -46.02 34.27 -29.48
CA PRO J 7 -46.62 35.28 -30.35
C PRO J 7 -45.71 35.69 -31.49
N ALA J 8 -46.33 36.28 -32.52
CA ALA J 8 -45.58 36.65 -33.73
C ALA J 8 -44.57 37.76 -33.43
N SER J 9 -45.03 38.85 -32.83
CA SER J 9 -44.15 39.98 -32.54
C SER J 9 -44.73 40.78 -31.38
N VAL J 10 -43.84 41.36 -30.57
CA VAL J 10 -44.22 42.11 -29.39
C VAL J 10 -43.55 43.48 -29.45
N SER J 11 -44.01 44.38 -28.57
CA SER J 11 -43.54 45.76 -28.63
C SER J 11 -43.72 46.44 -27.28
N GLY J 12 -42.84 47.39 -27.00
CA GLY J 12 -42.90 48.18 -25.79
C GLY J 12 -42.02 49.40 -25.91
N SER J 13 -42.27 50.38 -25.04
CA SER J 13 -41.58 51.65 -25.18
C SER J 13 -40.59 51.89 -24.04
N PRO J 14 -39.45 52.53 -24.32
CA PRO J 14 -38.50 52.87 -23.25
C PRO J 14 -39.12 53.85 -22.26
N GLY J 15 -39.19 53.41 -20.99
CA GLY J 15 -39.77 54.23 -19.94
C GLY J 15 -41.10 53.73 -19.41
N GLN J 16 -41.65 52.65 -19.96
CA GLN J 16 -42.93 52.12 -19.52
C GLN J 16 -42.79 50.69 -19.00
N SER J 17 -43.58 49.75 -19.54
CA SER J 17 -43.64 48.38 -19.01
C SER J 17 -44.29 47.47 -20.04
N ILE J 18 -44.23 46.16 -19.75
CA ILE J 18 -44.67 45.09 -20.65
C ILE J 18 -45.04 43.86 -19.81
N THR J 19 -45.63 42.87 -20.47
CA THR J 19 -46.02 41.58 -19.91
C THR J 19 -46.55 40.74 -21.07
N ILE J 20 -46.45 39.42 -20.90
CA ILE J 20 -46.67 38.44 -21.96
C ILE J 20 -47.53 37.30 -21.43
N SER J 21 -48.45 36.81 -22.25
CA SER J 21 -49.36 35.71 -21.95
C SER J 21 -48.84 34.40 -22.53
N CYS J 22 -48.90 33.33 -21.73
CA CYS J 22 -48.52 31.98 -22.14
C CYS J 22 -49.71 31.07 -21.84
N ALA J 23 -50.46 30.71 -22.88
CA ALA J 23 -51.71 29.98 -22.72
C ALA J 23 -51.61 28.59 -23.34
N GLY J 24 -52.34 27.64 -22.75
CA GLY J 24 -52.36 26.27 -23.22
C GLY J 24 -53.58 25.50 -22.76
N SER J 25 -53.39 24.25 -22.36
CA SER J 25 -54.47 23.39 -21.90
C SER J 25 -54.26 23.04 -20.43
N SER J 26 -55.25 22.35 -19.86
CA SER J 26 -55.17 21.91 -18.47
C SER J 26 -54.23 20.73 -18.28
N ARG J 27 -53.71 20.16 -19.37
CA ARG J 27 -52.80 19.01 -19.29
C ARG J 27 -51.34 19.42 -19.24
N ASP J 28 -51.02 20.69 -19.51
CA ASP J 28 -49.64 21.14 -19.64
C ASP J 28 -49.24 22.16 -18.59
N VAL J 29 -50.08 23.17 -18.35
CA VAL J 29 -49.77 24.22 -17.37
C VAL J 29 -50.64 24.09 -16.13
N GLY J 30 -51.90 23.69 -16.31
CA GLY J 30 -52.83 23.68 -15.19
C GLY J 30 -52.42 22.72 -14.08
N GLY J 31 -51.93 21.53 -14.46
CA GLY J 31 -51.66 20.48 -13.51
C GLY J 31 -50.21 20.25 -13.15
N PHE J 32 -49.28 21.05 -13.64
CA PHE J 32 -47.87 20.82 -13.41
C PHE J 32 -47.16 22.15 -13.17
N ASP J 33 -46.65 22.32 -11.95
CA ASP J 33 -46.03 23.55 -11.46
C ASP J 33 -44.69 23.85 -12.12
N LEU J 34 -44.58 23.62 -13.43
CA LEU J 34 -43.28 23.62 -14.11
C LEU J 34 -43.35 24.56 -15.31
N VAL J 35 -43.16 25.86 -15.05
CA VAL J 35 -43.16 26.90 -16.07
C VAL J 35 -41.98 27.82 -15.77
N SER J 36 -41.08 27.99 -16.75
CA SER J 36 -39.88 28.79 -16.57
C SER J 36 -39.75 29.79 -17.71
N TRP J 37 -39.10 30.93 -17.41
CA TRP J 37 -39.06 32.08 -18.31
C TRP J 37 -37.62 32.56 -18.48
N TYR J 38 -37.39 33.28 -19.58
CA TYR J 38 -36.04 33.62 -19.99
C TYR J 38 -36.01 35.02 -20.61
N GLN J 39 -34.79 35.58 -20.66
CA GLN J 39 -34.50 36.85 -21.32
C GLN J 39 -33.11 36.77 -21.90
N GLN J 40 -32.94 37.21 -23.14
CA GLN J 40 -31.65 37.09 -23.82
C GLN J 40 -31.51 38.23 -24.82
N HIS J 41 -30.43 39.00 -24.68
CA HIS J 41 -30.07 39.99 -25.70
C HIS J 41 -29.86 39.27 -27.03
N PRO J 42 -30.15 39.94 -28.15
CA PRO J 42 -30.04 39.27 -29.45
C PRO J 42 -28.66 38.69 -29.71
N GLY J 43 -28.47 37.42 -29.33
CA GLY J 43 -27.24 36.70 -29.60
C GLY J 43 -26.33 36.49 -28.41
N LYS J 44 -26.78 36.80 -27.19
CA LYS J 44 -25.92 36.74 -26.02
C LYS J 44 -26.19 35.46 -25.22
N ALA J 45 -25.40 35.27 -24.18
CA ALA J 45 -25.61 34.13 -23.28
C ALA J 45 -26.84 34.38 -22.42
N PRO J 46 -27.80 33.46 -22.40
CA PRO J 46 -29.00 33.63 -21.58
C PRO J 46 -28.70 33.34 -20.10
N LYS J 47 -29.75 33.45 -19.30
CA LYS J 47 -29.71 33.15 -17.87
C LYS J 47 -31.14 33.05 -17.38
N LEU J 48 -31.40 32.08 -16.51
CA LEU J 48 -32.76 31.80 -16.10
C LEU J 48 -33.37 32.97 -15.34
N ILE J 49 -34.52 33.44 -15.82
CA ILE J 49 -35.23 34.52 -15.16
C ILE J 49 -36.10 33.99 -14.03
N ILE J 50 -36.96 33.02 -14.35
CA ILE J 50 -37.96 32.51 -13.40
C ILE J 50 -38.10 31.01 -13.63
N TYR J 51 -38.28 30.26 -12.54
CA TYR J 51 -38.59 28.83 -12.62
C TYR J 51 -39.68 28.50 -11.61
N GLU J 52 -40.26 27.32 -11.77
CA GLU J 52 -41.36 26.81 -10.94
C GLU J 52 -42.42 27.89 -10.75
N VAL J 53 -42.98 28.33 -11.89
CA VAL J 53 -44.07 29.31 -11.95
C VAL J 53 -43.58 30.70 -11.59
N ASN J 54 -42.94 30.85 -10.42
CA ASN J 54 -42.49 32.17 -10.00
C ASN J 54 -41.36 32.11 -8.99
N LYS J 55 -40.17 31.72 -9.43
CA LYS J 55 -38.98 31.77 -8.57
C LYS J 55 -37.77 32.08 -9.45
N ARG J 56 -36.94 33.04 -8.99
CA ARG J 56 -35.76 33.45 -9.72
C ARG J 56 -34.49 32.91 -9.07
N PRO J 57 -33.44 32.71 -9.85
CA PRO J 57 -32.14 32.40 -9.25
C PRO J 57 -31.56 33.61 -8.52
N SER J 58 -30.76 33.32 -7.49
CA SER J 58 -30.13 34.37 -6.70
C SER J 58 -29.07 35.07 -7.54
N GLY J 59 -29.41 36.25 -8.05
CA GLY J 59 -28.53 36.97 -8.96
C GLY J 59 -29.36 37.60 -10.06
N ILE J 60 -30.62 37.20 -10.15
CA ILE J 60 -31.58 37.76 -11.10
C ILE J 60 -32.30 38.92 -10.43
N SER J 61 -32.66 39.92 -11.22
CA SER J 61 -33.24 41.14 -10.68
C SER J 61 -34.64 40.88 -10.11
N SER J 62 -34.96 41.60 -9.04
CA SER J 62 -36.29 41.53 -8.44
C SER J 62 -37.36 42.20 -9.32
N ARG J 63 -36.95 42.90 -10.37
CA ARG J 63 -37.90 43.48 -11.32
C ARG J 63 -38.64 42.41 -12.12
N PHE J 64 -38.18 41.17 -12.08
CA PHE J 64 -38.81 40.05 -12.76
C PHE J 64 -39.69 39.26 -11.80
N SER J 65 -40.83 38.80 -12.29
CA SER J 65 -41.75 37.96 -11.54
C SER J 65 -42.85 37.49 -12.49
N ALA J 66 -43.20 36.21 -12.40
CA ALA J 66 -44.11 35.56 -13.33
C ALA J 66 -45.30 34.97 -12.56
N SER J 67 -46.17 34.25 -13.28
CA SER J 67 -47.44 33.79 -12.73
C SER J 67 -47.90 32.54 -13.47
N LYS J 68 -48.99 31.95 -12.96
CA LYS J 68 -49.67 30.82 -13.59
C LYS J 68 -51.13 30.90 -13.17
N SER J 69 -51.99 31.35 -14.09
CA SER J 69 -53.42 31.44 -13.85
C SER J 69 -54.11 30.38 -14.72
N GLY J 70 -54.32 29.20 -14.13
CA GLY J 70 -54.97 28.13 -14.86
C GLY J 70 -54.16 27.73 -16.06
N ASN J 71 -54.74 27.88 -17.25
CA ASN J 71 -54.07 27.57 -18.50
C ASN J 71 -53.48 28.80 -19.18
N THR J 72 -53.32 29.90 -18.44
CA THR J 72 -52.78 31.15 -18.99
C THR J 72 -51.78 31.71 -17.98
N ALA J 73 -50.50 31.47 -18.23
CA ALA J 73 -49.42 31.97 -17.39
C ALA J 73 -48.85 33.25 -17.99
N SER J 74 -48.07 33.97 -17.17
CA SER J 74 -47.60 35.28 -17.61
C SER J 74 -46.37 35.69 -16.79
N LEU J 75 -45.52 36.50 -17.43
CA LEU J 75 -44.40 37.18 -16.81
C LEU J 75 -44.59 38.68 -16.98
N THR J 76 -44.23 39.46 -15.97
CA THR J 76 -44.52 40.89 -15.94
C THR J 76 -43.26 41.68 -15.59
N ILE J 77 -43.01 42.74 -16.35
CA ILE J 77 -41.87 43.63 -16.13
C ILE J 77 -42.41 45.06 -16.04
N SER J 78 -42.01 45.78 -15.00
CA SER J 78 -42.45 47.15 -14.75
C SER J 78 -41.26 48.07 -14.66
N GLY J 79 -41.38 49.25 -15.27
CA GLY J 79 -40.29 50.21 -15.28
C GLY J 79 -39.19 49.83 -16.25
N LEU J 80 -39.51 49.83 -17.54
CA LEU J 80 -38.58 49.32 -18.55
C LEU J 80 -37.33 50.18 -18.63
N GLN J 81 -36.17 49.53 -18.63
CA GLN J 81 -34.89 50.13 -18.95
C GLN J 81 -34.32 49.44 -20.17
N GLU J 82 -33.18 49.93 -20.67
CA GLU J 82 -32.52 49.24 -21.77
C GLU J 82 -31.95 47.89 -21.35
N GLU J 83 -31.96 47.59 -20.05
CA GLU J 83 -31.68 46.23 -19.58
C GLU J 83 -32.64 45.21 -20.19
N ASP J 84 -33.76 45.67 -20.73
CA ASP J 84 -34.83 44.79 -21.20
C ASP J 84 -35.01 44.86 -22.72
N GLU J 85 -34.09 45.48 -23.44
CA GLU J 85 -34.11 45.48 -24.91
C GLU J 85 -33.52 44.17 -25.40
N ALA J 86 -34.28 43.09 -25.16
CA ALA J 86 -33.84 41.75 -25.46
C ALA J 86 -35.01 40.95 -26.02
N HIS J 87 -34.71 39.81 -26.62
CA HIS J 87 -35.75 38.90 -27.05
C HIS J 87 -36.22 38.06 -25.87
N TYR J 88 -37.48 37.63 -25.92
CA TYR J 88 -38.12 37.00 -24.79
C TYR J 88 -38.69 35.64 -25.18
N TYR J 89 -38.52 34.67 -24.29
CA TYR J 89 -38.94 33.30 -24.52
C TYR J 89 -39.70 32.78 -23.31
N CYS J 90 -40.39 31.66 -23.53
CA CYS J 90 -41.17 30.99 -22.51
C CYS J 90 -40.78 29.52 -22.50
N TYR J 91 -41.47 28.73 -21.67
CA TYR J 91 -41.20 27.31 -21.54
C TYR J 91 -42.33 26.67 -20.73
N SER J 92 -42.65 25.43 -21.08
CA SER J 92 -43.79 24.76 -20.45
C SER J 92 -43.53 23.26 -20.35
N TYR J 93 -44.21 22.64 -19.39
CA TYR J 93 -44.16 21.19 -19.23
C TYR J 93 -44.95 20.50 -20.33
N ALA J 94 -44.33 19.53 -20.99
CA ALA J 94 -44.99 18.83 -22.09
C ALA J 94 -44.27 17.54 -22.46
N ASP J 95 -44.70 16.42 -21.88
CA ASP J 95 -44.14 15.10 -22.15
C ASP J 95 -42.62 15.12 -22.13
N GLY J 96 -42.02 15.18 -23.31
CA GLY J 96 -40.59 15.38 -23.41
C GLY J 96 -40.25 16.83 -23.15
N VAL J 97 -40.42 17.69 -24.16
CA VAL J 97 -40.12 19.10 -24.02
C VAL J 97 -40.82 19.91 -25.10
N ALA J 98 -41.45 21.01 -24.70
CA ALA J 98 -42.00 21.98 -25.63
C ALA J 98 -40.96 23.06 -25.92
N PHE J 99 -40.87 23.46 -27.19
CA PHE J 99 -39.87 24.43 -27.62
C PHE J 99 -40.52 25.52 -28.44
N GLY J 100 -40.18 26.78 -28.13
CA GLY J 100 -40.84 27.90 -28.75
C GLY J 100 -40.29 28.24 -30.13
N GLY J 101 -41.07 29.05 -30.85
CA GLY J 101 -40.77 29.34 -32.24
C GLY J 101 -40.11 30.67 -32.51
N GLY J 102 -40.00 31.53 -31.49
CA GLY J 102 -39.27 32.78 -31.65
C GLY J 102 -40.14 34.00 -31.77
N THR J 103 -40.23 34.78 -30.69
CA THR J 103 -40.98 36.03 -30.66
C THR J 103 -40.03 37.19 -30.88
N LYS J 104 -40.23 37.93 -31.97
CA LYS J 104 -39.38 39.07 -32.29
C LYS J 104 -39.93 40.33 -31.64
N LEU J 105 -39.02 41.12 -31.06
CA LEU J 105 -39.36 42.36 -30.39
C LEU J 105 -39.21 43.50 -31.40
N THR J 106 -40.33 44.08 -31.80
CA THR J 106 -40.36 45.17 -32.76
C THR J 106 -41.08 46.38 -32.15
N VAL J 107 -41.42 47.34 -33.00
CA VAL J 107 -42.13 48.56 -32.61
C VAL J 107 -43.51 48.52 -33.25
N LEU J 108 -44.54 48.60 -32.41
CA LEU J 108 -45.92 48.57 -32.88
C LEU J 108 -46.41 49.97 -33.20
N GLY J 109 -47.23 50.09 -34.24
CA GLY J 109 -47.81 51.36 -34.61
C GLY J 109 -48.03 51.52 -36.10
N GLN J 110 -47.82 50.44 -36.85
CA GLN J 110 -48.00 50.49 -38.30
C GLN J 110 -48.83 49.31 -38.79
N VAL K 2 -21.19 -38.16 -55.78
CA VAL K 2 -21.96 -36.99 -56.17
C VAL K 2 -21.94 -36.84 -57.69
N GLN K 3 -22.93 -37.44 -58.36
CA GLN K 3 -23.05 -37.29 -59.81
C GLN K 3 -23.57 -35.91 -60.14
N LEU K 4 -22.90 -35.23 -61.06
CA LEU K 4 -23.32 -33.91 -61.56
C LEU K 4 -23.66 -34.08 -63.04
N ARG K 5 -24.86 -34.61 -63.30
CA ARG K 5 -25.29 -34.94 -64.65
C ARG K 5 -25.96 -33.72 -65.27
N GLU K 6 -25.16 -32.91 -65.95
CA GLU K 6 -25.70 -31.77 -66.68
C GLU K 6 -26.49 -32.27 -67.89
N SER K 7 -27.79 -31.98 -67.93
CA SER K 7 -28.65 -32.37 -69.04
C SER K 7 -28.89 -31.13 -69.88
N GLY K 8 -28.03 -30.90 -70.87
CA GLY K 8 -28.08 -29.69 -71.66
C GLY K 8 -27.74 -29.89 -73.12
N PRO K 9 -27.96 -28.85 -73.93
CA PRO K 9 -27.71 -28.96 -75.37
C PRO K 9 -26.26 -28.68 -75.77
N GLY K 10 -25.77 -27.48 -75.49
CA GLY K 10 -24.42 -27.10 -75.85
C GLY K 10 -24.29 -26.27 -77.11
N LEU K 11 -25.35 -25.61 -77.57
CA LEU K 11 -25.30 -24.85 -78.80
C LEU K 11 -26.46 -23.85 -78.81
N VAL K 12 -26.19 -22.63 -79.30
CA VAL K 12 -27.19 -21.57 -79.31
C VAL K 12 -26.76 -20.51 -80.30
N LYS K 13 -27.72 -19.68 -80.73
CA LYS K 13 -27.59 -18.68 -81.78
C LYS K 13 -27.09 -17.35 -81.24
N PRO K 14 -26.56 -16.48 -82.10
CA PRO K 14 -26.06 -15.18 -81.63
C PRO K 14 -27.17 -14.23 -81.23
N SER K 15 -27.03 -13.62 -80.05
CA SER K 15 -27.87 -12.61 -79.42
C SER K 15 -29.12 -13.20 -78.77
N GLU K 16 -29.31 -14.52 -78.80
CA GLU K 16 -30.42 -15.12 -78.06
C GLU K 16 -29.93 -15.61 -76.70
N THR K 17 -30.61 -16.60 -76.12
CA THR K 17 -30.37 -16.98 -74.72
C THR K 17 -30.06 -18.46 -74.60
N LEU K 18 -29.43 -18.82 -73.48
CA LEU K 18 -28.97 -20.18 -73.22
C LEU K 18 -29.30 -20.58 -71.80
N SER K 19 -29.71 -21.85 -71.63
CA SER K 19 -30.04 -22.40 -70.32
C SER K 19 -29.35 -23.75 -70.14
N LEU K 20 -28.81 -23.96 -68.95
CA LEU K 20 -28.17 -25.22 -68.57
C LEU K 20 -28.86 -25.80 -67.35
N SER K 21 -28.51 -27.05 -67.06
CA SER K 21 -29.02 -27.75 -65.87
C SER K 21 -27.89 -28.59 -65.30
N CYS K 22 -28.12 -29.12 -64.10
CA CYS K 22 -27.17 -30.04 -63.47
C CYS K 22 -27.96 -30.88 -62.47
N THR K 23 -28.35 -32.08 -62.89
CA THR K 23 -29.08 -32.99 -62.01
C THR K 23 -28.17 -33.45 -60.88
N VAL K 24 -28.44 -32.97 -59.67
CA VAL K 24 -27.67 -33.37 -58.51
C VAL K 24 -28.23 -34.70 -58.00
N SER K 25 -27.45 -35.76 -58.09
CA SER K 25 -27.86 -37.09 -57.64
C SER K 25 -26.75 -37.70 -56.80
N GLN K 26 -27.08 -38.84 -56.18
CA GLN K 26 -26.11 -39.65 -55.44
C GLN K 26 -25.36 -38.83 -54.39
N ASP K 27 -25.96 -38.58 -53.22
CA ASP K 27 -25.34 -37.75 -52.21
C ASP K 27 -26.00 -37.98 -50.87
N SER K 28 -25.41 -37.38 -49.82
CA SER K 28 -25.92 -37.53 -48.47
C SER K 28 -25.50 -36.37 -47.56
N ARG K 29 -24.71 -35.43 -48.08
CA ARG K 29 -24.53 -34.14 -47.43
C ARG K 29 -24.19 -33.07 -48.46
N PRO K 30 -25.17 -32.60 -49.24
CA PRO K 30 -24.85 -31.72 -50.38
C PRO K 30 -25.15 -30.25 -50.14
N SER K 31 -26.40 -29.93 -49.80
CA SER K 31 -26.82 -28.54 -49.65
C SER K 31 -26.10 -27.80 -48.53
N ASP K 32 -25.26 -28.46 -47.74
CA ASP K 32 -24.33 -27.73 -46.90
C ASP K 32 -23.53 -26.73 -47.72
N HIS K 33 -23.14 -27.11 -48.93
CA HIS K 33 -22.14 -26.41 -49.71
C HIS K 33 -22.81 -25.56 -50.80
N SER K 34 -21.99 -24.72 -51.44
CA SER K 34 -22.49 -23.79 -52.44
C SER K 34 -22.35 -24.37 -53.85
N TRP K 35 -23.44 -24.40 -54.60
CA TRP K 35 -23.44 -24.92 -55.96
C TRP K 35 -23.05 -23.82 -56.93
N THR K 36 -21.92 -24.01 -57.62
CA THR K 36 -21.37 -22.97 -58.48
C THR K 36 -21.23 -23.47 -59.91
N TRP K 37 -20.92 -22.52 -60.80
CA TRP K 37 -20.61 -22.80 -62.21
C TRP K 37 -19.32 -22.06 -62.55
N VAL K 38 -18.33 -22.80 -63.02
CA VAL K 38 -17.03 -22.23 -63.41
C VAL K 38 -16.78 -22.59 -64.86
N ARG K 39 -16.31 -21.60 -65.63
CA ARG K 39 -16.10 -21.74 -67.06
C ARG K 39 -14.63 -21.53 -67.41
N GLN K 40 -14.18 -22.20 -68.46
CA GLN K 40 -12.83 -22.05 -68.99
C GLN K 40 -12.91 -21.92 -70.50
N SER K 41 -12.57 -20.75 -71.03
CA SER K 41 -12.39 -20.61 -72.46
C SER K 41 -11.28 -21.55 -72.92
N PRO K 42 -11.33 -22.02 -74.17
CA PRO K 42 -10.38 -23.06 -74.62
C PRO K 42 -8.93 -22.73 -74.32
N GLY K 43 -8.38 -23.39 -73.30
CA GLY K 43 -7.01 -23.16 -72.88
C GLY K 43 -6.78 -21.88 -72.12
N LYS K 44 -7.83 -21.19 -71.69
CA LYS K 44 -7.71 -19.91 -71.01
C LYS K 44 -7.89 -20.11 -69.50
N ALA K 45 -8.24 -19.03 -68.80
CA ALA K 45 -8.40 -19.07 -67.36
C ALA K 45 -9.79 -19.56 -66.99
N LEU K 46 -9.85 -20.53 -66.07
CA LEU K 46 -11.09 -20.83 -65.40
C LEU K 46 -11.61 -19.55 -64.74
N GLU K 47 -12.85 -19.18 -65.04
CA GLU K 47 -13.42 -17.93 -64.55
C GLU K 47 -14.75 -18.19 -63.87
N TRP K 48 -14.88 -17.68 -62.65
CA TRP K 48 -16.09 -17.88 -61.85
C TRP K 48 -17.28 -17.15 -62.47
N ILE K 49 -18.44 -17.78 -62.43
CA ILE K 49 -19.69 -17.19 -62.93
C ILE K 49 -20.63 -16.85 -61.78
N GLY K 50 -20.97 -17.84 -60.96
CA GLY K 50 -21.88 -17.62 -59.84
C GLY K 50 -22.07 -18.90 -59.08
N ASP K 51 -22.67 -18.76 -57.89
CA ASP K 51 -22.97 -19.90 -57.05
C ASP K 51 -24.32 -19.69 -56.37
N ILE K 52 -24.86 -20.76 -55.78
CA ILE K 52 -26.17 -20.71 -55.15
C ILE K 52 -26.14 -21.48 -53.84
N HIS K 53 -26.56 -20.82 -52.76
CA HIS K 53 -26.77 -21.44 -51.47
C HIS K 53 -28.26 -21.72 -51.35
N TYR K 54 -28.61 -23.00 -51.15
CA TYR K 54 -29.98 -23.52 -51.24
C TYR K 54 -31.08 -22.56 -50.81
N ASN K 55 -30.78 -21.69 -49.84
CA ASN K 55 -31.78 -20.77 -49.31
C ASN K 55 -32.15 -19.66 -50.30
N GLY K 56 -31.36 -19.48 -51.37
CA GLY K 56 -31.61 -18.44 -52.34
C GLY K 56 -30.56 -17.35 -52.38
N ALA K 57 -29.52 -17.43 -51.55
CA ALA K 57 -28.49 -16.40 -51.48
C ALA K 57 -27.46 -16.67 -52.57
N THR K 58 -27.80 -16.23 -53.77
CA THR K 58 -26.92 -16.39 -54.92
C THR K 58 -25.99 -15.19 -55.05
N THR K 59 -24.87 -15.42 -55.73
CA THR K 59 -23.88 -14.39 -56.00
C THR K 59 -23.36 -14.56 -57.42
N TYR K 60 -22.87 -13.47 -58.01
CA TYR K 60 -22.51 -13.47 -59.43
C TYR K 60 -21.23 -12.69 -59.67
N ASN K 61 -20.54 -13.06 -60.75
CA ASN K 61 -19.29 -12.41 -61.15
C ASN K 61 -19.58 -10.98 -61.58
N PRO K 62 -18.81 -9.98 -61.07
CA PRO K 62 -19.19 -8.56 -61.23
C PRO K 62 -19.75 -8.15 -62.58
N SER K 63 -18.94 -8.20 -63.64
CA SER K 63 -19.40 -7.70 -64.94
C SER K 63 -20.49 -8.55 -65.57
N LEU K 64 -21.00 -9.55 -64.86
CA LEU K 64 -22.07 -10.41 -65.38
C LEU K 64 -23.35 -10.33 -64.56
N ARG K 65 -23.33 -9.66 -63.41
CA ARG K 65 -24.38 -9.87 -62.41
C ARG K 65 -25.77 -9.51 -62.93
N SER K 66 -25.87 -8.55 -63.85
CA SER K 66 -27.15 -8.09 -64.35
C SER K 66 -27.65 -8.89 -65.54
N ARG K 67 -27.04 -10.03 -65.83
CA ARG K 67 -27.47 -10.94 -66.90
C ARG K 67 -27.55 -12.40 -66.49
N VAL K 68 -26.80 -12.86 -65.48
CA VAL K 68 -26.71 -14.27 -65.12
C VAL K 68 -27.72 -14.56 -64.01
N ARG K 69 -28.36 -15.73 -64.08
CA ARG K 69 -29.33 -16.14 -63.07
C ARG K 69 -29.10 -17.62 -62.75
N ILE K 70 -29.37 -17.98 -61.50
CA ILE K 70 -29.22 -19.36 -61.04
C ILE K 70 -30.52 -19.77 -60.36
N GLU K 71 -31.17 -20.79 -60.91
CA GLU K 71 -32.44 -21.29 -60.40
C GLU K 71 -32.21 -22.48 -59.47
N LEU K 72 -33.32 -23.06 -58.99
CA LEU K 72 -33.24 -24.19 -58.07
C LEU K 72 -34.54 -24.99 -58.16
N ASP K 73 -34.49 -26.12 -58.85
CA ASP K 73 -35.57 -27.11 -58.77
C ASP K 73 -35.24 -28.14 -57.69
N GLN K 74 -35.15 -27.65 -56.43
CA GLN K 74 -34.70 -28.48 -55.32
C GLN K 74 -35.58 -29.71 -55.10
N SER K 75 -36.69 -29.87 -55.83
CA SER K 75 -37.50 -31.08 -55.69
C SER K 75 -36.90 -32.27 -56.41
N ILE K 76 -36.20 -32.03 -57.52
CA ILE K 76 -35.71 -33.11 -58.37
C ILE K 76 -34.54 -33.82 -57.71
N PRO K 77 -33.47 -33.12 -57.28
CA PRO K 77 -33.06 -31.71 -57.40
C PRO K 77 -32.21 -31.44 -58.64
N ARG K 78 -32.59 -30.44 -59.42
CA ARG K 78 -31.92 -30.11 -60.67
C ARG K 78 -31.80 -28.58 -60.75
N PHE K 79 -30.62 -28.06 -60.44
CA PHE K 79 -30.41 -26.62 -60.46
C PHE K 79 -29.93 -26.18 -61.84
N SER K 80 -30.36 -24.98 -62.24
CA SER K 80 -30.25 -24.50 -63.60
C SER K 80 -29.54 -23.15 -63.64
N LEU K 81 -29.08 -22.78 -64.84
CA LEU K 81 -28.31 -21.57 -65.08
C LEU K 81 -28.77 -20.92 -66.38
N LYS K 82 -28.71 -19.59 -66.41
CA LYS K 82 -29.24 -18.81 -67.52
C LYS K 82 -28.27 -17.71 -67.91
N MET K 83 -27.99 -17.60 -69.21
CA MET K 83 -27.18 -16.53 -69.78
C MET K 83 -27.89 -15.96 -71.00
N THR K 84 -27.64 -14.69 -71.29
CA THR K 84 -28.36 -13.94 -72.31
C THR K 84 -27.38 -13.17 -73.20
N SER K 85 -27.92 -12.69 -74.33
CA SER K 85 -27.19 -11.87 -75.31
C SER K 85 -25.82 -12.46 -75.62
N MET K 86 -25.85 -13.67 -76.17
CA MET K 86 -24.65 -14.49 -76.29
C MET K 86 -23.88 -14.20 -77.57
N THR K 87 -22.56 -14.33 -77.46
CA THR K 87 -21.67 -14.28 -78.61
C THR K 87 -20.70 -15.45 -78.53
N ALA K 88 -19.87 -15.59 -79.57
CA ALA K 88 -18.93 -16.70 -79.62
C ALA K 88 -17.83 -16.59 -78.57
N ALA K 89 -17.69 -15.43 -77.93
CA ALA K 89 -16.63 -15.24 -76.95
C ALA K 89 -16.82 -16.09 -75.70
N ASP K 90 -18.05 -16.48 -75.39
CA ASP K 90 -18.34 -17.31 -74.23
C ASP K 90 -18.22 -18.81 -74.53
N THR K 91 -17.66 -19.16 -75.68
CA THR K 91 -17.50 -20.57 -76.04
C THR K 91 -16.35 -21.19 -75.24
N GLY K 92 -16.57 -22.40 -74.74
CA GLY K 92 -15.54 -23.11 -74.00
C GLY K 92 -16.10 -24.28 -73.23
N MET K 93 -15.42 -24.63 -72.15
CA MET K 93 -15.86 -25.67 -71.23
C MET K 93 -16.53 -25.04 -70.02
N TYR K 94 -17.66 -25.62 -69.61
CA TYR K 94 -18.42 -25.13 -68.47
C TYR K 94 -18.51 -26.24 -67.44
N TYR K 95 -17.96 -25.98 -66.25
CA TYR K 95 -17.84 -26.97 -65.19
C TYR K 95 -18.76 -26.56 -64.03
N CYS K 96 -19.77 -27.39 -63.76
CA CYS K 96 -20.48 -27.29 -62.50
C CYS K 96 -19.56 -27.80 -61.39
N ALA K 97 -19.58 -27.13 -60.24
CA ALA K 97 -18.68 -27.48 -59.15
C ALA K 97 -19.38 -27.27 -57.82
N ARG K 98 -18.76 -27.80 -56.76
CA ARG K 98 -19.33 -27.81 -55.42
C ARG K 98 -18.41 -27.03 -54.48
N ASN K 99 -18.81 -25.80 -54.14
CA ASN K 99 -18.06 -24.94 -53.22
C ASN K 99 -18.37 -25.37 -51.79
N ALA K 100 -17.45 -26.08 -51.16
CA ALA K 100 -17.73 -26.77 -49.92
C ALA K 100 -17.69 -25.84 -48.71
N ILE K 101 -18.49 -26.18 -47.70
CA ILE K 101 -18.61 -25.41 -46.46
C ILE K 101 -18.56 -26.40 -45.30
N ARG K 102 -17.75 -26.09 -44.28
CA ARG K 102 -17.58 -26.97 -43.12
C ARG K 102 -17.78 -26.18 -41.84
N ILE K 103 -18.67 -26.66 -40.97
CA ILE K 103 -19.09 -25.94 -39.79
C ILE K 103 -18.81 -26.76 -38.54
N TYR K 104 -18.43 -26.08 -37.46
CA TYR K 104 -18.32 -26.71 -36.14
C TYR K 104 -19.51 -26.39 -35.24
N GLY K 105 -20.23 -25.30 -35.51
CA GLY K 105 -21.29 -24.86 -34.62
C GLY K 105 -22.63 -24.59 -35.27
N VAL K 106 -23.12 -23.35 -35.16
CA VAL K 106 -24.48 -22.99 -35.55
C VAL K 106 -24.42 -21.99 -36.69
N VAL K 107 -25.38 -22.07 -37.60
CA VAL K 107 -25.38 -21.26 -38.81
C VAL K 107 -25.56 -19.78 -38.48
N ALA K 108 -26.42 -19.47 -37.50
CA ALA K 108 -26.81 -18.08 -37.25
C ALA K 108 -25.61 -17.19 -36.97
N LEU K 109 -24.55 -17.74 -36.37
CA LEU K 109 -23.32 -17.01 -36.12
C LEU K 109 -22.23 -17.33 -37.13
N GLY K 110 -22.48 -18.24 -38.07
CA GLY K 110 -21.55 -18.51 -39.16
C GLY K 110 -20.23 -19.13 -38.74
N GLU K 111 -20.27 -20.32 -38.16
CA GLU K 111 -19.07 -21.00 -37.69
C GLU K 111 -18.51 -21.94 -38.78
N TRP K 112 -18.20 -21.35 -39.93
CA TRP K 112 -17.78 -22.16 -41.06
C TRP K 112 -16.80 -21.39 -41.94
N PHE K 113 -16.03 -22.14 -42.72
CA PHE K 113 -15.10 -21.61 -43.71
C PHE K 113 -15.35 -22.31 -45.04
N HIS K 114 -14.54 -21.97 -46.03
CA HIS K 114 -14.54 -22.64 -47.32
C HIS K 114 -13.54 -23.78 -47.33
N TYR K 115 -13.96 -24.94 -47.82
CA TYR K 115 -13.07 -26.04 -48.12
C TYR K 115 -12.52 -25.95 -49.53
N GLY K 116 -13.36 -25.53 -50.48
CA GLY K 116 -12.98 -25.43 -51.87
C GLY K 116 -13.89 -26.25 -52.75
N MET K 117 -13.69 -26.11 -54.05
CA MET K 117 -14.49 -26.82 -55.05
C MET K 117 -13.91 -28.23 -55.21
N ASP K 118 -14.47 -29.18 -54.46
CA ASP K 118 -13.95 -30.55 -54.42
C ASP K 118 -14.65 -31.50 -55.38
N VAL K 119 -15.73 -31.07 -56.03
CA VAL K 119 -16.48 -31.91 -56.96
C VAL K 119 -16.74 -31.10 -58.22
N TRP K 120 -15.94 -31.35 -59.25
CA TRP K 120 -16.15 -30.74 -60.57
C TRP K 120 -16.75 -31.79 -61.50
N GLY K 121 -17.82 -31.42 -62.20
CA GLY K 121 -18.52 -32.34 -63.07
C GLY K 121 -17.77 -32.66 -64.35
N GLN K 122 -18.40 -33.53 -65.15
CA GLN K 122 -17.80 -33.90 -66.43
C GLN K 122 -17.78 -32.72 -67.40
N GLY K 123 -18.76 -31.84 -67.33
CA GLY K 123 -18.77 -30.62 -68.11
C GLY K 123 -19.49 -30.75 -69.43
N THR K 124 -19.84 -29.59 -70.00
CA THR K 124 -20.51 -29.51 -71.29
C THR K 124 -19.78 -28.48 -72.14
N ALA K 125 -19.38 -28.88 -73.34
CA ALA K 125 -18.78 -27.97 -74.30
C ALA K 125 -19.88 -27.10 -74.90
N VAL K 126 -19.80 -25.79 -74.71
CA VAL K 126 -20.84 -24.86 -75.09
C VAL K 126 -20.33 -24.00 -76.25
N THR K 127 -21.17 -23.84 -77.27
CA THR K 127 -20.78 -23.18 -78.51
C THR K 127 -21.87 -22.20 -78.93
N VAL K 128 -21.45 -21.10 -79.57
CA VAL K 128 -22.35 -20.05 -80.04
C VAL K 128 -22.09 -19.88 -81.54
N SER K 129 -23.08 -20.23 -82.35
CA SER K 129 -22.98 -20.09 -83.80
C SER K 129 -24.36 -20.26 -84.44
N SER K 130 -24.38 -20.62 -85.73
CA SER K 130 -25.64 -20.93 -86.40
C SER K 130 -25.55 -22.17 -87.27
N ALA K 131 -24.43 -22.89 -87.27
CA ALA K 131 -24.35 -24.19 -87.92
C ALA K 131 -25.10 -25.23 -87.08
N SER K 132 -25.77 -26.15 -87.78
CA SER K 132 -26.76 -26.99 -87.16
C SER K 132 -26.12 -28.13 -86.36
N THR K 133 -26.97 -28.96 -85.76
CA THR K 133 -26.55 -30.10 -84.93
C THR K 133 -26.40 -31.30 -85.85
N LYS K 134 -25.15 -31.53 -86.30
CA LYS K 134 -24.85 -32.55 -87.29
C LYS K 134 -24.36 -33.82 -86.61
N GLY K 135 -25.08 -34.92 -86.80
CA GLY K 135 -24.68 -36.20 -86.27
C GLY K 135 -23.48 -36.77 -86.99
N PRO K 136 -22.79 -37.72 -86.35
CA PRO K 136 -21.53 -38.23 -86.90
C PRO K 136 -21.71 -39.35 -87.91
N SER K 137 -20.80 -39.37 -88.88
CA SER K 137 -20.71 -40.46 -89.85
C SER K 137 -19.68 -41.46 -89.33
N VAL K 138 -20.16 -42.50 -88.68
CA VAL K 138 -19.32 -43.41 -87.90
C VAL K 138 -18.81 -44.54 -88.78
N PHE K 139 -17.52 -44.86 -88.64
CA PHE K 139 -16.86 -45.84 -89.48
C PHE K 139 -16.18 -46.92 -88.64
N PRO K 140 -16.16 -48.16 -89.15
CA PRO K 140 -15.43 -49.23 -88.44
C PRO K 140 -14.07 -49.52 -89.02
N LEU K 141 -13.01 -49.25 -88.26
CA LEU K 141 -11.64 -49.47 -88.72
C LEU K 141 -11.27 -50.93 -88.50
N ALA K 142 -11.34 -51.72 -89.57
CA ALA K 142 -11.08 -53.15 -89.47
C ALA K 142 -9.58 -53.40 -89.31
N PRO K 143 -9.21 -54.38 -88.51
CA PRO K 143 -7.80 -54.65 -88.23
C PRO K 143 -7.17 -55.54 -89.31
N SER K 144 -5.88 -55.76 -89.16
CA SER K 144 -5.10 -56.58 -90.07
C SER K 144 -5.25 -58.07 -89.74
N SER K 145 -5.00 -58.90 -90.73
CA SER K 145 -5.13 -60.35 -90.57
C SER K 145 -3.88 -61.00 -90.00
N LYS K 146 -2.86 -60.22 -89.66
CA LYS K 146 -1.70 -60.75 -88.92
C LYS K 146 -0.98 -59.60 -88.24
N GLY K 151 -0.28 -63.03 -80.92
CA GLY K 151 0.31 -61.71 -80.81
C GLY K 151 -0.69 -60.62 -80.49
N THR K 152 -0.23 -59.38 -80.52
CA THR K 152 -1.09 -58.24 -80.25
C THR K 152 -1.80 -57.78 -81.53
N ALA K 153 -2.73 -56.85 -81.36
CA ALA K 153 -3.42 -56.21 -82.46
C ALA K 153 -4.28 -55.08 -81.88
N ALA K 154 -4.89 -54.30 -82.78
CA ALA K 154 -5.71 -53.18 -82.37
C ALA K 154 -6.70 -52.85 -83.48
N LEU K 155 -7.78 -52.18 -83.08
CA LEU K 155 -8.84 -51.75 -83.97
C LEU K 155 -9.55 -50.58 -83.31
N GLY K 156 -10.34 -49.87 -84.09
CA GLY K 156 -10.93 -48.61 -83.65
C GLY K 156 -12.19 -48.25 -84.38
N CYS K 157 -12.53 -46.96 -84.36
CA CYS K 157 -13.79 -46.46 -84.89
C CYS K 157 -13.57 -45.01 -85.33
N LEU K 158 -13.78 -44.75 -86.62
CA LEU K 158 -13.50 -43.45 -87.23
C LEU K 158 -14.78 -42.64 -87.27
N VAL K 159 -14.85 -41.59 -86.46
CA VAL K 159 -16.03 -40.73 -86.39
C VAL K 159 -15.83 -39.56 -87.34
N LYS K 160 -16.63 -39.50 -88.40
CA LYS K 160 -16.40 -38.58 -89.50
C LYS K 160 -17.48 -37.52 -89.61
N ASP K 161 -17.05 -36.29 -89.89
CA ASP K 161 -17.93 -35.18 -90.29
C ASP K 161 -19.09 -34.97 -89.33
N TYR K 162 -18.85 -34.25 -88.24
CA TYR K 162 -19.88 -33.92 -87.27
C TYR K 162 -19.68 -32.47 -86.83
N PHE K 163 -20.67 -31.94 -86.12
CA PHE K 163 -20.58 -30.60 -85.56
C PHE K 163 -21.66 -30.41 -84.50
N PRO K 164 -21.31 -29.83 -83.34
CA PRO K 164 -19.94 -29.44 -82.98
C PRO K 164 -19.22 -30.48 -82.13
N GLU K 165 -18.15 -30.08 -81.47
CA GLU K 165 -17.49 -30.95 -80.51
C GLU K 165 -18.43 -31.23 -79.34
N PRO K 166 -18.37 -32.43 -78.75
CA PRO K 166 -17.62 -33.59 -79.24
C PRO K 166 -18.45 -34.87 -79.30
N VAL K 167 -17.75 -35.99 -79.41
CA VAL K 167 -18.30 -37.33 -79.22
C VAL K 167 -17.32 -38.12 -78.35
N THR K 168 -17.71 -39.34 -78.00
CA THR K 168 -16.77 -40.28 -77.38
C THR K 168 -17.35 -41.68 -77.47
N VAL K 169 -16.58 -42.65 -76.96
CA VAL K 169 -16.72 -44.05 -77.34
C VAL K 169 -16.35 -44.95 -76.17
N SER K 170 -16.69 -46.23 -76.33
CA SER K 170 -16.14 -47.34 -75.54
C SER K 170 -16.43 -48.61 -76.33
N TRP K 171 -15.64 -49.64 -76.04
CA TRP K 171 -15.59 -50.84 -76.87
C TRP K 171 -16.09 -52.04 -76.08
N ASN K 172 -16.78 -52.95 -76.79
CA ASN K 172 -17.58 -54.01 -76.16
C ASN K 172 -18.60 -53.42 -75.18
N SER K 173 -19.09 -52.21 -75.48
CA SER K 173 -20.02 -51.46 -74.64
C SER K 173 -19.50 -51.18 -73.24
N GLY K 174 -18.20 -51.42 -72.99
CA GLY K 174 -17.63 -51.07 -71.70
C GLY K 174 -16.56 -52.00 -71.18
N ALA K 175 -16.45 -53.21 -71.74
CA ALA K 175 -15.52 -54.19 -71.21
C ALA K 175 -14.09 -53.98 -71.70
N LEU K 176 -13.90 -53.34 -72.85
CA LEU K 176 -12.57 -53.03 -73.36
C LEU K 176 -12.13 -51.68 -72.80
N THR K 177 -11.05 -51.67 -72.03
CA THR K 177 -10.63 -50.45 -71.35
C THR K 177 -9.11 -50.25 -71.37
N SER K 178 -8.37 -51.26 -70.92
CA SER K 178 -6.95 -51.08 -70.63
C SER K 178 -6.15 -50.85 -71.91
N GLY K 179 -5.50 -49.69 -71.99
CA GLY K 179 -4.61 -49.38 -73.10
C GLY K 179 -5.29 -48.95 -74.38
N VAL K 180 -6.02 -47.83 -74.32
CA VAL K 180 -6.77 -47.32 -75.46
C VAL K 180 -6.34 -45.88 -75.74
N HIS K 181 -6.74 -45.37 -76.90
CA HIS K 181 -6.37 -44.02 -77.31
C HIS K 181 -7.46 -43.45 -78.20
N THR K 182 -7.60 -42.13 -78.14
CA THR K 182 -8.48 -41.37 -79.02
C THR K 182 -7.81 -40.04 -79.31
N PHE K 183 -7.86 -39.60 -80.56
CA PHE K 183 -6.96 -38.55 -80.99
C PHE K 183 -7.71 -37.30 -81.46
N PRO K 184 -7.10 -36.11 -81.31
CA PRO K 184 -7.83 -34.86 -81.54
C PRO K 184 -8.47 -34.78 -82.93
N ALA K 185 -9.61 -34.10 -82.99
CA ALA K 185 -10.45 -34.08 -84.18
C ALA K 185 -9.92 -33.12 -85.24
N VAL K 186 -10.36 -33.33 -86.47
CA VAL K 186 -9.92 -32.54 -87.62
C VAL K 186 -11.06 -31.62 -88.04
N LEU K 187 -10.87 -30.32 -87.85
CA LEU K 187 -11.83 -29.33 -88.32
C LEU K 187 -11.52 -29.03 -89.77
N GLN K 188 -12.21 -29.74 -90.66
CA GLN K 188 -11.97 -29.58 -92.09
C GLN K 188 -12.56 -28.26 -92.59
N SER K 189 -12.12 -27.86 -93.79
CA SER K 189 -12.60 -26.64 -94.42
C SER K 189 -14.12 -26.62 -94.55
N SER K 190 -14.77 -27.78 -94.47
CA SER K 190 -16.23 -27.83 -94.51
C SER K 190 -16.87 -27.24 -93.26
N GLY K 191 -16.14 -27.21 -92.15
CA GLY K 191 -16.68 -26.77 -90.88
C GLY K 191 -17.11 -27.89 -89.96
N LEU K 192 -16.90 -29.14 -90.35
CA LEU K 192 -17.24 -30.30 -89.54
C LEU K 192 -15.98 -30.99 -89.05
N TYR K 193 -16.02 -31.50 -87.82
CA TYR K 193 -14.89 -32.18 -87.20
C TYR K 193 -14.90 -33.66 -87.59
N SER K 194 -13.84 -34.37 -87.19
CA SER K 194 -13.75 -35.82 -87.38
C SER K 194 -12.56 -36.34 -86.60
N LEU K 195 -12.71 -37.53 -86.01
CA LEU K 195 -11.63 -38.16 -85.27
C LEU K 195 -11.93 -39.64 -85.15
N SER K 196 -10.94 -40.39 -84.67
CA SER K 196 -11.07 -41.83 -84.53
C SER K 196 -10.70 -42.26 -83.12
N SER K 197 -11.28 -43.39 -82.71
CA SER K 197 -10.92 -44.08 -81.49
C SER K 197 -10.09 -45.32 -81.83
N VAL K 198 -9.37 -45.83 -80.84
CA VAL K 198 -8.56 -47.04 -80.99
C VAL K 198 -8.64 -47.84 -79.69
N VAL K 199 -8.77 -49.16 -79.83
CA VAL K 199 -8.74 -50.07 -78.70
C VAL K 199 -7.83 -51.24 -79.06
N THR K 200 -7.13 -51.77 -78.07
CA THR K 200 -6.21 -52.87 -78.28
C THR K 200 -6.91 -54.20 -78.07
N VAL K 201 -6.73 -55.12 -79.01
CA VAL K 201 -7.28 -56.47 -78.94
C VAL K 201 -6.27 -57.43 -79.55
N PRO K 202 -5.65 -58.31 -78.77
CA PRO K 202 -4.59 -59.18 -79.30
C PRO K 202 -5.15 -60.25 -80.23
N SER K 203 -4.23 -60.87 -80.97
CA SER K 203 -4.58 -61.87 -81.98
C SER K 203 -4.78 -63.25 -81.36
N SER K 204 -5.51 -63.31 -80.26
CA SER K 204 -6.05 -64.56 -79.75
C SER K 204 -7.54 -64.54 -79.57
N SER K 205 -8.18 -63.36 -79.53
CA SER K 205 -9.62 -63.26 -79.37
C SER K 205 -10.22 -62.20 -80.30
N LEU K 206 -9.48 -61.78 -81.34
CA LEU K 206 -10.09 -61.03 -82.42
C LEU K 206 -11.13 -61.87 -83.16
N GLY K 207 -11.12 -63.18 -82.96
CA GLY K 207 -12.10 -64.05 -83.58
C GLY K 207 -12.87 -64.89 -82.58
N THR K 208 -12.80 -64.54 -81.28
CA THR K 208 -13.57 -65.24 -80.27
C THR K 208 -14.16 -64.28 -79.23
N GLN K 209 -14.39 -63.03 -79.61
CA GLN K 209 -14.99 -62.05 -78.69
C GLN K 209 -15.88 -61.10 -79.47
N THR K 210 -16.65 -60.31 -78.72
CA THR K 210 -17.55 -59.30 -79.28
C THR K 210 -17.00 -57.93 -78.91
N TYR K 211 -16.50 -57.20 -79.90
CA TYR K 211 -15.79 -55.94 -79.69
C TYR K 211 -16.39 -54.85 -80.58
N ILE K 212 -17.20 -53.98 -79.98
CA ILE K 212 -17.89 -52.93 -80.71
C ILE K 212 -17.22 -51.58 -80.43
N CYS K 213 -17.94 -50.50 -80.73
CA CYS K 213 -17.52 -49.15 -80.34
C CYS K 213 -18.75 -48.25 -80.35
N ASN K 214 -19.17 -47.80 -79.17
CA ASN K 214 -20.43 -47.07 -79.01
C ASN K 214 -20.15 -45.57 -79.11
N VAL K 215 -20.65 -44.94 -80.17
CA VAL K 215 -20.47 -43.52 -80.42
C VAL K 215 -21.69 -42.77 -79.91
N ASN K 216 -21.46 -41.75 -79.09
CA ASN K 216 -22.51 -40.87 -78.59
C ASN K 216 -22.18 -39.45 -78.99
N HIS K 217 -23.08 -38.82 -79.73
CA HIS K 217 -22.96 -37.40 -80.11
C HIS K 217 -24.09 -36.66 -79.43
N LYS K 218 -23.82 -36.15 -78.22
CA LYS K 218 -24.78 -35.42 -77.40
C LYS K 218 -25.20 -34.08 -78.02
N PRO K 219 -24.38 -33.41 -78.84
CA PRO K 219 -24.89 -32.23 -79.55
C PRO K 219 -26.04 -32.54 -80.51
N SER K 220 -26.23 -33.79 -80.92
CA SER K 220 -27.36 -34.18 -81.77
C SER K 220 -27.97 -35.47 -81.23
N ASN K 221 -28.44 -35.40 -79.98
CA ASN K 221 -29.16 -36.46 -79.25
C ASN K 221 -29.11 -37.86 -79.85
N THR K 222 -27.94 -38.30 -80.31
CA THR K 222 -27.82 -39.62 -80.92
C THR K 222 -26.89 -40.50 -80.10
N LYS K 223 -27.19 -41.80 -80.11
CA LYS K 223 -26.36 -42.84 -79.48
C LYS K 223 -26.11 -43.88 -80.57
N VAL K 224 -25.03 -43.67 -81.33
CA VAL K 224 -24.77 -44.45 -82.55
C VAL K 224 -24.11 -45.77 -82.20
N ASP K 225 -24.91 -46.83 -82.09
CA ASP K 225 -24.38 -48.17 -81.86
C ASP K 225 -23.89 -48.74 -83.18
N LYS K 226 -22.61 -49.09 -83.25
CA LYS K 226 -21.98 -49.59 -84.46
C LYS K 226 -20.99 -50.67 -84.11
N ARG K 227 -20.95 -51.72 -84.92
CA ARG K 227 -20.07 -52.87 -84.70
C ARG K 227 -18.89 -52.82 -85.66
N VAL K 228 -17.75 -53.33 -85.20
CA VAL K 228 -16.50 -53.30 -85.95
C VAL K 228 -15.96 -54.72 -86.05
N GLU K 229 -15.77 -55.20 -87.28
CA GLU K 229 -15.39 -56.58 -87.56
C GLU K 229 -14.05 -56.64 -88.30
N PRO K 230 -13.39 -57.81 -88.29
CA PRO K 230 -12.08 -57.92 -88.96
C PRO K 230 -12.12 -57.80 -90.48
N LYS K 231 -10.99 -58.12 -91.11
CA LYS K 231 -10.76 -57.90 -92.53
C LYS K 231 -10.23 -59.17 -93.17
N SER K 232 -10.71 -59.47 -94.38
CA SER K 232 -10.35 -60.69 -95.10
C SER K 232 -8.85 -60.92 -95.20
N GLU L 5 -6.80 -8.46 -60.84
CA GLU L 5 -6.25 -9.62 -61.54
C GLU L 5 -5.25 -10.37 -60.66
N LEU L 6 -5.56 -11.62 -60.33
CA LEU L 6 -4.68 -12.41 -59.49
C LEU L 6 -3.36 -12.66 -60.21
N THR L 7 -2.26 -12.42 -59.50
CA THR L 7 -0.93 -12.42 -60.09
C THR L 7 -0.25 -13.75 -59.79
N GLN L 8 -0.34 -14.68 -60.76
CA GLN L 8 0.36 -15.95 -60.72
C GLN L 8 1.41 -16.01 -61.83
N PRO L 9 2.34 -16.96 -61.74
CA PRO L 9 3.07 -17.37 -62.94
C PRO L 9 2.21 -18.30 -63.77
N PRO L 10 2.16 -18.11 -65.10
CA PRO L 10 1.43 -19.08 -65.93
C PRO L 10 2.16 -20.40 -66.10
N SER L 11 3.39 -20.52 -65.60
CA SER L 11 4.18 -21.74 -65.72
C SER L 11 5.40 -21.61 -64.82
N VAL L 12 5.83 -22.74 -64.26
CA VAL L 12 7.02 -22.83 -63.43
C VAL L 12 7.78 -24.10 -63.80
N SER L 13 9.06 -24.14 -63.43
CA SER L 13 9.96 -25.20 -63.87
C SER L 13 10.75 -25.77 -62.70
N VAL L 14 11.11 -27.05 -62.81
CA VAL L 14 11.80 -27.80 -61.77
C VAL L 14 12.26 -29.13 -62.34
N SER L 15 13.37 -29.66 -61.82
CA SER L 15 14.09 -30.80 -62.36
C SER L 15 13.77 -32.06 -61.55
N PRO L 16 14.11 -33.26 -62.07
CA PRO L 16 13.65 -34.51 -61.42
C PRO L 16 14.08 -34.66 -59.96
N GLY L 17 13.32 -34.09 -59.04
CA GLY L 17 13.58 -34.32 -57.62
C GLY L 17 13.49 -33.09 -56.73
N GLN L 18 13.62 -31.90 -57.32
CA GLN L 18 13.64 -30.70 -56.53
C GLN L 18 12.23 -30.29 -56.09
N THR L 19 12.17 -29.27 -55.24
CA THR L 19 10.93 -28.66 -54.79
C THR L 19 10.68 -27.38 -55.59
N ALA L 20 9.45 -26.86 -55.47
CA ALA L 20 9.04 -25.70 -56.26
C ALA L 20 8.08 -24.84 -55.46
N ARG L 21 7.90 -23.61 -55.95
CA ARG L 21 7.03 -22.63 -55.29
C ARG L 21 6.32 -21.81 -56.36
N ILE L 22 5.01 -21.67 -56.21
CA ILE L 22 4.19 -20.85 -57.10
C ILE L 22 3.53 -19.76 -56.26
N THR L 23 3.83 -18.51 -56.58
CA THR L 23 3.37 -17.37 -55.80
C THR L 23 2.19 -16.70 -56.52
N CYS L 24 1.02 -16.73 -55.88
CA CYS L 24 -0.17 -16.06 -56.36
C CYS L 24 -0.33 -14.77 -55.55
N SER L 25 -0.03 -13.64 -56.17
CA SER L 25 0.03 -12.35 -55.50
C SER L 25 -1.21 -11.50 -55.82
N GLY L 26 -1.38 -10.44 -55.04
CA GLY L 26 -2.50 -9.54 -55.25
C GLY L 26 -2.77 -8.72 -54.00
N ALA L 27 -3.99 -8.22 -53.91
CA ALA L 27 -4.42 -7.39 -52.79
C ALA L 27 -5.18 -8.18 -51.73
N PRO L 28 -6.23 -8.95 -52.08
CA PRO L 28 -7.10 -9.51 -51.03
C PRO L 28 -6.47 -10.62 -50.21
N LEU L 29 -5.20 -10.96 -50.44
CA LEU L 29 -4.57 -12.05 -49.71
C LEU L 29 -4.20 -11.68 -48.29
N THR L 30 -4.36 -10.41 -47.91
CA THR L 30 -4.20 -9.99 -46.53
C THR L 30 -5.50 -10.08 -45.74
N SER L 31 -6.50 -10.80 -46.26
CA SER L 31 -7.81 -10.81 -45.63
C SER L 31 -8.53 -12.16 -45.73
N ARG L 32 -8.38 -12.86 -46.85
CA ARG L 32 -9.09 -14.13 -47.06
C ARG L 32 -8.09 -15.26 -47.27
N PHE L 33 -8.43 -16.44 -46.76
CA PHE L 33 -7.58 -17.61 -46.95
C PHE L 33 -7.64 -18.08 -48.41
N THR L 34 -6.60 -18.79 -48.82
CA THR L 34 -6.35 -19.09 -50.22
C THR L 34 -6.55 -20.58 -50.48
N TYR L 35 -7.25 -20.90 -51.58
CA TYR L 35 -7.57 -22.25 -51.96
C TYR L 35 -7.08 -22.51 -53.38
N TRP L 36 -6.66 -23.74 -53.65
CA TRP L 36 -5.93 -24.06 -54.88
C TRP L 36 -6.54 -25.27 -55.57
N TYR L 37 -6.20 -25.40 -56.86
CA TYR L 37 -6.79 -26.44 -57.70
C TYR L 37 -5.75 -26.95 -58.69
N ARG L 38 -5.98 -28.17 -59.17
CA ARG L 38 -5.08 -28.86 -60.09
C ARG L 38 -5.89 -29.35 -61.29
N GLN L 39 -5.72 -28.69 -62.43
CA GLN L 39 -6.40 -29.08 -63.68
C GLN L 39 -5.35 -29.63 -64.64
N LYS L 40 -5.19 -30.95 -64.62
CA LYS L 40 -4.47 -31.61 -65.71
C LYS L 40 -5.21 -31.33 -67.00
N PRO L 41 -4.50 -31.02 -68.10
CA PRO L 41 -5.16 -30.47 -69.30
C PRO L 41 -6.40 -31.23 -69.73
N GLY L 42 -7.57 -30.63 -69.46
CA GLY L 42 -8.84 -31.20 -69.82
C GLY L 42 -9.54 -31.96 -68.70
N GLN L 43 -8.89 -32.14 -67.55
CA GLN L 43 -9.44 -32.90 -66.45
C GLN L 43 -10.35 -32.01 -65.59
N ALA L 44 -10.87 -32.60 -64.52
CA ALA L 44 -11.65 -31.86 -63.54
C ALA L 44 -10.72 -31.25 -62.49
N PRO L 45 -10.67 -29.93 -62.36
CA PRO L 45 -9.73 -29.29 -61.42
C PRO L 45 -9.82 -29.85 -60.01
N VAL L 46 -8.81 -30.61 -59.61
CA VAL L 46 -8.81 -31.30 -58.33
C VAL L 46 -8.51 -30.31 -57.22
N LEU L 47 -9.29 -30.37 -56.14
CA LEU L 47 -9.06 -29.52 -54.99
C LEU L 47 -7.98 -30.13 -54.10
N ILE L 48 -7.02 -29.30 -53.69
CA ILE L 48 -5.92 -29.77 -52.85
C ILE L 48 -5.68 -28.89 -51.63
N ILE L 49 -6.08 -27.63 -51.63
CA ILE L 49 -5.80 -26.72 -50.51
C ILE L 49 -7.14 -26.25 -49.93
N SER L 50 -7.28 -26.37 -48.62
CA SER L 50 -8.52 -26.05 -47.94
C SER L 50 -8.21 -25.42 -46.59
N ARG L 51 -9.25 -24.92 -45.93
CA ARG L 51 -9.19 -24.47 -44.54
C ARG L 51 -10.12 -25.38 -43.75
N SER L 52 -9.59 -26.53 -43.33
CA SER L 52 -10.40 -27.48 -42.59
C SER L 52 -10.78 -26.95 -41.22
N SER L 53 -9.99 -26.02 -40.69
CA SER L 53 -10.28 -25.39 -39.41
C SER L 53 -9.57 -24.05 -39.38
N GLN L 54 -10.01 -23.19 -38.46
CA GLN L 54 -9.46 -21.84 -38.35
C GLN L 54 -8.01 -21.88 -37.90
N GLY L 61 -0.29 -33.40 -47.19
CA GLY L 61 1.02 -33.92 -46.82
C GLY L 61 2.15 -33.35 -47.65
N ARG L 62 2.09 -33.56 -48.96
CA ARG L 62 3.12 -33.11 -49.88
C ARG L 62 2.85 -31.73 -50.47
N PHE L 63 1.63 -31.21 -50.33
CA PHE L 63 1.24 -29.95 -50.95
C PHE L 63 0.79 -28.97 -49.88
N SER L 64 1.29 -27.75 -49.96
CA SER L 64 0.94 -26.72 -48.99
C SER L 64 1.09 -25.35 -49.64
N ALA L 65 0.67 -24.31 -48.91
CA ALA L 65 0.73 -22.94 -49.38
C ALA L 65 0.99 -22.02 -48.19
N SER L 66 2.00 -21.16 -48.31
CA SER L 66 2.43 -20.27 -47.23
C SER L 66 1.96 -18.84 -47.49
N TRP L 67 1.22 -18.29 -46.53
CA TRP L 67 0.70 -16.93 -46.60
C TRP L 67 1.81 -15.92 -46.34
N SER L 68 1.83 -14.82 -47.11
CA SER L 68 2.90 -13.80 -46.97
C SER L 68 2.40 -12.51 -47.60
N GLY L 69 1.54 -11.83 -46.86
CA GLY L 69 1.25 -10.44 -47.18
C GLY L 69 0.40 -10.40 -48.43
N THR L 70 0.89 -9.66 -49.41
CA THR L 70 0.22 -9.52 -50.70
C THR L 70 0.25 -10.82 -51.50
N THR L 71 0.91 -11.85 -50.98
CA THR L 71 1.11 -13.10 -51.69
C THR L 71 0.75 -14.27 -50.80
N VAL L 72 0.45 -15.40 -51.44
CA VAL L 72 0.36 -16.70 -50.80
C VAL L 72 1.06 -17.69 -51.72
N THR L 73 2.13 -18.32 -51.23
CA THR L 73 3.03 -19.11 -52.06
C THR L 73 2.70 -20.59 -51.96
N LEU L 74 2.30 -21.18 -53.09
CA LEU L 74 2.03 -22.61 -53.16
C LEU L 74 3.34 -23.37 -53.26
N THR L 75 3.66 -24.16 -52.24
CA THR L 75 4.87 -24.97 -52.21
C THR L 75 4.52 -26.41 -52.53
N ILE L 76 5.21 -26.98 -53.52
CA ILE L 76 4.99 -28.35 -53.97
C ILE L 76 6.27 -29.15 -53.74
N ARG L 77 6.15 -30.29 -53.05
CA ARG L 77 7.28 -31.13 -52.68
C ARG L 77 7.09 -32.51 -53.28
N GLY L 78 8.05 -32.93 -54.11
CA GLY L 78 8.00 -34.25 -54.71
C GLY L 78 7.32 -34.25 -56.07
N VAL L 79 8.01 -33.68 -57.08
CA VAL L 79 7.40 -33.46 -58.39
C VAL L 79 7.68 -34.71 -59.23
N GLN L 80 6.83 -35.72 -59.05
CA GLN L 80 6.74 -36.78 -60.04
C GLN L 80 6.06 -36.22 -61.29
N ALA L 81 6.44 -36.76 -62.44
CA ALA L 81 5.85 -36.30 -63.70
C ALA L 81 4.33 -36.51 -63.74
N ASP L 82 3.77 -37.28 -62.81
CA ASP L 82 2.33 -37.45 -62.72
C ASP L 82 1.60 -36.13 -62.41
N ASP L 83 2.33 -35.09 -61.99
CA ASP L 83 1.72 -33.87 -61.51
C ASP L 83 1.81 -32.72 -62.51
N GLU L 84 2.16 -32.99 -63.76
CA GLU L 84 2.20 -31.93 -64.77
C GLU L 84 0.78 -31.49 -65.09
N ALA L 85 0.46 -30.24 -64.75
CA ALA L 85 -0.92 -29.77 -64.86
C ALA L 85 -0.93 -28.24 -64.78
N ASP L 86 -2.12 -27.68 -65.01
CA ASP L 86 -2.38 -26.26 -64.78
C ASP L 86 -2.95 -26.08 -63.38
N TYR L 87 -2.30 -25.23 -62.58
CA TYR L 87 -2.70 -24.97 -61.20
C TYR L 87 -3.31 -23.57 -61.11
N TYR L 88 -4.38 -23.45 -60.32
CA TYR L 88 -5.17 -22.24 -60.23
C TYR L 88 -5.36 -21.84 -58.78
N CYS L 89 -4.96 -20.62 -58.42
CA CYS L 89 -5.27 -20.07 -57.11
C CYS L 89 -6.63 -19.39 -57.14
N GLN L 90 -7.37 -19.49 -56.05
CA GLN L 90 -8.70 -18.92 -55.99
C GLN L 90 -9.11 -18.72 -54.54
N SER L 91 -9.52 -17.50 -54.21
CA SER L 91 -10.04 -17.21 -52.88
C SER L 91 -11.28 -16.33 -52.97
N SER L 92 -11.24 -15.15 -52.36
CA SER L 92 -12.39 -14.25 -52.37
C SER L 92 -11.91 -12.82 -52.17
N ASP L 93 -12.69 -11.87 -52.68
CA ASP L 93 -12.39 -10.47 -52.46
C ASP L 93 -12.80 -10.08 -51.03
N THR L 94 -12.52 -8.83 -50.67
CA THR L 94 -12.71 -8.39 -49.29
C THR L 94 -14.16 -8.13 -48.92
N SER L 95 -15.10 -8.27 -49.85
CA SER L 95 -16.50 -7.98 -49.57
C SER L 95 -17.39 -9.22 -49.53
N ASP L 96 -16.79 -10.42 -49.60
CA ASP L 96 -17.48 -11.68 -49.34
C ASP L 96 -18.74 -11.85 -50.17
N SER L 97 -18.75 -11.30 -51.38
CA SER L 97 -19.86 -11.52 -52.30
C SER L 97 -19.48 -12.51 -53.40
N TYR L 98 -18.46 -12.19 -54.19
CA TYR L 98 -18.10 -12.99 -55.34
C TYR L 98 -16.71 -13.59 -55.19
N LYS L 99 -16.49 -14.69 -55.91
CA LYS L 99 -15.20 -15.33 -56.05
C LYS L 99 -14.73 -15.19 -57.49
N MET L 100 -13.45 -15.51 -57.72
CA MET L 100 -12.92 -15.63 -59.07
C MET L 100 -11.55 -16.28 -58.97
N PHE L 101 -11.02 -16.68 -60.13
CA PHE L 101 -9.80 -17.46 -60.21
C PHE L 101 -8.68 -16.63 -60.82
N GLY L 102 -7.46 -17.14 -60.67
CA GLY L 102 -6.28 -16.47 -61.18
C GLY L 102 -5.97 -16.81 -62.62
N GLY L 103 -4.77 -17.33 -62.87
CA GLY L 103 -4.34 -17.61 -64.21
C GLY L 103 -4.43 -19.08 -64.60
N GLY L 104 -3.47 -19.87 -64.14
CA GLY L 104 -3.37 -21.26 -64.55
C GLY L 104 -1.93 -21.66 -64.81
N THR L 105 -1.26 -22.16 -63.78
CA THR L 105 0.19 -22.38 -63.82
C THR L 105 0.48 -23.78 -64.34
N LYS L 106 1.04 -23.86 -65.54
CA LYS L 106 1.50 -25.15 -66.08
C LYS L 106 2.78 -25.56 -65.38
N LEU L 107 2.71 -26.61 -64.57
CA LEU L 107 3.90 -27.15 -63.93
C LEU L 107 4.67 -27.99 -64.92
N THR L 108 5.90 -27.58 -65.24
CA THR L 108 6.77 -28.38 -66.08
C THR L 108 7.65 -29.26 -65.22
N VAL L 109 7.83 -30.50 -65.66
CA VAL L 109 8.68 -31.48 -64.99
C VAL L 109 9.82 -31.80 -65.95
N LEU L 110 11.02 -31.31 -65.63
CA LEU L 110 12.16 -31.58 -66.48
C LEU L 110 12.68 -32.99 -66.26
N GLY L 111 13.61 -33.41 -67.12
CA GLY L 111 14.12 -34.75 -67.10
C GLY L 111 13.20 -35.80 -67.66
N GLN L 112 12.15 -35.41 -68.38
CA GLN L 112 11.29 -36.39 -69.03
C GLN L 112 11.94 -36.85 -70.33
N PRO L 113 11.91 -38.16 -70.63
CA PRO L 113 12.68 -38.69 -71.75
C PRO L 113 12.03 -38.43 -73.09
N ALA L 114 12.89 -38.29 -74.10
CA ALA L 114 12.41 -38.18 -75.48
C ALA L 114 11.87 -39.52 -75.96
N ALA L 115 10.94 -39.46 -76.92
CA ALA L 115 10.23 -40.65 -77.36
C ALA L 115 10.10 -40.63 -78.88
N ALA L 116 10.67 -41.64 -79.54
CA ALA L 116 10.44 -41.85 -80.95
C ALA L 116 8.98 -42.21 -81.18
N PRO L 117 8.39 -41.77 -82.30
CA PRO L 117 6.93 -41.74 -82.40
C PRO L 117 6.33 -43.14 -82.56
N SER L 118 5.06 -43.25 -82.19
CA SER L 118 4.26 -44.46 -82.36
C SER L 118 3.17 -44.13 -83.39
N VAL L 119 3.39 -44.54 -84.63
CA VAL L 119 2.54 -44.14 -85.75
C VAL L 119 1.62 -45.30 -86.13
N THR L 120 0.32 -45.00 -86.26
CA THR L 120 -0.66 -45.93 -86.79
C THR L 120 -1.15 -45.42 -88.13
N LEU L 121 -1.76 -46.31 -88.91
CA LEU L 121 -2.25 -45.94 -90.23
C LEU L 121 -3.39 -46.86 -90.63
N PHE L 122 -4.52 -46.26 -91.02
CA PHE L 122 -5.67 -47.01 -91.46
C PHE L 122 -6.17 -46.47 -92.80
N PRO L 123 -6.57 -47.35 -93.72
CA PRO L 123 -6.96 -46.91 -95.05
C PRO L 123 -8.41 -46.45 -95.08
N PRO L 124 -8.99 -46.18 -96.26
CA PRO L 124 -10.45 -46.05 -96.32
C PRO L 124 -11.12 -47.35 -95.88
N SER L 125 -12.25 -47.20 -95.22
CA SER L 125 -12.93 -48.35 -94.65
C SER L 125 -13.69 -49.13 -95.72
N SER L 126 -14.21 -50.29 -95.31
CA SER L 126 -14.97 -51.13 -96.23
C SER L 126 -16.23 -50.46 -96.73
N GLU L 127 -16.65 -49.36 -96.11
CA GLU L 127 -17.86 -48.64 -96.49
C GLU L 127 -17.58 -47.27 -97.09
N GLU L 128 -16.56 -46.56 -96.61
CA GLU L 128 -16.45 -45.13 -96.90
C GLU L 128 -16.30 -44.85 -98.39
N LEU L 129 -15.73 -45.77 -99.16
CA LEU L 129 -15.60 -45.57 -100.60
C LEU L 129 -16.95 -45.29 -101.25
N GLN L 130 -18.03 -45.83 -100.68
CA GLN L 130 -19.37 -45.60 -101.20
C GLN L 130 -19.86 -44.16 -100.96
N ALA L 131 -19.14 -43.38 -100.17
CA ALA L 131 -19.59 -42.04 -99.78
C ALA L 131 -18.91 -40.93 -100.56
N ASN L 132 -18.22 -41.26 -101.65
CA ASN L 132 -17.35 -40.31 -102.37
C ASN L 132 -16.26 -39.77 -101.44
N LYS L 133 -15.87 -40.58 -100.47
CA LYS L 133 -14.82 -40.23 -99.51
C LYS L 133 -13.86 -41.40 -99.39
N ALA L 134 -12.58 -41.14 -99.68
CA ALA L 134 -11.53 -42.16 -99.65
C ALA L 134 -10.39 -41.63 -98.79
N THR L 135 -10.61 -41.62 -97.47
CA THR L 135 -9.74 -40.92 -96.54
C THR L 135 -8.73 -41.87 -95.90
N LEU L 136 -7.68 -41.27 -95.34
CA LEU L 136 -6.61 -41.98 -94.67
C LEU L 136 -6.45 -41.43 -93.26
N VAL L 137 -6.06 -42.31 -92.34
CA VAL L 137 -5.99 -41.98 -90.91
C VAL L 137 -4.60 -42.36 -90.42
N CYS L 138 -3.76 -41.37 -90.18
CA CYS L 138 -2.39 -41.59 -89.69
C CYS L 138 -2.21 -40.79 -88.40
N LEU L 139 -2.50 -41.43 -87.27
CA LEU L 139 -2.34 -40.82 -85.97
C LEU L 139 -0.98 -41.15 -85.38
N ILE L 140 -0.43 -40.19 -84.63
CA ILE L 140 0.90 -40.32 -84.03
C ILE L 140 0.72 -40.22 -82.52
N SER L 141 1.16 -41.24 -81.80
CA SER L 141 0.87 -41.38 -80.39
C SER L 141 2.14 -41.37 -79.55
N ASP L 142 2.09 -40.65 -78.43
CA ASP L 142 3.05 -40.75 -77.34
C ASP L 142 4.48 -40.45 -77.81
N PHE L 143 4.70 -39.18 -78.17
CA PHE L 143 6.03 -38.74 -78.58
C PHE L 143 6.45 -37.52 -77.77
N TYR L 144 7.77 -37.33 -77.72
CA TYR L 144 8.45 -36.32 -76.92
C TYR L 144 9.71 -35.92 -77.68
N PRO L 145 9.92 -34.63 -77.96
CA PRO L 145 9.01 -33.53 -77.64
C PRO L 145 7.81 -33.46 -78.59
N GLY L 146 6.81 -32.66 -78.25
CA GLY L 146 5.61 -32.59 -79.05
C GLY L 146 5.73 -31.75 -80.31
N ALA L 147 6.63 -32.13 -81.21
CA ALA L 147 6.84 -31.38 -82.44
C ALA L 147 7.35 -32.33 -83.51
N VAL L 148 6.56 -32.50 -84.57
CA VAL L 148 6.91 -33.34 -85.70
C VAL L 148 6.42 -32.67 -86.98
N THR L 149 6.58 -33.38 -88.10
CA THR L 149 6.05 -32.94 -89.38
C THR L 149 5.79 -34.17 -90.23
N VAL L 150 4.59 -34.24 -90.83
CA VAL L 150 4.08 -35.44 -91.49
C VAL L 150 4.30 -35.34 -92.99
N ALA L 151 4.52 -36.49 -93.63
CA ALA L 151 4.62 -36.61 -95.08
C ALA L 151 3.66 -37.70 -95.54
N TRP L 152 2.56 -37.30 -96.19
CA TRP L 152 1.65 -38.24 -96.82
C TRP L 152 2.19 -38.61 -98.21
N LYS L 153 1.98 -39.86 -98.60
CA LYS L 153 2.56 -40.36 -99.85
C LYS L 153 1.58 -41.28 -100.57
N ALA L 154 1.95 -41.57 -101.82
CA ALA L 154 1.20 -42.47 -102.69
C ALA L 154 2.19 -43.09 -103.68
N ASP L 155 2.21 -44.43 -103.72
CA ASP L 155 3.17 -45.18 -104.53
C ASP L 155 4.59 -44.81 -104.14
N SER L 156 5.00 -43.58 -104.47
CA SER L 156 6.29 -43.06 -104.04
C SER L 156 6.34 -41.53 -104.21
N SER L 157 5.19 -40.87 -104.10
CA SER L 157 5.06 -39.44 -104.33
C SER L 157 4.31 -38.78 -103.18
N PRO L 158 4.74 -37.58 -102.77
CA PRO L 158 4.16 -36.97 -101.56
C PRO L 158 2.88 -36.19 -101.82
N VAL L 159 2.32 -35.62 -100.74
CA VAL L 159 1.03 -34.94 -100.77
C VAL L 159 1.17 -33.60 -100.08
N LYS L 160 0.49 -32.58 -100.62
CA LYS L 160 0.54 -31.24 -100.07
C LYS L 160 -0.84 -30.63 -99.78
N ALA L 161 -1.93 -31.25 -100.21
CA ALA L 161 -3.26 -30.70 -99.99
C ALA L 161 -4.23 -31.84 -99.76
N GLY L 162 -5.47 -31.48 -99.43
CA GLY L 162 -6.48 -32.48 -99.11
C GLY L 162 -6.19 -33.06 -97.74
N VAL L 163 -5.26 -32.42 -97.04
CA VAL L 163 -4.76 -32.88 -95.76
C VAL L 163 -4.97 -31.81 -94.72
N GLU L 164 -5.36 -32.22 -93.52
CA GLU L 164 -5.40 -31.32 -92.37
C GLU L 164 -4.79 -32.02 -91.15
N THR L 165 -4.20 -31.20 -90.28
CA THR L 165 -3.42 -31.69 -89.14
C THR L 165 -3.77 -30.88 -87.90
N THR L 166 -4.01 -31.56 -86.79
CA THR L 166 -4.40 -30.95 -85.53
C THR L 166 -3.25 -30.97 -84.55
N THR L 167 -3.08 -29.86 -83.81
CA THR L 167 -2.07 -29.62 -82.80
C THR L 167 -1.84 -30.83 -81.90
N PRO L 168 -0.58 -31.14 -81.56
CA PRO L 168 -0.32 -32.24 -80.62
C PRO L 168 -1.00 -32.00 -79.28
N SER L 169 -1.48 -33.09 -78.67
CA SER L 169 -2.19 -33.06 -77.40
C SER L 169 -1.45 -33.91 -76.38
N LYS L 170 -1.41 -33.43 -75.14
CA LYS L 170 -0.71 -34.13 -74.07
C LYS L 170 -1.58 -35.23 -73.49
N GLN L 171 -0.96 -36.37 -73.20
CA GLN L 171 -1.66 -37.55 -72.72
C GLN L 171 -1.37 -37.78 -71.24
N SER L 172 -1.73 -38.97 -70.76
CA SER L 172 -1.60 -39.27 -69.33
C SER L 172 -0.14 -39.34 -68.90
N ASN L 173 0.71 -39.95 -69.71
CA ASN L 173 2.13 -40.03 -69.42
C ASN L 173 2.91 -38.79 -69.86
N ASN L 174 2.19 -37.69 -70.14
CA ASN L 174 2.75 -36.40 -70.50
C ASN L 174 3.42 -36.38 -71.87
N LYS L 175 3.15 -37.38 -72.70
CA LYS L 175 3.62 -37.40 -74.08
C LYS L 175 2.52 -36.92 -75.01
N TYR L 176 2.90 -36.65 -76.26
CA TYR L 176 2.06 -35.92 -77.18
C TYR L 176 1.48 -36.82 -78.26
N ALA L 177 0.35 -36.39 -78.81
CA ALA L 177 -0.35 -37.12 -79.85
C ALA L 177 -0.87 -36.13 -80.89
N ALA L 178 -0.40 -36.28 -82.13
CA ALA L 178 -0.83 -35.46 -83.24
C ALA L 178 -1.66 -36.30 -84.21
N SER L 179 -2.59 -35.64 -84.88
CA SER L 179 -3.52 -36.31 -85.79
C SER L 179 -3.46 -35.66 -87.16
N SER L 180 -3.64 -36.48 -88.20
CA SER L 180 -3.61 -36.00 -89.58
C SER L 180 -4.47 -36.92 -90.44
N TYR L 181 -5.20 -36.33 -91.38
CA TYR L 181 -6.08 -37.06 -92.27
C TYR L 181 -5.97 -36.48 -93.67
N LEU L 182 -6.37 -37.28 -94.65
CA LEU L 182 -6.26 -36.91 -96.07
C LEU L 182 -7.49 -37.42 -96.80
N SER L 183 -8.10 -36.56 -97.61
CA SER L 183 -9.37 -36.85 -98.27
C SER L 183 -9.14 -37.04 -99.76
N LEU L 184 -9.57 -38.19 -100.28
CA LEU L 184 -9.48 -38.53 -101.70
C LEU L 184 -10.86 -38.89 -102.23
N THR L 185 -10.93 -39.14 -103.53
CA THR L 185 -12.06 -39.75 -104.22
C THR L 185 -11.80 -41.23 -104.41
N PRO L 186 -12.83 -42.03 -104.69
CA PRO L 186 -12.60 -43.48 -104.86
C PRO L 186 -11.56 -43.83 -105.93
N GLU L 187 -11.39 -42.99 -106.95
CA GLU L 187 -10.42 -43.29 -107.99
C GLU L 187 -9.00 -42.91 -107.55
N GLN L 188 -8.85 -41.74 -106.94
CA GLN L 188 -7.55 -41.34 -106.41
C GLN L 188 -7.08 -42.22 -105.27
N TRP L 189 -7.95 -43.09 -104.75
CA TRP L 189 -7.52 -44.02 -103.71
C TRP L 189 -6.95 -45.30 -104.33
N LYS L 190 -7.78 -46.01 -105.10
CA LYS L 190 -7.45 -47.36 -105.55
C LYS L 190 -6.37 -47.29 -106.61
N SER L 191 -5.92 -46.08 -106.92
CA SER L 191 -5.03 -45.87 -108.05
C SER L 191 -3.65 -46.46 -107.78
N HIS L 192 -3.02 -46.06 -106.68
CA HIS L 192 -1.59 -46.24 -106.49
C HIS L 192 -1.29 -47.40 -105.55
N LYS L 193 -0.16 -48.06 -105.81
CA LYS L 193 0.14 -49.36 -105.24
C LYS L 193 0.77 -49.33 -103.86
N SER L 194 1.02 -48.14 -103.29
CA SER L 194 1.64 -48.07 -101.96
C SER L 194 1.62 -46.67 -101.36
N TYR L 195 0.60 -46.36 -100.57
CA TYR L 195 0.58 -45.11 -99.84
C TYR L 195 1.42 -45.23 -98.57
N SER L 196 2.06 -44.13 -98.18
CA SER L 196 3.08 -44.21 -97.13
C SER L 196 3.06 -42.93 -96.29
N CYS L 197 2.35 -42.98 -95.17
CA CYS L 197 2.45 -41.91 -94.19
C CYS L 197 3.81 -41.94 -93.51
N GLN L 198 4.39 -40.76 -93.30
CA GLN L 198 5.73 -40.65 -92.76
C GLN L 198 5.79 -39.50 -91.76
N VAL L 199 6.36 -39.76 -90.59
CA VAL L 199 6.38 -38.81 -89.47
C VAL L 199 7.83 -38.58 -89.06
N THR L 200 8.31 -37.34 -89.22
CA THR L 200 9.66 -36.98 -88.84
C THR L 200 9.65 -36.55 -87.37
N HIS L 201 10.35 -37.32 -86.53
CA HIS L 201 10.45 -37.02 -85.10
C HIS L 201 11.93 -37.03 -84.71
N GLU L 202 12.40 -35.91 -84.16
CA GLU L 202 13.80 -35.63 -83.84
C GLU L 202 14.68 -35.47 -85.07
N GLY L 203 14.09 -35.31 -86.25
CA GLY L 203 14.78 -35.42 -87.52
C GLY L 203 14.73 -36.84 -88.05
N SER L 204 14.85 -37.81 -87.16
CA SER L 204 14.55 -39.19 -87.49
C SER L 204 13.08 -39.32 -87.88
N THR L 205 12.76 -40.40 -88.57
CA THR L 205 11.41 -40.55 -89.10
C THR L 205 11.01 -42.02 -89.14
N VAL L 206 9.70 -42.25 -89.00
CA VAL L 206 9.11 -43.58 -89.02
C VAL L 206 8.07 -43.64 -90.12
N GLU L 207 7.94 -44.80 -90.74
CA GLU L 207 7.07 -44.98 -91.91
C GLU L 207 6.06 -46.10 -91.68
N LYS L 208 4.87 -45.90 -92.21
CA LYS L 208 3.86 -46.95 -92.36
C LYS L 208 3.37 -46.91 -93.79
N THR L 209 3.28 -48.06 -94.44
CA THR L 209 2.92 -48.16 -95.84
C THR L 209 1.66 -48.99 -95.99
N VAL L 210 0.78 -48.56 -96.90
CA VAL L 210 -0.51 -49.20 -97.11
C VAL L 210 -0.85 -49.13 -98.60
N ALA L 211 -1.48 -50.19 -99.08
CA ALA L 211 -1.90 -50.32 -100.48
C ALA L 211 -3.35 -50.78 -100.54
N PRO L 212 -4.02 -50.51 -101.66
CA PRO L 212 -5.33 -51.13 -101.90
C PRO L 212 -5.27 -52.60 -102.30
N THR L 213 -4.11 -53.26 -102.19
CA THR L 213 -3.93 -54.61 -102.71
C THR L 213 -3.16 -55.49 -101.73
N GLU L 214 -3.62 -55.55 -100.48
CA GLU L 214 -3.16 -56.56 -99.54
C GLU L 214 -4.06 -56.62 -98.30
N CYS L 215 -4.67 -57.79 -98.08
CA CYS L 215 -5.49 -58.01 -96.89
C CYS L 215 -4.62 -57.98 -95.63
N VAL M 7 -47.76 24.20 38.90
CA VAL M 7 -46.44 24.72 38.57
C VAL M 7 -45.55 23.61 38.03
N PHE M 8 -45.07 23.79 36.80
CA PHE M 8 -44.19 22.84 36.12
C PHE M 8 -42.92 23.60 35.74
N LEU M 9 -42.07 23.86 36.74
CA LEU M 9 -40.84 24.62 36.58
C LEU M 9 -39.91 24.01 35.53
N GLY M 10 -39.29 22.88 35.85
CA GLY M 10 -38.34 22.24 34.98
C GLY M 10 -37.75 21.00 35.65
N PHE M 11 -36.47 20.73 35.41
CA PHE M 11 -35.84 19.51 35.91
C PHE M 11 -34.84 19.86 37.01
N LEU M 12 -35.16 19.44 38.23
CA LEU M 12 -34.20 19.36 39.34
C LEU M 12 -33.83 20.72 39.93
N GLY M 13 -34.73 21.70 39.81
CA GLY M 13 -34.50 22.97 40.50
C GLY M 13 -34.45 22.83 42.00
N ALA M 14 -35.07 21.79 42.55
CA ALA M 14 -35.12 21.56 43.99
C ALA M 14 -33.97 20.66 44.45
N ALA M 15 -32.75 21.18 44.28
CA ALA M 15 -31.56 20.52 44.80
C ALA M 15 -31.07 21.13 46.10
N GLY M 16 -31.12 22.46 46.22
CA GLY M 16 -30.90 23.11 47.50
C GLY M 16 -32.22 23.44 48.16
N SER M 17 -33.26 22.69 47.79
CA SER M 17 -34.61 22.87 48.31
C SER M 17 -35.03 21.62 49.06
N THR M 18 -36.12 21.76 49.83
CA THR M 18 -36.46 20.76 50.84
C THR M 18 -36.78 19.41 50.22
N MET M 19 -36.69 18.37 51.05
CA MET M 19 -36.80 17.00 50.57
C MET M 19 -38.19 16.72 49.98
N GLY M 20 -39.24 17.31 50.56
CA GLY M 20 -40.58 17.10 50.03
C GLY M 20 -40.81 17.81 48.72
N ALA M 21 -40.41 19.08 48.64
CA ALA M 21 -40.48 19.81 47.38
C ALA M 21 -39.64 19.11 46.31
N ALA M 22 -38.59 18.40 46.71
CA ALA M 22 -37.85 17.57 45.77
C ALA M 22 -38.65 16.33 45.40
N SER M 23 -38.95 15.48 46.38
CA SER M 23 -39.73 14.26 46.17
C SER M 23 -41.19 14.54 45.80
N MET M 24 -41.52 15.79 45.48
CA MET M 24 -42.86 16.16 45.03
C MET M 24 -43.13 15.60 43.64
N THR M 25 -42.42 16.12 42.64
CA THR M 25 -42.65 15.76 41.24
C THR M 25 -42.09 14.38 40.92
N LEU M 26 -42.74 13.33 41.43
CA LEU M 26 -42.27 11.97 41.21
C LEU M 26 -42.56 11.47 39.80
N THR M 27 -43.09 12.31 38.91
CA THR M 27 -43.45 11.89 37.56
C THR M 27 -42.96 12.89 36.53
N VAL M 28 -41.78 13.47 36.75
CA VAL M 28 -41.18 14.42 35.82
C VAL M 28 -39.86 13.90 35.28
N GLN M 29 -38.99 13.40 36.17
CA GLN M 29 -37.66 13.00 35.77
C GLN M 29 -37.62 11.67 35.02
N ALA M 30 -38.72 10.94 34.95
CA ALA M 30 -38.75 9.62 34.33
C ALA M 30 -39.39 9.64 32.93
N ARG M 31 -39.40 10.78 32.25
CA ARG M 31 -40.06 10.88 30.96
C ARG M 31 -39.09 10.94 29.77
N ASN M 32 -37.92 11.52 29.92
CA ASN M 32 -37.00 11.73 28.81
C ASN M 32 -35.68 11.04 29.11
N LEU M 33 -35.66 9.71 28.93
CA LEU M 33 -34.43 8.95 29.15
C LEU M 33 -34.30 7.91 28.04
N LEU M 34 -35.44 7.47 27.53
CA LEU M 34 -35.50 6.62 26.35
C LEU M 34 -36.38 7.21 25.25
N SER M 35 -37.51 7.82 25.61
CA SER M 35 -38.37 8.57 24.69
C SER M 35 -39.01 7.70 23.61
N GLY M 36 -38.18 7.05 22.79
CA GLY M 36 -38.72 6.21 21.73
C GLY M 36 -37.67 5.71 20.77
N THR M 58 -18.67 1.50 10.54
CA THR M 58 -17.95 2.77 10.51
C THR M 58 -17.52 3.19 11.91
N VAL M 59 -16.88 4.35 11.99
CA VAL M 59 -16.56 4.97 13.27
C VAL M 59 -17.35 6.27 13.36
N TRP M 60 -17.27 6.90 14.54
CA TRP M 60 -18.04 8.08 14.94
C TRP M 60 -19.47 7.69 15.33
N GLY M 61 -20.05 6.71 14.64
CA GLY M 61 -21.35 6.20 15.01
C GLY M 61 -21.23 5.13 16.06
N ILE M 62 -20.11 5.15 16.79
CA ILE M 62 -19.81 4.12 17.76
C ILE M 62 -19.69 4.64 19.19
N LYS M 63 -19.37 5.93 19.38
CA LYS M 63 -19.26 6.49 20.72
C LYS M 63 -20.63 6.76 21.32
N GLN M 64 -21.62 7.07 20.50
CA GLN M 64 -23.00 7.10 20.97
C GLN M 64 -23.56 5.70 21.13
N LEU M 65 -22.99 4.72 20.40
CA LEU M 65 -23.48 3.36 20.49
C LEU M 65 -23.00 2.69 21.77
N GLN M 66 -21.77 2.96 22.17
CA GLN M 66 -21.25 2.43 23.43
C GLN M 66 -21.79 3.17 24.65
N ALA M 67 -22.60 4.20 24.45
CA ALA M 67 -23.17 4.97 25.55
C ALA M 67 -24.57 4.53 25.95
N ARG M 68 -25.37 4.03 25.01
CA ARG M 68 -26.77 3.73 25.30
C ARG M 68 -27.01 2.28 25.71
N VAL M 69 -26.11 1.35 25.34
CA VAL M 69 -26.27 -0.02 25.79
C VAL M 69 -25.72 -0.22 27.19
N LEU M 70 -24.84 0.66 27.65
CA LEU M 70 -24.48 0.76 29.06
C LEU M 70 -25.32 1.79 29.79
N ALA M 71 -26.41 2.25 29.16
CA ALA M 71 -27.39 3.13 29.78
C ALA M 71 -28.73 2.44 29.98
N VAL M 72 -28.82 1.15 29.65
CA VAL M 72 -30.02 0.35 29.90
C VAL M 72 -29.72 -0.94 30.65
N GLU M 73 -28.48 -1.45 30.64
CA GLU M 73 -28.12 -2.53 31.54
C GLU M 73 -28.26 -2.11 32.99
N ARG M 74 -27.87 -0.87 33.30
CA ARG M 74 -28.06 -0.33 34.64
C ARG M 74 -29.54 -0.03 34.90
N TYR M 75 -30.27 0.41 33.87
CA TYR M 75 -31.68 0.69 34.03
C TYR M 75 -32.48 -0.58 34.31
N LEU M 76 -32.16 -1.67 33.60
CA LEU M 76 -32.84 -2.93 33.84
C LEU M 76 -32.35 -3.63 35.09
N ARG M 77 -31.15 -3.29 35.57
CA ARG M 77 -30.74 -3.73 36.90
C ARG M 77 -31.70 -3.17 37.96
N ASP M 78 -32.28 -2.00 37.68
CA ASP M 78 -33.30 -1.44 38.56
C ASP M 78 -34.65 -2.10 38.33
N GLN M 79 -34.99 -2.39 37.07
CA GLN M 79 -36.27 -3.03 36.77
C GLN M 79 -36.40 -4.38 37.46
N GLN M 80 -35.28 -5.07 37.67
CA GLN M 80 -35.30 -6.33 38.40
C GLN M 80 -35.46 -6.11 39.90
N LEU M 81 -34.78 -5.10 40.44
CA LEU M 81 -34.75 -4.91 41.88
C LEU M 81 -36.11 -4.46 42.41
N LEU M 82 -36.86 -3.68 41.64
CA LEU M 82 -38.22 -3.36 42.04
C LEU M 82 -39.16 -4.55 41.91
N GLY M 83 -38.70 -5.67 41.38
CA GLY M 83 -39.53 -6.85 41.26
C GLY M 83 -39.07 -7.97 42.17
N ILE M 84 -37.76 -8.08 42.40
CA ILE M 84 -37.25 -9.11 43.31
C ILE M 84 -37.32 -8.69 44.76
N TRP M 85 -37.88 -7.52 45.05
CA TRP M 85 -38.36 -7.16 46.36
C TRP M 85 -39.88 -7.34 46.35
N GLY M 86 -40.55 -6.82 47.37
CA GLY M 86 -42.00 -6.93 47.42
C GLY M 86 -42.76 -5.81 46.73
N CYS M 87 -42.07 -4.81 46.20
CA CYS M 87 -42.75 -3.62 45.72
C CYS M 87 -43.47 -3.89 44.40
N SER M 88 -42.84 -4.66 43.49
CA SER M 88 -43.42 -5.04 42.20
C SER M 88 -43.70 -3.83 41.30
N GLY M 89 -44.40 -2.83 41.83
CA GLY M 89 -44.76 -1.66 41.05
C GLY M 89 -43.64 -0.66 40.94
N LYS M 90 -44.01 0.56 40.55
CA LYS M 90 -43.06 1.64 40.31
C LYS M 90 -43.45 2.86 41.14
N LEU M 91 -42.43 3.70 41.40
CA LEU M 91 -42.46 4.98 42.13
C LEU M 91 -41.90 4.85 43.54
N ILE M 92 -42.70 5.18 44.54
CA ILE M 92 -42.23 5.41 45.90
C ILE M 92 -42.77 4.30 46.80
N CYS M 93 -41.87 3.43 47.25
CA CYS M 93 -42.19 2.34 48.16
C CYS M 93 -41.51 2.58 49.50
N CYS M 94 -42.22 2.25 50.59
CA CYS M 94 -41.65 2.36 51.93
C CYS M 94 -41.17 0.98 52.41
N THR M 95 -40.37 0.99 53.47
CA THR M 95 -39.64 -0.20 53.90
C THR M 95 -39.89 -0.48 55.38
N ASN M 96 -39.59 -1.71 55.77
CA ASN M 96 -39.63 -2.16 57.16
C ASN M 96 -38.21 -2.46 57.62
N VAL M 97 -37.40 -1.41 57.69
CA VAL M 97 -36.00 -1.56 58.08
C VAL M 97 -35.68 -0.57 59.19
N PRO M 98 -34.94 -0.98 60.22
CA PRO M 98 -34.47 0.00 61.20
C PRO M 98 -33.64 1.10 60.57
N TRP M 99 -34.23 2.28 60.36
CA TRP M 99 -33.40 3.45 60.11
C TRP M 99 -32.59 3.66 61.39
N ASN M 100 -31.44 2.99 61.49
CA ASN M 100 -30.71 2.95 62.75
C ASN M 100 -30.31 4.34 63.19
N SER M 101 -30.33 4.56 64.51
CA SER M 101 -30.19 5.90 65.06
C SER M 101 -28.88 6.56 64.65
N SER M 102 -27.83 5.76 64.40
CA SER M 102 -26.55 6.31 63.99
C SER M 102 -26.65 7.11 62.70
N TRP M 103 -27.69 6.85 61.90
CA TRP M 103 -27.90 7.58 60.65
C TRP M 103 -28.63 8.88 60.97
N SER M 104 -27.96 10.01 60.74
CA SER M 104 -28.35 11.36 61.14
C SER M 104 -29.79 11.49 61.60
N ASN M 105 -30.05 11.21 62.87
CA ASN M 105 -31.41 11.24 63.41
C ASN M 105 -31.75 12.66 63.85
N ARG M 106 -32.61 13.31 63.09
CA ARG M 106 -33.41 14.41 63.57
C ARG M 106 -34.87 13.94 63.57
N ASN M 107 -35.77 14.80 64.04
CA ASN M 107 -37.17 14.43 64.01
C ASN M 107 -37.62 14.26 62.55
N LEU M 108 -38.78 13.62 62.37
CA LEU M 108 -39.44 13.66 61.07
C LEU M 108 -39.48 15.09 60.55
N SER M 109 -39.73 16.04 61.44
CA SER M 109 -39.88 17.44 61.06
C SER M 109 -38.56 18.19 60.95
N GLU M 110 -37.50 17.67 61.53
CA GLU M 110 -36.19 18.27 61.34
C GLU M 110 -35.39 17.58 60.24
N ILE M 111 -35.89 16.46 59.73
CA ILE M 111 -35.35 15.82 58.52
C ILE M 111 -36.32 16.09 57.38
N TRP M 112 -37.51 15.48 57.47
CA TRP M 112 -38.43 15.43 56.34
C TRP M 112 -39.07 16.79 56.08
N ASP M 113 -39.50 17.49 57.14
CA ASP M 113 -40.18 18.77 57.01
C ASP M 113 -39.25 19.95 57.29
N ASN M 114 -37.97 19.87 56.91
CA ASN M 114 -37.03 20.94 57.25
C ASN M 114 -35.88 21.07 56.28
N MET M 115 -35.23 19.96 55.94
CA MET M 115 -33.93 19.98 55.29
C MET M 115 -34.03 19.81 53.79
N THR M 116 -32.92 20.09 53.12
CA THR M 116 -32.80 20.03 51.67
C THR M 116 -31.86 18.89 51.27
N TRP M 117 -32.06 18.38 50.06
CA TRP M 117 -31.17 17.33 49.56
C TRP M 117 -29.78 17.87 49.23
N LEU M 118 -29.54 19.17 49.42
CA LEU M 118 -28.19 19.71 49.48
C LEU M 118 -27.63 19.63 50.90
N GLN M 119 -28.51 19.77 51.90
CA GLN M 119 -28.11 19.76 53.30
C GLN M 119 -28.45 18.46 54.01
N TRP M 120 -29.28 17.61 53.43
CA TRP M 120 -29.60 16.31 54.02
C TRP M 120 -28.79 15.18 53.41
N ASP M 121 -28.59 15.19 52.09
CA ASP M 121 -27.72 14.20 51.47
C ASP M 121 -26.26 14.41 51.88
N LYS M 122 -25.93 15.57 52.42
CA LYS M 122 -24.60 15.82 52.98
C LYS M 122 -24.36 15.06 54.28
N GLU M 123 -25.35 14.32 54.78
CA GLU M 123 -25.25 13.64 56.07
C GLU M 123 -25.50 12.14 56.00
N ILE M 124 -26.13 11.65 54.94
CA ILE M 124 -26.40 10.22 54.83
C ILE M 124 -25.29 9.45 54.11
N SER M 125 -24.42 10.14 53.37
CA SER M 125 -23.58 9.48 52.37
C SER M 125 -22.70 8.40 52.99
N ASN M 126 -21.94 8.74 54.04
CA ASN M 126 -20.87 7.89 54.54
C ASN M 126 -21.32 6.51 54.97
N TYR M 127 -22.64 6.26 55.07
CA TYR M 127 -23.10 4.96 55.56
C TYR M 127 -24.30 4.44 54.79
N THR M 128 -24.48 4.86 53.53
CA THR M 128 -25.54 4.28 52.72
C THR M 128 -25.19 2.90 52.19
N GLN M 129 -23.96 2.42 52.40
CA GLN M 129 -23.59 1.09 51.96
C GLN M 129 -24.01 0.01 52.93
N ILE M 130 -24.33 0.38 54.17
CA ILE M 130 -24.77 -0.60 55.16
C ILE M 130 -26.28 -0.84 55.09
N ILE M 131 -27.04 0.16 54.62
CA ILE M 131 -28.50 0.03 54.57
C ILE M 131 -28.90 -1.13 53.67
N TYR M 132 -28.36 -1.19 52.46
CA TYR M 132 -28.71 -2.23 51.51
C TYR M 132 -27.79 -3.44 51.59
N GLY M 133 -27.20 -3.70 52.75
CA GLY M 133 -26.64 -5.01 53.02
C GLY M 133 -27.73 -5.87 53.63
N LEU M 134 -28.94 -5.71 53.12
CA LEU M 134 -30.14 -6.25 53.75
C LEU M 134 -31.35 -6.16 52.83
N LEU M 135 -31.41 -5.12 51.99
CA LEU M 135 -32.62 -4.82 51.22
C LEU M 135 -33.10 -5.98 50.37
N GLU M 136 -32.26 -6.98 50.11
CA GLU M 136 -32.68 -8.21 49.48
C GLU M 136 -32.24 -9.46 50.22
N GLU M 137 -31.40 -9.33 51.26
CA GLU M 137 -30.78 -10.46 51.93
C GLU M 137 -31.75 -11.20 52.84
N SER M 138 -31.88 -10.74 54.09
CA SER M 138 -32.68 -11.43 55.09
C SER M 138 -34.16 -11.11 54.98
N GLN M 139 -34.57 -10.26 54.05
CA GLN M 139 -35.98 -10.01 53.85
C GLN M 139 -36.48 -10.77 52.63
N ASN M 140 -36.62 -10.09 51.48
CA ASN M 140 -37.40 -10.65 50.38
C ASN M 140 -36.83 -11.95 49.82
N GLN M 141 -35.53 -12.21 50.02
CA GLN M 141 -35.01 -13.53 49.65
C GLN M 141 -35.69 -14.62 50.47
N GLN M 142 -35.67 -14.45 51.80
CA GLN M 142 -36.37 -15.37 52.69
C GLN M 142 -37.85 -15.04 52.85
N GLU M 143 -38.25 -13.81 52.55
CA GLU M 143 -39.64 -13.39 52.79
C GLU M 143 -40.57 -13.97 51.74
N LYS M 144 -40.26 -13.76 50.45
CA LYS M 144 -41.09 -14.34 49.41
C LYS M 144 -40.94 -15.84 49.32
N ASN M 145 -39.95 -16.42 50.01
CA ASN M 145 -39.90 -17.87 50.19
C ASN M 145 -40.78 -18.32 51.35
N GLU M 146 -40.97 -17.46 52.36
CA GLU M 146 -41.96 -17.73 53.38
C GLU M 146 -43.35 -17.81 52.77
N GLN M 147 -43.57 -17.12 51.66
CA GLN M 147 -44.79 -17.30 50.89
C GLN M 147 -44.89 -18.69 50.28
N ASP M 148 -43.77 -19.40 50.12
CA ASP M 148 -43.74 -20.65 49.38
C ASP M 148 -43.90 -21.86 50.30
N LEU M 149 -43.05 -21.99 51.32
CA LEU M 149 -43.22 -23.04 52.31
C LEU M 149 -44.61 -22.98 52.93
N LEU M 150 -45.25 -21.81 52.88
CA LEU M 150 -46.65 -21.66 53.25
C LEU M 150 -47.57 -22.26 52.18
N ALA M 151 -47.47 -21.74 50.96
CA ALA M 151 -48.43 -22.07 49.90
C ALA M 151 -48.03 -23.29 49.10
N LEU M 152 -47.64 -24.38 49.78
CA LEU M 152 -47.48 -25.67 49.12
C LEU M 152 -47.92 -26.82 50.02
N ASP M 153 -48.67 -26.52 51.08
CA ASP M 153 -49.08 -27.55 52.03
C ASP M 153 -50.37 -27.14 52.73
N ALA N 1 -45.04 5.77 65.69
CA ALA N 1 -45.26 7.01 66.42
C ALA N 1 -44.02 7.89 66.35
N GLU N 2 -42.85 7.26 66.43
CA GLU N 2 -41.59 7.97 66.34
C GLU N 2 -40.50 7.10 65.74
N ASN N 3 -40.60 5.78 65.94
CA ASN N 3 -39.65 4.84 65.34
C ASN N 3 -39.59 5.05 63.82
N LEU N 4 -38.63 5.85 63.38
CA LEU N 4 -38.54 6.19 61.96
C LEU N 4 -38.08 4.99 61.14
N TRP N 5 -38.66 4.86 59.96
CA TRP N 5 -38.34 3.78 59.02
C TRP N 5 -37.52 4.34 57.86
N VAL N 6 -37.18 3.47 56.92
CA VAL N 6 -36.48 3.88 55.70
C VAL N 6 -37.51 3.99 54.58
N THR N 7 -37.37 5.02 53.76
CA THR N 7 -38.31 5.32 52.69
C THR N 7 -37.55 5.50 51.39
N VAL N 8 -38.13 5.04 50.29
CA VAL N 8 -37.46 4.95 49.00
C VAL N 8 -38.08 5.94 48.04
N TYR N 9 -37.25 6.82 47.48
CA TYR N 9 -37.65 7.79 46.48
C TYR N 9 -36.79 7.59 45.22
N TYR N 10 -37.09 8.35 44.18
CA TYR N 10 -36.45 8.14 42.88
C TYR N 10 -36.43 9.45 42.10
N GLY N 11 -35.29 9.71 41.45
CA GLY N 11 -35.12 10.90 40.64
C GLY N 11 -34.56 12.08 41.41
N VAL N 12 -33.60 11.83 42.30
CA VAL N 12 -33.14 12.81 43.28
C VAL N 12 -32.08 13.73 42.68
N PRO N 13 -31.90 14.94 43.24
CA PRO N 13 -30.83 15.85 42.81
C PRO N 13 -29.51 15.57 43.53
N VAL N 14 -28.84 14.50 43.10
CA VAL N 14 -27.60 14.05 43.71
C VAL N 14 -26.66 13.61 42.60
N TRP N 15 -25.36 13.89 42.77
CA TRP N 15 -24.39 13.50 41.75
C TRP N 15 -23.02 13.30 42.37
N LYS N 16 -22.21 12.50 41.67
CA LYS N 16 -20.77 12.39 41.91
C LYS N 16 -20.08 12.37 40.55
N ASP N 17 -18.79 12.71 40.55
CA ASP N 17 -18.05 12.79 39.30
C ASP N 17 -17.60 11.41 38.85
N ALA N 18 -17.62 11.19 37.53
CA ALA N 18 -17.16 9.95 36.93
C ALA N 18 -16.96 10.18 35.44
N GLU N 19 -15.92 9.58 34.89
CA GLU N 19 -15.56 9.74 33.49
C GLU N 19 -16.04 8.54 32.68
N THR N 20 -16.75 8.81 31.59
CA THR N 20 -17.13 7.79 30.62
C THR N 20 -17.36 8.48 29.28
N THR N 21 -17.86 7.71 28.31
CA THR N 21 -17.88 8.15 26.91
C THR N 21 -19.03 9.13 26.67
N LEU N 22 -18.68 10.36 26.30
CA LEU N 22 -19.59 11.31 25.70
C LEU N 22 -19.61 11.09 24.19
N PHE N 23 -20.54 11.75 23.50
CA PHE N 23 -20.59 11.61 22.04
C PHE N 23 -21.04 12.91 21.40
N CYS N 24 -21.18 12.86 20.08
CA CYS N 24 -21.26 14.02 19.22
C CYS N 24 -22.70 14.38 18.86
N ALA N 25 -22.86 15.58 18.32
CA ALA N 25 -24.08 16.09 17.70
C ALA N 25 -23.77 17.43 17.07
N SER N 26 -23.98 17.55 15.75
CA SER N 26 -23.64 18.78 15.03
C SER N 26 -24.75 19.11 14.04
N ASP N 27 -25.94 19.41 14.59
CA ASP N 27 -27.08 19.90 13.83
C ASP N 27 -27.60 18.89 12.82
N ALA N 28 -28.75 19.17 12.23
CA ALA N 28 -29.26 18.40 11.11
C ALA N 28 -28.83 18.98 9.77
N LYS N 29 -27.96 19.99 9.79
CA LYS N 29 -27.51 20.69 8.59
C LYS N 29 -26.03 20.51 8.31
N ALA N 30 -25.19 20.42 9.33
CA ALA N 30 -23.76 20.27 9.11
C ALA N 30 -23.41 18.93 8.49
N TYR N 31 -24.30 17.95 8.56
CA TYR N 31 -24.09 16.68 7.89
C TYR N 31 -24.27 16.79 6.38
N GLU N 32 -24.54 18.00 5.88
CA GLU N 32 -24.78 18.24 4.46
C GLU N 32 -23.71 19.13 3.84
N THR N 33 -22.55 19.25 4.48
CA THR N 33 -21.45 20.02 3.92
C THR N 33 -20.62 19.23 2.90
N GLU N 34 -20.88 17.93 2.76
CA GLU N 34 -20.21 17.03 1.79
C GLU N 34 -18.71 17.09 1.99
N LYS N 35 -17.95 17.25 0.91
CA LYS N 35 -16.51 17.34 0.93
C LYS N 35 -15.84 16.10 1.49
N HIS N 36 -16.57 15.00 1.64
CA HIS N 36 -16.03 13.75 2.19
C HIS N 36 -15.41 13.93 3.58
N ASN N 37 -16.24 13.85 4.62
CA ASN N 37 -15.84 13.91 6.03
C ASN N 37 -15.26 15.26 6.42
N VAL N 38 -16.10 16.28 6.52
CA VAL N 38 -15.70 17.53 7.14
C VAL N 38 -15.68 17.27 8.64
N TRP N 39 -14.48 17.00 9.18
CA TRP N 39 -14.23 16.68 10.59
C TRP N 39 -14.68 15.26 10.96
N ALA N 40 -15.91 15.12 11.44
CA ALA N 40 -16.32 13.85 12.01
C ALA N 40 -17.82 13.57 11.81
N THR N 41 -18.54 14.56 11.31
CA THR N 41 -19.98 14.42 11.10
C THR N 41 -20.27 13.32 10.09
N HIS N 42 -20.81 12.19 10.58
CA HIS N 42 -20.93 10.98 9.79
C HIS N 42 -22.23 10.27 10.14
N ALA N 43 -22.28 9.68 11.34
CA ALA N 43 -23.51 9.12 11.89
C ALA N 43 -23.92 9.78 13.19
N CYS N 44 -23.32 10.93 13.52
CA CYS N 44 -23.69 11.66 14.73
C CYS N 44 -25.16 12.03 14.69
N VAL N 45 -25.76 12.13 15.87
CA VAL N 45 -27.19 12.45 15.95
C VAL N 45 -27.40 13.92 15.64
N PRO N 46 -28.45 14.29 14.90
CA PRO N 46 -28.73 15.72 14.70
C PRO N 46 -29.12 16.40 15.99
N THR N 47 -28.91 17.72 16.03
CA THR N 47 -29.06 18.50 17.25
C THR N 47 -30.51 18.95 17.45
N ASP N 48 -30.91 19.06 18.72
CA ASP N 48 -32.29 19.38 19.08
C ASP N 48 -32.64 20.81 18.67
N PRO N 49 -33.90 21.06 18.30
CA PRO N 49 -34.25 22.40 17.78
C PRO N 49 -34.19 23.52 18.81
N ASN N 50 -34.39 23.27 20.10
CA ASN N 50 -34.40 24.34 21.10
C ASN N 50 -33.70 23.88 22.37
N PRO N 51 -32.47 24.36 22.62
CA PRO N 51 -31.80 24.04 23.89
C PRO N 51 -32.12 25.04 24.99
N GLN N 52 -32.64 24.56 26.11
CA GLN N 52 -32.98 25.39 27.26
C GLN N 52 -31.99 25.18 28.39
N GLU N 53 -32.10 25.99 29.44
CA GLU N 53 -31.17 25.96 30.54
C GLU N 53 -31.92 26.09 31.87
N ILE N 54 -31.36 25.46 32.90
CA ILE N 54 -31.95 25.44 34.24
C ILE N 54 -30.92 25.98 35.22
N HIS N 55 -31.36 26.88 36.09
CA HIS N 55 -30.52 27.43 37.15
C HIS N 55 -30.89 26.77 38.47
N LEU N 56 -29.91 26.15 39.12
CA LEU N 56 -30.14 25.35 40.31
C LEU N 56 -30.29 26.27 41.52
N GLU N 57 -31.49 26.32 42.09
CA GLU N 57 -31.75 27.14 43.26
C GLU N 57 -30.95 26.64 44.46
N ASN N 58 -30.07 27.50 44.99
CA ASN N 58 -29.26 27.33 46.20
C ASN N 58 -28.05 26.41 46.03
N VAL N 59 -27.84 25.79 44.86
CA VAL N 59 -26.76 24.83 44.73
C VAL N 59 -25.41 25.54 44.78
N THR N 60 -24.52 25.05 45.65
CA THR N 60 -23.13 25.48 45.72
C THR N 60 -22.29 24.30 45.26
N GLU N 61 -21.64 24.44 44.10
CA GLU N 61 -21.04 23.28 43.44
C GLU N 61 -19.64 23.60 42.93
N GLU N 62 -18.78 22.59 43.00
CA GLU N 62 -17.37 22.72 42.63
C GLU N 62 -17.19 22.55 41.12
N PHE N 63 -16.34 23.39 40.53
CA PHE N 63 -16.06 23.34 39.10
C PHE N 63 -14.57 23.46 38.86
N ASN N 64 -14.10 22.93 37.73
CA ASN N 64 -12.69 23.01 37.40
C ASN N 64 -12.51 22.80 35.90
N MET N 65 -11.31 23.13 35.43
CA MET N 65 -10.87 22.82 34.08
C MET N 65 -9.70 21.85 34.04
N TRP N 66 -8.91 21.76 35.11
CA TRP N 66 -7.68 20.99 35.13
C TRP N 66 -7.94 19.49 35.03
N LYS N 67 -8.23 18.85 36.16
CA LYS N 67 -8.43 17.41 36.19
C LYS N 67 -9.80 16.98 35.69
N ASN N 68 -10.62 17.93 35.24
CA ASN N 68 -11.79 17.65 34.41
C ASN N 68 -11.35 16.74 33.27
N ASN N 69 -11.55 15.42 33.44
CA ASN N 69 -10.97 14.45 32.52
C ASN N 69 -11.58 14.50 31.12
N MET N 70 -12.52 15.41 30.85
CA MET N 70 -12.93 15.66 29.48
C MET N 70 -11.85 16.43 28.70
N VAL N 71 -10.92 17.06 29.41
CA VAL N 71 -9.78 17.70 28.77
C VAL N 71 -8.89 16.69 28.08
N GLU N 72 -8.91 15.42 28.53
CA GLU N 72 -8.16 14.37 27.86
C GLU N 72 -9.01 13.63 26.83
N GLN N 73 -10.32 13.51 27.07
CA GLN N 73 -11.19 12.81 26.13
C GLN N 73 -11.25 13.53 24.79
N MET N 74 -11.46 14.85 24.81
CA MET N 74 -11.68 15.60 23.58
C MET N 74 -10.43 15.63 22.71
N HIS N 75 -9.25 15.70 23.32
CA HIS N 75 -8.02 15.67 22.53
C HIS N 75 -7.82 14.31 21.88
N THR N 76 -8.08 13.23 22.62
CA THR N 76 -7.96 11.90 22.03
C THR N 76 -9.02 11.68 20.96
N ASP N 77 -10.17 12.34 21.07
CA ASP N 77 -11.20 12.19 20.04
C ASP N 77 -10.84 12.96 18.78
N ILE N 78 -10.33 14.19 18.94
CA ILE N 78 -9.94 14.99 17.78
C ILE N 78 -8.71 14.41 17.09
N ILE N 79 -7.98 13.51 17.76
CA ILE N 79 -6.77 12.94 17.18
C ILE N 79 -7.12 11.88 16.13
N SER N 80 -7.89 10.86 16.53
CA SER N 80 -8.13 9.72 15.64
C SER N 80 -9.11 10.04 14.51
N LEU N 81 -9.94 11.08 14.66
CA LEU N 81 -10.78 11.50 13.55
C LEU N 81 -9.97 12.17 12.44
N TRP N 82 -8.74 12.60 12.76
CA TRP N 82 -7.88 13.22 11.77
C TRP N 82 -7.41 12.21 10.74
N ASP N 83 -7.16 10.96 11.16
CA ASP N 83 -6.81 9.90 10.22
C ASP N 83 -8.00 9.54 9.33
N GLN N 84 -9.22 9.60 9.88
CA GLN N 84 -10.40 9.21 9.12
C GLN N 84 -10.72 10.19 8.00
N SER N 85 -10.26 11.43 8.10
CA SER N 85 -10.34 12.39 7.00
C SER N 85 -9.11 12.34 6.10
N LEU N 86 -8.36 11.23 6.14
CA LEU N 86 -7.06 11.18 5.49
C LEU N 86 -6.86 9.87 4.72
N LYS N 87 -7.15 8.75 5.38
CA LYS N 87 -6.80 7.42 4.89
C LYS N 87 -7.39 7.03 3.53
N PRO N 88 -8.47 7.68 3.03
CA PRO N 88 -8.89 7.40 1.64
C PRO N 88 -8.56 8.49 0.64
N CYS N 89 -7.42 9.12 0.79
CA CYS N 89 -6.96 10.19 -0.10
C CYS N 89 -5.67 9.74 -0.79
N VAL N 90 -4.67 10.59 -0.94
CA VAL N 90 -3.51 10.32 -1.80
C VAL N 90 -2.23 10.41 -0.96
N LYS N 91 -1.46 9.32 -0.91
CA LYS N 91 -0.16 9.32 -0.23
C LYS N 91 0.93 9.63 -1.25
N LEU N 92 2.04 10.20 -0.78
CA LEU N 92 3.04 10.75 -1.68
C LEU N 92 4.45 10.56 -1.13
N THR N 93 4.83 9.32 -0.84
CA THR N 93 6.22 9.08 -0.44
C THR N 93 7.19 9.13 -1.62
N PRO N 94 6.82 8.77 -2.85
CA PRO N 94 7.73 8.96 -3.98
C PRO N 94 8.14 10.40 -4.22
N LEU N 95 7.48 11.38 -3.59
CA LEU N 95 7.88 12.77 -3.76
C LEU N 95 9.21 13.07 -3.09
N CYS N 96 9.86 12.07 -2.49
CA CYS N 96 11.25 12.20 -2.06
C CYS N 96 12.22 11.94 -3.21
N VAL N 97 11.90 12.43 -4.41
CA VAL N 97 12.85 12.55 -5.50
C VAL N 97 13.37 13.98 -5.50
N THR N 98 14.61 14.16 -5.96
CA THR N 98 15.29 15.44 -5.81
C THR N 98 14.83 16.44 -6.87
N LEU N 99 14.70 17.70 -6.47
CA LEU N 99 14.24 18.78 -7.31
C LEU N 99 15.39 19.73 -7.61
N GLN N 100 15.57 20.07 -8.89
CA GLN N 100 16.55 21.07 -9.30
C GLN N 100 15.91 22.45 -9.15
N CYS N 101 16.43 23.26 -8.24
CA CYS N 101 15.77 24.50 -7.85
C CYS N 101 16.58 25.72 -8.28
N THR N 102 15.96 26.89 -8.06
CA THR N 102 16.53 28.21 -8.35
C THR N 102 15.56 29.27 -7.85
N ASN N 103 16.07 30.45 -7.51
CA ASN N 103 15.18 31.56 -7.14
C ASN N 103 14.20 31.82 -8.29
N VAL N 104 12.95 32.12 -7.91
CA VAL N 104 11.79 31.99 -8.81
C VAL N 104 11.88 32.87 -10.04
N THR N 105 10.98 32.62 -11.00
CA THR N 105 10.80 33.44 -12.18
C THR N 105 10.38 34.85 -11.78
N ASN N 106 11.33 35.71 -11.46
CA ASN N 106 11.03 36.98 -10.83
C ASN N 106 11.73 38.13 -11.53
N ASN N 107 11.35 39.33 -11.12
CA ASN N 107 12.12 40.55 -11.36
C ASN N 107 12.74 41.04 -10.06
N ILE N 108 13.29 40.10 -9.29
CA ILE N 108 13.87 40.34 -7.96
C ILE N 108 12.82 40.98 -7.05
N THR N 109 13.10 42.17 -6.54
CA THR N 109 12.33 42.81 -5.48
C THR N 109 12.05 41.79 -4.35
N ASP N 110 13.13 41.21 -3.85
CA ASP N 110 13.03 40.20 -2.79
C ASP N 110 13.57 40.74 -1.47
N GLY N 114 13.97 35.67 -1.84
CA GLY N 114 13.04 34.92 -2.66
C GLY N 114 12.05 34.09 -1.85
N GLU N 115 12.58 33.30 -0.92
CA GLU N 115 11.79 32.51 0.02
C GLU N 115 11.06 31.36 -0.66
N LEU N 116 11.04 31.35 -1.98
CA LEU N 116 10.49 30.23 -2.75
C LEU N 116 11.38 30.01 -3.96
N LYS N 117 11.26 28.83 -4.56
CA LYS N 117 12.11 28.43 -5.67
C LYS N 117 11.26 27.87 -6.81
N ASN N 118 11.91 27.78 -7.98
CA ASN N 118 11.33 27.21 -9.20
C ASN N 118 12.05 25.88 -9.45
N CYS N 119 11.42 24.77 -9.05
CA CYS N 119 12.10 23.48 -8.86
C CYS N 119 11.54 22.43 -9.80
N SER N 120 12.36 22.00 -10.77
CA SER N 120 11.99 20.98 -11.74
C SER N 120 12.40 19.59 -11.26
N PHE N 121 11.66 18.57 -11.70
CA PHE N 121 11.92 17.21 -11.30
C PHE N 121 11.10 16.24 -12.14
N ASN N 122 11.48 14.97 -12.09
CA ASN N 122 10.87 13.88 -12.83
C ASN N 122 9.94 13.08 -11.92
N MET N 123 8.92 12.45 -12.52
CA MET N 123 7.93 11.74 -11.70
C MET N 123 7.15 10.73 -12.52
N THR N 124 6.79 9.63 -11.85
CA THR N 124 6.06 8.53 -12.48
C THR N 124 4.58 8.88 -12.65
N THR N 125 4.09 8.83 -13.88
CA THR N 125 2.74 9.27 -14.19
C THR N 125 1.77 8.08 -14.23
N GLU N 126 0.61 8.27 -14.87
CA GLU N 126 -0.41 7.23 -14.95
C GLU N 126 0.18 5.93 -15.49
N LEU N 127 0.85 6.01 -16.63
CA LEU N 127 1.54 4.85 -17.18
C LEU N 127 2.82 4.62 -16.41
N ARG N 128 3.10 3.35 -16.11
CA ARG N 128 4.26 3.01 -15.28
C ARG N 128 5.57 3.34 -15.99
N ASP N 129 5.59 3.30 -17.31
CA ASP N 129 6.82 3.51 -18.06
C ASP N 129 7.08 4.98 -18.35
N LYS N 130 6.03 5.79 -18.48
CA LYS N 130 6.18 7.18 -18.84
C LYS N 130 6.56 8.01 -17.62
N LYS N 131 7.53 8.90 -17.79
CA LYS N 131 7.95 9.81 -16.75
C LYS N 131 7.60 11.24 -17.16
N GLN N 132 7.43 12.11 -16.16
CA GLN N 132 6.80 13.40 -16.39
C GLN N 132 7.70 14.54 -15.91
N LYS N 133 7.87 15.55 -16.77
CA LYS N 133 8.51 16.80 -16.40
C LYS N 133 7.48 17.75 -15.82
N VAL N 134 7.75 18.29 -14.64
CA VAL N 134 6.89 19.30 -14.02
C VAL N 134 7.68 19.96 -12.89
N TYR N 135 7.50 21.27 -12.76
CA TYR N 135 8.06 22.01 -11.65
C TYR N 135 6.95 22.66 -10.83
N SER N 136 7.18 22.78 -9.53
CA SER N 136 6.24 23.37 -8.60
C SER N 136 6.94 24.50 -7.85
N LEU N 137 6.21 25.09 -6.90
CA LEU N 137 6.75 26.10 -6.00
C LEU N 137 6.40 25.73 -4.57
N PHE N 138 7.40 25.69 -3.70
CA PHE N 138 7.22 25.32 -2.32
C PHE N 138 7.78 26.41 -1.42
N TYR N 139 7.23 26.49 -0.21
CA TYR N 139 7.77 27.42 0.77
C TYR N 139 9.01 26.82 1.42
N ARG N 140 9.89 27.70 1.94
CA ARG N 140 11.14 27.26 2.52
C ARG N 140 10.96 26.32 3.72
N LEU N 141 9.73 26.08 4.19
CA LEU N 141 9.49 25.14 5.30
C LEU N 141 9.17 23.73 4.83
N ASP N 142 8.65 23.60 3.60
CA ASP N 142 8.22 22.30 3.10
C ASP N 142 9.39 21.44 2.60
N VAL N 143 10.57 22.02 2.42
CA VAL N 143 11.72 21.31 1.83
C VAL N 143 12.94 21.56 2.69
N VAL N 144 14.03 20.88 2.35
CA VAL N 144 15.30 21.05 3.05
C VAL N 144 16.42 20.57 2.14
N GLN N 145 17.50 21.35 2.10
CA GLN N 145 18.71 20.95 1.39
C GLN N 145 19.45 19.87 2.18
N ILE N 146 20.14 18.99 1.46
CA ILE N 146 20.80 17.84 2.05
C ILE N 146 22.30 17.95 1.84
N ASN N 147 23.07 17.69 2.90
CA ASN N 147 24.52 17.61 2.83
C ASN N 147 25.03 16.55 3.80
N SER N 157 28.17 26.12 -7.80
CA SER N 157 27.06 25.17 -7.74
C SER N 157 25.75 25.85 -7.38
N ASN N 158 24.67 25.37 -7.98
CA ASN N 158 23.32 25.78 -7.59
C ASN N 158 22.80 24.80 -6.56
N LYS N 159 21.59 25.06 -6.05
CA LYS N 159 21.06 24.33 -4.91
C LYS N 159 19.94 23.38 -5.32
N GLU N 160 19.98 22.18 -4.75
CA GLU N 160 18.97 21.14 -4.97
C GLU N 160 18.51 20.62 -3.63
N TYR N 161 17.26 20.16 -3.57
CA TYR N 161 16.58 19.93 -2.30
C TYR N 161 15.79 18.62 -2.33
N ARG N 162 15.24 18.30 -1.16
CA ARG N 162 14.34 17.18 -0.93
C ARG N 162 13.18 17.66 -0.07
N LEU N 163 12.12 16.85 0.01
CA LEU N 163 11.04 17.13 0.94
C LEU N 163 11.49 16.82 2.36
N ILE N 164 10.86 17.48 3.33
CA ILE N 164 11.47 17.56 4.65
C ILE N 164 11.15 16.33 5.50
N ASN N 165 10.01 15.67 5.26
CA ASN N 165 9.69 14.47 6.03
C ASN N 165 10.57 13.29 5.65
N CYS N 166 11.34 13.40 4.56
CA CYS N 166 12.02 12.25 3.98
C CYS N 166 13.10 11.69 4.89
N ASN N 167 13.73 12.52 5.72
CA ASN N 167 14.76 12.01 6.64
C ASN N 167 14.16 11.49 7.93
N THR N 168 12.84 11.38 8.03
CA THR N 168 12.18 10.92 9.25
C THR N 168 10.99 10.02 8.96
N SER N 169 10.08 10.49 8.11
CA SER N 169 8.70 10.02 8.13
C SER N 169 8.20 9.74 6.72
N ALA N 170 7.05 9.05 6.67
CA ALA N 170 6.19 9.01 5.49
C ALA N 170 5.27 10.23 5.52
N ILE N 171 4.42 10.36 4.51
CA ILE N 171 3.61 11.57 4.36
C ILE N 171 2.44 11.26 3.44
N THR N 172 1.31 11.92 3.67
CA THR N 172 0.09 11.70 2.91
C THR N 172 -0.59 13.03 2.64
N GLN N 173 -1.00 13.25 1.40
CA GLN N 173 -1.75 14.44 1.02
C GLN N 173 -3.25 14.19 1.22
N ALA N 174 -3.92 15.19 1.77
CA ALA N 174 -5.36 15.09 1.97
C ALA N 174 -6.10 15.32 0.65
N CYS N 175 -7.40 15.05 0.67
CA CYS N 175 -8.22 15.35 -0.49
C CYS N 175 -8.52 16.84 -0.54
N PRO N 176 -8.30 17.51 -1.67
CA PRO N 176 -8.70 18.92 -1.78
C PRO N 176 -10.19 19.13 -1.70
N LYS N 177 -10.99 18.05 -1.81
CA LYS N 177 -12.43 18.16 -1.56
C LYS N 177 -12.69 18.59 -0.12
N VAL N 178 -12.09 17.89 0.85
CA VAL N 178 -12.27 18.18 2.27
C VAL N 178 -11.95 19.64 2.56
N SER N 179 -12.96 20.41 2.98
CA SER N 179 -12.75 21.77 3.45
C SER N 179 -12.45 21.75 4.95
N PHE N 180 -11.94 22.88 5.45
CA PHE N 180 -11.37 22.88 6.80
C PHE N 180 -11.80 24.09 7.62
N GLU N 181 -13.02 24.58 7.42
CA GLU N 181 -13.44 25.67 8.29
C GLU N 181 -14.02 25.12 9.59
N PRO N 182 -13.73 25.76 10.73
CA PRO N 182 -14.30 25.30 12.00
C PRO N 182 -15.83 25.33 12.00
N ILE N 183 -16.44 24.19 12.30
CA ILE N 183 -17.90 24.03 12.30
C ILE N 183 -18.31 23.56 13.69
N PRO N 184 -19.39 24.10 14.26
CA PRO N 184 -19.70 23.81 15.67
C PRO N 184 -20.19 22.39 15.90
N ILE N 185 -19.97 21.89 17.11
CA ILE N 185 -20.40 20.57 17.54
C ILE N 185 -20.84 20.66 19.00
N HIS N 186 -21.92 19.94 19.34
CA HIS N 186 -22.36 19.81 20.72
C HIS N 186 -21.89 18.47 21.28
N TYR N 187 -21.34 18.50 22.49
CA TYR N 187 -20.95 17.29 23.20
C TYR N 187 -22.12 16.79 24.04
N CYS N 188 -22.33 15.48 24.05
CA CYS N 188 -23.57 14.89 24.52
C CYS N 188 -23.33 13.94 25.70
N ALA N 189 -24.44 13.55 26.34
CA ALA N 189 -24.44 12.67 27.50
C ALA N 189 -25.74 11.87 27.52
N PRO N 190 -25.69 10.59 27.92
CA PRO N 190 -26.91 9.76 27.88
C PRO N 190 -27.60 9.62 29.22
N ALA N 191 -28.37 8.54 29.38
CA ALA N 191 -29.19 8.32 30.56
C ALA N 191 -28.35 7.90 31.76
N GLY N 192 -27.95 8.87 32.58
CA GLY N 192 -27.17 8.59 33.77
C GLY N 192 -26.09 9.61 34.05
N PHE N 193 -25.74 10.41 33.04
CA PHE N 193 -24.71 11.41 33.14
C PHE N 193 -25.22 12.74 32.60
N ALA N 194 -24.47 13.80 32.89
CA ALA N 194 -24.79 15.15 32.42
C ALA N 194 -23.54 16.00 32.54
N ILE N 195 -23.67 17.26 32.14
CA ILE N 195 -22.56 18.22 32.18
C ILE N 195 -23.01 19.46 32.95
N LEU N 196 -22.19 19.91 33.89
CA LEU N 196 -22.54 21.05 34.71
C LEU N 196 -22.09 22.36 34.06
N LYS N 197 -22.70 23.47 34.50
CA LYS N 197 -22.42 24.79 33.93
C LYS N 197 -22.68 25.83 35.02
N CYS N 198 -21.61 26.30 35.66
CA CYS N 198 -21.72 27.33 36.69
C CYS N 198 -21.86 28.68 36.01
N LYS N 199 -23.05 29.28 36.16
CA LYS N 199 -23.39 30.52 35.48
C LYS N 199 -22.80 31.76 36.13
N ASP N 200 -21.71 31.64 36.88
CA ASP N 200 -21.01 32.82 37.36
C ASP N 200 -20.43 33.57 36.19
N LYS N 201 -20.45 34.91 36.27
CA LYS N 201 -19.80 35.77 35.29
C LYS N 201 -18.43 36.20 35.75
N LYS N 202 -18.34 36.84 36.92
CA LYS N 202 -17.06 37.04 37.58
C LYS N 202 -16.60 35.71 38.17
N PHE N 203 -16.13 34.80 37.32
CA PHE N 203 -15.84 33.42 37.70
C PHE N 203 -14.35 33.18 37.53
N ASN N 204 -13.62 33.12 38.65
CA ASN N 204 -12.20 32.77 38.63
C ASN N 204 -11.99 31.27 38.84
N GLY N 205 -12.91 30.45 38.35
CA GLY N 205 -12.79 28.99 38.30
C GLY N 205 -12.98 28.12 39.55
N THR N 206 -12.31 28.47 40.64
CA THR N 206 -12.20 27.60 41.80
C THR N 206 -13.25 27.95 42.85
N GLY N 207 -13.99 26.93 43.30
CA GLY N 207 -14.90 27.10 44.41
C GLY N 207 -16.33 26.75 44.09
N PRO N 208 -17.20 26.83 45.09
CA PRO N 208 -18.63 26.65 44.83
C PRO N 208 -19.24 27.88 44.19
N CYS N 209 -20.25 27.64 43.36
CA CYS N 209 -20.81 28.82 42.73
C CYS N 209 -22.13 29.23 43.38
N PRO N 210 -22.37 30.54 43.50
CA PRO N 210 -23.60 30.98 44.20
C PRO N 210 -24.89 30.53 43.54
N SER N 211 -25.02 30.70 42.23
CA SER N 211 -26.23 30.32 41.49
C SER N 211 -25.85 29.30 40.42
N VAL N 212 -25.49 28.10 40.88
CA VAL N 212 -25.10 27.03 39.96
C VAL N 212 -26.23 26.74 39.00
N SER N 213 -25.89 26.47 37.75
CA SER N 213 -26.84 26.09 36.72
C SER N 213 -26.38 24.77 36.10
N THR N 214 -27.15 24.29 35.12
CA THR N 214 -26.84 23.01 34.51
C THR N 214 -27.29 23.01 33.05
N VAL N 215 -26.72 22.09 32.29
CA VAL N 215 -27.06 21.86 30.89
C VAL N 215 -26.99 20.36 30.63
N GLN N 216 -27.73 19.89 29.64
CA GLN N 216 -27.56 18.50 29.25
C GLN N 216 -26.45 18.34 28.24
N CYS N 217 -26.27 19.33 27.36
CA CYS N 217 -25.18 19.35 26.40
C CYS N 217 -24.50 20.71 26.47
N THR N 218 -23.32 20.81 25.85
CA THR N 218 -22.59 22.06 25.82
C THR N 218 -23.16 22.99 24.76
N HIS N 219 -22.62 24.20 24.68
CA HIS N 219 -22.93 25.11 23.58
C HIS N 219 -22.19 24.67 22.34
N GLY N 220 -22.08 25.57 21.35
CA GLY N 220 -21.33 25.27 20.16
C GLY N 220 -19.87 25.65 20.26
N ILE N 221 -18.98 24.67 20.26
CA ILE N 221 -17.54 24.89 20.35
C ILE N 221 -16.91 24.49 19.02
N LYS N 222 -15.97 25.31 18.54
CA LYS N 222 -15.24 25.05 17.31
C LYS N 222 -13.82 24.65 17.63
N PRO N 223 -13.30 23.58 17.03
CA PRO N 223 -11.93 23.13 17.32
C PRO N 223 -10.89 23.93 16.53
N VAL N 224 -10.75 25.20 16.88
CA VAL N 224 -9.90 26.10 16.11
C VAL N 224 -8.43 25.71 16.33
N VAL N 225 -7.77 25.32 15.25
CA VAL N 225 -6.34 25.01 15.28
C VAL N 225 -5.57 26.30 15.47
N SER N 226 -5.16 26.57 16.71
CA SER N 226 -4.49 27.84 16.97
C SER N 226 -3.64 27.74 18.23
N THR N 227 -2.44 28.30 18.15
CA THR N 227 -1.65 28.65 19.31
C THR N 227 -1.63 30.17 19.45
N GLN N 228 -1.21 30.63 20.62
CA GLN N 228 -1.35 32.04 21.00
C GLN N 228 -2.80 32.46 20.96
N LEU N 229 -3.26 32.96 19.81
CA LEU N 229 -4.59 33.57 19.73
C LEU N 229 -5.68 32.51 19.63
N LEU N 230 -6.66 32.60 20.51
CA LEU N 230 -7.90 31.86 20.33
C LEU N 230 -8.81 32.62 19.39
N LEU N 231 -9.45 31.89 18.47
CA LEU N 231 -10.35 32.48 17.50
C LEU N 231 -11.61 31.62 17.42
N ASN N 232 -12.69 32.23 16.93
CA ASN N 232 -13.97 31.54 16.73
C ASN N 232 -14.38 30.76 17.98
N GLY N 233 -14.36 31.45 19.12
CA GLY N 233 -14.61 30.79 20.39
C GLY N 233 -15.73 31.40 21.21
N SER N 234 -15.43 31.75 22.46
CA SER N 234 -16.42 32.25 23.39
C SER N 234 -15.84 33.43 24.18
N LEU N 235 -16.65 34.46 24.37
CA LEU N 235 -16.21 35.69 25.01
C LEU N 235 -16.27 35.56 26.53
N ALA N 236 -15.83 36.62 27.21
CA ALA N 236 -15.93 36.75 28.65
C ALA N 236 -17.03 37.74 28.99
N GLU N 237 -17.28 37.91 30.29
CA GLU N 237 -18.35 38.77 30.76
C GLU N 237 -17.85 39.69 31.87
N GLU N 238 -18.51 40.84 32.00
CA GLU N 238 -18.13 41.89 32.94
C GLU N 238 -16.69 42.32 32.69
N GLU N 239 -15.78 41.96 33.58
CA GLU N 239 -14.36 42.21 33.38
C GLU N 239 -13.73 41.04 32.65
N VAL N 240 -12.74 41.34 31.80
CA VAL N 240 -12.07 40.32 31.02
C VAL N 240 -11.39 39.35 31.96
N MET N 241 -12.05 38.21 32.19
CA MET N 241 -11.62 37.29 33.23
C MET N 241 -10.28 36.64 32.87
N ILE N 242 -9.34 36.70 33.79
CA ILE N 242 -8.04 36.05 33.62
C ILE N 242 -8.12 34.67 34.23
N ARG N 243 -7.79 33.64 33.45
CA ARG N 243 -7.91 32.26 33.88
C ARG N 243 -6.56 31.56 33.85
N SER N 244 -6.42 30.54 34.71
CA SER N 244 -5.24 29.70 34.77
C SER N 244 -5.41 28.51 35.74
N GLU N 245 -4.84 27.36 35.41
CA GLU N 245 -4.84 26.24 36.36
C GLU N 245 -3.87 26.49 37.50
N ASN N 246 -2.81 27.27 37.24
CA ASN N 246 -1.67 27.37 38.13
C ASN N 246 -0.79 28.52 37.68
N ILE N 247 -0.75 29.62 38.45
CA ILE N 247 -0.08 30.84 38.02
C ILE N 247 1.34 30.95 38.55
N THR N 248 1.83 29.92 39.23
CA THR N 248 3.18 29.96 39.80
C THR N 248 4.20 29.23 38.93
N ASN N 249 3.84 28.08 38.37
CA ASN N 249 4.74 27.31 37.52
C ASN N 249 4.77 27.93 36.13
N ASN N 250 5.90 28.53 35.75
CA ASN N 250 6.01 29.14 34.43
C ASN N 250 6.05 28.13 33.29
N ALA N 251 6.00 26.83 33.60
CA ALA N 251 5.89 25.80 32.58
C ALA N 251 4.45 25.48 32.20
N LYS N 252 3.48 26.05 32.91
CA LYS N 252 2.08 25.75 32.66
C LYS N 252 1.49 26.67 31.60
N ASN N 253 0.49 26.16 30.90
CA ASN N 253 -0.16 26.89 29.81
C ASN N 253 -1.30 27.72 30.38
N ILE N 254 -1.22 29.04 30.21
CA ILE N 254 -2.15 29.99 30.80
C ILE N 254 -3.06 30.52 29.72
N LEU N 255 -4.36 30.56 29.99
CA LEU N 255 -5.38 30.83 28.99
C LEU N 255 -6.19 32.06 29.40
N VAL N 256 -6.21 33.07 28.53
CA VAL N 256 -6.96 34.30 28.75
C VAL N 256 -8.22 34.23 27.90
N GLN N 257 -9.33 34.75 28.44
CA GLN N 257 -10.62 34.79 27.75
C GLN N 257 -11.01 36.25 27.55
N PHE N 258 -11.00 36.70 26.31
CA PHE N 258 -11.28 38.10 26.02
C PHE N 258 -12.78 38.39 26.16
N ASN N 259 -13.08 39.67 26.41
CA ASN N 259 -14.45 40.18 26.36
C ASN N 259 -14.71 41.01 25.11
N THR N 260 -13.76 41.86 24.72
CA THR N 260 -13.91 42.68 23.53
C THR N 260 -13.14 42.04 22.39
N PRO N 261 -13.82 41.54 21.35
CA PRO N 261 -13.11 40.85 20.28
C PRO N 261 -12.40 41.83 19.34
N VAL N 262 -11.47 41.27 18.56
CA VAL N 262 -10.61 42.04 17.66
C VAL N 262 -10.76 41.47 16.26
N GLN N 263 -10.79 42.35 15.26
CA GLN N 263 -10.98 41.92 13.88
C GLN N 263 -9.62 41.55 13.26
N ILE N 264 -9.49 40.30 12.85
CA ILE N 264 -8.38 39.87 12.00
C ILE N 264 -8.95 39.64 10.61
N ASN N 265 -8.41 40.34 9.61
CA ASN N 265 -8.85 40.23 8.23
C ASN N 265 -7.64 39.83 7.39
N CYS N 266 -7.18 38.60 7.59
CA CYS N 266 -5.96 38.12 6.97
C CYS N 266 -6.13 38.02 5.46
N THR N 267 -5.03 38.19 4.74
CA THR N 267 -5.04 38.20 3.28
C THR N 267 -3.78 37.56 2.74
N ARG N 268 -3.93 36.86 1.60
CA ARG N 268 -2.83 36.29 0.85
C ARG N 268 -2.99 36.78 -0.59
N PRO N 269 -2.59 38.02 -0.87
CA PRO N 269 -2.92 38.66 -2.15
C PRO N 269 -2.10 38.12 -3.32
N ASN N 270 -2.24 36.84 -3.61
CA ASN N 270 -1.54 36.19 -4.71
C ASN N 270 -2.51 35.22 -5.37
N ASN N 271 -3.13 35.64 -6.48
CA ASN N 271 -4.02 34.77 -7.24
C ASN N 271 -3.29 33.49 -7.60
N ASN N 272 -3.47 32.44 -6.79
CA ASN N 272 -2.63 31.26 -6.85
C ASN N 272 -3.19 30.25 -7.86
N THR N 273 -2.27 29.59 -8.57
CA THR N 273 -2.62 28.62 -9.59
C THR N 273 -2.50 27.21 -9.02
N ARG N 274 -3.54 26.40 -9.20
CA ARG N 274 -3.58 25.02 -8.72
C ARG N 274 -3.33 24.10 -9.92
N LYS N 275 -2.14 23.50 -9.96
CA LYS N 275 -1.75 22.59 -11.03
C LYS N 275 -1.88 21.16 -10.53
N SER N 276 -2.92 20.46 -11.00
CA SER N 276 -3.14 19.07 -10.63
C SER N 276 -2.30 18.16 -11.51
N ILE N 277 -1.57 17.23 -10.89
CA ILE N 277 -0.61 16.38 -11.57
C ILE N 277 -1.05 14.93 -11.42
N ARG N 278 -1.00 14.17 -12.52
CA ARG N 278 -1.46 12.79 -12.55
C ARG N 278 -0.26 11.86 -12.38
N ILE N 279 -0.21 11.18 -11.24
CA ILE N 279 0.87 10.24 -10.92
C ILE N 279 0.29 9.04 -10.21
N GLY N 280 -0.84 8.53 -10.71
CA GLY N 280 -1.63 7.57 -9.99
C GLY N 280 -1.42 6.12 -10.39
N PRO N 281 -2.37 5.53 -11.13
CA PRO N 281 -3.57 6.13 -11.75
C PRO N 281 -4.64 6.59 -10.75
N GLY N 282 -5.50 7.51 -11.19
CA GLY N 282 -6.57 8.01 -10.35
C GLY N 282 -6.15 9.13 -9.43
N GLN N 283 -5.12 8.88 -8.62
CA GLN N 283 -4.67 9.86 -7.65
C GLN N 283 -4.08 11.08 -8.34
N ALA N 284 -3.72 12.07 -7.53
CA ALA N 284 -3.22 13.33 -8.07
C ALA N 284 -2.40 14.06 -7.03
N PHE N 285 -1.30 14.67 -7.48
CA PHE N 285 -0.55 15.65 -6.70
C PHE N 285 -0.88 17.04 -7.21
N TYR N 286 -0.95 18.00 -6.30
CA TYR N 286 -1.37 19.35 -6.61
C TYR N 286 -0.19 20.31 -6.39
N ALA N 287 0.37 20.78 -7.49
CA ALA N 287 1.54 21.64 -7.47
C ALA N 287 1.13 23.12 -7.49
N THR N 288 2.13 23.99 -7.30
CA THR N 288 1.92 25.43 -7.32
C THR N 288 2.35 25.98 -8.67
N GLY N 289 1.45 26.70 -9.33
CA GLY N 289 1.71 27.29 -10.62
C GLY N 289 2.15 28.73 -10.53
N ASP N 290 1.88 29.48 -11.58
CA ASP N 290 2.28 30.87 -11.64
C ASP N 290 1.39 31.75 -10.78
N ILE N 291 2.01 32.64 -10.02
CA ILE N 291 1.32 33.75 -9.36
C ILE N 291 1.35 34.94 -10.32
N ILE N 292 0.20 35.60 -10.46
CA ILE N 292 -0.01 36.55 -11.54
C ILE N 292 0.83 37.81 -11.29
N GLY N 293 1.87 37.98 -12.11
CA GLY N 293 2.60 39.23 -12.21
C GLY N 293 3.23 39.76 -10.93
N ASP N 294 2.59 40.74 -10.32
CA ASP N 294 3.14 41.39 -9.14
C ASP N 294 3.32 40.38 -8.01
N ILE N 295 4.20 40.72 -7.07
CA ILE N 295 4.66 39.80 -6.03
C ILE N 295 4.41 40.44 -4.67
N ARG N 296 3.55 39.82 -3.87
CA ARG N 296 3.17 40.35 -2.57
C ARG N 296 3.27 39.24 -1.52
N GLN N 297 3.11 39.64 -0.26
CA GLN N 297 3.36 38.78 0.88
C GLN N 297 2.10 38.61 1.72
N ALA N 298 1.97 37.45 2.34
CA ALA N 298 0.85 37.19 3.23
C ALA N 298 1.06 37.90 4.56
N HIS N 299 0.06 38.68 4.98
CA HIS N 299 0.10 39.38 6.26
C HIS N 299 -1.10 38.95 7.11
N CYS N 300 -1.82 39.93 7.68
CA CYS N 300 -2.91 39.75 8.64
C CYS N 300 -3.15 41.08 9.33
N ASN N 301 -3.86 41.99 8.68
CA ASN N 301 -4.08 43.33 9.23
C ASN N 301 -4.95 43.25 10.48
N VAL N 302 -4.55 44.00 11.52
CA VAL N 302 -5.25 44.03 12.79
C VAL N 302 -5.44 45.49 13.21
N SER N 303 -6.68 45.85 13.54
CA SER N 303 -7.02 47.21 13.96
C SER N 303 -6.16 47.66 15.13
N LYS N 304 -5.32 48.68 14.90
CA LYS N 304 -4.42 49.15 15.94
C LYS N 304 -5.17 49.68 17.15
N ALA N 305 -6.30 50.36 16.91
CA ALA N 305 -7.07 50.94 18.02
C ALA N 305 -7.65 49.84 18.92
N THR N 306 -8.17 48.77 18.32
CA THR N 306 -8.83 47.73 19.11
C THR N 306 -7.84 47.04 20.04
N TRP N 307 -6.58 46.87 19.59
CA TRP N 307 -5.60 46.23 20.45
C TRP N 307 -5.27 47.09 21.66
N ASN N 308 -5.14 48.40 21.47
CA ASN N 308 -4.70 49.26 22.56
C ASN N 308 -5.74 49.33 23.67
N GLU N 309 -7.02 49.32 23.32
CA GLU N 309 -8.06 49.31 24.35
C GLU N 309 -8.14 47.96 25.04
N THR N 310 -8.09 46.87 24.26
CA THR N 310 -8.14 45.54 24.86
C THR N 310 -6.91 45.23 25.71
N LEU N 311 -5.80 45.92 25.48
CA LEU N 311 -4.65 45.80 26.37
C LEU N 311 -5.03 46.23 27.78
N GLY N 312 -5.68 47.39 27.90
CA GLY N 312 -6.14 47.83 29.21
C GLY N 312 -7.24 46.95 29.78
N LYS N 313 -8.00 46.29 28.91
CA LYS N 313 -9.03 45.37 29.37
C LYS N 313 -8.45 44.20 30.16
N VAL N 314 -7.18 43.89 29.96
CA VAL N 314 -6.51 42.84 30.73
C VAL N 314 -5.37 43.36 31.59
N VAL N 315 -4.75 44.50 31.24
CA VAL N 315 -3.69 45.06 32.09
C VAL N 315 -4.28 45.60 33.38
N LYS N 316 -5.47 46.22 33.30
CA LYS N 316 -6.19 46.56 34.52
C LYS N 316 -6.79 45.34 35.19
N GLN N 317 -6.71 44.17 34.56
CA GLN N 317 -6.90 42.89 35.22
C GLN N 317 -5.59 42.25 35.62
N LEU N 318 -4.52 43.06 35.71
CA LEU N 318 -3.26 42.66 36.29
C LEU N 318 -2.86 43.51 37.48
N ARG N 319 -3.31 44.77 37.54
CA ARG N 319 -3.17 45.55 38.76
C ARG N 319 -4.00 44.97 39.90
N LYS N 320 -5.03 44.18 39.58
CA LYS N 320 -5.75 43.40 40.57
C LYS N 320 -5.00 42.13 40.94
N HIS N 321 -3.80 41.93 40.39
CA HIS N 321 -2.92 40.85 40.78
C HIS N 321 -1.57 41.34 41.30
N PHE N 322 -1.26 42.63 41.15
CA PHE N 322 -0.14 43.24 41.87
C PHE N 322 -0.35 44.75 41.87
N GLY N 323 -0.89 45.27 42.97
CA GLY N 323 -0.82 46.69 43.24
C GLY N 323 -1.91 47.58 42.68
N ASN N 324 -2.45 48.45 43.54
CA ASN N 324 -3.34 49.51 43.08
C ASN N 324 -2.58 50.60 42.31
N ASN N 325 -1.24 50.54 42.29
CA ASN N 325 -0.40 51.38 41.46
C ASN N 325 0.84 50.57 41.12
N THR N 326 1.09 50.30 39.84
CA THR N 326 2.13 49.34 39.48
C THR N 326 2.59 49.56 38.03
N ILE N 327 3.32 48.59 37.50
CA ILE N 327 4.00 48.66 36.21
C ILE N 327 4.02 47.26 35.60
N ILE N 328 3.86 47.18 34.28
CA ILE N 328 3.81 45.92 33.54
C ILE N 328 4.54 46.08 32.22
N ARG N 329 5.27 45.04 31.80
CA ARG N 329 6.11 45.08 30.61
C ARG N 329 5.85 43.86 29.73
N PHE N 330 6.20 43.99 28.45
CA PHE N 330 6.09 42.91 27.48
C PHE N 330 7.38 42.79 26.67
N ALA N 331 7.56 41.62 26.07
CA ALA N 331 8.63 41.34 25.13
C ALA N 331 8.22 40.13 24.29
N ASN N 332 8.82 40.00 23.11
CA ASN N 332 8.43 38.92 22.21
C ASN N 332 8.85 37.58 22.79
N SER N 333 8.38 36.51 22.14
CA SER N 333 8.51 35.16 22.68
C SER N 333 9.96 34.83 22.99
N SER N 334 10.15 34.07 24.07
CA SER N 334 11.50 33.68 24.49
C SER N 334 12.18 32.74 23.50
N GLY N 335 11.41 32.04 22.66
CA GLY N 335 12.00 31.17 21.66
C GLY N 335 11.30 29.83 21.54
N GLY N 336 11.79 28.99 20.63
CA GLY N 336 11.24 27.67 20.43
C GLY N 336 10.80 27.44 19.00
N ASP N 337 9.67 26.77 18.83
CA ASP N 337 9.12 26.48 17.52
C ASP N 337 8.18 27.60 17.08
N LEU N 338 7.81 27.55 15.80
CA LEU N 338 6.82 28.51 15.29
C LEU N 338 5.51 28.39 16.06
N GLU N 339 5.16 27.19 16.50
CA GLU N 339 3.90 26.96 17.18
C GLU N 339 3.86 27.62 18.56
N VAL N 340 5.01 28.01 19.11
CA VAL N 340 5.03 28.72 20.38
C VAL N 340 5.55 30.14 20.25
N THR N 341 6.20 30.49 19.14
CA THR N 341 6.65 31.86 18.93
C THR N 341 5.77 32.64 17.98
N THR N 342 4.92 31.96 17.20
CA THR N 342 4.10 32.60 16.18
C THR N 342 2.65 32.15 16.32
N HIS N 343 1.73 33.06 16.04
CA HIS N 343 0.31 32.74 16.01
C HIS N 343 0.03 31.89 14.77
N SER N 344 -0.16 30.59 14.98
CA SER N 344 -0.51 29.66 13.92
C SER N 344 -2.02 29.47 13.86
N PHE N 345 -2.58 29.61 12.66
CA PHE N 345 -4.00 29.34 12.48
C PHE N 345 -4.24 29.06 11.00
N ASN N 346 -5.31 28.28 10.74
CA ASN N 346 -5.63 27.85 9.39
C ASN N 346 -6.30 29.00 8.63
N CYS N 347 -5.79 29.28 7.43
CA CYS N 347 -6.33 30.35 6.59
C CYS N 347 -6.32 29.85 5.14
N GLY N 348 -7.46 29.30 4.72
CA GLY N 348 -7.62 28.84 3.35
C GLY N 348 -7.48 27.34 3.16
N GLY N 349 -6.53 26.74 3.87
CA GLY N 349 -6.16 25.36 3.67
C GLY N 349 -4.66 25.22 3.88
N GLU N 350 -3.93 26.19 3.34
CA GLU N 350 -2.56 26.43 3.75
C GLU N 350 -2.55 27.15 5.09
N PHE N 351 -1.41 27.13 5.76
CA PHE N 351 -1.31 27.57 7.14
C PHE N 351 -0.48 28.85 7.26
N PHE N 352 -0.85 29.69 8.21
CA PHE N 352 -0.22 30.99 8.43
C PHE N 352 0.38 31.03 9.84
N TYR N 353 1.70 31.16 9.92
CA TYR N 353 2.41 31.44 11.17
C TYR N 353 2.71 32.93 11.21
N CYS N 354 2.07 33.65 12.12
CA CYS N 354 2.15 35.11 12.13
C CYS N 354 3.11 35.61 13.20
N ASN N 355 3.82 36.69 12.86
CA ASN N 355 4.95 37.18 13.64
C ASN N 355 4.45 37.87 14.91
N THR N 356 4.72 37.24 16.07
CA THR N 356 4.36 37.81 17.36
C THR N 356 5.47 38.71 17.92
N SER N 357 6.43 39.11 17.09
CA SER N 357 7.50 39.99 17.58
C SER N 357 6.99 41.41 17.78
N GLY N 358 6.13 41.87 16.87
CA GLY N 358 5.66 43.24 16.86
C GLY N 358 4.44 43.54 17.70
N LEU N 359 3.94 42.59 18.48
CA LEU N 359 2.80 42.81 19.36
C LEU N 359 3.23 42.96 20.81
N PHE N 360 3.89 41.95 21.37
CA PHE N 360 4.38 41.98 22.75
C PHE N 360 5.52 42.98 22.85
N ASN N 361 5.16 44.26 23.00
CA ASN N 361 6.15 45.33 23.02
C ASN N 361 5.54 46.66 23.48
N SER N 362 5.62 46.94 24.79
CA SER N 362 5.19 48.21 25.36
C SER N 362 5.61 48.24 26.84
N THR N 363 5.17 49.27 27.56
CA THR N 363 5.57 49.47 28.95
C THR N 363 4.52 50.34 29.64
N TRP N 364 3.92 49.83 30.71
CA TRP N 364 2.81 50.49 31.39
C TRP N 364 3.26 51.06 32.73
N ILE N 365 2.72 52.22 33.09
CA ILE N 365 2.95 52.81 34.40
C ILE N 365 1.61 53.22 35.02
N SER N 366 1.64 54.21 35.93
CA SER N 366 0.49 54.52 36.77
C SER N 366 -0.44 55.57 36.16
N ASN N 367 -0.44 56.77 36.73
CA ASN N 367 -1.38 57.81 36.35
C ASN N 367 -1.05 58.45 35.00
N ASN N 379 -7.38 56.71 13.10
CA ASN N 379 -7.76 55.38 12.66
C ASN N 379 -6.64 54.76 11.83
N ASP N 380 -6.11 53.62 12.28
CA ASP N 380 -5.00 52.98 11.62
C ASP N 380 -4.97 51.51 12.01
N SER N 381 -3.94 50.81 11.54
CA SER N 381 -3.79 49.39 11.80
C SER N 381 -2.32 49.01 11.62
N ILE N 382 -1.81 48.21 12.54
CA ILE N 382 -0.54 47.54 12.30
C ILE N 382 -0.84 46.30 11.47
N THR N 383 0.20 45.56 11.10
CA THR N 383 -0.01 44.30 10.41
C THR N 383 0.98 43.28 10.97
N LEU N 384 0.62 42.02 10.86
CA LEU N 384 1.42 40.94 11.41
C LEU N 384 2.01 40.11 10.29
N PRO N 385 3.34 40.07 10.16
CA PRO N 385 3.95 39.23 9.12
C PRO N 385 3.66 37.76 9.40
N CYS N 386 3.36 37.01 8.33
CA CYS N 386 2.95 35.62 8.48
C CYS N 386 3.66 34.76 7.43
N ARG N 387 4.41 33.77 7.91
CA ARG N 387 4.94 32.72 7.05
C ARG N 387 3.82 31.75 6.67
N ILE N 388 4.07 30.93 5.65
CA ILE N 388 3.09 29.99 5.15
C ILE N 388 3.71 28.61 5.04
N LYS N 389 2.95 27.60 5.45
CA LYS N 389 3.37 26.20 5.46
C LYS N 389 2.28 25.34 4.81
N GLN N 390 2.70 24.35 4.02
CA GLN N 390 1.78 23.38 3.43
C GLN N 390 1.99 21.96 3.91
N ILE N 391 3.23 21.59 4.27
CA ILE N 391 3.53 20.28 4.86
C ILE N 391 3.74 20.49 6.35
N ILE N 392 2.91 19.86 7.17
CA ILE N 392 3.00 20.01 8.62
C ILE N 392 3.08 18.65 9.27
N ASN N 393 3.85 18.58 10.36
CA ASN N 393 4.02 17.38 11.19
C ASN N 393 3.18 17.48 12.46
N MET N 394 1.99 18.07 12.36
CA MET N 394 1.18 18.35 13.52
C MET N 394 0.86 17.07 14.28
N TRP N 395 0.57 17.25 15.58
CA TRP N 395 0.31 16.24 16.61
C TRP N 395 1.61 15.62 17.13
N GLN N 396 2.76 16.09 16.65
CA GLN N 396 4.07 15.54 17.03
C GLN N 396 4.09 14.02 16.88
N ARG N 397 3.66 13.56 15.70
CA ARG N 397 3.65 12.15 15.34
C ARG N 397 4.76 11.94 14.31
N ILE N 398 5.94 11.55 14.79
CA ILE N 398 7.07 11.30 13.89
C ILE N 398 6.77 10.04 13.10
N GLY N 399 6.41 10.22 11.84
CA GLY N 399 5.98 9.11 11.01
C GLY N 399 4.77 9.49 10.17
N GLN N 400 4.05 10.51 10.60
CA GLN N 400 2.81 10.94 9.96
C GLN N 400 2.84 12.46 9.75
N ALA N 401 3.43 12.88 8.64
CA ALA N 401 3.27 14.24 8.16
C ALA N 401 2.23 14.25 7.04
N MET N 402 1.92 15.45 6.54
CA MET N 402 0.86 15.57 5.54
C MET N 402 1.22 16.66 4.55
N TYR N 403 0.41 16.76 3.50
CA TYR N 403 0.51 17.84 2.52
C TYR N 403 -0.88 18.43 2.29
N ALA N 404 -0.97 19.76 2.39
CA ALA N 404 -2.23 20.46 2.13
C ALA N 404 -2.29 20.86 0.67
N PRO N 405 -3.23 20.34 -0.12
CA PRO N 405 -3.34 20.74 -1.52
C PRO N 405 -3.58 22.23 -1.65
N PRO N 406 -2.77 22.92 -2.44
CA PRO N 406 -2.75 24.39 -2.40
C PRO N 406 -4.09 25.00 -2.80
N ILE N 407 -4.31 26.22 -2.33
CA ILE N 407 -5.57 26.93 -2.48
C ILE N 407 -5.46 27.85 -3.69
N GLN N 408 -6.40 27.69 -4.62
CA GLN N 408 -6.43 28.51 -5.83
C GLN N 408 -7.00 29.88 -5.51
N GLY N 409 -6.26 30.92 -5.87
CA GLY N 409 -6.73 32.27 -5.68
C GLY N 409 -6.21 32.91 -4.40
N VAL N 410 -6.71 34.12 -4.16
CA VAL N 410 -6.34 34.89 -2.99
C VAL N 410 -7.09 34.37 -1.78
N ILE N 411 -6.39 34.26 -0.65
CA ILE N 411 -6.94 33.71 0.59
C ILE N 411 -7.24 34.85 1.55
N ARG N 412 -8.36 34.75 2.26
CA ARG N 412 -8.79 35.77 3.21
C ARG N 412 -9.64 35.11 4.28
N CYS N 413 -9.49 35.58 5.52
CA CYS N 413 -10.18 34.97 6.67
C CYS N 413 -10.43 36.04 7.73
N VAL N 414 -11.72 36.35 7.94
CA VAL N 414 -12.15 37.24 9.01
C VAL N 414 -12.57 36.40 10.21
N SER N 415 -12.19 36.82 11.41
CA SER N 415 -12.51 36.06 12.61
C SER N 415 -12.41 36.96 13.83
N ASN N 416 -13.20 36.64 14.85
CA ASN N 416 -13.14 37.35 16.12
C ASN N 416 -12.02 36.80 16.98
N ILE N 417 -11.03 37.63 17.29
CA ILE N 417 -9.94 37.22 18.17
C ILE N 417 -10.48 37.04 19.58
N THR N 418 -10.14 35.91 20.22
CA THR N 418 -10.87 35.45 21.39
C THR N 418 -10.01 35.24 22.63
N GLY N 419 -8.76 34.82 22.51
CA GLY N 419 -7.99 34.52 23.70
C GLY N 419 -6.50 34.48 23.43
N LEU N 420 -5.76 34.00 24.43
CA LEU N 420 -4.30 33.97 24.37
C LEU N 420 -3.76 32.81 25.18
N ILE N 421 -2.78 32.12 24.60
CA ILE N 421 -1.97 31.12 25.29
C ILE N 421 -0.59 31.73 25.51
N LEU N 422 -0.19 31.89 26.77
CA LEU N 422 1.02 32.63 27.08
C LEU N 422 1.65 32.09 28.36
N THR N 423 2.83 32.63 28.68
CA THR N 423 3.60 32.24 29.85
C THR N 423 4.16 33.49 30.53
N ARG N 424 4.85 33.28 31.64
CA ARG N 424 5.55 34.32 32.40
C ARG N 424 7.05 34.03 32.38
N ASP N 425 7.84 34.91 33.00
CA ASP N 425 9.23 34.60 33.24
C ASP N 425 9.35 34.01 34.65
N GLY N 426 10.59 33.88 35.14
CA GLY N 426 10.79 33.34 36.47
C GLY N 426 10.64 34.39 37.56
N GLY N 427 11.62 34.50 38.43
CA GLY N 427 11.61 35.55 39.43
C GLY N 427 12.04 36.89 38.88
N SER N 428 12.94 36.89 37.89
CA SER N 428 13.57 38.09 37.35
C SER N 428 14.14 38.87 38.53
N THR N 429 13.87 40.17 38.67
CA THR N 429 14.15 40.88 39.91
C THR N 429 12.87 40.87 40.73
N ASN N 430 12.96 40.35 41.96
CA ASN N 430 11.79 40.08 42.79
C ASN N 430 10.91 41.31 42.96
N SER N 431 9.83 41.38 42.18
CA SER N 431 8.72 42.33 42.29
C SER N 431 9.03 43.73 41.77
N THR N 432 10.14 43.93 41.06
CA THR N 432 10.31 45.18 40.32
C THR N 432 9.22 45.33 39.27
N THR N 433 8.99 44.27 38.50
CA THR N 433 7.94 44.11 37.50
C THR N 433 8.16 42.70 36.94
N GLU N 434 7.64 42.41 35.74
CA GLU N 434 7.89 41.09 35.19
C GLU N 434 7.63 41.11 33.70
N THR N 435 8.46 40.39 32.95
CA THR N 435 8.27 40.25 31.52
C THR N 435 7.28 39.13 31.23
N PHE N 436 6.43 39.35 30.23
CA PHE N 436 5.38 38.40 29.87
C PHE N 436 5.43 38.17 28.36
N ARG N 437 5.52 36.91 27.97
CA ARG N 437 5.74 36.49 26.60
C ARG N 437 4.74 35.42 26.20
N PRO N 438 4.63 35.12 24.90
CA PRO N 438 3.82 33.97 24.47
C PRO N 438 4.63 32.68 24.41
N GLY N 439 3.93 31.57 24.59
CA GLY N 439 4.54 30.26 24.56
C GLY N 439 3.59 29.14 24.93
N GLY N 440 4.11 28.12 25.62
CA GLY N 440 3.28 27.00 26.05
C GLY N 440 2.91 26.04 24.94
N GLY N 441 1.82 26.32 24.24
CA GLY N 441 1.46 25.57 23.05
C GLY N 441 0.48 24.43 23.23
N ASP N 442 0.80 23.49 24.13
CA ASP N 442 0.17 22.18 24.28
C ASP N 442 -1.29 22.11 23.84
N MET N 443 -1.65 21.05 23.11
CA MET N 443 -2.92 20.96 22.40
C MET N 443 -4.09 20.54 23.27
N ARG N 444 -3.85 20.01 24.46
CA ARG N 444 -4.92 19.74 25.41
C ARG N 444 -5.25 20.96 26.25
N ASP N 445 -4.50 22.05 26.08
CA ASP N 445 -4.79 23.31 26.74
C ASP N 445 -5.20 24.40 25.77
N ASN N 446 -4.99 24.22 24.47
CA ASN N 446 -5.73 25.00 23.48
C ASN N 446 -7.19 24.59 23.47
N TRP N 447 -7.46 23.29 23.59
CA TRP N 447 -8.84 22.81 23.73
C TRP N 447 -9.45 23.33 25.01
N ARG N 448 -8.73 23.18 26.12
CA ARG N 448 -9.27 23.53 27.44
C ARG N 448 -9.57 25.02 27.57
N SER N 449 -9.11 25.85 26.63
CA SER N 449 -9.53 27.24 26.61
C SER N 449 -11.02 27.38 26.33
N GLU N 450 -11.68 26.30 25.91
CA GLU N 450 -13.13 26.27 25.70
C GLU N 450 -13.79 25.14 26.48
N LEU N 451 -13.12 24.64 27.52
CA LEU N 451 -13.66 23.58 28.37
C LEU N 451 -13.74 24.00 29.84
N TYR N 452 -13.54 25.29 30.14
CA TYR N 452 -13.35 25.72 31.52
C TYR N 452 -14.65 25.62 32.32
N LYS N 453 -15.78 25.94 31.70
CA LYS N 453 -17.05 26.06 32.41
C LYS N 453 -17.87 24.79 32.39
N TYR N 454 -17.23 23.62 32.27
CA TYR N 454 -17.94 22.35 32.24
C TYR N 454 -17.18 21.32 33.06
N LYS N 455 -17.92 20.32 33.54
CA LYS N 455 -17.32 19.17 34.21
C LYS N 455 -18.31 18.01 34.11
N VAL N 456 -17.78 16.82 33.83
CA VAL N 456 -18.60 15.64 33.64
C VAL N 456 -18.98 15.07 34.99
N VAL N 457 -20.26 14.68 35.14
CA VAL N 457 -20.78 14.17 36.39
C VAL N 457 -21.57 12.90 36.13
N LYS N 458 -21.50 11.97 37.07
CA LYS N 458 -22.35 10.79 37.13
C LYS N 458 -23.50 11.06 38.08
N ILE N 459 -24.71 10.70 37.67
CA ILE N 459 -25.93 11.01 38.42
C ILE N 459 -26.34 9.78 39.21
N GLU N 460 -26.56 9.95 40.51
CA GLU N 460 -27.02 8.86 41.36
C GLU N 460 -28.46 9.13 41.79
N PRO N 461 -29.43 8.35 41.33
CA PRO N 461 -30.84 8.77 41.42
C PRO N 461 -31.62 8.26 42.62
N LEU N 462 -31.07 7.30 43.36
CA LEU N 462 -31.79 6.65 44.46
C LEU N 462 -31.49 7.36 45.77
N GLY N 463 -32.52 7.58 46.56
CA GLY N 463 -32.42 8.39 47.75
C GLY N 463 -33.20 7.77 48.89
N VAL N 464 -32.57 7.79 50.08
CA VAL N 464 -33.14 7.23 51.29
C VAL N 464 -33.49 8.38 52.23
N ALA N 465 -34.62 8.24 52.92
CA ALA N 465 -35.11 9.21 53.88
C ALA N 465 -35.82 8.47 55.00
N PRO N 466 -35.92 9.06 56.19
CA PRO N 466 -36.68 8.43 57.27
C PRO N 466 -38.04 9.08 57.51
N THR N 467 -39.09 8.50 56.94
CA THR N 467 -40.45 8.89 57.20
C THR N 467 -41.11 7.90 58.15
N ARG N 468 -42.19 8.35 58.80
CA ARG N 468 -42.81 7.59 59.87
C ARG N 468 -43.63 6.39 59.39
N CYS N 469 -43.68 6.13 58.09
CA CYS N 469 -44.51 5.05 57.56
C CYS N 469 -43.71 3.77 57.38
N LYS N 470 -44.40 2.64 57.50
CA LYS N 470 -43.82 1.32 57.30
C LYS N 470 -44.76 0.50 56.42
N ARG N 471 -44.19 -0.53 55.80
CA ARG N 471 -44.92 -1.34 54.82
C ARG N 471 -45.39 -2.65 55.45
N ARG N 472 -46.00 -3.48 54.61
CA ARG N 472 -46.78 -4.64 55.03
C ARG N 472 -45.94 -5.92 55.05
N VAL N 473 -46.48 -6.92 55.75
CA VAL N 473 -45.89 -8.26 55.77
C VAL N 473 -46.94 -9.29 55.34
N GLU O 1 16.29 0.89 28.64
CA GLU O 1 17.23 1.91 29.07
C GLU O 1 17.05 3.21 28.27
N VAL O 2 17.62 4.29 28.78
CA VAL O 2 17.65 5.59 28.13
C VAL O 2 19.04 6.19 28.34
N GLN O 3 19.26 7.39 27.79
CA GLN O 3 20.57 8.01 27.86
C GLN O 3 20.46 9.47 27.43
N LEU O 4 21.52 10.23 27.74
CA LEU O 4 21.70 11.63 27.33
C LEU O 4 23.13 11.75 26.82
N VAL O 5 23.34 11.49 25.54
CA VAL O 5 24.69 11.50 24.96
C VAL O 5 25.14 12.94 24.74
N GLU O 6 26.30 13.29 25.29
CA GLU O 6 26.82 14.64 25.21
C GLU O 6 28.04 14.71 24.30
N SER O 7 28.29 15.91 23.78
CA SER O 7 29.42 16.14 22.91
C SER O 7 30.73 16.01 23.68
N GLY O 8 31.79 15.64 22.96
CA GLY O 8 33.12 15.67 23.50
C GLY O 8 33.59 17.10 23.72
N ALA O 9 34.84 17.20 24.18
CA ALA O 9 35.41 18.50 24.52
C ALA O 9 35.46 19.42 23.30
N GLN O 10 34.91 20.64 23.45
CA GLN O 10 34.81 21.63 22.38
C GLN O 10 35.34 22.97 22.89
N VAL O 11 36.66 23.10 22.90
CA VAL O 11 37.32 24.30 23.41
C VAL O 11 37.04 25.48 22.49
N LYS O 12 36.71 26.63 23.08
CA LYS O 12 36.33 27.82 22.33
C LYS O 12 36.93 29.07 22.96
N LYS O 13 36.81 30.19 22.25
CA LYS O 13 37.52 31.42 22.56
C LYS O 13 36.55 32.53 23.01
N PRO O 14 37.06 33.59 23.66
CA PRO O 14 36.17 34.60 24.20
C PRO O 14 35.52 35.47 23.13
N GLY O 15 34.46 36.17 23.55
CA GLY O 15 33.68 37.03 22.70
C GLY O 15 32.77 36.32 21.72
N ALA O 16 32.50 35.03 21.92
CA ALA O 16 31.77 34.25 20.94
C ALA O 16 30.72 33.33 21.57
N SER O 17 30.62 32.10 21.07
CA SER O 17 29.61 31.16 21.52
C SER O 17 30.12 29.74 21.28
N VAL O 18 29.41 28.76 21.85
CA VAL O 18 29.80 27.37 21.79
C VAL O 18 28.55 26.50 21.82
N THR O 19 28.61 25.35 21.16
CA THR O 19 27.51 24.41 21.06
C THR O 19 27.79 23.17 21.91
N VAL O 20 26.82 22.80 22.74
CA VAL O 20 26.89 21.60 23.57
C VAL O 20 25.62 20.79 23.34
N SER O 21 25.75 19.46 23.32
CA SER O 21 24.68 18.59 22.86
C SER O 21 24.24 17.61 23.94
N CYS O 22 23.01 17.11 23.76
CA CYS O 22 22.43 16.06 24.60
C CYS O 22 21.49 15.23 23.69
N THR O 23 22.05 14.24 23.02
CA THR O 23 21.26 13.41 22.11
C THR O 23 20.30 12.52 22.88
N ALA O 24 19.04 12.49 22.44
CA ALA O 24 17.99 11.64 23.00
C ALA O 24 17.86 10.39 22.14
N SER O 25 17.76 9.21 22.78
CA SER O 25 17.65 7.94 22.05
C SER O 25 17.10 6.91 23.03
N GLY O 26 15.82 7.06 23.36
CA GLY O 26 15.15 6.02 24.11
C GLY O 26 13.89 6.41 24.86
N TYR O 27 13.48 7.67 24.83
CA TYR O 27 12.30 8.07 25.57
C TYR O 27 11.52 9.12 24.78
N LYS O 28 10.30 9.40 25.22
CA LYS O 28 9.43 10.33 24.49
C LYS O 28 9.97 11.76 24.62
N PHE O 29 10.19 12.38 23.46
CA PHE O 29 10.80 13.69 23.36
C PHE O 29 9.88 14.81 23.87
N THR O 30 8.76 15.01 23.17
CA THR O 30 8.04 16.28 23.27
C THR O 30 7.49 16.53 24.67
N GLY O 31 6.99 15.50 25.33
CA GLY O 31 6.31 15.72 26.59
C GLY O 31 7.19 15.80 27.83
N TYR O 32 8.50 15.91 27.69
CA TYR O 32 9.38 15.82 28.86
C TYR O 32 10.31 17.03 28.93
N HIS O 33 9.93 17.97 29.79
CA HIS O 33 10.75 19.16 30.05
C HIS O 33 12.19 18.76 30.32
N MET O 34 13.12 19.60 29.89
CA MET O 34 14.54 19.30 30.05
C MET O 34 15.30 20.60 30.31
N HIS O 35 16.21 20.54 31.28
CA HIS O 35 17.02 21.69 31.67
C HIS O 35 18.47 21.50 31.23
N TRP O 36 19.13 22.61 30.94
CA TRP O 36 20.58 22.66 30.80
C TRP O 36 21.15 23.14 32.13
N VAL O 37 22.17 22.43 32.62
CA VAL O 37 22.80 22.76 33.90
C VAL O 37 24.30 22.91 33.65
N ARG O 38 24.90 23.89 34.31
CA ARG O 38 26.31 24.21 34.14
C ARG O 38 27.08 23.93 35.42
N GLN O 39 28.28 23.36 35.26
CA GLN O 39 29.14 23.00 36.38
C GLN O 39 30.56 23.44 36.05
N ALA O 40 31.10 24.39 36.83
CA ALA O 40 32.47 24.82 36.65
C ALA O 40 33.42 23.92 37.45
N PRO O 41 34.67 23.78 37.00
CA PRO O 41 35.63 22.96 37.73
C PRO O 41 35.82 23.38 39.18
N GLY O 42 35.22 22.62 40.10
CA GLY O 42 35.42 22.84 41.52
C GLY O 42 34.66 24.01 42.11
N ARG O 43 33.56 24.42 41.50
CA ARG O 43 32.80 25.58 41.95
C ARG O 43 31.32 25.24 42.04
N GLY O 44 30.53 26.24 42.40
CA GLY O 44 29.09 26.07 42.45
C GLY O 44 28.47 26.07 41.07
N LEU O 45 27.34 25.38 40.96
CA LEU O 45 26.64 25.22 39.69
C LEU O 45 25.67 26.36 39.46
N GLU O 46 25.36 26.61 38.20
CA GLU O 46 24.38 27.61 37.80
C GLU O 46 23.32 26.93 36.95
N TRP O 47 22.05 27.06 37.36
CA TRP O 47 20.96 26.62 36.52
C TRP O 47 20.87 27.53 35.30
N MET O 48 20.92 26.93 34.11
CA MET O 48 20.99 27.69 32.86
C MET O 48 19.60 28.00 32.32
N GLY O 49 18.89 26.96 31.91
CA GLY O 49 17.56 27.15 31.36
C GLY O 49 16.90 25.81 31.14
N TRP O 50 15.80 25.83 30.40
CA TRP O 50 15.05 24.60 30.17
C TRP O 50 14.23 24.76 28.91
N ILE O 51 13.52 23.70 28.53
CA ILE O 51 12.76 23.66 27.29
C ILE O 51 11.57 22.74 27.47
N ASN O 52 10.46 23.12 26.85
CA ASN O 52 9.29 22.28 26.64
C ASN O 52 9.41 21.67 25.24
N PRO O 53 10.07 20.51 25.09
CA PRO O 53 10.38 19.98 23.75
C PRO O 53 9.19 19.91 22.80
N PHE O 54 7.97 19.73 23.30
CA PHE O 54 6.80 19.88 22.45
C PHE O 54 6.74 21.32 21.96
N ARG O 55 7.38 21.58 20.80
CA ARG O 55 7.45 22.88 20.15
C ARG O 55 8.31 23.89 20.90
N GLY O 56 9.06 23.47 21.92
CA GLY O 56 10.25 24.20 22.33
C GLY O 56 10.08 25.42 23.21
N ALA O 57 9.11 25.44 24.12
CA ALA O 57 8.98 26.58 25.03
C ALA O 57 10.19 26.63 25.95
N VAL O 58 11.11 27.56 25.69
CA VAL O 58 12.32 27.71 26.48
C VAL O 58 12.17 28.92 27.39
N LYS O 59 12.94 28.91 28.49
CA LYS O 59 12.97 30.04 29.41
C LYS O 59 14.38 30.20 29.96
N TYR O 60 14.70 31.42 30.31
CA TYR O 60 15.98 31.78 30.92
C TYR O 60 15.72 32.55 32.20
N PRO O 61 16.69 32.58 33.11
CA PRO O 61 16.73 33.67 34.07
C PRO O 61 17.18 34.91 33.34
N GLN O 62 16.73 36.08 33.82
CA GLN O 62 17.15 37.32 33.17
C GLN O 62 18.66 37.45 33.13
N ASN O 63 19.38 36.62 33.90
CA ASN O 63 20.83 36.57 33.93
C ASN O 63 21.47 36.59 32.55
N PHE O 64 20.90 35.85 31.59
CA PHE O 64 21.59 35.62 30.32
C PHE O 64 20.72 35.91 29.09
N ARG O 65 19.65 36.67 29.23
CA ARG O 65 18.87 37.02 28.05
C ARG O 65 19.65 38.02 27.19
N GLY O 66 19.62 37.81 25.87
CA GLY O 66 20.50 38.45 24.95
C GLY O 66 21.77 37.66 24.70
N ARG O 67 22.22 36.88 25.68
CA ARG O 67 23.34 35.96 25.51
C ARG O 67 22.86 34.58 25.03
N VAL O 68 22.03 33.93 25.83
CA VAL O 68 21.70 32.52 25.61
C VAL O 68 20.66 32.39 24.50
N SER O 69 20.84 31.36 23.66
CA SER O 69 19.79 30.88 22.77
C SER O 69 19.79 29.36 22.88
N MET O 70 18.61 28.78 23.11
CA MET O 70 18.51 27.40 23.57
C MET O 70 17.37 26.70 22.85
N THR O 71 17.63 25.50 22.33
CA THR O 71 16.61 24.80 21.57
C THR O 71 16.93 23.30 21.46
N ARG O 72 16.44 22.68 20.40
CA ARG O 72 16.40 21.22 20.25
C ARG O 72 16.11 20.89 18.80
N ASP O 73 16.13 19.60 18.49
CA ASP O 73 15.66 19.09 17.20
C ASP O 73 14.61 18.03 17.46
N THR O 74 13.42 18.23 16.90
CA THR O 74 12.27 17.41 17.29
C THR O 74 12.44 15.95 16.90
N SER O 75 12.64 15.69 15.61
CA SER O 75 12.67 14.32 15.12
C SER O 75 14.04 13.68 15.21
N MET O 76 15.12 14.47 15.10
CA MET O 76 16.45 13.94 15.34
C MET O 76 16.72 13.72 16.83
N GLU O 77 15.91 14.32 17.70
CA GLU O 77 15.91 14.03 19.14
C GLU O 77 17.24 14.36 19.80
N ILE O 78 17.40 15.62 20.21
CA ILE O 78 18.64 16.11 20.78
C ILE O 78 18.38 17.49 21.35
N PHE O 79 19.26 17.95 22.25
CA PHE O 79 19.25 19.32 22.75
C PHE O 79 20.57 19.97 22.37
N TYR O 80 20.49 21.00 21.53
CA TYR O 80 21.58 21.96 21.40
C TYR O 80 21.38 23.09 22.41
N MET O 81 22.42 23.90 22.59
CA MET O 81 22.34 25.05 23.48
C MET O 81 23.57 25.92 23.29
N GLU O 82 23.38 27.23 23.30
CA GLU O 82 24.47 28.18 23.10
C GLU O 82 24.36 29.32 24.10
N LEU O 83 25.51 29.86 24.49
CA LEU O 83 25.60 31.00 25.40
C LEU O 83 26.56 32.01 24.79
N SER O 84 26.04 33.19 24.46
CA SER O 84 26.84 34.21 23.79
C SER O 84 27.52 35.12 24.80
N ARG O 85 28.29 36.08 24.30
CA ARG O 85 29.10 37.00 25.11
C ARG O 85 30.03 36.23 26.05
N LEU O 86 30.90 35.43 25.43
CA LEU O 86 31.78 34.56 26.19
C LEU O 86 32.86 35.37 26.91
N THR O 87 33.20 34.92 28.13
CA THR O 87 34.32 35.45 28.87
C THR O 87 35.03 34.28 29.53
N SER O 88 36.33 34.47 29.81
CA SER O 88 37.17 33.37 30.26
C SER O 88 36.63 32.65 31.49
N ASP O 89 35.78 33.30 32.29
CA ASP O 89 35.20 32.66 33.46
C ASP O 89 34.34 31.45 33.09
N ASP O 90 33.87 31.37 31.84
CA ASP O 90 32.89 30.37 31.43
C ASP O 90 33.45 28.95 31.32
N THR O 91 34.73 28.74 31.62
CA THR O 91 35.33 27.40 31.57
C THR O 91 34.59 26.45 32.50
N ALA O 92 33.88 25.46 31.94
CA ALA O 92 33.01 24.62 32.75
C ALA O 92 32.60 23.38 31.97
N VAL O 93 31.89 22.49 32.66
CA VAL O 93 31.24 21.35 32.04
C VAL O 93 29.73 21.53 32.18
N TYR O 94 28.96 20.68 31.50
CA TYR O 94 27.52 20.89 31.36
C TYR O 94 26.77 19.57 31.48
N TYR O 95 25.49 19.67 31.84
CA TYR O 95 24.64 18.52 32.10
C TYR O 95 23.19 18.86 31.81
N CYS O 96 22.52 18.00 31.06
CA CYS O 96 21.08 18.11 30.85
C CYS O 96 20.34 17.34 31.94
N ALA O 97 19.20 17.89 32.37
CA ALA O 97 18.48 17.34 33.52
C ALA O 97 16.97 17.48 33.32
N ARG O 98 16.24 16.46 33.75
CA ARG O 98 14.80 16.35 33.51
C ARG O 98 14.01 16.57 34.80
N GLU O 99 12.72 16.82 34.64
CA GLU O 99 11.79 17.01 35.75
C GLU O 99 11.08 15.70 36.07
N MET O 100 10.33 15.71 37.17
CA MET O 100 9.66 14.51 37.67
C MET O 100 8.36 14.23 36.92
N PHE O 101 7.29 14.91 37.29
CA PHE O 101 5.94 14.59 36.80
C PHE O 101 5.75 15.19 35.41
N ASP O 102 6.09 14.43 34.38
CA ASP O 102 5.79 14.81 33.01
C ASP O 102 4.91 13.74 32.37
N SER O 103 4.01 14.19 31.51
CA SER O 103 3.03 13.27 30.93
C SER O 103 2.55 13.85 29.60
N SER O 104 1.28 13.62 29.28
CA SER O 104 0.67 14.13 28.06
C SER O 104 -0.37 15.21 28.30
N ALA O 105 -1.18 15.08 29.34
CA ALA O 105 -2.33 15.95 29.48
C ALA O 105 -2.12 17.01 30.53
N ASP O 106 -2.04 16.59 31.79
CA ASP O 106 -2.02 17.50 32.93
C ASP O 106 -0.59 17.64 33.42
N TRP O 107 -0.12 18.89 33.56
CA TRP O 107 1.32 19.12 33.71
C TRP O 107 1.74 19.32 35.15
N SER O 108 2.60 20.35 35.33
CA SER O 108 3.53 20.52 36.44
C SER O 108 4.72 19.62 36.12
N PRO O 109 5.87 19.77 36.79
CA PRO O 109 6.37 20.74 37.76
C PRO O 109 7.48 21.62 37.18
N TRP O 110 8.57 21.74 37.96
CA TRP O 110 9.76 22.46 37.54
C TRP O 110 10.96 21.98 38.36
N ARG O 111 10.92 20.73 38.81
CA ARG O 111 11.83 20.26 39.85
C ARG O 111 12.08 18.77 39.66
N GLY O 112 12.92 18.21 40.53
CA GLY O 112 13.22 16.79 40.51
C GLY O 112 14.28 16.41 39.51
N MET O 113 15.52 16.85 39.74
CA MET O 113 16.60 16.66 38.79
C MET O 113 17.06 15.20 38.83
N VAL O 114 16.76 14.46 37.78
CA VAL O 114 17.10 13.04 37.67
C VAL O 114 18.24 12.82 36.67
N ALA O 115 18.13 13.41 35.49
CA ALA O 115 19.01 13.08 34.37
C ALA O 115 20.29 13.92 34.41
N TRP O 116 21.40 13.29 33.99
CA TRP O 116 22.68 13.96 33.85
C TRP O 116 23.44 13.31 32.70
N GLY O 117 24.23 14.10 32.00
CA GLY O 117 24.90 13.67 30.79
C GLY O 117 26.31 13.16 31.02
N GLN O 118 27.20 13.46 30.08
CA GLN O 118 28.58 12.98 30.10
C GLN O 118 29.57 14.07 30.49
N GLY O 119 29.12 15.29 30.73
CA GLY O 119 30.02 16.38 31.07
C GLY O 119 30.84 16.87 29.90
N THR O 120 30.25 17.75 29.10
CA THR O 120 30.93 18.32 27.94
C THR O 120 31.83 19.46 28.43
N LEU O 121 33.14 19.23 28.40
CA LEU O 121 34.11 20.21 28.89
C LEU O 121 34.55 21.12 27.76
N VAL O 122 34.23 22.40 27.86
CA VAL O 122 34.76 23.41 26.97
C VAL O 122 35.75 24.28 27.77
N THR O 123 36.63 24.95 27.04
CA THR O 123 37.70 25.72 27.66
C THR O 123 37.82 27.06 26.95
N VAL O 124 37.93 28.14 27.71
CA VAL O 124 37.89 29.50 27.18
C VAL O 124 39.09 30.29 27.70
N SER O 125 39.68 31.10 26.82
CA SER O 125 40.75 32.01 27.19
C SER O 125 40.31 33.46 27.06
N SER P 2 24.40 30.28 44.50
CA SER P 2 23.91 29.83 45.79
C SER P 2 23.42 31.00 46.63
N ALA P 3 22.48 30.72 47.55
CA ALA P 3 21.99 31.74 48.47
C ALA P 3 21.80 31.18 49.88
N LEU P 4 22.34 30.00 50.18
CA LEU P 4 22.17 29.35 51.47
C LEU P 4 23.54 29.09 52.07
N THR P 5 23.79 29.67 53.24
CA THR P 5 25.08 29.52 53.90
C THR P 5 25.26 28.07 54.34
N GLN P 6 26.22 27.38 53.73
CA GLN P 6 26.58 26.05 54.18
C GLN P 6 27.95 26.07 54.84
N PRO P 7 28.18 25.26 55.87
CA PRO P 7 29.40 25.39 56.68
C PRO P 7 30.68 25.04 55.93
N ALA P 8 31.79 24.99 56.67
CA ALA P 8 33.09 24.72 56.06
C ALA P 8 33.31 23.22 55.84
N SER P 9 33.34 22.45 56.91
CA SER P 9 33.79 21.06 56.82
C SER P 9 33.00 20.17 57.78
N VAL P 10 33.20 18.87 57.62
CA VAL P 10 32.68 17.84 58.53
C VAL P 10 33.43 16.54 58.23
N SER P 11 33.96 15.91 59.28
CA SER P 11 34.78 14.72 59.11
C SER P 11 34.59 13.79 60.31
N GLY P 12 34.77 12.50 60.07
CA GLY P 12 34.57 11.54 61.14
C GLY P 12 35.17 10.19 60.77
N SER P 13 34.95 9.23 61.67
CA SER P 13 35.35 7.83 61.75
C SER P 13 34.22 6.92 61.28
N PRO P 14 34.55 5.82 60.59
CA PRO P 14 33.52 4.94 60.03
C PRO P 14 32.51 4.44 61.06
N GLY P 15 31.24 4.75 60.83
CA GLY P 15 30.15 4.34 61.72
C GLY P 15 29.39 5.49 62.33
N GLN P 16 29.97 6.68 62.37
CA GLN P 16 29.32 7.82 63.00
C GLN P 16 28.29 8.44 62.07
N SER P 17 27.64 9.50 62.55
CA SER P 17 26.61 10.20 61.80
C SER P 17 26.89 11.69 61.83
N ILE P 18 26.33 12.41 60.87
CA ILE P 18 26.67 13.82 60.64
C ILE P 18 25.42 14.67 60.51
N THR P 19 25.59 15.96 60.79
CA THR P 19 24.57 16.97 60.61
C THR P 19 25.19 18.17 59.92
N ILE P 20 24.50 18.70 58.91
CA ILE P 20 24.98 19.85 58.14
C ILE P 20 23.85 20.85 58.03
N SER P 21 24.10 22.09 58.49
CA SER P 21 23.09 23.13 58.45
C SER P 21 23.12 23.86 57.11
N CYS P 22 22.02 24.55 56.82
CA CYS P 22 21.84 25.24 55.53
C CYS P 22 20.85 26.38 55.77
N ALA P 23 21.39 27.56 56.05
CA ALA P 23 20.61 28.70 56.51
C ALA P 23 20.51 29.78 55.43
N GLY P 24 19.36 30.43 55.37
CA GLY P 24 19.11 31.56 54.51
C GLY P 24 18.48 32.70 55.29
N SER P 25 17.66 33.48 54.59
CA SER P 25 16.91 34.58 55.19
C SER P 25 15.41 34.26 55.13
N SER P 26 14.59 35.31 55.15
CA SER P 26 13.13 35.13 55.10
C SER P 26 12.63 34.71 53.72
N ARG P 27 13.52 34.54 52.74
CA ARG P 27 13.14 34.21 51.38
C ARG P 27 13.49 32.79 50.96
N ASP P 28 14.68 32.31 51.33
CA ASP P 28 15.18 31.06 50.76
C ASP P 28 14.61 29.83 51.45
N VAL P 29 15.46 29.07 52.14
CA VAL P 29 15.01 27.82 52.76
C VAL P 29 13.87 28.09 53.74
N GLY P 30 13.97 29.17 54.52
CA GLY P 30 12.92 29.51 55.45
C GLY P 30 11.67 30.06 54.81
N GLY P 31 11.74 30.47 53.54
CA GLY P 31 10.59 31.04 52.87
C GLY P 31 9.74 30.04 52.12
N PHE P 32 10.34 28.95 51.65
CA PHE P 32 9.64 28.05 50.75
C PHE P 32 9.92 26.60 51.09
N ASP P 33 8.99 25.73 50.73
CA ASP P 33 9.07 24.29 50.96
C ASP P 33 9.23 23.58 49.63
N LEU P 34 10.42 23.75 49.02
CA LEU P 34 10.69 23.17 47.71
C LEU P 34 12.17 22.77 47.59
N VAL P 35 12.75 22.27 48.67
CA VAL P 35 14.19 22.04 48.73
C VAL P 35 14.55 20.64 48.27
N SER P 36 15.85 20.40 48.09
CA SER P 36 16.37 19.07 47.76
C SER P 36 17.89 19.09 47.94
N TRP P 37 18.45 17.91 48.19
CA TRP P 37 19.88 17.74 48.43
C TRP P 37 20.45 16.70 47.48
N TYR P 38 21.75 16.79 47.23
CA TYR P 38 22.39 15.98 46.18
C TYR P 38 23.73 15.44 46.68
N GLN P 39 24.27 14.49 45.91
CA GLN P 39 25.56 13.88 46.18
C GLN P 39 26.40 13.87 44.92
N GLN P 40 27.68 14.21 45.06
CA GLN P 40 28.64 14.13 43.94
C GLN P 40 29.85 13.33 44.43
N HIS P 41 29.89 12.06 44.06
CA HIS P 41 31.15 11.32 44.17
C HIS P 41 32.17 11.96 43.25
N PRO P 42 33.45 12.01 43.64
CA PRO P 42 34.40 12.87 42.92
C PRO P 42 34.68 12.46 41.48
N GLY P 43 33.76 12.78 40.56
CA GLY P 43 34.07 12.68 39.15
C GLY P 43 33.20 11.80 38.27
N LYS P 44 31.89 11.98 38.32
CA LYS P 44 30.97 11.36 37.37
C LYS P 44 29.66 12.15 37.34
N ALA P 45 28.58 11.49 36.97
CA ALA P 45 27.30 12.17 36.87
C ALA P 45 26.73 12.39 38.27
N PRO P 46 26.30 13.61 38.60
CA PRO P 46 25.76 13.86 39.94
C PRO P 46 24.44 13.11 40.15
N LYS P 47 24.02 13.05 41.41
CA LYS P 47 22.88 12.23 41.80
C LYS P 47 22.05 12.94 42.86
N LEU P 48 20.73 12.79 42.76
CA LEU P 48 19.78 13.32 43.73
C LEU P 48 19.50 12.29 44.81
N ILE P 49 19.35 12.74 46.05
CA ILE P 49 19.14 11.83 47.16
C ILE P 49 17.81 12.09 47.87
N ILE P 50 17.40 13.35 47.96
CA ILE P 50 16.19 13.73 48.68
C ILE P 50 15.59 14.96 48.01
N TYR P 51 14.25 15.01 47.93
CA TYR P 51 13.54 16.16 47.40
C TYR P 51 12.37 16.53 48.32
N GLU P 52 12.05 17.82 48.35
CA GLU P 52 10.94 18.39 49.10
C GLU P 52 10.99 18.05 50.58
N VAL P 53 11.66 18.90 51.36
CA VAL P 53 11.78 18.74 52.81
C VAL P 53 12.37 17.37 53.15
N ASN P 54 11.56 16.32 53.03
CA ASN P 54 12.05 14.98 53.30
C ASN P 54 11.17 13.89 52.69
N LYS P 55 11.37 13.62 51.40
CA LYS P 55 10.76 12.48 50.75
C LYS P 55 11.82 11.84 49.86
N ARG P 56 12.16 10.61 50.17
CA ARG P 56 13.18 9.88 49.45
C ARG P 56 12.63 9.37 48.11
N PRO P 57 13.44 9.39 47.06
CA PRO P 57 13.05 8.74 45.82
C PRO P 57 13.39 7.26 45.83
N SER P 58 12.65 6.50 45.02
CA SER P 58 12.74 5.04 45.00
C SER P 58 14.16 4.56 44.71
N GLY P 59 14.84 4.07 45.74
CA GLY P 59 16.16 3.48 45.57
C GLY P 59 17.19 3.87 46.60
N ILE P 60 17.11 5.11 47.09
CA ILE P 60 18.13 5.61 48.02
C ILE P 60 18.04 4.85 49.34
N SER P 61 19.20 4.42 49.84
CA SER P 61 19.25 3.67 51.09
C SER P 61 18.86 4.57 52.25
N SER P 62 17.89 4.11 53.05
CA SER P 62 17.25 4.98 54.04
C SER P 62 18.10 5.21 55.27
N ARG P 63 19.39 5.43 55.09
CA ARG P 63 20.20 6.05 56.12
C ARG P 63 20.21 7.57 55.97
N PHE P 64 19.92 8.07 54.78
CA PHE P 64 19.85 9.49 54.49
C PHE P 64 18.45 10.02 54.81
N SER P 65 18.40 11.20 55.43
CA SER P 65 17.13 11.89 55.67
C SER P 65 17.44 13.32 56.09
N ALA P 66 16.72 14.27 55.49
CA ALA P 66 16.95 15.70 55.76
C ALA P 66 15.62 16.36 56.13
N SER P 67 15.59 17.69 56.16
CA SER P 67 14.38 18.41 56.53
C SER P 67 14.58 19.90 56.27
N LYS P 68 13.51 20.67 56.49
CA LYS P 68 13.53 22.12 56.48
C LYS P 68 12.74 22.59 57.69
N SER P 69 13.36 23.36 58.57
CA SER P 69 12.73 23.84 59.80
C SER P 69 13.01 25.32 59.97
N GLY P 70 11.98 26.14 59.81
CA GLY P 70 12.07 27.55 60.13
C GLY P 70 12.84 28.39 59.13
N ASN P 71 14.16 28.18 59.06
CA ASN P 71 15.00 28.98 58.17
C ASN P 71 16.28 28.26 57.82
N THR P 72 16.70 27.32 58.66
CA THR P 72 17.94 26.59 58.45
C THR P 72 17.59 25.15 58.06
N ALA P 73 17.73 24.84 56.78
CA ALA P 73 17.61 23.45 56.35
C ALA P 73 18.77 22.65 56.88
N SER P 74 18.54 21.37 57.11
CA SER P 74 19.56 20.49 57.66
C SER P 74 19.39 19.11 57.07
N LEU P 75 20.38 18.26 57.34
CA LEU P 75 20.40 16.89 56.83
C LEU P 75 21.03 15.97 57.87
N THR P 76 20.80 14.68 57.71
CA THR P 76 21.36 13.68 58.61
C THR P 76 21.58 12.39 57.84
N ILE P 77 22.80 11.87 57.91
CA ILE P 77 23.14 10.58 57.33
C ILE P 77 23.48 9.63 58.46
N SER P 78 22.81 8.49 58.50
CA SER P 78 22.94 7.54 59.60
C SER P 78 23.99 6.48 59.27
N GLY P 79 24.90 6.24 60.20
CA GLY P 79 25.91 5.21 60.05
C GLY P 79 26.79 5.42 58.84
N LEU P 80 27.77 6.31 58.96
CA LEU P 80 28.61 6.65 57.82
C LEU P 80 29.50 5.48 57.42
N GLN P 81 29.47 5.16 56.13
CA GLN P 81 30.43 4.24 55.53
C GLN P 81 31.49 5.04 54.79
N GLU P 82 32.54 4.35 54.35
CA GLU P 82 33.46 4.96 53.40
C GLU P 82 32.82 5.15 52.03
N GLU P 83 31.64 4.56 51.80
CA GLU P 83 30.89 4.81 50.58
C GLU P 83 30.32 6.22 50.56
N ASP P 84 30.06 6.81 51.73
CA ASP P 84 29.41 8.11 51.81
C ASP P 84 30.38 9.28 51.64
N GLU P 85 31.67 9.01 51.58
CA GLU P 85 32.69 10.04 51.39
C GLU P 85 32.49 10.76 50.07
N ALA P 86 31.79 11.90 50.08
CA ALA P 86 31.46 12.61 48.86
C ALA P 86 31.11 14.06 49.18
N HIS P 87 30.74 14.81 48.14
CA HIS P 87 30.33 16.20 48.24
C HIS P 87 28.80 16.27 48.26
N TYR P 88 28.27 17.25 49.00
CA TYR P 88 26.83 17.35 49.20
C TYR P 88 26.39 18.80 49.14
N TYR P 89 25.18 19.01 48.62
CA TYR P 89 24.66 20.34 48.32
C TYR P 89 23.23 20.45 48.83
N CYS P 90 22.64 21.62 48.60
CA CYS P 90 21.23 21.87 48.87
C CYS P 90 20.64 22.68 47.72
N TYR P 91 19.40 22.37 47.37
CA TYR P 91 18.63 23.06 46.35
C TYR P 91 17.40 23.68 47.01
N SER P 92 16.86 24.71 46.38
CA SER P 92 15.60 25.32 46.83
C SER P 92 15.13 26.22 45.72
N TYR P 93 14.00 25.88 45.10
CA TYR P 93 13.39 26.81 44.16
C TYR P 93 13.01 28.08 44.89
N ALA P 94 13.63 29.19 44.50
CA ALA P 94 13.38 30.50 45.10
C ALA P 94 13.41 31.53 43.98
N ASP P 95 12.27 32.19 43.75
CA ASP P 95 12.09 33.08 42.60
C ASP P 95 12.38 32.30 41.33
N GLY P 96 13.65 32.04 41.07
CA GLY P 96 14.05 31.03 40.12
C GLY P 96 14.61 29.83 40.86
N VAL P 97 15.92 29.68 40.85
CA VAL P 97 16.60 28.64 41.62
C VAL P 97 17.88 29.22 42.21
N ALA P 98 18.00 29.17 43.54
CA ALA P 98 19.24 29.39 44.25
C ALA P 98 19.70 28.06 44.84
N PHE P 99 20.88 28.07 45.45
CA PHE P 99 21.51 26.83 45.88
C PHE P 99 22.10 26.98 47.27
N GLY P 100 22.52 25.85 47.82
CA GLY P 100 23.32 25.80 49.03
C GLY P 100 24.78 25.71 48.66
N GLY P 101 25.63 26.32 49.49
CA GLY P 101 27.05 26.42 49.17
C GLY P 101 27.69 25.07 48.92
N GLY P 102 27.44 24.12 49.82
CA GLY P 102 28.01 22.79 49.68
C GLY P 102 28.86 22.40 50.87
N THR P 103 28.92 21.09 51.15
CA THR P 103 29.72 20.60 52.27
C THR P 103 30.13 19.17 51.97
N LYS P 104 31.42 18.89 52.14
CA LYS P 104 32.00 17.58 51.84
C LYS P 104 32.08 16.73 53.11
N LEU P 105 31.91 15.42 52.92
CA LEU P 105 31.96 14.44 54.00
C LEU P 105 33.13 13.50 53.73
N THR P 106 33.94 13.24 54.75
CA THR P 106 35.18 12.49 54.54
C THR P 106 35.45 11.56 55.72
N VAL P 107 36.46 10.72 55.55
CA VAL P 107 36.84 9.71 56.52
C VAL P 107 38.09 10.17 57.25
N LEU P 108 38.01 10.26 58.57
CA LEU P 108 39.12 10.75 59.39
C LEU P 108 40.08 9.61 59.76
N VAL Q 2 4.02 69.11 -9.62
CA VAL Q 2 5.25 68.93 -8.84
C VAL Q 2 6.36 69.83 -9.40
N GLN Q 3 6.57 70.97 -8.77
CA GLN Q 3 7.61 71.90 -9.18
C GLN Q 3 8.64 72.05 -8.08
N LEU Q 4 9.90 72.17 -8.48
CA LEU Q 4 11.04 72.22 -7.56
C LEU Q 4 11.88 73.44 -7.94
N ARG Q 5 11.74 74.52 -7.15
CA ARG Q 5 12.45 75.77 -7.38
C ARG Q 5 13.21 76.12 -6.10
N GLU Q 6 14.52 75.86 -6.11
CA GLU Q 6 15.32 76.22 -4.95
C GLU Q 6 15.41 77.73 -4.79
N SER Q 7 15.53 78.17 -3.55
CA SER Q 7 15.97 79.51 -3.20
C SER Q 7 17.28 79.36 -2.43
N GLY Q 8 18.37 79.86 -3.01
CA GLY Q 8 19.68 79.61 -2.47
C GLY Q 8 20.46 80.87 -2.15
N PRO Q 9 21.61 80.71 -1.50
CA PRO Q 9 22.45 81.86 -1.18
C PRO Q 9 23.62 82.03 -2.16
N GLY Q 10 24.10 80.92 -2.72
CA GLY Q 10 25.20 80.99 -3.67
C GLY Q 10 26.56 81.15 -3.05
N LEU Q 11 26.74 82.21 -2.26
CA LEU Q 11 28.03 82.56 -1.69
C LEU Q 11 28.05 82.16 -0.21
N VAL Q 12 28.84 81.13 0.11
CA VAL Q 12 29.03 80.68 1.47
C VAL Q 12 30.52 80.69 1.76
N LYS Q 13 30.89 81.24 2.92
CA LYS Q 13 32.28 81.50 3.21
C LYS Q 13 33.02 80.20 3.52
N PRO Q 14 34.35 80.18 3.33
CA PRO Q 14 35.12 78.96 3.59
C PRO Q 14 34.92 78.41 5.00
N SER Q 15 34.61 77.12 5.08
CA SER Q 15 34.41 76.34 6.29
C SER Q 15 33.14 76.71 7.05
N GLU Q 16 32.28 77.56 6.49
CA GLU Q 16 31.05 77.94 7.17
C GLU Q 16 29.88 77.05 6.79
N THR Q 17 28.67 77.61 6.76
CA THR Q 17 27.44 76.84 6.65
C THR Q 17 26.62 77.30 5.45
N LEU Q 18 26.14 76.33 4.67
CA LEU Q 18 25.31 76.57 3.50
C LEU Q 18 23.90 76.05 3.74
N SER Q 19 22.90 76.79 3.27
CA SER Q 19 21.50 76.41 3.42
C SER Q 19 20.78 76.56 2.09
N LEU Q 20 19.95 75.56 1.76
CA LEU Q 20 19.14 75.57 0.54
C LEU Q 20 17.74 75.09 0.88
N SER Q 21 16.74 75.64 0.19
CA SER Q 21 15.34 75.27 0.38
C SER Q 21 14.64 75.28 -0.97
N CYS Q 22 13.57 74.47 -1.07
CA CYS Q 22 12.98 74.16 -2.38
C CYS Q 22 11.48 73.92 -2.20
N THR Q 23 10.70 74.98 -2.38
CA THR Q 23 9.25 74.90 -2.27
C THR Q 23 8.66 74.07 -3.39
N VAL Q 24 7.72 73.19 -3.05
CA VAL Q 24 7.05 72.31 -4.00
C VAL Q 24 5.67 72.86 -4.29
N SER Q 25 5.30 72.88 -5.57
CA SER Q 25 4.03 73.46 -6.02
C SER Q 25 3.41 72.59 -7.10
N GLN Q 26 2.09 72.76 -7.25
CA GLN Q 26 1.29 71.96 -8.19
C GLN Q 26 1.58 70.48 -8.03
N ASP Q 27 1.46 70.01 -6.78
CA ASP Q 27 1.87 68.67 -6.38
C ASP Q 27 0.67 67.99 -5.71
N SER Q 28 -0.07 67.21 -6.49
CA SER Q 28 -1.20 66.46 -5.96
C SER Q 28 -0.78 65.10 -5.38
N ARG Q 29 0.49 64.73 -5.48
CA ARG Q 29 0.97 63.46 -4.95
C ARG Q 29 2.24 63.64 -4.11
N PRO Q 30 2.26 64.56 -3.14
CA PRO Q 30 3.51 64.80 -2.40
C PRO Q 30 3.92 63.64 -1.51
N SER Q 31 2.94 62.91 -0.98
CA SER Q 31 3.25 61.76 -0.13
C SER Q 31 3.78 60.58 -0.92
N ASP Q 32 3.53 60.53 -2.23
CA ASP Q 32 3.87 59.34 -3.01
C ASP Q 32 5.37 59.12 -3.09
N HIS Q 33 6.16 60.18 -3.22
CA HIS Q 33 7.51 60.06 -3.73
C HIS Q 33 8.55 60.57 -2.72
N SER Q 34 9.80 60.19 -2.97
CA SER Q 34 10.94 60.62 -2.19
C SER Q 34 11.65 61.75 -2.92
N TRP Q 35 12.14 62.74 -2.17
CA TRP Q 35 12.59 64.01 -2.71
C TRP Q 35 14.07 64.20 -2.39
N THR Q 36 14.90 64.31 -3.42
CA THR Q 36 16.34 64.24 -3.30
C THR Q 36 17.01 65.57 -3.66
N TRP Q 37 18.14 65.83 -3.00
CA TRP Q 37 19.03 66.93 -3.33
C TRP Q 37 20.26 66.38 -4.05
N VAL Q 38 20.66 67.06 -5.12
CA VAL Q 38 21.74 66.60 -5.98
C VAL Q 38 22.70 67.76 -6.24
N ARG Q 39 24.00 67.44 -6.32
CA ARG Q 39 25.04 68.43 -6.57
C ARG Q 39 25.91 67.99 -7.74
N GLN Q 40 26.48 68.98 -8.44
CA GLN Q 40 27.34 68.75 -9.59
C GLN Q 40 28.60 69.60 -9.48
N SER Q 41 29.77 68.96 -9.60
CA SER Q 41 31.08 69.57 -9.47
C SER Q 41 31.56 70.12 -10.81
N PRO Q 42 32.58 71.02 -10.81
CA PRO Q 42 33.00 71.67 -12.06
C PRO Q 42 33.37 70.70 -13.18
N GLY Q 43 32.54 70.65 -14.23
CA GLY Q 43 32.79 69.75 -15.33
C GLY Q 43 32.77 68.28 -14.95
N LYS Q 44 32.12 67.93 -13.85
CA LYS Q 44 32.12 66.58 -13.31
C LYS Q 44 30.70 66.01 -13.36
N ALA Q 45 30.59 64.75 -12.94
CA ALA Q 45 29.29 64.10 -12.81
C ALA Q 45 28.60 64.57 -11.54
N LEU Q 46 27.36 64.12 -11.37
CA LEU Q 46 26.51 64.56 -10.28
C LEU Q 46 26.65 63.63 -9.07
N GLU Q 47 26.47 64.19 -7.88
CA GLU Q 47 26.61 63.46 -6.63
C GLU Q 47 25.30 63.47 -5.87
N TRP Q 48 24.89 62.29 -5.39
CA TRP Q 48 23.68 62.16 -4.59
C TRP Q 48 23.99 62.61 -3.17
N ILE Q 49 23.37 63.72 -2.75
CA ILE Q 49 23.47 64.14 -1.36
C ILE Q 49 22.59 63.27 -0.48
N GLY Q 50 21.35 63.07 -0.90
CA GLY Q 50 20.39 62.28 -0.14
C GLY Q 50 18.99 62.60 -0.62
N ASP Q 51 18.02 61.99 0.06
CA ASP Q 51 16.62 62.31 -0.20
C ASP Q 51 15.84 62.33 1.10
N ILE Q 52 14.74 63.09 1.09
CA ILE Q 52 13.84 63.20 2.23
C ILE Q 52 12.45 62.83 1.75
N HIS Q 53 11.91 61.71 2.24
CA HIS Q 53 10.56 61.34 1.90
C HIS Q 53 9.57 62.11 2.77
N TYR Q 54 8.35 62.27 2.25
CA TYR Q 54 7.35 63.07 2.93
C TYR Q 54 6.94 62.49 4.28
N ASN Q 55 7.33 61.25 4.59
CA ASN Q 55 7.02 60.65 5.88
C ASN Q 55 8.00 61.08 6.97
N GLY Q 56 9.03 61.85 6.62
CA GLY Q 56 9.97 62.33 7.63
C GLY Q 56 11.35 61.73 7.54
N ALA Q 57 11.44 60.46 7.17
CA ALA Q 57 12.71 59.75 7.17
C ALA Q 57 13.63 60.31 6.09
N THR Q 58 14.88 60.56 6.46
CA THR Q 58 15.90 61.06 5.55
C THR Q 58 17.04 60.06 5.44
N THR Q 59 17.62 59.94 4.25
CA THR Q 59 18.72 59.03 4.00
C THR Q 59 19.83 59.80 3.30
N TYR Q 60 21.05 59.72 3.85
CA TYR Q 60 22.18 60.50 3.37
C TYR Q 60 23.20 59.60 2.67
N ASN Q 61 24.19 60.25 2.03
CA ASN Q 61 25.21 59.59 1.22
C ASN Q 61 26.34 59.07 2.11
N PRO Q 62 26.97 57.96 1.72
CA PRO Q 62 28.00 57.35 2.58
C PRO Q 62 29.13 58.27 3.03
N SER Q 63 29.60 59.18 2.18
CA SER Q 63 30.84 59.92 2.47
C SER Q 63 30.61 61.41 2.68
N LEU Q 64 29.42 61.80 3.14
CA LEU Q 64 29.12 63.20 3.37
C LEU Q 64 28.43 63.48 4.70
N ARG Q 65 28.25 62.47 5.55
CA ARG Q 65 27.31 62.59 6.66
C ARG Q 65 27.72 63.66 7.65
N SER Q 66 28.98 63.63 8.10
CA SER Q 66 29.39 64.42 9.26
C SER Q 66 29.32 65.93 9.04
N ARG Q 67 28.52 66.40 8.06
CA ARG Q 67 28.45 67.83 7.78
C ARG Q 67 27.12 68.30 7.20
N VAL Q 68 26.02 67.54 7.34
CA VAL Q 68 24.79 67.80 6.57
C VAL Q 68 23.56 67.67 7.46
N ARG Q 69 22.41 68.03 6.87
CA ARG Q 69 21.07 67.90 7.46
C ARG Q 69 20.02 68.31 6.44
N ILE Q 70 18.87 67.62 6.44
CA ILE Q 70 17.74 67.96 5.56
C ILE Q 70 16.49 68.09 6.41
N GLU Q 71 15.76 69.19 6.23
CA GLU Q 71 14.53 69.49 6.95
C GLU Q 71 13.32 69.41 6.02
N LEU Q 72 12.13 69.51 6.60
CA LEU Q 72 10.88 69.49 5.85
C LEU Q 72 9.90 70.47 6.47
N ASP Q 73 9.43 71.42 5.65
CA ASP Q 73 8.32 72.31 5.98
C ASP Q 73 7.13 71.79 5.19
N GLN Q 74 6.46 70.79 5.74
CA GLN Q 74 5.58 69.93 4.96
C GLN Q 74 4.27 70.59 4.55
N SER Q 75 3.83 71.63 5.27
CA SER Q 75 2.51 72.18 5.01
C SER Q 75 2.48 73.16 3.82
N ILE Q 76 3.60 73.37 3.14
CA ILE Q 76 3.62 74.25 1.98
C ILE Q 76 3.31 73.44 0.72
N PRO Q 77 4.02 72.32 0.43
CA PRO Q 77 5.19 71.67 1.04
C PRO Q 77 6.51 72.31 0.61
N ARG Q 78 7.55 72.11 1.40
CA ARG Q 78 8.85 72.74 1.17
C ARG Q 78 9.92 72.12 2.07
N PHE Q 79 11.00 71.62 1.47
CA PHE Q 79 12.08 71.01 2.23
C PHE Q 79 13.37 71.81 2.03
N SER Q 80 14.31 71.60 2.95
CA SER Q 80 15.55 72.38 2.96
C SER Q 80 16.74 71.50 3.30
N LEU Q 81 17.94 72.00 2.99
CA LEU Q 81 19.18 71.29 3.20
C LEU Q 81 20.21 72.22 3.81
N LYS Q 82 21.07 71.68 4.68
CA LYS Q 82 22.12 72.45 5.35
C LYS Q 82 23.42 71.66 5.34
N MET Q 83 24.54 72.36 5.19
CA MET Q 83 25.86 71.73 5.17
C MET Q 83 26.89 72.71 5.74
N THR Q 84 27.93 72.15 6.36
CA THR Q 84 28.94 72.94 7.07
C THR Q 84 30.33 72.58 6.58
N SER Q 85 31.31 73.38 7.02
CA SER Q 85 32.72 73.23 6.68
C SER Q 85 32.94 73.25 5.17
N MET Q 86 32.55 74.37 4.56
CA MET Q 86 32.63 74.50 3.11
C MET Q 86 34.07 74.75 2.67
N THR Q 87 34.50 73.99 1.66
CA THR Q 87 35.85 74.11 1.10
C THR Q 87 35.78 74.22 -0.41
N ALA Q 88 36.94 74.30 -1.05
CA ALA Q 88 37.02 74.64 -2.47
C ALA Q 88 36.56 73.51 -3.38
N ALA Q 89 36.26 72.34 -2.83
CA ALA Q 89 35.77 71.22 -3.63
C ALA Q 89 34.29 70.95 -3.39
N ASP Q 90 33.61 71.82 -2.66
CA ASP Q 90 32.21 71.64 -2.33
C ASP Q 90 31.28 72.54 -3.14
N THR Q 91 31.83 73.42 -3.98
CA THR Q 91 31.02 74.27 -4.83
C THR Q 91 30.39 73.46 -5.96
N GLY Q 92 29.28 73.96 -6.49
CA GLY Q 92 28.67 73.34 -7.65
C GLY Q 92 27.22 73.78 -7.82
N MET Q 93 26.52 73.00 -8.64
CA MET Q 93 25.11 73.21 -8.95
C MET Q 93 24.25 72.24 -8.15
N TYR Q 94 23.15 72.74 -7.58
CA TYR Q 94 22.38 71.98 -6.60
C TYR Q 94 20.92 71.91 -7.02
N TYR Q 95 20.49 70.72 -7.41
CA TYR Q 95 19.14 70.46 -7.95
C TYR Q 95 18.34 69.64 -6.96
N CYS Q 96 17.20 70.16 -6.50
CA CYS Q 96 16.22 69.32 -5.82
C CYS Q 96 15.45 68.51 -6.86
N ALA Q 97 15.17 67.27 -6.53
CA ALA Q 97 14.56 66.35 -7.48
C ALA Q 97 13.58 65.44 -6.77
N ARG Q 98 12.76 64.75 -7.57
CA ARG Q 98 11.70 63.87 -7.07
C ARG Q 98 11.96 62.45 -7.54
N ASN Q 99 12.35 61.57 -6.62
CA ASN Q 99 12.48 60.15 -6.90
C ASN Q 99 11.11 59.51 -6.79
N ALA Q 100 10.46 59.31 -7.93
CA ALA Q 100 9.11 58.76 -7.94
C ALA Q 100 9.11 57.32 -7.41
N ILE Q 101 8.04 56.97 -6.70
CA ILE Q 101 7.87 55.63 -6.14
C ILE Q 101 6.50 55.13 -6.53
N ARG Q 102 6.46 53.98 -7.21
CA ARG Q 102 5.21 53.29 -7.48
C ARG Q 102 5.07 52.12 -6.52
N ILE Q 103 3.86 51.95 -5.98
CA ILE Q 103 3.57 50.90 -5.01
C ILE Q 103 2.43 50.04 -5.55
N TYR Q 104 2.67 48.74 -5.63
CA TYR Q 104 1.66 47.77 -6.04
C TYR Q 104 1.06 47.01 -4.87
N GLY Q 105 1.52 47.29 -3.64
CA GLY Q 105 1.07 46.56 -2.48
C GLY Q 105 1.14 47.30 -1.16
N VAL Q 106 2.02 46.86 -0.26
CA VAL Q 106 2.03 47.27 1.14
C VAL Q 106 3.34 48.00 1.44
N VAL Q 107 3.27 48.91 2.41
CA VAL Q 107 4.39 49.80 2.69
C VAL Q 107 5.50 49.07 3.46
N ALA Q 108 5.18 48.62 4.67
CA ALA Q 108 6.19 48.07 5.56
C ALA Q 108 6.66 46.69 5.16
N LEU Q 109 6.17 46.13 4.05
CA LEU Q 109 6.59 44.81 3.60
C LEU Q 109 7.57 44.85 2.44
N GLY Q 110 7.88 46.03 1.92
CA GLY Q 110 8.80 46.14 0.79
C GLY Q 110 8.18 45.88 -0.56
N GLU Q 111 6.85 45.82 -0.65
CA GLU Q 111 6.16 45.53 -1.91
C GLU Q 111 6.05 46.83 -2.73
N TRP Q 112 7.19 47.29 -3.20
CA TRP Q 112 7.28 48.53 -3.96
C TRP Q 112 8.62 48.56 -4.68
N PHE Q 113 8.87 49.65 -5.39
CA PHE Q 113 10.15 49.82 -6.08
C PHE Q 113 10.32 51.29 -6.43
N HIS Q 114 11.56 51.67 -6.71
CA HIS Q 114 11.85 53.01 -7.19
C HIS Q 114 11.42 53.13 -8.66
N TYR Q 115 10.74 54.24 -8.98
CA TYR Q 115 10.49 54.59 -10.37
C TYR Q 115 11.67 55.34 -10.98
N GLY Q 116 12.41 56.10 -10.19
CA GLY Q 116 13.49 56.91 -10.71
C GLY Q 116 13.26 58.37 -10.42
N MET Q 117 14.32 59.17 -10.44
CA MET Q 117 14.19 60.59 -10.15
C MET Q 117 13.45 61.30 -11.27
N ASP Q 118 12.13 61.42 -11.13
CA ASP Q 118 11.25 61.95 -12.16
C ASP Q 118 11.45 63.45 -12.38
N VAL Q 119 11.03 64.25 -11.42
CA VAL Q 119 11.06 65.70 -11.54
C VAL Q 119 12.43 66.22 -11.11
N TRP Q 120 12.86 67.32 -11.73
CA TRP Q 120 14.19 67.87 -11.49
C TRP Q 120 14.11 69.38 -11.35
N GLY Q 121 14.53 69.89 -10.20
CA GLY Q 121 14.72 71.31 -10.06
C GLY Q 121 15.86 71.80 -10.93
N GLN Q 122 15.80 73.08 -11.29
CA GLN Q 122 16.73 73.63 -12.27
C GLN Q 122 18.17 73.69 -11.77
N GLY Q 123 18.37 73.76 -10.45
CA GLY Q 123 19.71 73.77 -9.90
C GLY Q 123 20.19 75.16 -9.51
N THR Q 124 20.77 75.27 -8.32
CA THR Q 124 21.28 76.53 -7.81
C THR Q 124 22.79 76.61 -8.01
N ALA Q 125 23.25 77.71 -8.60
CA ALA Q 125 24.67 77.96 -8.71
C ALA Q 125 25.24 78.32 -7.35
N VAL Q 126 26.16 77.49 -6.84
CA VAL Q 126 26.69 77.63 -5.50
C VAL Q 126 28.22 77.64 -5.58
N THR Q 127 28.84 78.52 -4.79
CA THR Q 127 30.28 78.70 -4.80
C THR Q 127 30.75 79.09 -3.40
N VAL Q 128 31.91 78.59 -3.02
CA VAL Q 128 32.50 78.86 -1.71
C VAL Q 128 33.72 79.75 -1.92
N SER Q 129 33.63 80.98 -1.43
CA SER Q 129 34.74 81.94 -1.53
C SER Q 129 34.54 83.01 -0.46
N SER Q 130 35.32 84.08 -0.55
CA SER Q 130 35.27 85.20 0.39
C SER Q 130 35.23 86.52 -0.36
N ALA Q 131 34.46 86.59 -1.44
CA ALA Q 131 34.38 87.77 -2.28
C ALA Q 131 33.00 88.40 -2.17
N SER Q 132 32.97 89.74 -2.21
CA SER Q 132 31.71 90.46 -2.17
C SER Q 132 31.10 90.55 -3.56
N THR Q 133 29.86 91.03 -3.61
CA THR Q 133 29.00 90.90 -4.79
C THR Q 133 29.19 92.05 -5.76
N LYS Q 134 29.12 91.75 -7.05
CA LYS Q 134 29.25 92.72 -8.14
C LYS Q 134 27.99 92.73 -8.98
N GLY Q 135 27.50 93.92 -9.30
CA GLY Q 135 26.39 94.08 -10.20
C GLY Q 135 26.86 94.15 -11.64
N PRO Q 136 25.94 94.01 -12.58
CA PRO Q 136 26.34 94.00 -14.00
C PRO Q 136 26.38 95.37 -14.65
N SER Q 137 27.49 95.69 -15.30
CA SER Q 137 27.61 96.91 -16.10
C SER Q 137 26.99 96.62 -17.47
N VAL Q 138 25.71 96.94 -17.59
CA VAL Q 138 24.92 96.56 -18.76
C VAL Q 138 25.11 97.61 -19.86
N PHE Q 139 25.61 97.16 -21.02
CA PHE Q 139 25.81 98.00 -22.18
C PHE Q 139 25.09 97.39 -23.39
N PRO Q 140 24.89 98.14 -24.47
CA PRO Q 140 24.11 97.59 -25.60
C PRO Q 140 24.95 97.05 -26.75
N LEU Q 141 24.38 96.12 -27.50
CA LEU Q 141 24.92 95.65 -28.77
C LEU Q 141 23.98 96.10 -29.88
N ALA Q 142 24.53 96.78 -30.89
CA ALA Q 142 23.69 97.38 -31.92
C ALA Q 142 23.83 96.64 -33.24
N PRO Q 143 22.75 96.55 -34.03
CA PRO Q 143 22.75 95.67 -35.20
C PRO Q 143 23.47 96.30 -36.38
N SER Q 144 23.72 95.44 -37.38
CA SER Q 144 24.37 95.85 -38.62
C SER Q 144 23.32 96.26 -39.66
N SER Q 145 23.79 96.73 -40.81
CA SER Q 145 22.91 97.13 -41.91
C SER Q 145 22.78 96.07 -42.99
N LYS Q 146 23.89 95.45 -43.38
CA LYS Q 146 23.87 94.42 -44.43
C LYS Q 146 25.19 93.64 -44.44
N GLY Q 151 17.25 92.08 -46.37
CA GLY Q 151 18.41 91.68 -45.58
C GLY Q 151 18.06 91.30 -44.16
N THR Q 152 19.08 91.04 -43.34
CA THR Q 152 18.92 90.66 -41.94
C THR Q 152 19.96 91.40 -41.10
N ALA Q 153 19.80 91.29 -39.79
CA ALA Q 153 20.70 91.92 -38.82
C ALA Q 153 20.47 91.25 -37.46
N ALA Q 154 21.12 91.76 -36.43
CA ALA Q 154 21.03 91.17 -35.10
C ALA Q 154 21.57 92.15 -34.08
N LEU Q 155 20.81 92.39 -33.01
CA LEU Q 155 21.20 93.23 -31.89
C LEU Q 155 21.25 92.38 -30.61
N GLY Q 156 21.57 93.04 -29.49
CA GLY Q 156 21.65 92.35 -28.22
C GLY Q 156 22.01 93.23 -27.04
N CYS Q 157 22.65 92.63 -26.04
CA CYS Q 157 22.98 93.32 -24.80
C CYS Q 157 24.27 92.77 -24.23
N LEU Q 158 25.04 93.64 -23.58
CA LEU Q 158 26.37 93.34 -23.08
C LEU Q 158 26.37 93.45 -21.55
N VAL Q 159 25.96 92.37 -20.89
CA VAL Q 159 25.94 92.30 -19.44
C VAL Q 159 27.36 92.00 -18.94
N LYS Q 160 28.14 93.05 -18.71
CA LYS Q 160 29.58 92.92 -18.53
C LYS Q 160 29.99 93.10 -17.07
N ASP Q 161 30.88 92.21 -16.63
CA ASP Q 161 31.60 92.32 -15.35
C ASP Q 161 30.68 92.16 -14.15
N TYR Q 162 30.08 90.98 -13.99
CA TYR Q 162 29.22 90.68 -12.86
C TYR Q 162 29.80 89.50 -12.06
N PHE Q 163 29.22 89.29 -10.87
CA PHE Q 163 29.61 88.21 -9.98
C PHE Q 163 28.49 87.96 -8.97
N PRO Q 164 28.03 86.70 -8.82
CA PRO Q 164 28.44 85.51 -9.56
C PRO Q 164 27.45 85.08 -10.65
N GLU Q 165 27.55 83.80 -11.05
CA GLU Q 165 26.72 83.19 -12.08
C GLU Q 165 25.34 82.85 -11.53
N PRO Q 166 24.31 82.81 -12.39
CA PRO Q 166 24.32 83.24 -13.79
C PRO Q 166 23.56 84.53 -14.03
N VAL Q 167 23.46 84.95 -15.30
CA VAL Q 167 22.66 86.11 -15.68
C VAL Q 167 21.94 85.77 -16.99
N THR Q 168 20.61 85.81 -16.95
CA THR Q 168 19.78 85.65 -18.13
C THR Q 168 19.02 86.97 -18.39
N VAL Q 169 18.71 87.20 -19.65
CA VAL Q 169 18.17 88.48 -20.11
C VAL Q 169 17.00 88.22 -21.07
N SER Q 170 16.36 89.29 -21.50
CA SER Q 170 15.19 89.19 -22.38
C SER Q 170 14.93 90.56 -23.00
N TRP Q 171 14.43 90.54 -24.24
CA TRP Q 171 14.17 91.75 -25.01
C TRP Q 171 12.67 92.03 -25.06
N ASN Q 172 12.33 93.31 -25.30
CA ASN Q 172 10.95 93.79 -25.23
C ASN Q 172 10.32 93.42 -23.89
N SER Q 173 11.15 93.35 -22.85
CA SER Q 173 10.75 92.84 -21.54
C SER Q 173 10.16 91.44 -21.64
N GLY Q 174 10.41 90.74 -22.74
CA GLY Q 174 9.93 89.37 -22.88
C GLY Q 174 9.61 88.90 -24.29
N ALA Q 175 9.15 89.80 -25.15
CA ALA Q 175 8.46 89.37 -26.38
C ALA Q 175 9.38 88.61 -27.31
N LEU Q 176 10.62 89.04 -27.46
CA LEU Q 176 11.54 88.43 -28.43
C LEU Q 176 11.97 87.07 -27.92
N THR Q 177 11.35 86.01 -28.44
CA THR Q 177 11.65 84.65 -27.99
C THR Q 177 11.98 83.67 -29.12
N SER Q 178 11.74 84.03 -30.37
CA SER Q 178 11.91 83.11 -31.49
C SER Q 178 13.32 83.22 -32.04
N GLY Q 179 14.18 82.26 -31.67
CA GLY Q 179 15.52 82.22 -32.20
C GLY Q 179 16.46 83.25 -31.60
N VAL Q 180 16.47 83.35 -30.27
CA VAL Q 180 17.32 84.29 -29.56
C VAL Q 180 18.39 83.50 -28.81
N HIS Q 181 19.42 84.22 -28.36
CA HIS Q 181 20.61 83.58 -27.81
C HIS Q 181 21.00 84.18 -26.46
N THR Q 182 21.42 83.31 -25.56
CA THR Q 182 22.11 83.68 -24.32
C THR Q 182 23.29 82.72 -24.19
N PHE Q 183 24.46 83.15 -24.64
CA PHE Q 183 25.60 82.25 -24.70
C PHE Q 183 26.28 82.12 -23.34
N PRO Q 184 26.92 80.98 -23.07
CA PRO Q 184 27.69 80.83 -21.84
C PRO Q 184 28.75 81.90 -21.69
N ALA Q 185 29.12 82.16 -20.45
CA ALA Q 185 29.86 83.37 -20.10
C ALA Q 185 31.37 83.19 -20.22
N VAL Q 186 32.04 84.30 -20.49
CA VAL Q 186 33.50 84.35 -20.51
C VAL Q 186 34.00 84.55 -19.08
N LEU Q 187 34.97 83.74 -18.67
CA LEU Q 187 35.60 83.86 -17.36
C LEU Q 187 36.86 84.69 -17.52
N GLN Q 188 36.81 85.94 -17.06
CA GLN Q 188 37.88 86.89 -17.25
C GLN Q 188 38.91 86.79 -16.14
N SER Q 189 40.12 87.28 -16.44
CA SER Q 189 41.27 87.00 -15.57
C SER Q 189 41.10 87.61 -14.19
N SER Q 190 40.47 88.78 -14.09
CA SER Q 190 40.24 89.38 -12.78
C SER Q 190 39.25 88.55 -11.97
N GLY Q 191 38.24 87.98 -12.62
CA GLY Q 191 37.27 87.16 -11.93
C GLY Q 191 35.85 87.38 -12.40
N LEU Q 192 35.53 88.61 -12.76
CA LEU Q 192 34.17 88.97 -13.15
C LEU Q 192 33.85 88.45 -14.55
N TYR Q 193 32.58 88.05 -14.73
CA TYR Q 193 32.14 87.38 -15.94
C TYR Q 193 31.68 88.38 -17.01
N SER Q 194 31.44 87.84 -18.20
CA SER Q 194 30.89 88.63 -19.31
C SER Q 194 30.42 87.67 -20.38
N LEU Q 195 29.11 87.59 -20.58
CA LEU Q 195 28.52 86.83 -21.67
C LEU Q 195 27.92 87.79 -22.69
N SER Q 196 27.34 87.23 -23.75
CA SER Q 196 26.72 88.02 -24.81
C SER Q 196 25.33 87.48 -25.10
N SER Q 197 24.39 88.40 -25.27
CA SER Q 197 23.02 88.08 -25.66
C SER Q 197 22.76 88.66 -27.04
N VAL Q 198 22.08 87.88 -27.89
CA VAL Q 198 21.89 88.23 -29.30
C VAL Q 198 20.46 87.89 -29.71
N VAL Q 199 19.91 88.71 -30.59
CA VAL Q 199 18.63 88.44 -31.23
C VAL Q 199 18.66 89.02 -32.64
N THR Q 200 18.23 88.23 -33.62
CA THR Q 200 18.38 88.57 -35.04
C THR Q 200 17.17 89.39 -35.49
N VAL Q 201 17.33 90.72 -35.52
CA VAL Q 201 16.27 91.63 -35.92
C VAL Q 201 16.43 91.92 -37.42
N PRO Q 202 15.43 91.63 -38.24
CA PRO Q 202 15.62 91.69 -39.69
C PRO Q 202 15.59 93.12 -40.23
N SER Q 203 15.95 93.23 -41.51
CA SER Q 203 16.07 94.51 -42.20
C SER Q 203 14.70 94.92 -42.74
N SER Q 204 13.87 95.37 -41.82
CA SER Q 204 12.54 95.91 -42.10
C SER Q 204 11.91 96.33 -40.78
N SER Q 205 12.50 95.86 -39.68
CA SER Q 205 11.92 96.01 -38.35
C SER Q 205 12.74 96.91 -37.44
N LEU Q 206 13.90 97.39 -37.89
CA LEU Q 206 14.65 98.37 -37.09
C LEU Q 206 13.97 99.73 -37.17
N GLY Q 207 12.71 99.79 -36.75
CA GLY Q 207 11.94 101.01 -36.88
C GLY Q 207 10.68 101.09 -36.04
N THR Q 208 9.93 99.99 -35.92
CA THR Q 208 8.60 100.03 -35.30
C THR Q 208 8.37 98.83 -34.37
N GLN Q 209 9.35 98.54 -33.53
CA GLN Q 209 9.20 97.55 -32.46
C GLN Q 209 10.07 97.97 -31.29
N THR Q 210 9.51 97.93 -30.09
CA THR Q 210 10.21 98.33 -28.88
C THR Q 210 11.03 97.16 -28.34
N TYR Q 211 12.34 97.35 -28.21
CA TYR Q 211 13.26 96.28 -27.83
C TYR Q 211 14.06 96.72 -26.61
N ILE Q 212 13.45 96.58 -25.44
CA ILE Q 212 14.13 96.83 -24.17
C ILE Q 212 14.69 95.52 -23.65
N CYS Q 213 15.98 95.51 -23.31
CA CYS Q 213 16.60 94.33 -22.71
C CYS Q 213 16.64 94.48 -21.20
N ASN Q 214 15.96 93.58 -20.50
CA ASN Q 214 16.03 93.50 -19.05
C ASN Q 214 17.19 92.60 -18.65
N VAL Q 215 17.80 92.92 -17.51
CA VAL Q 215 18.92 92.15 -16.97
C VAL Q 215 18.66 91.95 -15.47
N ASN Q 216 18.61 90.70 -15.03
CA ASN Q 216 18.26 90.38 -13.65
C ASN Q 216 19.46 89.71 -12.98
N HIS Q 217 20.02 90.38 -11.98
CA HIS Q 217 21.10 89.86 -11.16
C HIS Q 217 20.58 89.72 -9.74
N LYS Q 218 20.32 88.47 -9.33
CA LYS Q 218 19.70 88.16 -8.04
C LYS Q 218 20.64 88.17 -6.84
N PRO Q 219 21.98 88.04 -7.01
CA PRO Q 219 22.86 88.26 -5.85
C PRO Q 219 22.96 89.72 -5.43
N SER Q 220 23.22 90.62 -6.39
CA SER Q 220 23.32 92.05 -6.08
C SER Q 220 21.96 92.73 -6.06
N ASN Q 221 20.91 92.08 -6.56
CA ASN Q 221 19.55 92.62 -6.56
C ASN Q 221 19.47 93.93 -7.33
N THR Q 222 19.87 93.87 -8.61
CA THR Q 222 19.85 95.02 -9.50
C THR Q 222 19.30 94.59 -10.85
N LYS Q 223 18.24 95.25 -11.29
CA LYS Q 223 17.63 95.04 -12.60
C LYS Q 223 17.98 96.23 -13.48
N VAL Q 224 18.61 95.97 -14.63
CA VAL Q 224 19.10 97.04 -15.50
C VAL Q 224 18.42 96.97 -16.86
N ASP Q 225 17.22 97.53 -16.95
CA ASP Q 225 16.53 97.62 -18.23
C ASP Q 225 17.04 98.82 -19.02
N LYS Q 226 17.45 98.58 -20.26
CA LYS Q 226 17.88 99.64 -21.16
C LYS Q 226 17.41 99.29 -22.57
N ARG Q 227 16.78 100.25 -23.24
CA ARG Q 227 16.19 99.99 -24.54
C ARG Q 227 17.27 100.00 -25.63
N VAL Q 228 17.30 98.94 -26.43
CA VAL Q 228 18.27 98.81 -27.51
C VAL Q 228 17.73 99.56 -28.73
N GLU Q 229 18.39 100.65 -29.10
CA GLU Q 229 17.92 101.55 -30.14
C GLU Q 229 18.97 101.68 -31.24
N PRO Q 230 18.66 102.31 -32.38
CA PRO Q 230 19.65 102.41 -33.46
C PRO Q 230 20.90 103.17 -33.03
N LYS Q 231 21.94 103.04 -33.85
CA LYS Q 231 23.23 103.67 -33.55
C LYS Q 231 23.16 105.17 -33.72
N SER Q 232 23.84 105.89 -32.84
CA SER Q 232 23.86 107.35 -32.85
C SER Q 232 24.45 107.89 -34.15
N GLU R 5 32.28 50.88 -8.32
CA GLU R 5 31.75 52.08 -8.98
C GLU R 5 31.11 51.72 -10.31
N LEU R 6 30.45 52.69 -10.94
CA LEU R 6 29.67 52.46 -12.16
C LEU R 6 30.55 52.76 -13.37
N THR R 7 31.06 51.72 -13.99
CA THR R 7 31.89 51.87 -15.18
C THR R 7 31.06 52.40 -16.35
N GLN R 8 31.56 53.45 -17.00
CA GLN R 8 30.88 54.04 -18.14
C GLN R 8 31.90 54.57 -19.14
N PRO R 9 31.83 54.15 -20.40
CA PRO R 9 32.68 54.75 -21.44
C PRO R 9 32.38 56.23 -21.59
N PRO R 10 33.41 57.07 -21.72
CA PRO R 10 33.18 58.51 -21.80
C PRO R 10 32.84 59.03 -23.19
N SER R 11 32.93 58.19 -24.22
CA SER R 11 32.65 58.63 -25.59
C SER R 11 32.20 57.45 -26.43
N VAL R 12 31.09 57.63 -27.14
CA VAL R 12 30.47 56.58 -27.95
C VAL R 12 29.98 57.22 -29.25
N SER R 13 30.06 56.44 -30.34
CA SER R 13 29.69 56.91 -31.68
C SER R 13 28.76 55.91 -32.36
N VAL R 14 27.95 56.43 -33.27
CA VAL R 14 27.02 55.60 -34.05
C VAL R 14 26.54 56.45 -35.22
N SER R 15 26.30 55.77 -36.39
CA SER R 15 25.83 56.44 -37.60
C SER R 15 24.31 56.52 -37.61
N PRO R 16 23.75 57.55 -38.28
CA PRO R 16 22.28 57.69 -38.33
C PRO R 16 21.58 56.49 -38.94
N GLY R 17 20.83 55.76 -38.11
CA GLY R 17 20.13 54.57 -38.53
C GLY R 17 20.74 53.28 -38.04
N GLN R 18 21.88 53.34 -37.38
CA GLN R 18 22.60 52.17 -36.91
C GLN R 18 22.28 51.89 -35.45
N THR R 19 22.22 50.62 -35.10
CA THR R 19 21.94 50.21 -33.73
C THR R 19 23.14 50.51 -32.84
N ALA R 20 22.94 51.35 -31.83
CA ALA R 20 23.97 51.72 -30.87
C ALA R 20 23.82 50.92 -29.59
N ARG R 21 24.90 50.88 -28.80
CA ARG R 21 24.93 50.13 -27.56
C ARG R 21 25.74 50.89 -26.52
N ILE R 22 25.11 51.18 -25.39
CA ILE R 22 25.74 51.86 -24.25
C ILE R 22 25.60 50.95 -23.04
N THR R 23 26.62 50.96 -22.19
CA THR R 23 26.72 50.02 -21.09
C THR R 23 26.80 50.74 -19.74
N CYS R 24 26.64 49.95 -18.68
CA CYS R 24 26.86 50.36 -17.30
C CYS R 24 27.23 49.10 -16.53
N SER R 25 28.14 49.24 -15.56
CA SER R 25 28.66 48.07 -14.87
C SER R 25 29.19 48.48 -13.50
N GLY R 26 29.03 47.59 -12.52
CA GLY R 26 29.50 47.86 -11.19
C GLY R 26 29.50 46.62 -10.34
N ALA R 27 29.64 46.83 -9.03
CA ALA R 27 29.71 45.79 -8.02
C ALA R 27 28.35 45.24 -7.57
N PRO R 28 27.29 46.06 -7.46
CA PRO R 28 26.01 45.57 -6.91
C PRO R 28 24.95 45.20 -7.93
N LEU R 29 25.26 45.15 -9.24
CA LEU R 29 24.22 44.96 -10.24
C LEU R 29 23.64 43.55 -10.27
N THR R 30 24.21 42.62 -9.52
CA THR R 30 23.71 41.24 -9.53
C THR R 30 22.42 41.06 -8.74
N SER R 31 22.01 42.06 -7.95
CA SER R 31 20.80 41.94 -7.14
C SER R 31 19.83 43.10 -7.31
N ARG R 32 20.21 44.18 -7.99
CA ARG R 32 19.37 45.36 -8.10
C ARG R 32 19.24 45.76 -9.56
N PHE R 33 18.43 46.78 -9.81
CA PHE R 33 18.16 47.30 -11.14
C PHE R 33 18.88 48.64 -11.34
N THR R 34 18.67 49.23 -12.51
CA THR R 34 19.44 50.39 -12.96
C THR R 34 18.54 51.33 -13.74
N TYR R 35 18.61 52.62 -13.42
CA TYR R 35 17.78 53.65 -14.02
C TYR R 35 18.67 54.65 -14.75
N TRP R 36 18.07 55.39 -15.69
CA TRP R 36 18.85 56.15 -16.67
C TRP R 36 18.31 57.56 -16.82
N TYR R 37 19.23 58.50 -17.09
CA TYR R 37 18.95 59.92 -17.18
C TYR R 37 19.82 60.55 -18.25
N ARG R 38 19.33 61.64 -18.85
CA ARG R 38 20.02 62.34 -19.92
C ARG R 38 20.15 63.82 -19.58
N GLN R 39 21.33 64.39 -19.84
CA GLN R 39 21.59 65.80 -19.60
C GLN R 39 22.40 66.36 -20.75
N LYS R 40 21.81 67.31 -21.48
CA LYS R 40 22.54 68.05 -22.48
C LYS R 40 23.50 69.03 -21.80
N PRO R 41 24.52 69.54 -22.52
CA PRO R 41 25.55 70.37 -21.87
C PRO R 41 25.01 71.55 -21.10
N GLY R 42 25.34 71.62 -19.81
CA GLY R 42 24.89 72.68 -18.95
C GLY R 42 23.44 72.59 -18.50
N GLN R 43 22.65 71.69 -19.08
CA GLN R 43 21.23 71.58 -18.74
C GLN R 43 21.02 70.69 -17.53
N ALA R 44 19.87 70.03 -17.46
CA ALA R 44 19.46 69.25 -16.30
C ALA R 44 19.14 67.81 -16.70
N PRO R 45 19.25 66.87 -15.77
CA PRO R 45 18.94 65.47 -16.09
C PRO R 45 17.44 65.23 -16.21
N VAL R 46 17.08 64.18 -16.94
CA VAL R 46 15.69 63.80 -17.19
C VAL R 46 15.59 62.29 -17.11
N LEU R 47 14.61 61.79 -16.35
CA LEU R 47 14.41 60.36 -16.19
C LEU R 47 13.88 59.76 -17.48
N ILE R 48 14.58 58.76 -18.01
CA ILE R 48 14.20 58.09 -19.26
C ILE R 48 13.73 56.66 -18.99
N ILE R 49 14.56 55.83 -18.36
CA ILE R 49 14.24 54.43 -18.10
C ILE R 49 13.83 54.30 -16.64
N SER R 50 12.61 53.83 -16.42
CA SER R 50 12.05 53.75 -15.07
C SER R 50 11.68 52.31 -14.70
N ARG R 51 10.85 52.15 -13.67
CA ARG R 51 10.37 50.85 -13.22
C ARG R 51 8.87 50.98 -12.98
N SER R 52 8.07 50.49 -13.93
CA SER R 52 6.63 50.70 -13.91
C SER R 52 5.85 49.51 -13.38
N SER R 53 6.47 48.33 -13.25
CA SER R 53 5.72 47.15 -12.86
C SER R 53 6.63 46.13 -12.22
N GLN R 54 6.01 45.17 -11.54
CA GLN R 54 6.71 44.08 -10.88
C GLN R 54 6.47 42.77 -11.62
N GLY R 61 9.80 54.83 -29.54
CA GLY R 61 10.18 53.46 -29.25
C GLY R 61 11.62 53.14 -29.66
N ARG R 62 12.53 54.06 -29.36
CA ARG R 62 13.93 53.90 -29.73
C ARG R 62 14.78 53.32 -28.61
N PHE R 63 14.43 53.58 -27.35
CA PHE R 63 15.28 53.26 -26.22
C PHE R 63 14.69 52.11 -25.40
N SER R 64 15.55 51.19 -24.99
CA SER R 64 15.17 50.08 -24.11
C SER R 64 16.44 49.48 -23.51
N ALA R 65 16.26 48.79 -22.39
CA ALA R 65 17.39 48.29 -21.60
C ALA R 65 17.32 46.78 -21.44
N SER R 66 18.48 46.17 -21.19
CA SER R 66 18.62 44.73 -21.04
C SER R 66 19.66 44.42 -19.97
N TRP R 67 19.45 43.33 -19.25
CA TRP R 67 20.24 42.95 -18.09
C TRP R 67 21.13 41.76 -18.42
N SER R 68 22.36 41.77 -17.89
CA SER R 68 23.31 40.69 -18.14
C SER R 68 24.25 40.58 -16.92
N GLY R 69 23.81 39.82 -15.92
CA GLY R 69 24.62 39.48 -14.77
C GLY R 69 25.19 40.67 -14.02
N THR R 70 26.35 41.16 -14.46
CA THR R 70 27.02 42.25 -13.80
C THR R 70 27.03 43.54 -14.62
N THR R 71 26.34 43.56 -15.77
CA THR R 71 26.32 44.74 -16.63
C THR R 71 24.99 44.80 -17.36
N VAL R 72 24.68 45.99 -17.88
CA VAL R 72 23.42 46.25 -18.56
C VAL R 72 23.71 47.02 -19.85
N THR R 73 22.68 47.12 -20.69
CA THR R 73 22.83 47.68 -22.03
C THR R 73 21.62 48.55 -22.37
N LEU R 74 21.87 49.66 -23.06
CA LEU R 74 20.83 50.48 -23.65
C LEU R 74 20.89 50.36 -25.17
N THR R 75 19.73 50.22 -25.80
CA THR R 75 19.61 50.12 -27.24
C THR R 75 19.00 51.40 -27.79
N ILE R 76 19.59 51.92 -28.85
CA ILE R 76 19.07 53.09 -29.55
C ILE R 76 18.81 52.67 -30.99
N ARG R 77 17.55 52.42 -31.33
CA ARG R 77 17.18 52.00 -32.68
C ARG R 77 16.83 53.22 -33.53
N GLY R 78 17.45 53.32 -34.70
CA GLY R 78 17.21 54.43 -35.60
C GLY R 78 17.68 55.74 -35.03
N VAL R 79 18.93 55.78 -34.57
CA VAL R 79 19.47 57.00 -33.97
C VAL R 79 19.56 58.09 -35.01
N GLN R 80 19.19 59.31 -34.62
CA GLN R 80 19.33 60.49 -35.45
C GLN R 80 20.13 61.54 -34.68
N ALA R 81 20.42 62.65 -35.36
CA ALA R 81 21.27 63.68 -34.80
C ALA R 81 20.69 64.29 -33.52
N ASP R 82 19.38 64.23 -33.35
CA ASP R 82 18.77 64.77 -32.14
C ASP R 82 19.16 63.99 -30.88
N ASP R 83 19.59 62.74 -31.04
CA ASP R 83 19.97 61.93 -29.89
C ASP R 83 21.32 62.34 -29.30
N GLU R 84 22.05 63.24 -29.95
CA GLU R 84 23.40 63.58 -29.52
C GLU R 84 23.36 64.41 -28.24
N ALA R 85 23.97 63.88 -27.18
CA ALA R 85 24.08 64.54 -25.89
C ALA R 85 24.96 63.73 -24.95
N ASP R 86 25.15 64.21 -23.72
CA ASP R 86 25.83 63.45 -22.69
C ASP R 86 24.81 62.61 -21.91
N TYR R 87 25.22 61.42 -21.52
CA TYR R 87 24.35 60.47 -20.83
C TYR R 87 25.02 60.01 -19.53
N TYR R 88 24.20 59.81 -18.50
CA TYR R 88 24.67 59.44 -17.17
C TYR R 88 23.82 58.30 -16.63
N CYS R 89 24.48 57.31 -16.02
CA CYS R 89 23.85 56.09 -15.53
C CYS R 89 23.64 56.18 -14.02
N GLN R 90 22.60 55.48 -13.54
CA GLN R 90 22.23 55.50 -12.14
C GLN R 90 21.70 54.14 -11.72
N SER R 91 22.05 53.72 -10.51
CA SER R 91 21.54 52.48 -9.95
C SER R 91 21.49 52.61 -8.43
N SER R 92 21.15 51.51 -7.76
CA SER R 92 21.14 51.44 -6.30
C SER R 92 21.99 50.25 -5.86
N ASP R 93 22.62 50.40 -4.70
CA ASP R 93 23.50 49.35 -4.20
C ASP R 93 22.68 48.12 -3.81
N THR R 94 23.40 47.02 -3.54
CA THR R 94 22.76 45.74 -3.28
C THR R 94 21.78 45.84 -2.12
N SER R 95 22.11 46.65 -1.12
CA SER R 95 21.30 46.75 0.09
C SER R 95 20.25 47.85 0.01
N ASP R 96 20.23 48.65 -1.07
CA ASP R 96 19.28 49.74 -1.22
C ASP R 96 19.39 50.75 -0.08
N SER R 97 20.63 51.04 0.34
CA SER R 97 20.87 52.04 1.38
C SER R 97 21.28 53.40 0.80
N TYR R 98 21.69 53.45 -0.46
CA TYR R 98 22.04 54.71 -1.09
C TYR R 98 21.95 54.55 -2.61
N LYS R 99 21.66 55.66 -3.28
CA LYS R 99 21.64 55.74 -4.73
C LYS R 99 22.94 56.38 -5.21
N MET R 100 23.36 56.03 -6.43
CA MET R 100 24.65 56.47 -6.93
C MET R 100 24.60 56.74 -8.43
N PHE R 101 25.62 57.44 -8.92
CA PHE R 101 25.69 57.91 -10.30
C PHE R 101 26.98 57.45 -10.95
N GLY R 102 27.04 57.59 -12.28
CA GLY R 102 28.14 57.09 -13.09
C GLY R 102 29.17 58.13 -13.52
N GLY R 103 29.51 58.17 -14.80
CA GLY R 103 30.62 59.00 -15.24
C GLY R 103 30.60 59.57 -16.64
N GLY R 104 29.43 59.97 -17.13
CA GLY R 104 29.33 60.79 -18.34
C GLY R 104 29.77 60.19 -19.65
N THR R 105 28.79 59.85 -20.50
CA THR R 105 29.04 59.30 -21.83
C THR R 105 28.59 60.29 -22.89
N LYS R 106 29.49 60.61 -23.82
CA LYS R 106 29.20 61.57 -24.90
C LYS R 106 28.85 60.81 -26.16
N LEU R 107 27.55 60.75 -26.46
CA LEU R 107 27.09 60.17 -27.72
C LEU R 107 27.33 61.15 -28.86
N THR R 108 27.95 60.68 -29.93
CA THR R 108 28.21 61.48 -31.12
C THR R 108 27.67 60.74 -32.33
N VAL R 109 26.76 61.37 -33.06
CA VAL R 109 26.16 60.78 -34.25
C VAL R 109 27.10 61.01 -35.43
N LEU R 110 27.50 59.94 -36.10
CA LEU R 110 28.62 59.96 -37.01
C LEU R 110 28.25 60.56 -38.36
N GLY R 111 29.29 61.00 -39.07
CA GLY R 111 29.15 61.49 -40.42
C GLY R 111 29.11 62.99 -40.59
N GLN R 112 29.38 63.76 -39.53
CA GLN R 112 29.16 65.20 -39.56
C GLN R 112 30.35 65.93 -40.19
N PRO R 113 30.11 67.09 -40.81
CA PRO R 113 31.18 67.82 -41.47
C PRO R 113 31.86 68.82 -40.55
N ALA R 114 32.92 69.43 -41.08
CA ALA R 114 33.69 70.44 -40.36
C ALA R 114 33.26 71.83 -40.81
N ALA R 115 33.40 72.80 -39.90
CA ALA R 115 32.87 74.14 -40.10
C ALA R 115 33.87 75.19 -39.66
N ALA R 116 34.21 76.10 -40.56
CA ALA R 116 35.01 77.27 -40.23
C ALA R 116 34.21 78.23 -39.34
N PRO R 117 34.89 79.10 -38.59
CA PRO R 117 34.17 79.92 -37.60
C PRO R 117 33.43 81.09 -38.21
N SER R 118 32.22 81.33 -37.71
CA SER R 118 31.44 82.52 -38.09
C SER R 118 31.91 83.66 -37.20
N VAL R 119 32.94 84.38 -37.66
CA VAL R 119 33.53 85.46 -36.88
C VAL R 119 32.59 86.65 -36.91
N THR R 120 32.06 87.02 -35.73
CA THR R 120 31.16 88.15 -35.58
C THR R 120 31.77 89.13 -34.60
N LEU R 121 32.74 89.92 -35.08
CA LEU R 121 33.45 90.86 -34.23
C LEU R 121 32.66 92.17 -34.14
N PHE R 122 32.47 92.68 -32.93
CA PHE R 122 31.75 93.91 -32.71
C PHE R 122 32.63 94.94 -32.01
N PRO R 123 32.46 96.22 -32.33
CA PRO R 123 33.26 97.27 -31.69
C PRO R 123 32.57 97.80 -30.44
N PRO R 124 33.26 98.59 -29.63
CA PRO R 124 32.64 99.09 -28.39
C PRO R 124 31.44 100.00 -28.68
N SER R 125 30.48 100.00 -27.76
CA SER R 125 29.28 100.82 -27.89
C SER R 125 29.57 102.25 -27.47
N SER R 126 28.62 103.15 -27.79
CA SER R 126 28.77 104.55 -27.44
C SER R 126 28.59 104.80 -25.94
N GLU R 127 27.86 103.92 -25.24
CA GLU R 127 27.79 104.04 -23.79
C GLU R 127 29.10 103.56 -23.16
N GLU R 128 29.71 102.52 -23.74
CA GLU R 128 31.02 102.08 -23.26
C GLU R 128 32.07 103.14 -23.52
N LEU R 129 32.13 103.66 -24.75
CA LEU R 129 33.18 104.59 -25.12
C LEU R 129 33.08 105.89 -24.32
N GLN R 130 31.88 106.48 -24.28
CA GLN R 130 31.72 107.76 -23.60
C GLN R 130 31.73 107.63 -22.08
N ALA R 131 31.58 106.42 -21.55
CA ALA R 131 31.87 106.14 -20.15
C ALA R 131 33.31 105.66 -19.95
N ASN R 132 34.19 105.87 -20.94
CA ASN R 132 35.63 105.61 -20.84
C ASN R 132 35.94 104.11 -20.82
N LYS R 133 35.34 103.36 -21.75
CA LYS R 133 35.46 101.91 -21.81
C LYS R 133 35.47 101.47 -23.26
N ALA R 134 36.16 100.37 -23.54
CA ALA R 134 36.28 99.88 -24.90
C ALA R 134 36.79 98.44 -24.86
N THR R 135 36.10 97.55 -25.58
CA THR R 135 36.46 96.15 -25.69
C THR R 135 35.96 95.62 -27.03
N LEU R 136 36.69 94.66 -27.59
CA LEU R 136 36.35 94.03 -28.86
C LEU R 136 35.61 92.71 -28.62
N VAL R 137 34.51 92.51 -29.35
CA VAL R 137 33.61 91.39 -29.11
C VAL R 137 33.65 90.41 -30.27
N CYS R 138 34.53 89.42 -30.20
CA CYS R 138 34.62 88.39 -31.24
C CYS R 138 33.89 87.13 -30.76
N LEU R 139 32.56 87.21 -30.80
CA LEU R 139 31.73 86.05 -30.53
C LEU R 139 31.93 85.03 -31.64
N ILE R 140 32.46 83.86 -31.28
CA ILE R 140 32.74 82.81 -32.25
C ILE R 140 31.63 81.76 -32.14
N SER R 141 30.88 81.58 -33.22
CA SER R 141 29.81 80.60 -33.28
C SER R 141 29.92 79.83 -34.59
N ASP R 142 29.13 78.75 -34.68
CA ASP R 142 28.98 77.98 -35.92
C ASP R 142 30.28 77.30 -36.34
N PHE R 143 30.93 76.61 -35.39
CA PHE R 143 32.14 75.88 -35.69
C PHE R 143 32.12 74.52 -35.01
N TYR R 144 32.79 73.55 -35.65
CA TYR R 144 32.85 72.17 -35.22
C TYR R 144 34.03 71.53 -35.94
N PRO R 145 34.85 70.72 -35.26
CA PRO R 145 34.77 70.37 -33.84
C PRO R 145 35.13 71.53 -32.91
N GLY R 146 34.69 71.46 -31.66
CA GLY R 146 34.89 72.54 -30.71
C GLY R 146 36.34 72.92 -30.51
N ALA R 147 36.89 73.72 -31.43
CA ALA R 147 38.28 74.15 -31.35
C ALA R 147 38.54 75.30 -32.32
N VAL R 148 38.99 76.43 -31.81
CA VAL R 148 39.33 77.60 -32.62
C VAL R 148 40.55 78.28 -32.03
N THR R 149 41.43 78.77 -32.89
CA THR R 149 42.63 79.49 -32.49
C THR R 149 42.41 80.97 -32.81
N VAL R 150 42.01 81.74 -31.80
CA VAL R 150 41.71 83.15 -31.98
C VAL R 150 42.96 83.96 -31.66
N ALA R 151 43.59 84.52 -32.70
CA ALA R 151 44.71 85.43 -32.55
C ALA R 151 44.26 86.82 -32.99
N TRP R 152 44.51 87.81 -32.15
CA TRP R 152 44.04 89.17 -32.38
C TRP R 152 45.10 90.01 -33.09
N LYS R 153 44.63 90.98 -33.88
CA LYS R 153 45.50 91.89 -34.59
C LYS R 153 45.04 93.32 -34.37
N ALA R 154 46.02 94.21 -34.12
CA ALA R 154 45.81 95.64 -34.13
C ALA R 154 46.53 96.18 -35.36
N ASP R 155 45.76 96.68 -36.33
CA ASP R 155 46.24 96.95 -37.68
C ASP R 155 46.71 95.64 -38.32
N SER R 156 47.73 95.00 -37.75
CA SER R 156 48.17 93.70 -38.22
C SER R 156 49.07 93.00 -37.20
N SER R 157 49.39 93.70 -36.11
CA SER R 157 50.35 93.20 -35.14
C SER R 157 49.67 92.26 -34.14
N PRO R 158 50.38 91.22 -33.67
CA PRO R 158 49.76 90.26 -32.75
C PRO R 158 49.69 90.81 -31.33
N VAL R 159 48.67 90.34 -30.61
CA VAL R 159 48.38 90.79 -29.26
C VAL R 159 48.89 89.74 -28.28
N LYS R 160 49.76 90.16 -27.36
CA LYS R 160 50.38 89.26 -26.40
C LYS R 160 49.81 89.37 -25.00
N ALA R 161 48.85 90.27 -24.78
CA ALA R 161 48.28 90.46 -23.45
C ALA R 161 46.90 91.07 -23.58
N GLY R 162 46.02 90.75 -22.63
CA GLY R 162 44.66 91.22 -22.65
C GLY R 162 43.69 90.36 -23.42
N VAL R 163 44.17 89.34 -24.11
CA VAL R 163 43.30 88.44 -24.87
C VAL R 163 42.73 87.41 -23.91
N GLU R 164 41.40 87.37 -23.80
CA GLU R 164 40.69 86.43 -22.94
C GLU R 164 39.62 85.73 -23.79
N THR R 165 40.03 84.66 -24.47
CA THR R 165 39.14 83.88 -25.32
C THR R 165 38.52 82.77 -24.47
N THR R 166 37.21 82.84 -24.28
CA THR R 166 36.54 81.79 -23.53
C THR R 166 36.45 80.52 -24.37
N THR R 167 36.03 79.45 -23.74
CA THR R 167 36.03 78.16 -24.39
C THR R 167 34.73 77.91 -25.12
N PRO R 168 34.77 77.12 -26.20
CA PRO R 168 33.53 76.74 -26.88
C PRO R 168 32.66 75.82 -26.05
N SER R 169 31.72 76.40 -25.29
CA SER R 169 30.76 75.58 -24.57
C SER R 169 29.83 74.89 -25.55
N LYS R 170 29.60 73.59 -25.34
CA LYS R 170 28.78 72.82 -26.25
C LYS R 170 27.34 73.34 -26.25
N GLN R 171 26.87 73.75 -27.41
CA GLN R 171 25.57 74.40 -27.54
C GLN R 171 24.46 73.37 -27.68
N SER R 172 23.23 73.86 -27.62
CA SER R 172 22.06 73.00 -27.70
C SER R 172 21.79 72.48 -29.10
N ASN R 173 22.49 73.00 -30.11
CA ASN R 173 22.25 72.58 -31.48
C ASN R 173 23.47 71.89 -32.05
N ASN R 174 24.03 70.93 -31.29
CA ASN R 174 25.12 70.05 -31.70
C ASN R 174 26.49 70.72 -31.72
N LYS R 175 26.55 72.01 -32.03
CA LYS R 175 27.83 72.68 -32.20
C LYS R 175 28.27 73.36 -30.89
N TYR R 176 29.31 74.20 -30.99
CA TYR R 176 29.95 74.82 -29.85
C TYR R 176 30.13 76.30 -30.15
N ALA R 177 30.16 77.12 -29.10
CA ALA R 177 30.26 78.56 -29.28
C ALA R 177 31.18 79.16 -28.23
N ALA R 178 32.11 80.00 -28.69
CA ALA R 178 33.03 80.70 -27.81
C ALA R 178 32.81 82.21 -27.93
N SER R 179 33.67 82.97 -27.27
CA SER R 179 33.61 84.43 -27.27
C SER R 179 34.93 85.03 -26.78
N SER R 180 35.62 85.76 -27.64
CA SER R 180 36.95 86.29 -27.35
C SER R 180 36.88 87.79 -27.07
N TYR R 181 37.61 88.21 -26.04
CA TYR R 181 37.62 89.60 -25.61
C TYR R 181 39.03 90.18 -25.74
N LEU R 182 39.09 91.50 -25.83
CA LEU R 182 40.36 92.22 -25.90
C LEU R 182 40.10 93.67 -25.54
N SER R 183 40.92 94.22 -24.63
CA SER R 183 40.74 95.57 -24.11
C SER R 183 42.00 96.39 -24.33
N LEU R 184 41.83 97.71 -24.40
CA LEU R 184 42.91 98.61 -24.79
C LEU R 184 42.71 99.96 -24.11
N THR R 185 43.41 100.99 -24.60
CA THR R 185 43.40 102.36 -24.12
C THR R 185 42.99 103.31 -25.23
N PRO R 186 42.37 104.46 -24.91
CA PRO R 186 41.69 105.24 -25.95
C PRO R 186 42.56 106.13 -26.81
N GLU R 187 43.83 106.38 -26.46
CA GLU R 187 44.68 107.13 -27.38
C GLU R 187 45.08 106.26 -28.56
N GLN R 188 45.30 104.97 -28.33
CA GLN R 188 45.55 104.02 -29.41
C GLN R 188 44.29 103.69 -30.18
N TRP R 189 43.11 104.08 -29.68
CA TRP R 189 41.89 104.04 -30.45
C TRP R 189 42.10 104.85 -31.73
N LYS R 190 42.26 106.16 -31.60
CA LYS R 190 42.48 107.01 -32.76
C LYS R 190 43.90 106.97 -33.28
N SER R 191 44.78 106.16 -32.69
CA SER R 191 46.14 106.03 -33.21
C SER R 191 46.23 104.92 -34.24
N HIS R 192 45.68 103.74 -33.94
CA HIS R 192 45.65 102.67 -34.92
C HIS R 192 44.59 102.97 -35.97
N LYS R 193 44.67 102.24 -37.09
CA LYS R 193 43.78 102.47 -38.22
C LYS R 193 42.66 101.45 -38.32
N SER R 194 42.87 100.23 -37.83
CA SER R 194 41.84 99.20 -37.83
C SER R 194 42.25 98.10 -36.86
N TYR R 195 41.30 97.21 -36.58
CA TYR R 195 41.50 96.10 -35.66
C TYR R 195 40.82 94.86 -36.22
N SER R 196 41.41 93.69 -35.97
CA SER R 196 40.96 92.45 -36.58
C SER R 196 40.96 91.32 -35.58
N CYS R 197 39.87 90.56 -35.56
CA CYS R 197 39.79 89.28 -34.88
C CYS R 197 39.96 88.18 -35.92
N GLN R 198 41.01 87.38 -35.77
CA GLN R 198 41.26 86.24 -36.64
C GLN R 198 41.03 84.97 -35.85
N VAL R 199 40.11 84.13 -36.32
CA VAL R 199 39.77 82.87 -35.69
C VAL R 199 40.17 81.76 -36.66
N THR R 200 41.24 81.05 -36.32
CA THR R 200 41.80 80.02 -37.19
C THR R 200 41.21 78.66 -36.83
N HIS R 201 40.80 77.90 -37.83
CA HIS R 201 40.12 76.63 -37.62
C HIS R 201 40.48 75.67 -38.73
N GLU R 202 41.13 74.56 -38.38
CA GLU R 202 41.49 73.48 -39.30
C GLU R 202 42.28 73.99 -40.50
N GLY R 203 42.94 75.14 -40.35
CA GLY R 203 43.70 75.75 -41.42
C GLY R 203 42.99 76.89 -42.12
N SER R 204 41.74 77.18 -41.77
CA SER R 204 40.96 78.24 -42.40
C SER R 204 40.77 79.36 -41.40
N THR R 205 41.37 80.52 -41.68
CA THR R 205 41.33 81.67 -40.79
C THR R 205 40.29 82.66 -41.31
N VAL R 206 39.28 82.95 -40.49
CA VAL R 206 38.23 83.90 -40.83
C VAL R 206 38.51 85.21 -40.08
N GLU R 207 38.57 86.31 -40.82
CA GLU R 207 38.98 87.60 -40.29
C GLU R 207 37.87 88.62 -40.47
N LYS R 208 37.58 89.38 -39.41
CA LYS R 208 36.62 90.46 -39.44
C LYS R 208 37.22 91.69 -38.77
N THR R 209 36.86 92.87 -39.28
CA THR R 209 37.59 94.09 -38.98
C THR R 209 36.65 95.18 -38.47
N VAL R 210 37.22 96.07 -37.65
CA VAL R 210 36.58 97.30 -37.21
C VAL R 210 37.61 98.42 -37.30
N ALA R 211 37.26 99.62 -36.83
CA ALA R 211 38.17 100.75 -36.88
C ALA R 211 37.66 101.88 -35.99
N PRO R 212 38.55 102.76 -35.50
CA PRO R 212 38.08 103.89 -34.69
C PRO R 212 37.24 104.87 -35.49
N THR R 213 37.51 105.03 -36.78
CA THR R 213 36.69 105.86 -37.65
C THR R 213 35.44 105.14 -38.15
N GLU R 214 35.14 103.96 -37.61
CA GLU R 214 34.02 103.15 -38.09
C GLU R 214 33.13 102.70 -36.94
N CYS R 215 32.16 101.85 -37.26
CA CYS R 215 31.30 101.25 -36.24
C CYS R 215 30.62 100.00 -36.79
#